data_6IBC
#
_entry.id   6IBC
#
_entity_poly.entity_id   1
_entity_poly.type   'polypeptide(L)'
_entity_poly.pdbx_seq_one_letter_code
;MRVPININNALARVRDPLSIGGLKFPTTKEIQEAVAAIADKFNQENDLVDRFFPEDSTFASELELYLLRTQDAEQTGMTF
VHQVGSTSLPVEARVAKVDLAKATWSPLAFKESRVWDEKEILYLGRLADEVQAGVINEQIAESLTWLMARMRNRRRWLTW
QVMRTGRITIQPNDPYNPNGLKYVIDYGVTDIELPLPQKFDAKDGNGNSAVDPIQYFRDLIKAATYFPDRRPVAIIVGPG
FDEVLADNTFVQKYVEYEKGWVVGQNTVQPPREVYRQAALDIFKRYTGLEVMVYDKTYRDQDGSVKYWIPVGELIVLNQS
TGPVGRFVYTAHVAGQRNGKVVYATGPYLTVKDHLQDDPPYYAIIAGFHGLPQLSGYNTEDFSFHRFKWLKYANNVQSYL
PPFPPKVEL
;
_entity_poly.pdbx_strand_id   A,B,C,D,E,F,G
#
# COMPACT_ATOMS: atom_id res chain seq x y z
N LYS A 24 -28.34 31.68 -43.29
CA LYS A 24 -27.49 30.87 -42.44
C LYS A 24 -26.59 31.76 -41.58
N PHE A 25 -25.65 32.43 -42.22
CA PHE A 25 -24.64 33.25 -41.53
C PHE A 25 -25.33 34.47 -40.96
N PRO A 26 -25.67 34.39 -39.68
CA PRO A 26 -26.46 35.41 -39.02
C PRO A 26 -26.16 35.46 -37.53
N THR A 27 -27.11 36.03 -36.79
CA THR A 27 -27.21 35.96 -35.33
C THR A 27 -26.01 36.61 -34.64
N THR A 28 -25.92 37.93 -34.83
CA THR A 28 -24.83 38.72 -34.26
C THR A 28 -24.83 38.70 -32.74
N LYS A 29 -26.00 38.68 -32.11
CA LYS A 29 -26.04 38.56 -30.65
C LYS A 29 -25.59 37.16 -30.22
N GLU A 30 -25.99 36.13 -30.97
CA GLU A 30 -25.47 34.80 -30.70
C GLU A 30 -24.01 34.69 -31.10
N ILE A 31 -23.58 35.48 -32.09
CA ILE A 31 -22.15 35.56 -32.38
C ILE A 31 -21.38 36.16 -31.22
N GLN A 32 -21.97 37.14 -30.54
CA GLN A 32 -21.35 37.72 -29.35
C GLN A 32 -21.33 36.71 -28.21
N GLU A 33 -22.40 35.92 -28.06
CA GLU A 33 -22.44 34.90 -27.01
C GLU A 33 -21.42 33.81 -27.26
N ALA A 34 -21.32 33.32 -28.50
CA ALA A 34 -20.32 32.31 -28.82
C ALA A 34 -18.91 32.87 -28.76
N VAL A 35 -18.75 34.16 -29.03
CA VAL A 35 -17.45 34.79 -28.88
C VAL A 35 -17.05 34.90 -27.42
N ALA A 36 -18.03 35.16 -26.55
CA ALA A 36 -17.76 35.15 -25.11
C ALA A 36 -17.41 33.75 -24.64
N ALA A 37 -18.05 32.74 -25.22
CA ALA A 37 -17.69 31.35 -24.92
C ALA A 37 -16.27 31.03 -25.38
N ILE A 38 -15.90 31.49 -26.58
CA ILE A 38 -14.55 31.25 -27.09
C ILE A 38 -13.51 32.00 -26.27
N ALA A 39 -13.85 33.19 -25.78
CA ALA A 39 -12.93 33.93 -24.93
C ALA A 39 -12.81 33.26 -23.56
N ASP A 40 -13.89 32.66 -23.07
CA ASP A 40 -13.81 31.90 -21.83
C ASP A 40 -12.96 30.66 -22.00
N LYS A 41 -13.04 30.01 -23.16
CA LYS A 41 -12.20 28.86 -23.44
C LYS A 41 -10.74 29.26 -23.59
N PHE A 42 -10.49 30.43 -24.17
CA PHE A 42 -9.12 30.88 -24.35
C PHE A 42 -8.50 31.34 -23.03
N ASN A 43 -9.25 32.06 -22.21
CA ASN A 43 -8.77 32.57 -20.94
C ASN A 43 -8.93 31.58 -19.80
N GLN A 44 -9.55 30.42 -20.05
CA GLN A 44 -9.61 29.39 -19.02
C GLN A 44 -8.22 28.84 -18.73
N GLU A 45 -7.54 28.34 -19.76
CA GLU A 45 -6.11 28.15 -19.63
C GLU A 45 -5.41 29.49 -19.62
N ASN A 46 -4.25 29.53 -18.99
CA ASN A 46 -3.45 30.74 -18.90
C ASN A 46 -1.98 30.39 -19.00
N ASP A 47 -1.16 31.41 -19.22
CA ASP A 47 0.26 31.25 -19.42
C ASP A 47 1.01 32.24 -18.56
N LEU A 48 2.27 31.90 -18.31
CA LEU A 48 3.28 32.78 -17.73
C LEU A 48 3.28 34.17 -18.33
N VAL A 49 3.44 34.26 -19.65
CA VAL A 49 3.47 35.53 -20.35
C VAL A 49 2.12 36.22 -20.24
N ASP A 50 1.04 35.45 -20.20
CA ASP A 50 -0.26 36.01 -19.89
C ASP A 50 -0.38 36.40 -18.42
N ARG A 51 0.29 35.67 -17.52
CA ARG A 51 0.17 35.96 -16.10
C ARG A 51 0.83 37.27 -15.74
N PHE A 52 1.93 37.61 -16.41
CA PHE A 52 2.67 38.80 -16.04
C PHE A 52 1.92 40.08 -16.39
N PHE A 53 1.02 40.04 -17.35
CA PHE A 53 0.35 41.25 -17.81
C PHE A 53 -1.15 41.07 -17.72
N PRO A 54 -1.84 41.85 -16.90
CA PRO A 54 -3.30 41.86 -16.97
C PRO A 54 -3.78 42.64 -18.19
N GLU A 55 -5.04 42.43 -18.50
CA GLU A 55 -5.70 43.14 -19.59
C GLU A 55 -6.30 44.44 -19.06
N ASP A 56 -5.84 45.56 -19.60
CA ASP A 56 -6.29 46.86 -19.15
C ASP A 56 -6.86 47.62 -20.34
N SER A 57 -7.88 48.44 -20.06
CA SER A 57 -8.59 49.17 -21.10
C SER A 57 -8.70 50.64 -20.72
N THR A 58 -8.32 51.52 -21.64
CA THR A 58 -8.37 52.97 -21.43
C THR A 58 -9.23 53.60 -22.51
N PHE A 59 -9.80 54.76 -22.19
CA PHE A 59 -10.40 55.59 -23.23
C PHE A 59 -9.42 56.61 -23.79
N ALA A 60 -8.15 56.54 -23.42
CA ALA A 60 -7.16 57.48 -23.92
C ALA A 60 -6.21 56.79 -24.89
N SER A 61 -5.39 57.60 -25.56
CA SER A 61 -4.48 57.10 -26.58
C SER A 61 -3.13 57.78 -26.53
N GLU A 62 -2.76 58.34 -25.38
CA GLU A 62 -1.50 59.04 -25.25
C GLU A 62 -0.33 58.05 -25.25
N LEU A 63 -0.60 56.83 -24.82
CA LEU A 63 0.35 55.71 -24.78
C LEU A 63 1.59 56.04 -23.95
N GLU A 64 1.34 56.26 -22.66
CA GLU A 64 2.42 56.42 -21.68
C GLU A 64 3.15 55.10 -21.61
N LEU A 65 4.41 55.10 -22.07
CA LEU A 65 5.16 53.88 -22.27
C LEU A 65 5.48 53.16 -20.97
N TYR A 66 5.59 53.87 -19.85
CA TYR A 66 5.80 53.23 -18.56
C TYR A 66 5.16 54.07 -17.47
N LEU A 67 4.55 53.39 -16.51
CA LEU A 67 4.20 54.06 -15.28
C LEU A 67 5.45 54.25 -14.42
N LEU A 68 5.28 54.98 -13.32
CA LEU A 68 6.36 55.23 -12.37
C LEU A 68 5.87 54.83 -11.00
N ARG A 69 6.60 53.91 -10.36
CA ARG A 69 6.23 53.47 -9.02
C ARG A 69 7.48 52.94 -8.36
N THR A 70 8.10 53.77 -7.52
CA THR A 70 9.27 53.37 -6.73
C THR A 70 9.26 54.18 -5.45
N GLN A 71 8.68 53.62 -4.40
CA GLN A 71 8.67 54.25 -3.08
C GLN A 71 8.54 53.12 -2.07
N ASP A 72 9.66 52.72 -1.49
CA ASP A 72 9.69 51.61 -0.55
C ASP A 72 10.85 51.82 0.42
N ALA A 73 11.05 50.86 1.30
CA ALA A 73 12.17 50.88 2.23
C ALA A 73 13.51 50.63 1.56
N GLU A 74 13.52 50.23 0.29
CA GLU A 74 14.78 50.24 -0.45
C GLU A 74 15.18 51.64 -0.87
N GLN A 75 14.20 52.53 -1.01
CA GLN A 75 14.44 53.94 -1.29
C GLN A 75 14.20 54.78 -0.05
N THR A 76 14.52 54.22 1.12
CA THR A 76 13.98 54.71 2.39
C THR A 76 14.43 56.11 2.81
N GLY A 77 15.70 56.27 3.16
CA GLY A 77 16.10 57.51 3.81
C GLY A 77 15.63 57.61 5.27
N MET A 78 16.33 58.48 6.02
CA MET A 78 16.02 58.60 7.44
C MET A 78 15.89 60.08 7.79
N THR A 79 15.18 60.33 8.89
CA THR A 79 14.65 61.65 9.22
C THR A 79 15.76 62.56 9.77
N PHE A 80 15.36 63.76 10.23
CA PHE A 80 16.27 64.83 10.60
C PHE A 80 16.34 65.04 12.11
N VAL A 81 17.57 65.26 12.57
CA VAL A 81 17.82 65.82 13.87
C VAL A 81 17.47 67.31 13.78
N HIS A 82 17.07 67.88 14.90
CA HIS A 82 17.15 69.32 15.06
C HIS A 82 17.28 69.62 16.54
N GLN A 83 18.04 70.65 16.84
CA GLN A 83 18.06 71.22 18.17
C GLN A 83 16.84 72.12 18.26
N VAL A 84 16.47 72.53 19.48
CA VAL A 84 15.33 73.41 19.60
C VAL A 84 15.74 74.83 19.23
N GLY A 85 14.75 75.67 18.94
CA GLY A 85 14.99 77.08 18.70
C GLY A 85 15.07 77.51 17.25
N SER A 86 14.77 76.63 16.30
CA SER A 86 14.89 76.95 14.89
C SER A 86 13.75 76.32 14.11
N THR A 87 13.63 76.74 12.85
CA THR A 87 12.69 76.10 11.94
C THR A 87 13.26 74.78 11.45
N SER A 88 12.36 73.85 11.15
CA SER A 88 12.74 72.54 10.66
C SER A 88 13.33 72.64 9.27
N LEU A 89 14.47 72.03 9.11
CA LEU A 89 15.14 72.03 7.81
C LEU A 89 14.34 71.16 6.86
N PRO A 90 14.10 71.62 5.62
CA PRO A 90 13.07 70.97 4.79
C PRO A 90 13.53 69.65 4.21
N VAL A 91 12.55 68.88 3.74
CA VAL A 91 12.84 67.56 3.21
C VAL A 91 13.10 67.64 1.72
N GLU A 92 14.29 67.20 1.31
CA GLU A 92 14.58 67.00 -0.11
C GLU A 92 13.67 65.94 -0.71
N ALA A 93 12.83 66.34 -1.64
CA ALA A 93 11.92 65.44 -2.34
C ALA A 93 12.26 65.38 -3.82
N ARG A 94 13.55 65.19 -4.12
CA ARG A 94 14.05 65.35 -5.48
C ARG A 94 13.58 64.25 -6.42
N VAL A 95 13.06 63.14 -5.87
CA VAL A 95 12.50 62.09 -6.71
C VAL A 95 11.25 62.57 -7.43
N ALA A 96 10.42 63.36 -6.74
CA ALA A 96 9.20 63.86 -7.37
C ALA A 96 9.50 64.91 -8.42
N LYS A 97 10.47 65.79 -8.15
CA LYS A 97 10.86 66.79 -9.14
C LYS A 97 11.57 66.16 -10.33
N VAL A 98 12.33 65.09 -10.10
CA VAL A 98 12.88 64.31 -11.20
C VAL A 98 11.80 63.57 -11.97
N ASP A 99 10.69 63.22 -11.31
CA ASP A 99 9.60 62.51 -11.98
C ASP A 99 8.80 63.42 -12.91
N LEU A 100 9.03 64.74 -12.85
CA LEU A 100 8.31 65.67 -13.70
C LEU A 100 8.83 65.57 -15.14
N ALA A 101 8.15 64.77 -15.95
CA ALA A 101 8.51 64.60 -17.36
C ALA A 101 7.27 64.15 -18.12
N LYS A 102 7.47 63.82 -19.39
CA LYS A 102 6.38 63.43 -20.27
C LYS A 102 6.70 62.07 -20.89
N ALA A 103 5.67 61.42 -21.43
CA ALA A 103 5.81 60.10 -22.05
C ALA A 103 5.34 60.19 -23.49
N THR A 104 6.28 60.03 -24.42
CA THR A 104 6.00 60.16 -25.84
C THR A 104 6.17 58.82 -26.55
N TRP A 105 5.05 58.16 -26.78
CA TRP A 105 5.00 56.96 -27.58
C TRP A 105 3.59 56.84 -28.15
N SER A 106 3.46 56.04 -29.20
CA SER A 106 2.24 56.01 -29.99
C SER A 106 1.69 54.59 -30.00
N PRO A 107 0.38 54.42 -29.83
CA PRO A 107 -0.18 53.06 -29.71
C PRO A 107 -0.24 52.35 -31.06
N LEU A 108 0.32 51.15 -31.10
CA LEU A 108 0.32 50.35 -32.32
C LEU A 108 -0.92 49.50 -32.36
N ALA A 109 -1.78 49.76 -33.33
CA ALA A 109 -2.97 48.94 -33.47
C ALA A 109 -2.62 47.59 -34.09
N PHE A 110 -3.57 46.67 -34.04
CA PHE A 110 -3.48 45.42 -34.77
C PHE A 110 -4.90 45.02 -35.13
N LYS A 111 -5.13 44.80 -36.41
CA LYS A 111 -6.51 44.67 -36.88
C LYS A 111 -6.49 43.92 -38.21
N GLU A 112 -7.46 43.02 -38.38
CA GLU A 112 -7.65 42.24 -39.60
C GLU A 112 -9.05 41.68 -39.62
N SER A 113 -9.37 40.96 -40.70
CA SER A 113 -10.75 40.56 -40.96
C SER A 113 -10.75 39.38 -41.92
N ARG A 114 -11.54 38.36 -41.61
CA ARG A 114 -11.64 37.20 -42.47
C ARG A 114 -12.88 37.33 -43.32
N VAL A 115 -12.81 36.83 -44.56
CA VAL A 115 -13.80 37.06 -45.59
C VAL A 115 -14.13 35.72 -46.24
N TRP A 116 -15.39 35.56 -46.65
CA TRP A 116 -15.78 34.39 -47.41
C TRP A 116 -16.57 34.78 -48.65
N ASP A 117 -16.13 34.23 -49.78
CA ASP A 117 -16.79 34.36 -51.07
C ASP A 117 -18.04 33.49 -51.10
N GLU A 118 -19.13 34.10 -51.59
CA GLU A 118 -20.44 33.45 -51.65
C GLU A 118 -20.43 32.16 -52.44
N LYS A 119 -19.59 32.10 -53.49
CA LYS A 119 -19.36 30.87 -54.26
C LYS A 119 -18.99 29.71 -53.35
N GLU A 120 -18.03 29.93 -52.47
CA GLU A 120 -17.63 28.85 -51.57
C GLU A 120 -18.59 28.69 -50.41
N ILE A 121 -19.40 29.71 -50.10
CA ILE A 121 -20.31 29.46 -48.98
C ILE A 121 -21.52 28.68 -49.46
N LEU A 122 -21.89 28.80 -50.74
CA LEU A 122 -22.96 27.95 -51.24
C LEU A 122 -22.43 26.57 -51.56
N TYR A 123 -21.15 26.49 -51.95
CA TYR A 123 -20.42 25.22 -51.98
C TYR A 123 -20.51 24.50 -50.64
N LEU A 124 -20.22 25.18 -49.54
CA LEU A 124 -20.22 24.51 -48.25
C LEU A 124 -21.64 24.36 -47.70
N GLY A 125 -22.57 25.20 -48.14
CA GLY A 125 -23.96 25.02 -47.74
C GLY A 125 -24.58 23.81 -48.39
N ARG A 126 -24.26 23.57 -49.67
CA ARG A 126 -24.68 22.34 -50.32
C ARG A 126 -23.90 21.14 -49.79
N LEU A 127 -22.65 21.35 -49.36
CA LEU A 127 -21.90 20.26 -48.73
C LEU A 127 -22.47 19.88 -47.38
N ALA A 128 -23.01 20.84 -46.64
CA ALA A 128 -23.63 20.52 -45.35
C ALA A 128 -25.02 19.96 -45.55
N ASP A 129 -25.93 20.76 -46.11
CA ASP A 129 -27.25 20.39 -46.63
C ASP A 129 -28.22 19.82 -45.59
N GLU A 130 -27.84 19.76 -44.31
CA GLU A 130 -28.72 19.27 -43.26
C GLU A 130 -29.10 20.38 -42.29
N VAL A 131 -28.17 21.28 -41.99
CA VAL A 131 -28.47 22.48 -41.22
C VAL A 131 -27.58 23.58 -41.77
N GLN A 132 -28.17 24.54 -42.49
CA GLN A 132 -27.41 25.65 -43.04
C GLN A 132 -26.93 26.60 -41.97
N ALA A 133 -27.82 27.09 -41.10
CA ALA A 133 -27.42 28.00 -40.04
C ALA A 133 -26.62 27.29 -38.96
N GLY A 134 -26.84 25.99 -38.77
CA GLY A 134 -26.09 25.27 -37.74
C GLY A 134 -24.65 25.01 -38.14
N VAL A 135 -24.43 24.50 -39.36
CA VAL A 135 -23.06 24.33 -39.84
C VAL A 135 -22.40 25.68 -40.08
N ILE A 136 -23.19 26.70 -40.41
CA ILE A 136 -22.67 28.06 -40.49
C ILE A 136 -22.22 28.54 -39.12
N ASN A 137 -23.00 28.25 -38.07
CA ASN A 137 -22.63 28.56 -36.70
C ASN A 137 -21.32 27.88 -36.32
N GLU A 138 -21.20 26.60 -36.66
CA GLU A 138 -19.99 25.84 -36.32
C GLU A 138 -18.77 26.38 -37.06
N GLN A 139 -18.90 26.64 -38.36
CA GLN A 139 -17.77 27.09 -39.14
C GLN A 139 -17.35 28.50 -38.77
N ILE A 140 -18.34 29.38 -38.57
CA ILE A 140 -18.10 30.75 -38.11
C ILE A 140 -17.45 30.75 -36.73
N ALA A 141 -17.92 29.91 -35.80
CA ALA A 141 -17.32 29.89 -34.48
C ALA A 141 -15.90 29.32 -34.51
N GLU A 142 -15.65 28.37 -35.41
CA GLU A 142 -14.29 27.85 -35.60
C GLU A 142 -13.36 28.94 -36.09
N SER A 143 -13.81 29.72 -37.08
CA SER A 143 -12.97 30.79 -37.58
C SER A 143 -12.82 31.91 -36.56
N LEU A 144 -13.86 32.15 -35.76
CA LEU A 144 -13.76 33.10 -34.66
C LEU A 144 -12.73 32.68 -33.64
N THR A 145 -12.71 31.40 -33.29
CA THR A 145 -11.73 30.91 -32.31
C THR A 145 -10.32 30.99 -32.88
N TRP A 146 -10.16 30.68 -34.17
CA TRP A 146 -8.85 30.77 -34.79
C TRP A 146 -8.37 32.21 -34.89
N LEU A 147 -9.28 33.15 -35.16
CA LEU A 147 -8.87 34.54 -35.28
C LEU A 147 -8.61 35.15 -33.90
N MET A 148 -9.35 34.71 -32.88
CA MET A 148 -8.99 35.02 -31.50
C MET A 148 -7.62 34.51 -31.13
N ALA A 149 -7.25 33.33 -31.65
CA ALA A 149 -5.92 32.81 -31.38
C ALA A 149 -4.87 33.66 -32.06
N ARG A 150 -5.17 34.17 -33.25
CA ARG A 150 -4.27 35.13 -33.88
C ARG A 150 -4.14 36.40 -33.05
N MET A 151 -5.25 36.88 -32.49
CA MET A 151 -5.20 38.06 -31.62
C MET A 151 -4.35 37.82 -30.37
N ARG A 152 -4.56 36.68 -29.72
CA ARG A 152 -3.82 36.36 -28.52
C ARG A 152 -2.34 36.18 -28.81
N ASN A 153 -2.02 35.64 -29.99
CA ASN A 153 -0.61 35.47 -30.33
C ASN A 153 0.02 36.78 -30.75
N ARG A 154 -0.77 37.71 -31.26
CA ARG A 154 -0.27 39.07 -31.45
C ARG A 154 0.11 39.69 -30.13
N ARG A 155 -0.76 39.55 -29.12
CA ARG A 155 -0.46 40.05 -27.78
C ARG A 155 0.78 39.41 -27.20
N ARG A 156 0.90 38.10 -27.39
CA ARG A 156 2.07 37.38 -26.92
C ARG A 156 3.33 37.83 -27.63
N TRP A 157 3.24 38.11 -28.94
CA TRP A 157 4.45 38.50 -29.64
C TRP A 157 4.86 39.91 -29.25
N LEU A 158 3.89 40.77 -28.94
CA LEU A 158 4.21 42.09 -28.39
C LEU A 158 4.95 41.99 -27.08
N THR A 159 4.33 41.32 -26.09
CA THR A 159 4.90 41.24 -24.77
C THR A 159 6.22 40.49 -24.77
N TRP A 160 6.33 39.46 -25.58
CA TRP A 160 7.56 38.72 -25.61
C TRP A 160 8.64 39.46 -26.38
N GLN A 161 8.28 40.14 -27.47
CA GLN A 161 9.25 40.86 -28.26
C GLN A 161 9.85 41.99 -27.46
N VAL A 162 9.07 42.59 -26.57
CA VAL A 162 9.71 43.58 -25.72
C VAL A 162 10.52 42.91 -24.61
N MET A 163 9.99 41.92 -23.89
CA MET A 163 10.74 41.41 -22.75
C MET A 163 11.94 40.55 -23.11
N ARG A 164 12.11 40.15 -24.37
CA ARG A 164 13.33 39.44 -24.70
C ARG A 164 14.38 40.36 -25.29
N THR A 165 14.02 41.59 -25.64
CA THR A 165 14.96 42.53 -26.22
C THR A 165 14.85 43.95 -25.69
N GLY A 166 13.98 44.21 -24.74
CA GLY A 166 13.88 45.55 -24.18
C GLY A 166 12.98 46.50 -24.93
N ARG A 167 12.65 46.20 -26.19
CA ARG A 167 11.93 47.16 -27.00
C ARG A 167 11.25 46.44 -28.15
N ILE A 168 10.33 47.16 -28.78
CA ILE A 168 9.53 46.65 -29.89
C ILE A 168 10.16 47.15 -31.17
N THR A 169 10.50 46.24 -32.07
CA THR A 169 10.99 46.60 -33.39
C THR A 169 10.20 45.85 -34.46
N ILE A 170 9.76 46.59 -35.47
CA ILE A 170 9.00 46.03 -36.57
C ILE A 170 9.76 46.29 -37.85
N GLN A 171 10.32 45.32 -38.38
CA GLN A 171 10.89 45.48 -39.70
C GLN A 171 9.79 45.35 -40.74
N PRO A 172 9.99 45.76 -42.00
CA PRO A 172 8.96 45.54 -43.02
C PRO A 172 8.78 44.09 -43.44
N ASN A 173 9.65 43.17 -43.02
CA ASN A 173 9.63 41.79 -43.50
C ASN A 173 9.11 40.79 -42.47
N ASP A 174 8.24 41.23 -41.58
CA ASP A 174 7.57 40.28 -40.70
C ASP A 174 6.52 39.53 -41.53
N PRO A 175 6.41 38.22 -41.37
CA PRO A 175 5.24 37.49 -41.89
C PRO A 175 3.89 37.97 -41.36
N TYR A 176 3.85 38.76 -40.31
CA TYR A 176 2.61 39.39 -39.89
C TYR A 176 2.56 40.86 -40.25
N ASN A 177 3.59 41.36 -40.94
CA ASN A 177 3.58 42.68 -41.56
C ASN A 177 3.63 42.49 -43.06
N PRO A 178 2.49 42.30 -43.73
CA PRO A 178 2.53 42.19 -45.19
C PRO A 178 2.70 43.54 -45.85
N ASN A 179 2.11 44.59 -45.26
CA ASN A 179 2.20 45.94 -45.80
C ASN A 179 3.64 46.46 -45.80
N GLY A 180 4.45 46.00 -44.86
CA GLY A 180 5.79 46.50 -44.71
C GLY A 180 5.91 47.73 -43.84
N LEU A 181 4.88 48.05 -43.06
CA LEU A 181 4.90 49.19 -42.17
C LEU A 181 5.93 48.96 -41.08
N LYS A 182 6.82 49.92 -40.87
CA LYS A 182 7.81 49.76 -39.83
C LYS A 182 7.54 50.71 -38.68
N TYR A 183 7.99 50.29 -37.50
CA TYR A 183 7.91 51.06 -36.27
C TYR A 183 9.03 50.57 -35.38
N VAL A 184 9.73 51.49 -34.72
CA VAL A 184 10.63 51.14 -33.64
C VAL A 184 10.26 52.00 -32.45
N ILE A 185 9.78 51.36 -31.39
CA ILE A 185 9.41 52.04 -30.16
C ILE A 185 10.23 51.43 -29.04
N ASP A 186 10.97 52.26 -28.32
CA ASP A 186 11.85 51.80 -27.26
C ASP A 186 11.26 52.21 -25.92
N TYR A 187 11.65 51.49 -24.86
CA TYR A 187 11.30 51.85 -23.50
C TYR A 187 12.50 52.26 -22.67
N GLY A 188 13.70 51.84 -23.06
CA GLY A 188 14.89 52.30 -22.38
C GLY A 188 15.21 51.58 -21.09
N VAL A 189 15.17 50.26 -21.10
CA VAL A 189 15.83 49.46 -20.08
C VAL A 189 17.32 49.63 -20.29
N THR A 190 18.07 49.73 -19.20
CA THR A 190 19.51 50.02 -19.25
C THR A 190 20.27 48.94 -20.00
N ASP A 191 20.33 47.74 -19.46
CA ASP A 191 21.10 46.66 -20.05
C ASP A 191 20.23 45.41 -20.03
N ILE A 192 19.54 45.14 -21.13
CA ILE A 192 18.83 43.87 -21.23
C ILE A 192 19.77 42.72 -21.53
N GLU A 193 20.98 43.00 -22.00
CA GLU A 193 21.91 41.92 -22.29
C GLU A 193 22.76 41.72 -21.06
N LEU A 194 23.48 40.61 -21.06
CA LEU A 194 24.31 40.26 -19.93
C LEU A 194 25.71 39.95 -20.43
N PRO A 195 26.75 40.21 -19.65
CA PRO A 195 28.09 39.83 -20.07
C PRO A 195 28.29 38.33 -19.98
N LEU A 196 29.00 37.81 -20.97
CA LEU A 196 29.51 36.46 -20.96
C LEU A 196 30.83 36.55 -21.70
N PRO A 197 31.91 36.07 -21.12
CA PRO A 197 33.16 35.96 -21.88
C PRO A 197 33.03 34.98 -23.03
N GLN A 198 32.36 33.86 -22.80
CA GLN A 198 31.91 33.00 -23.87
C GLN A 198 30.65 32.28 -23.40
N LYS A 199 30.21 31.33 -24.20
CA LYS A 199 29.09 30.49 -23.86
C LYS A 199 29.46 29.53 -22.72
N PHE A 200 28.47 28.74 -22.28
CA PHE A 200 28.75 27.78 -21.24
C PHE A 200 29.54 26.59 -21.76
N ASP A 201 29.00 25.88 -22.73
CA ASP A 201 29.53 24.59 -23.14
C ASP A 201 30.62 24.69 -24.20
N ALA A 202 31.61 25.53 -23.94
CA ALA A 202 32.87 25.49 -24.65
C ALA A 202 33.72 24.40 -24.04
N LYS A 203 34.52 23.72 -24.86
CA LYS A 203 35.26 22.56 -24.41
C LYS A 203 36.74 22.88 -24.36
N ASP A 204 37.29 22.85 -23.15
CA ASP A 204 38.67 23.18 -22.87
C ASP A 204 39.35 21.98 -22.22
N GLY A 205 40.67 21.93 -22.33
CA GLY A 205 41.40 20.75 -21.92
C GLY A 205 41.09 19.60 -22.84
N ASN A 206 40.93 18.39 -22.29
CA ASN A 206 40.43 17.29 -23.12
C ASN A 206 38.94 17.46 -23.40
N GLY A 207 38.12 17.44 -22.36
CA GLY A 207 36.72 17.76 -22.46
C GLY A 207 36.23 18.22 -21.11
N ASN A 208 35.69 19.44 -21.06
CA ASN A 208 35.40 20.10 -19.80
C ASN A 208 34.53 21.32 -20.12
N SER A 209 33.70 21.69 -19.15
CA SER A 209 32.96 22.91 -19.28
C SER A 209 33.88 24.12 -19.20
N ALA A 210 33.43 25.23 -19.77
CA ALA A 210 34.20 26.46 -19.65
C ALA A 210 33.94 27.13 -18.31
N VAL A 211 32.71 27.02 -17.81
CA VAL A 211 32.27 27.79 -16.66
C VAL A 211 31.08 27.10 -16.00
N ASP A 212 31.07 27.12 -14.67
CA ASP A 212 29.90 26.68 -13.92
C ASP A 212 28.80 27.72 -14.07
N PRO A 213 27.62 27.35 -14.56
CA PRO A 213 26.47 28.26 -14.49
C PRO A 213 26.01 28.56 -13.09
N ILE A 214 26.05 27.58 -12.19
CA ILE A 214 25.59 27.80 -10.82
C ILE A 214 26.52 28.76 -10.11
N GLN A 215 27.83 28.61 -10.29
CA GLN A 215 28.77 29.55 -9.72
C GLN A 215 28.66 30.92 -10.39
N TYR A 216 28.23 30.95 -11.65
CA TYR A 216 27.98 32.23 -12.31
C TYR A 216 26.80 32.96 -11.69
N PHE A 217 25.73 32.24 -11.38
CA PHE A 217 24.59 32.93 -10.80
C PHE A 217 24.85 33.24 -9.33
N ARG A 218 25.71 32.46 -8.71
CA ARG A 218 26.30 32.86 -7.44
C ARG A 218 27.06 34.17 -7.57
N ASP A 219 27.74 34.37 -8.68
CA ASP A 219 28.41 35.66 -8.89
C ASP A 219 27.41 36.78 -9.10
N LEU A 220 26.25 36.47 -9.67
CA LEU A 220 25.21 37.50 -9.78
C LEU A 220 24.68 37.89 -8.41
N ILE A 221 24.48 36.92 -7.53
CA ILE A 221 24.04 37.25 -6.18
C ILE A 221 25.16 37.98 -5.43
N LYS A 222 26.41 37.60 -5.71
CA LYS A 222 27.57 38.22 -5.09
C LYS A 222 27.70 39.68 -5.51
N ALA A 223 27.37 39.98 -6.76
CA ALA A 223 27.35 41.38 -7.18
C ALA A 223 26.17 42.11 -6.56
N ALA A 224 25.04 41.44 -6.44
CA ALA A 224 23.87 42.05 -5.81
C ALA A 224 23.91 42.00 -4.29
N THR A 225 25.08 41.72 -3.70
CA THR A 225 25.34 41.95 -2.28
C THR A 225 24.83 43.32 -1.82
N TYR A 226 25.30 44.39 -2.44
CA TYR A 226 24.78 45.71 -2.12
C TYR A 226 23.44 45.97 -2.80
N PHE A 227 23.35 45.65 -4.07
CA PHE A 227 22.29 46.18 -4.91
C PHE A 227 21.04 45.35 -4.73
N PRO A 228 19.91 45.94 -4.35
CA PRO A 228 18.71 45.15 -4.10
C PRO A 228 18.00 44.69 -5.35
N ASP A 229 18.33 45.25 -6.52
CA ASP A 229 17.59 44.88 -7.71
C ASP A 229 18.46 44.29 -8.81
N ARG A 230 19.53 43.60 -8.46
CA ARG A 230 20.27 42.78 -9.41
C ARG A 230 20.14 41.30 -9.08
N ARG A 231 19.54 40.96 -7.94
CA ARG A 231 19.62 39.61 -7.40
C ARG A 231 18.67 38.71 -8.15
N PRO A 232 19.17 37.68 -8.83
CA PRO A 232 18.32 36.88 -9.73
C PRO A 232 17.29 36.05 -8.98
N VAL A 233 16.02 36.40 -9.16
CA VAL A 233 14.94 35.85 -8.36
C VAL A 233 14.36 34.59 -8.98
N ALA A 234 13.91 34.66 -10.23
CA ALA A 234 13.33 33.50 -10.90
C ALA A 234 13.61 33.57 -12.39
N ILE A 235 14.12 32.46 -12.93
CA ILE A 235 14.62 32.42 -14.30
C ILE A 235 13.55 31.81 -15.18
N ILE A 236 13.59 32.13 -16.47
CA ILE A 236 12.59 31.68 -17.45
C ILE A 236 13.34 31.15 -18.65
N VAL A 237 13.05 29.91 -19.03
CA VAL A 237 13.53 29.32 -20.28
C VAL A 237 12.58 28.21 -20.70
N GLY A 238 12.09 28.29 -21.94
CA GLY A 238 11.06 27.41 -22.43
C GLY A 238 11.54 26.15 -23.12
N PRO A 239 12.29 26.27 -24.23
CA PRO A 239 12.75 25.05 -24.91
C PRO A 239 13.93 24.39 -24.23
N GLY A 240 14.46 23.37 -24.88
CA GLY A 240 15.56 22.58 -24.38
C GLY A 240 16.84 23.34 -24.15
N PHE A 241 17.28 23.34 -22.90
CA PHE A 241 18.56 23.90 -22.49
C PHE A 241 19.28 22.97 -21.55
N ASP A 242 18.59 21.97 -21.02
CA ASP A 242 19.05 21.00 -20.04
C ASP A 242 20.31 20.28 -20.47
N GLU A 243 20.47 20.04 -21.77
CA GLU A 243 21.59 19.26 -22.25
C GLU A 243 22.89 20.04 -22.14
N VAL A 244 22.80 21.36 -22.25
CA VAL A 244 23.97 22.21 -22.04
C VAL A 244 24.42 22.12 -20.59
N LEU A 245 23.47 22.08 -19.66
CA LEU A 245 23.79 21.80 -18.27
C LEU A 245 24.39 20.41 -18.11
N ALA A 246 23.83 19.44 -18.82
CA ALA A 246 24.26 18.05 -18.69
C ALA A 246 25.66 17.83 -19.25
N ASP A 247 26.10 18.72 -20.13
CA ASP A 247 27.46 18.64 -20.64
C ASP A 247 28.44 19.36 -19.73
N ASN A 248 27.96 20.26 -18.89
CA ASN A 248 28.83 21.06 -18.04
C ASN A 248 29.43 20.20 -16.96
N THR A 249 30.75 19.99 -17.05
CA THR A 249 31.46 19.09 -16.17
C THR A 249 31.43 19.58 -14.72
N PHE A 250 31.24 20.88 -14.51
CA PHE A 250 30.94 21.37 -13.17
C PHE A 250 29.60 20.85 -12.67
N VAL A 251 28.56 20.91 -13.51
CA VAL A 251 27.26 20.41 -13.09
C VAL A 251 27.30 18.90 -12.97
N GLN A 252 28.09 18.26 -13.82
CA GLN A 252 28.33 16.82 -13.70
C GLN A 252 28.98 16.49 -12.36
N LYS A 253 29.93 17.32 -11.94
CA LYS A 253 30.59 17.10 -10.67
C LYS A 253 29.64 17.33 -9.51
N TYR A 254 28.70 18.28 -9.65
CA TYR A 254 27.66 18.45 -8.64
C TYR A 254 26.80 17.21 -8.53
N VAL A 255 26.41 16.64 -9.67
CA VAL A 255 25.58 15.44 -9.65
C VAL A 255 26.35 14.26 -9.07
N GLU A 256 27.63 14.14 -9.42
CA GLU A 256 28.46 13.06 -8.90
C GLU A 256 28.67 13.16 -7.39
N TYR A 257 28.91 14.37 -6.87
CA TYR A 257 29.00 14.52 -5.43
C TYR A 257 27.64 14.36 -4.77
N GLU A 258 26.57 14.74 -5.46
CA GLU A 258 25.25 14.68 -4.86
C GLU A 258 24.76 13.25 -4.71
N LYS A 259 24.74 12.50 -5.78
CA LYS A 259 24.31 11.12 -5.72
C LYS A 259 25.40 10.17 -5.27
N GLY A 260 26.66 10.63 -5.26
CA GLY A 260 27.68 9.86 -4.57
C GLY A 260 28.47 8.91 -5.44
N TRP A 261 29.04 9.40 -6.53
CA TRP A 261 29.91 8.57 -7.37
C TRP A 261 31.19 9.29 -7.73
N VAL A 262 32.31 8.71 -7.34
CA VAL A 262 33.62 9.07 -7.85
C VAL A 262 33.83 8.33 -9.16
N VAL A 263 34.28 9.05 -10.19
CA VAL A 263 34.56 8.41 -11.48
C VAL A 263 35.84 7.61 -11.49
N GLY A 264 36.67 7.74 -10.45
CA GLY A 264 37.83 6.89 -10.32
C GLY A 264 37.50 5.63 -9.55
N GLN A 265 36.67 5.76 -8.52
CA GLN A 265 36.42 4.67 -7.58
C GLN A 265 34.99 4.13 -7.64
N ASN A 266 33.99 4.98 -7.47
CA ASN A 266 32.63 4.49 -7.28
C ASN A 266 31.95 4.14 -8.59
N THR A 267 32.17 4.93 -9.64
CA THR A 267 31.71 4.60 -10.98
C THR A 267 32.91 4.66 -11.91
N VAL A 268 32.70 4.21 -13.15
CA VAL A 268 33.70 4.34 -14.20
C VAL A 268 33.37 5.52 -15.11
N GLN A 269 32.15 5.57 -15.60
CA GLN A 269 31.62 6.73 -16.29
C GLN A 269 30.11 6.76 -16.09
N PRO A 270 29.58 7.83 -15.51
CA PRO A 270 28.13 7.95 -15.40
C PRO A 270 27.53 8.15 -16.78
N PRO A 271 26.30 7.74 -16.99
CA PRO A 271 25.66 7.95 -18.28
C PRO A 271 24.92 9.28 -18.32
N ARG A 272 24.52 9.63 -19.53
CA ARG A 272 24.11 10.99 -19.83
C ARG A 272 22.70 11.32 -19.35
N GLU A 273 21.80 10.33 -19.34
CA GLU A 273 20.42 10.63 -18.97
C GLU A 273 20.28 10.80 -17.47
N VAL A 274 21.28 10.36 -16.70
CA VAL A 274 21.37 10.76 -15.30
C VAL A 274 21.46 12.27 -15.19
N TYR A 275 22.40 12.85 -15.93
CA TYR A 275 22.60 14.30 -15.92
C TYR A 275 21.38 15.01 -16.48
N ARG A 276 20.84 14.46 -17.57
CA ARG A 276 19.64 14.99 -18.20
C ARG A 276 18.44 14.92 -17.28
N GLN A 277 18.38 13.92 -16.42
CA GLN A 277 17.29 13.85 -15.46
C GLN A 277 17.48 14.86 -14.35
N ALA A 278 18.69 14.96 -13.82
CA ALA A 278 18.89 15.64 -12.54
C ALA A 278 19.31 17.10 -12.67
N ALA A 279 19.59 17.59 -13.88
CA ALA A 279 20.24 18.90 -14.02
C ALA A 279 19.33 20.03 -13.60
N LEU A 280 18.06 20.01 -14.04
CA LEU A 280 17.10 21.05 -13.67
C LEU A 280 16.92 21.11 -12.16
N ASP A 281 16.81 19.97 -11.51
CA ASP A 281 16.52 19.98 -10.09
C ASP A 281 17.74 20.35 -9.27
N ILE A 282 18.93 19.92 -9.72
CA ILE A 282 20.13 20.26 -8.96
C ILE A 282 20.44 21.74 -9.14
N PHE A 283 20.08 22.31 -10.30
CA PHE A 283 20.19 23.74 -10.51
C PHE A 283 19.21 24.50 -9.64
N LYS A 284 17.97 24.02 -9.58
CA LYS A 284 16.92 24.66 -8.81
C LYS A 284 17.22 24.63 -7.33
N ARG A 285 17.86 23.57 -6.87
CA ARG A 285 18.20 23.53 -5.45
C ARG A 285 19.42 24.35 -5.14
N TYR A 286 20.48 24.26 -5.95
CA TYR A 286 21.73 24.89 -5.54
C TYR A 286 21.70 26.40 -5.77
N THR A 287 21.05 26.86 -6.82
CA THR A 287 21.03 28.31 -6.98
C THR A 287 19.82 28.92 -6.29
N GLY A 288 18.73 28.17 -6.22
CA GLY A 288 17.58 28.59 -5.45
C GLY A 288 16.60 29.48 -6.17
N LEU A 289 16.96 30.00 -7.34
CA LEU A 289 16.02 30.71 -8.17
C LEU A 289 15.14 29.71 -8.91
N GLU A 290 13.87 30.05 -9.06
CA GLU A 290 12.91 29.15 -9.69
C GLU A 290 13.11 29.11 -11.19
N VAL A 291 12.91 27.93 -11.76
CA VAL A 291 13.03 27.73 -13.20
C VAL A 291 11.65 27.40 -13.73
N MET A 292 10.90 28.43 -14.11
CA MET A 292 9.58 28.24 -14.69
C MET A 292 9.74 28.08 -16.18
N VAL A 293 9.43 26.89 -16.67
CA VAL A 293 9.63 26.51 -18.06
C VAL A 293 8.28 26.61 -18.74
N TYR A 294 8.12 27.61 -19.61
CA TYR A 294 6.83 27.85 -20.24
C TYR A 294 7.01 28.32 -21.68
N ASP A 295 6.99 27.37 -22.60
CA ASP A 295 6.99 27.71 -24.01
C ASP A 295 5.72 27.17 -24.67
N LYS A 296 5.18 28.00 -25.55
CA LYS A 296 4.25 27.59 -26.59
C LYS A 296 4.93 27.91 -27.90
N THR A 297 4.21 27.76 -29.01
CA THR A 297 4.79 28.03 -30.30
C THR A 297 4.04 29.14 -31.02
N TYR A 298 4.71 29.76 -31.96
CA TYR A 298 4.06 30.67 -32.88
C TYR A 298 4.31 30.15 -34.28
N ARG A 299 3.26 30.15 -35.09
CA ARG A 299 3.27 29.63 -36.44
C ARG A 299 3.24 30.79 -37.40
N ASP A 300 4.40 31.09 -38.00
CA ASP A 300 4.49 32.21 -38.92
C ASP A 300 3.96 31.85 -40.29
N GLN A 301 4.10 32.76 -41.27
CA GLN A 301 3.68 32.43 -42.62
C GLN A 301 4.67 31.50 -43.30
N ASP A 302 5.91 31.45 -42.79
CA ASP A 302 6.98 30.79 -43.52
C ASP A 302 6.98 29.28 -43.30
N GLY A 303 6.02 28.78 -42.53
CA GLY A 303 5.89 27.36 -42.28
C GLY A 303 6.70 26.86 -41.10
N SER A 304 7.63 27.64 -40.58
CA SER A 304 8.43 27.21 -39.45
C SER A 304 7.59 27.19 -38.18
N VAL A 305 8.04 26.42 -37.21
CA VAL A 305 7.43 26.40 -35.88
C VAL A 305 8.53 26.77 -34.90
N LYS A 306 8.45 27.98 -34.38
CA LYS A 306 9.37 28.43 -33.35
C LYS A 306 8.60 28.71 -32.08
N TYR A 307 9.30 28.60 -30.96
CA TYR A 307 8.74 28.94 -29.67
C TYR A 307 8.90 30.43 -29.44
N TRP A 308 8.08 30.98 -28.54
CA TRP A 308 8.21 32.39 -28.17
C TRP A 308 9.60 32.67 -27.63
N ILE A 309 10.06 31.83 -26.72
CA ILE A 309 11.48 31.85 -26.39
C ILE A 309 12.25 31.28 -27.57
N PRO A 310 13.34 31.88 -27.98
CA PRO A 310 14.23 31.19 -28.91
C PRO A 310 15.15 30.27 -28.13
N VAL A 311 15.69 29.27 -28.82
CA VAL A 311 16.52 28.29 -28.16
C VAL A 311 17.85 28.92 -27.78
N GLY A 312 18.55 28.28 -26.87
CA GLY A 312 19.66 28.92 -26.21
C GLY A 312 19.16 29.85 -25.13
N GLU A 313 19.23 31.15 -25.42
CA GLU A 313 19.16 32.25 -24.46
C GLU A 313 17.88 32.22 -23.62
N LEU A 314 17.98 32.86 -22.45
CA LEU A 314 16.98 32.81 -21.41
C LEU A 314 16.91 34.15 -20.69
N ILE A 315 15.70 34.62 -20.47
CA ILE A 315 15.51 35.85 -19.72
C ILE A 315 15.46 35.48 -18.25
N VAL A 316 15.72 36.47 -17.40
CA VAL A 316 15.76 36.25 -15.96
C VAL A 316 15.34 37.51 -15.22
N LEU A 317 14.31 37.38 -14.38
CA LEU A 317 13.91 38.43 -13.47
C LEU A 317 14.95 38.52 -12.36
N ASN A 318 15.34 39.74 -11.99
CA ASN A 318 16.28 39.90 -10.89
C ASN A 318 15.94 41.00 -9.90
N GLN A 319 14.71 41.49 -9.87
CA GLN A 319 14.28 42.30 -8.75
C GLN A 319 13.43 41.48 -7.80
N SER A 320 12.34 40.92 -8.31
CA SER A 320 11.38 40.20 -7.50
C SER A 320 10.68 39.20 -8.40
N THR A 321 9.60 38.63 -7.88
CA THR A 321 8.67 37.84 -8.69
C THR A 321 7.27 38.29 -8.35
N GLY A 322 6.54 38.72 -9.36
CA GLY A 322 5.20 39.21 -9.21
C GLY A 322 4.77 39.68 -10.57
N PRO A 323 3.68 40.44 -10.65
CA PRO A 323 3.31 41.04 -11.93
C PRO A 323 4.32 42.09 -12.33
N VAL A 324 4.37 42.36 -13.63
CA VAL A 324 5.23 43.40 -14.18
C VAL A 324 4.53 43.98 -15.39
N GLY A 325 4.48 45.29 -15.46
CA GLY A 325 3.91 45.94 -16.61
C GLY A 325 2.40 45.85 -16.70
N ARG A 326 1.90 46.08 -17.91
CA ARG A 326 0.48 46.22 -18.14
C ARG A 326 0.20 46.08 -19.62
N PHE A 327 -0.76 45.23 -19.99
CA PHE A 327 -1.23 45.27 -21.37
C PHE A 327 -2.43 46.17 -21.47
N VAL A 328 -2.29 47.25 -22.22
CA VAL A 328 -3.31 48.27 -22.32
C VAL A 328 -4.06 48.10 -23.63
N TYR A 329 -5.38 48.05 -23.55
CA TYR A 329 -6.26 48.27 -24.69
C TYR A 329 -6.30 49.75 -25.01
N THR A 330 -5.78 50.12 -26.17
CA THR A 330 -6.01 51.47 -26.69
C THR A 330 -7.46 51.53 -27.14
N ALA A 331 -8.10 52.69 -26.92
CA ALA A 331 -9.52 52.89 -27.12
C ALA A 331 -9.94 52.67 -28.57
N HIS A 332 -11.24 52.46 -28.76
CA HIS A 332 -11.74 52.09 -30.07
C HIS A 332 -12.11 53.33 -30.88
N VAL A 333 -11.92 53.22 -32.20
CA VAL A 333 -12.57 54.08 -33.17
C VAL A 333 -13.81 53.34 -33.68
N ALA A 334 -14.98 53.90 -33.44
CA ALA A 334 -16.22 53.26 -33.83
C ALA A 334 -17.25 54.35 -34.12
N GLY A 335 -18.42 53.94 -34.59
CA GLY A 335 -19.56 54.84 -34.63
C GLY A 335 -19.91 55.29 -33.22
N GLN A 336 -19.85 56.62 -33.03
CA GLN A 336 -19.76 57.16 -31.68
C GLN A 336 -21.10 57.06 -30.95
N ARG A 337 -22.16 57.60 -31.54
CA ARG A 337 -23.55 57.66 -31.11
C ARG A 337 -24.21 58.43 -32.24
N ASN A 338 -25.54 58.57 -32.18
CA ASN A 338 -26.25 59.47 -33.09
C ASN A 338 -25.76 60.92 -32.98
N GLY A 339 -25.47 61.38 -31.76
CA GLY A 339 -24.98 62.73 -31.56
C GLY A 339 -23.54 62.78 -31.11
N LYS A 340 -23.35 62.95 -29.80
CA LYS A 340 -22.06 63.15 -29.16
C LYS A 340 -21.17 61.91 -29.27
N VAL A 341 -19.94 62.06 -28.78
CA VAL A 341 -18.91 61.05 -28.97
C VAL A 341 -18.74 60.19 -27.71
N VAL A 342 -18.72 58.87 -27.93
CA VAL A 342 -18.37 57.88 -26.91
C VAL A 342 -18.00 56.61 -27.68
N TYR A 343 -17.19 55.75 -27.08
CA TYR A 343 -16.67 54.59 -27.79
C TYR A 343 -16.78 53.33 -26.94
N ALA A 344 -16.64 52.19 -27.61
CA ALA A 344 -16.54 50.94 -26.90
C ALA A 344 -15.14 50.79 -26.34
N THR A 345 -15.00 49.91 -25.35
CA THR A 345 -13.76 49.81 -24.61
C THR A 345 -13.25 48.39 -24.41
N GLY A 346 -13.78 47.41 -25.13
CA GLY A 346 -13.32 46.05 -24.98
C GLY A 346 -13.10 45.38 -26.32
N PRO A 347 -13.20 44.06 -26.36
CA PRO A 347 -13.14 43.39 -27.67
C PRO A 347 -14.40 43.68 -28.46
N TYR A 348 -14.24 44.56 -29.43
CA TYR A 348 -15.34 45.01 -30.27
C TYR A 348 -15.64 43.90 -31.25
N LEU A 349 -16.88 43.88 -31.73
CA LEU A 349 -17.32 42.80 -32.58
C LEU A 349 -18.46 43.28 -33.45
N THR A 350 -18.37 42.99 -34.74
CA THR A 350 -19.38 43.36 -35.71
C THR A 350 -19.27 42.50 -36.95
N VAL A 351 -20.36 42.43 -37.69
CA VAL A 351 -20.46 41.58 -38.86
C VAL A 351 -20.66 42.44 -40.09
N LYS A 352 -20.32 41.89 -41.26
CA LYS A 352 -20.49 42.59 -42.52
C LYS A 352 -21.04 41.64 -43.59
N ASP A 353 -21.77 42.23 -44.54
CA ASP A 353 -22.16 41.55 -45.77
C ASP A 353 -21.72 42.44 -46.93
N HIS A 354 -21.20 41.80 -47.97
CA HIS A 354 -21.10 42.45 -49.26
C HIS A 354 -21.59 41.56 -50.38
N LEU A 355 -22.59 40.74 -50.07
CA LEU A 355 -23.16 39.80 -51.02
C LEU A 355 -23.97 40.51 -52.10
N GLN A 356 -24.45 41.71 -51.82
CA GLN A 356 -25.16 42.53 -52.79
C GLN A 356 -24.24 43.12 -53.86
N ASP A 357 -22.93 42.87 -53.79
CA ASP A 357 -21.97 43.64 -54.57
C ASP A 357 -21.38 42.77 -55.67
N ASP A 358 -20.47 43.35 -56.47
CA ASP A 358 -20.06 42.77 -57.75
C ASP A 358 -19.13 41.56 -57.52
N PRO A 359 -18.12 41.60 -56.65
CA PRO A 359 -17.77 40.37 -55.95
C PRO A 359 -18.57 40.24 -54.67
N PRO A 360 -19.41 39.23 -54.56
CA PRO A 360 -20.17 39.04 -53.32
C PRO A 360 -19.33 38.35 -52.27
N TYR A 361 -19.19 38.97 -51.10
CA TYR A 361 -18.36 38.37 -50.07
C TYR A 361 -18.92 38.62 -48.68
N TYR A 362 -18.77 37.62 -47.82
CA TYR A 362 -19.21 37.66 -46.44
C TYR A 362 -18.00 37.73 -45.52
N ALA A 363 -17.88 38.82 -44.78
CA ALA A 363 -16.68 39.11 -44.03
C ALA A 363 -17.05 39.60 -42.64
N ILE A 364 -16.13 39.43 -41.70
CA ILE A 364 -16.30 39.83 -40.32
C ILE A 364 -15.00 40.38 -39.77
N ILE A 365 -15.08 41.29 -38.80
CA ILE A 365 -13.89 41.96 -38.30
C ILE A 365 -13.96 42.11 -36.78
N ALA A 366 -12.87 41.70 -36.11
CA ALA A 366 -12.66 41.97 -34.69
C ALA A 366 -11.16 41.85 -34.43
N GLY A 367 -10.49 42.98 -34.22
CA GLY A 367 -9.12 42.97 -33.73
C GLY A 367 -8.72 44.38 -33.36
N PHE A 368 -8.20 44.60 -32.16
CA PHE A 368 -8.26 45.97 -31.66
C PHE A 368 -6.90 46.64 -31.44
N HIS A 369 -6.97 47.90 -31.04
CA HIS A 369 -5.85 48.79 -30.81
C HIS A 369 -5.35 48.54 -29.40
N GLY A 370 -4.04 48.42 -29.23
CA GLY A 370 -3.54 48.12 -27.90
C GLY A 370 -2.05 48.35 -27.76
N LEU A 371 -1.56 48.15 -26.53
CA LEU A 371 -0.14 48.31 -26.22
C LEU A 371 0.25 47.68 -24.89
N PRO A 372 1.29 46.86 -24.86
CA PRO A 372 1.90 46.50 -23.57
C PRO A 372 2.74 47.64 -23.02
N GLN A 373 2.44 47.96 -21.76
CA GLN A 373 3.13 49.01 -21.01
C GLN A 373 4.07 48.34 -20.04
N LEU A 374 5.22 48.96 -19.77
CA LEU A 374 6.10 48.45 -18.72
C LEU A 374 5.59 48.83 -17.35
N SER A 375 6.36 48.43 -16.34
CA SER A 375 6.00 48.55 -14.94
C SER A 375 6.18 49.98 -14.46
N GLY A 376 6.04 50.16 -13.15
CA GLY A 376 6.44 51.41 -12.54
C GLY A 376 7.93 51.60 -12.65
N TYR A 377 8.34 52.59 -13.44
CA TYR A 377 9.74 52.96 -13.53
C TYR A 377 10.25 53.45 -12.17
N ASN A 378 11.56 53.32 -11.99
CA ASN A 378 12.19 53.92 -10.83
C ASN A 378 12.13 55.43 -11.00
N THR A 379 11.97 56.13 -9.88
CA THR A 379 11.70 57.55 -9.92
C THR A 379 12.88 58.39 -9.48
N GLU A 380 13.77 57.84 -8.65
CA GLU A 380 14.91 58.59 -8.18
C GLU A 380 15.94 58.78 -9.28
N ASP A 381 16.37 57.70 -9.90
CA ASP A 381 16.99 57.77 -11.21
C ASP A 381 15.95 57.38 -12.24
N PHE A 382 16.33 57.42 -13.50
CA PHE A 382 15.42 56.99 -14.55
C PHE A 382 15.65 55.56 -14.98
N SER A 383 16.72 54.94 -14.51
CA SER A 383 17.06 53.58 -14.92
C SER A 383 16.06 52.59 -14.37
N PHE A 384 15.89 51.50 -15.12
CA PHE A 384 14.91 50.49 -14.80
C PHE A 384 15.34 49.21 -15.51
N HIS A 385 15.75 48.22 -14.73
CA HIS A 385 16.10 46.93 -15.29
C HIS A 385 15.74 45.86 -14.28
N ARG A 386 14.72 45.14 -14.59
CA ARG A 386 14.15 44.05 -13.83
C ARG A 386 14.40 42.71 -14.48
N PHE A 387 14.66 42.69 -15.78
CA PHE A 387 14.82 41.46 -16.52
C PHE A 387 15.85 41.60 -17.63
N LYS A 388 16.75 40.63 -17.69
CA LYS A 388 17.93 40.68 -18.54
C LYS A 388 18.08 39.30 -19.17
N TRP A 389 18.97 39.18 -20.17
CA TRP A 389 19.18 37.86 -20.75
C TRP A 389 20.59 37.72 -21.31
N LEU A 390 21.01 36.48 -21.54
CA LEU A 390 22.31 36.15 -22.10
C LEU A 390 22.19 34.99 -23.07
N LYS A 391 22.95 35.05 -24.17
CA LYS A 391 22.96 34.01 -25.19
C LYS A 391 24.18 33.12 -24.98
N TYR A 392 23.96 31.81 -25.00
CA TYR A 392 24.98 30.87 -24.57
C TYR A 392 25.05 29.59 -25.38
N ALA A 393 24.41 29.51 -26.53
CA ALA A 393 24.33 28.26 -27.27
C ALA A 393 24.65 28.52 -28.74
N ASN A 394 25.89 28.25 -29.12
CA ASN A 394 26.29 28.46 -30.51
C ASN A 394 25.87 27.32 -31.42
N ASN A 395 25.42 26.20 -30.86
CA ASN A 395 24.84 25.11 -31.62
C ASN A 395 23.82 24.39 -30.76
N VAL A 396 22.60 24.29 -31.27
CA VAL A 396 21.50 23.76 -30.47
C VAL A 396 21.00 22.45 -31.10
N GLN A 397 20.59 22.52 -32.35
CA GLN A 397 20.00 21.38 -33.03
C GLN A 397 21.06 20.43 -33.56
N LYS B 24 -8.29 72.02 -2.21
CA LYS B 24 -7.65 70.88 -2.86
C LYS B 24 -6.61 70.24 -1.96
N PHE B 25 -5.71 71.05 -1.42
CA PHE B 25 -4.67 70.59 -0.48
C PHE B 25 -5.25 70.82 0.92
N PRO B 26 -5.95 69.82 1.43
CA PRO B 26 -6.87 70.02 2.55
C PRO B 26 -7.10 68.69 3.26
N THR B 27 -8.19 68.66 4.03
CA THR B 27 -8.73 67.46 4.68
C THR B 27 -7.78 66.89 5.73
N THR B 28 -7.55 67.70 6.77
CA THR B 28 -6.66 67.31 7.87
C THR B 28 -7.20 66.12 8.65
N LYS B 29 -8.52 66.03 8.81
CA LYS B 29 -9.09 64.86 9.45
C LYS B 29 -8.93 63.62 8.58
N GLU B 30 -9.15 63.76 7.28
CA GLU B 30 -8.86 62.65 6.37
C GLU B 30 -7.37 62.42 6.25
N ILE B 31 -6.54 63.46 6.48
CA ILE B 31 -5.10 63.24 6.56
C ILE B 31 -4.73 62.40 7.76
N GLN B 32 -5.41 62.61 8.89
CA GLN B 32 -5.19 61.77 10.07
C GLN B 32 -5.65 60.34 9.81
N GLU B 33 -6.77 60.19 9.10
CA GLU B 33 -7.24 58.85 8.76
C GLU B 33 -6.28 58.11 7.82
N ALA B 34 -5.80 58.80 6.79
CA ALA B 34 -4.85 58.19 5.86
C ALA B 34 -3.50 57.94 6.53
N VAL B 35 -3.14 58.78 7.50
CA VAL B 35 -1.94 58.53 8.28
C VAL B 35 -2.09 57.29 9.15
N ALA B 36 -3.29 57.09 9.71
CA ALA B 36 -3.57 55.88 10.47
C ALA B 36 -3.52 54.64 9.59
N ALA B 37 -3.99 54.77 8.35
CA ALA B 37 -3.95 53.62 7.43
C ALA B 37 -2.52 53.32 6.99
N ILE B 38 -1.73 54.36 6.72
CA ILE B 38 -0.33 54.17 6.35
C ILE B 38 0.47 53.61 7.52
N ALA B 39 0.13 54.03 8.74
CA ALA B 39 0.80 53.49 9.91
C ALA B 39 0.37 52.04 10.17
N ASP B 40 -0.86 51.70 9.83
CA ASP B 40 -1.31 50.33 9.96
C ASP B 40 -0.59 49.42 8.98
N LYS B 41 -0.41 49.90 7.75
CA LYS B 41 0.36 49.13 6.78
C LYS B 41 1.84 49.05 7.16
N PHE B 42 2.37 50.10 7.77
CA PHE B 42 3.78 50.09 8.13
C PHE B 42 4.03 49.34 9.42
N ASN B 43 2.99 49.13 10.23
CA ASN B 43 3.15 48.48 11.53
C ASN B 43 2.68 47.03 11.53
N GLN B 44 1.78 46.66 10.61
CA GLN B 44 1.48 45.25 10.41
C GLN B 44 2.70 44.53 9.88
N GLU B 45 3.41 45.15 8.95
CA GLU B 45 4.78 44.77 8.69
C GLU B 45 5.61 45.10 9.92
N ASN B 46 6.35 44.11 10.40
CA ASN B 46 7.16 44.29 11.58
C ASN B 46 8.57 43.80 11.35
N ASP B 47 9.33 43.69 12.44
CA ASP B 47 10.71 43.28 12.40
C ASP B 47 11.08 42.73 13.75
N LEU B 48 12.28 42.15 13.85
CA LEU B 48 12.85 41.78 15.13
C LEU B 48 13.00 42.98 16.06
N VAL B 49 13.26 44.15 15.48
CA VAL B 49 13.38 45.37 16.28
C VAL B 49 12.02 45.81 16.78
N ASP B 50 11.00 45.70 15.94
CA ASP B 50 9.64 46.00 16.35
C ASP B 50 9.17 45.04 17.43
N ARG B 51 9.69 43.81 17.42
CA ARG B 51 9.53 42.94 18.58
C ARG B 51 10.30 43.48 19.79
N PHE B 52 11.52 43.97 19.58
CA PHE B 52 12.40 44.25 20.69
C PHE B 52 12.02 45.52 21.42
N PHE B 53 12.05 46.66 20.74
CA PHE B 53 11.95 47.95 21.42
C PHE B 53 10.61 48.53 21.03
N PRO B 54 9.53 48.25 21.75
CA PRO B 54 8.20 48.54 21.23
C PRO B 54 7.85 50.01 21.35
N GLU B 55 6.77 50.39 20.67
CA GLU B 55 6.27 51.76 20.74
C GLU B 55 5.77 52.05 22.15
N ASP B 56 6.49 52.87 22.89
CA ASP B 56 6.00 53.33 24.17
C ASP B 56 6.33 54.82 24.29
N SER B 57 5.78 55.46 25.30
CA SER B 57 5.74 56.91 25.35
C SER B 57 5.38 57.41 26.74
N THR B 58 6.10 58.42 27.20
CA THR B 58 5.77 59.16 28.41
C THR B 58 5.52 60.61 28.03
N PHE B 59 4.75 61.32 28.84
CA PHE B 59 4.72 62.76 28.68
C PHE B 59 5.68 63.45 29.65
N ALA B 60 6.68 62.73 30.15
CA ALA B 60 7.78 63.33 30.88
C ALA B 60 9.01 63.40 29.98
N SER B 61 10.05 64.08 30.46
CA SER B 61 11.23 64.34 29.65
C SER B 61 12.54 64.18 30.42
N GLU B 62 12.67 63.17 31.26
CA GLU B 62 13.88 63.04 32.06
C GLU B 62 14.85 62.04 31.44
N LEU B 63 14.30 61.07 30.69
CA LEU B 63 15.05 60.06 29.94
C LEU B 63 15.93 59.20 30.86
N GLU B 64 15.27 58.38 31.68
CA GLU B 64 15.96 57.30 32.38
C GLU B 64 16.58 56.36 31.37
N LEU B 65 17.83 55.95 31.64
CA LEU B 65 18.61 55.28 30.62
C LEU B 65 18.60 53.76 30.74
N TYR B 66 18.29 53.20 31.90
CA TYR B 66 18.27 51.76 32.06
C TYR B 66 17.21 51.38 33.08
N LEU B 67 16.02 51.03 32.61
CA LEU B 67 14.86 50.77 33.47
C LEU B 67 15.08 49.46 34.21
N LEU B 68 15.61 49.54 35.41
CA LEU B 68 15.97 48.36 36.18
C LEU B 68 14.73 47.65 36.69
N ARG B 69 14.75 46.32 36.66
CA ARG B 69 13.67 45.52 37.24
C ARG B 69 14.31 44.27 37.80
N THR B 70 14.57 44.26 39.11
CA THR B 70 15.41 43.26 39.76
C THR B 70 14.54 42.19 40.41
N GLN B 71 14.24 41.13 39.67
CA GLN B 71 13.46 40.02 40.19
C GLN B 71 13.88 38.76 39.44
N ASP B 72 14.73 37.95 40.05
CA ASP B 72 15.29 36.79 39.38
C ASP B 72 15.36 35.63 40.36
N ALA B 73 15.71 34.45 39.84
CA ALA B 73 15.99 33.30 40.66
C ALA B 73 17.47 32.95 40.71
N GLU B 74 18.31 33.71 40.02
CA GLU B 74 19.75 33.60 40.18
C GLU B 74 20.26 34.45 41.33
N GLN B 75 19.36 34.98 42.15
CA GLN B 75 19.67 35.77 43.33
C GLN B 75 19.08 35.11 44.57
N THR B 76 19.30 33.81 44.70
CA THR B 76 18.49 32.91 45.51
C THR B 76 18.36 33.26 46.98
N GLY B 77 19.47 33.18 47.72
CA GLY B 77 19.37 33.33 49.15
C GLY B 77 18.72 32.12 49.80
N MET B 78 18.63 32.21 51.13
CA MET B 78 17.93 31.19 51.88
C MET B 78 17.34 31.84 53.11
N THR B 79 16.30 31.22 53.65
CA THR B 79 15.77 31.64 54.94
C THR B 79 16.79 31.29 56.02
N PHE B 80 16.71 32.00 57.14
CA PHE B 80 17.83 31.93 58.06
C PHE B 80 17.68 30.85 59.10
N VAL B 81 18.82 30.50 59.68
CA VAL B 81 18.97 29.40 60.60
C VAL B 81 19.04 29.97 62.01
N HIS B 82 17.94 29.91 62.75
CA HIS B 82 17.95 30.44 64.10
C HIS B 82 17.49 29.37 65.08
N GLN B 83 18.19 29.31 66.21
CA GLN B 83 17.82 28.46 67.32
C GLN B 83 16.98 29.27 68.28
N VAL B 84 15.79 28.77 68.60
CA VAL B 84 14.72 29.63 69.09
C VAL B 84 15.00 30.13 70.50
N GLY B 85 14.54 31.34 70.79
CA GLY B 85 14.91 32.06 71.98
C GLY B 85 15.61 33.38 71.73
N SER B 86 15.81 33.75 70.47
CA SER B 86 16.46 35.01 70.12
C SER B 86 15.69 35.70 69.01
N THR B 87 16.05 36.95 68.77
CA THR B 87 15.42 37.73 67.72
C THR B 87 15.93 37.30 66.35
N SER B 88 15.26 37.79 65.32
CA SER B 88 15.57 37.41 63.95
C SER B 88 16.85 38.08 63.49
N LEU B 89 17.73 37.29 62.94
CA LEU B 89 18.80 37.84 62.13
C LEU B 89 18.19 38.50 60.90
N PRO B 90 18.47 39.76 60.64
CA PRO B 90 17.71 40.50 59.63
C PRO B 90 18.19 40.18 58.23
N VAL B 91 17.25 40.32 57.29
CA VAL B 91 17.54 39.98 55.91
C VAL B 91 18.18 41.17 55.22
N GLU B 92 19.36 40.94 54.64
CA GLU B 92 20.10 41.96 53.92
C GLU B 92 19.32 42.43 52.69
N ALA B 93 19.28 43.74 52.51
CA ALA B 93 18.55 44.40 51.43
C ALA B 93 19.49 45.19 50.54
N ARG B 94 20.62 44.58 50.16
CA ARG B 94 21.68 45.28 49.44
C ARG B 94 21.25 45.75 48.05
N VAL B 95 20.28 45.04 47.45
CA VAL B 95 19.81 45.43 46.12
C VAL B 95 19.06 46.76 46.16
N ALA B 96 18.19 46.95 47.15
CA ALA B 96 17.44 48.20 47.26
C ALA B 96 18.34 49.36 47.65
N LYS B 97 19.39 49.10 48.43
CA LYS B 97 20.37 50.13 48.73
C LYS B 97 21.21 50.49 47.51
N VAL B 98 21.51 49.51 46.66
CA VAL B 98 22.21 49.80 45.42
C VAL B 98 21.30 50.40 44.36
N ASP B 99 19.98 50.37 44.57
CA ASP B 99 19.05 50.79 43.52
C ASP B 99 18.78 52.29 43.56
N LEU B 100 19.19 52.97 44.62
CA LEU B 100 18.96 54.41 44.73
C LEU B 100 19.95 55.16 43.84
N ALA B 101 19.52 55.53 42.64
CA ALA B 101 20.36 56.23 41.68
C ALA B 101 19.50 56.96 40.65
N LYS B 102 20.02 58.06 40.13
CA LYS B 102 19.32 58.83 39.11
C LYS B 102 20.05 58.73 37.78
N ALA B 103 19.37 59.12 36.70
CA ALA B 103 19.90 59.01 35.35
C ALA B 103 20.02 60.39 34.71
N THR B 104 21.07 60.60 33.92
CA THR B 104 21.31 61.85 33.24
C THR B 104 21.36 61.59 31.74
N TRP B 105 20.24 61.80 31.06
CA TRP B 105 20.21 61.67 29.63
C TRP B 105 19.24 62.70 29.08
N SER B 106 19.64 63.31 27.99
CA SER B 106 18.88 64.40 27.38
C SER B 106 18.10 63.88 26.19
N PRO B 107 16.77 63.82 26.29
CA PRO B 107 15.96 63.25 25.20
C PRO B 107 16.03 64.10 23.94
N LEU B 108 16.53 63.49 22.87
CA LEU B 108 16.75 64.17 21.60
C LEU B 108 15.50 64.09 20.75
N ALA B 109 15.48 64.84 19.67
CA ALA B 109 14.27 65.03 18.88
C ALA B 109 14.55 64.65 17.43
N PHE B 110 13.60 63.95 16.84
CA PHE B 110 13.61 63.67 15.42
C PHE B 110 12.34 64.21 14.79
N LYS B 111 12.54 65.21 13.94
CA LYS B 111 11.44 66.08 13.54
C LYS B 111 11.87 66.85 12.30
N GLU B 112 11.03 66.82 11.27
CA GLU B 112 11.30 67.49 10.02
C GLU B 112 9.98 67.73 9.29
N SER B 113 10.09 68.19 8.04
CA SER B 113 8.94 68.71 7.32
C SER B 113 9.28 68.83 5.84
N ARG B 114 8.38 68.41 4.97
CA ARG B 114 8.54 68.72 3.56
C ARG B 114 7.62 69.88 3.19
N VAL B 115 7.84 70.39 1.98
CA VAL B 115 7.24 71.65 1.54
C VAL B 115 6.80 71.47 0.10
N TRP B 116 5.97 72.39 -0.39
CA TRP B 116 5.67 72.50 -1.80
C TRP B 116 5.73 73.96 -2.23
N ASP B 117 6.65 74.26 -3.15
CA ASP B 117 6.78 75.59 -3.70
C ASP B 117 5.65 75.90 -4.66
N GLU B 118 5.57 77.18 -5.05
CA GLU B 118 4.58 77.64 -6.03
C GLU B 118 4.74 76.92 -7.36
N LYS B 119 5.98 76.61 -7.73
CA LYS B 119 6.29 75.83 -8.93
C LYS B 119 5.59 74.47 -8.92
N GLU B 120 5.75 73.71 -7.84
CA GLU B 120 5.19 72.37 -7.83
C GLU B 120 3.69 72.41 -7.61
N ILE B 121 3.18 73.42 -6.92
CA ILE B 121 1.74 73.52 -6.77
C ILE B 121 1.08 73.89 -8.09
N LEU B 122 1.74 74.74 -8.89
CA LEU B 122 1.31 75.00 -10.25
C LEU B 122 1.38 73.74 -11.11
N TYR B 123 2.41 72.93 -10.90
CA TYR B 123 2.54 71.65 -11.60
C TYR B 123 1.37 70.74 -11.25
N LEU B 124 0.97 70.73 -9.98
CA LEU B 124 -0.16 69.92 -9.56
C LEU B 124 -1.47 70.46 -10.10
N GLY B 125 -1.57 71.78 -10.25
CA GLY B 125 -2.75 72.34 -10.89
C GLY B 125 -2.87 71.95 -12.34
N ARG B 126 -1.77 72.04 -13.09
CA ARG B 126 -1.76 71.61 -14.49
C ARG B 126 -2.02 70.12 -14.63
N LEU B 127 -1.48 69.31 -13.73
CA LEU B 127 -1.68 67.87 -13.83
C LEU B 127 -3.01 67.40 -13.24
N ALA B 128 -3.66 68.23 -12.43
CA ALA B 128 -4.86 67.83 -11.71
C ALA B 128 -6.04 68.77 -11.98
N ASP B 129 -6.03 69.46 -13.12
CA ASP B 129 -7.25 70.06 -13.63
C ASP B 129 -8.37 69.04 -13.86
N GLU B 130 -8.01 67.77 -14.08
CA GLU B 130 -9.00 66.70 -14.16
C GLU B 130 -9.63 66.42 -12.79
N VAL B 131 -8.81 65.97 -11.82
CA VAL B 131 -9.30 65.67 -10.47
C VAL B 131 -8.39 66.33 -9.43
N GLN B 132 -8.63 67.63 -9.19
CA GLN B 132 -7.99 68.42 -8.15
C GLN B 132 -8.15 67.86 -6.75
N ALA B 133 -9.23 67.13 -6.46
CA ALA B 133 -9.36 66.50 -5.16
C ALA B 133 -8.56 65.20 -5.11
N GLY B 134 -8.77 64.33 -6.09
CA GLY B 134 -8.23 62.99 -6.04
C GLY B 134 -6.72 62.92 -6.20
N VAL B 135 -6.17 63.63 -7.18
CA VAL B 135 -4.73 63.58 -7.42
C VAL B 135 -3.96 64.20 -6.26
N ILE B 136 -4.47 65.32 -5.73
CA ILE B 136 -3.83 65.95 -4.59
C ILE B 136 -3.94 65.10 -3.34
N ASN B 137 -5.07 64.43 -3.14
CA ASN B 137 -5.23 63.55 -1.97
C ASN B 137 -4.27 62.36 -2.07
N GLU B 138 -4.13 61.80 -3.28
CA GLU B 138 -3.15 60.75 -3.50
C GLU B 138 -1.73 61.23 -3.25
N GLN B 139 -1.42 62.45 -3.68
CA GLN B 139 -0.05 62.94 -3.52
C GLN B 139 0.25 63.25 -2.06
N ILE B 140 -0.75 63.73 -1.33
CA ILE B 140 -0.65 63.91 0.12
C ILE B 140 -0.40 62.58 0.81
N ALA B 141 -1.14 61.53 0.42
CA ALA B 141 -0.94 60.22 1.02
C ALA B 141 0.44 59.66 0.69
N GLU B 142 0.91 59.88 -0.54
CA GLU B 142 2.27 59.49 -0.92
C GLU B 142 3.32 60.21 -0.09
N SER B 143 3.11 61.49 0.17
CA SER B 143 4.07 62.26 0.95
C SER B 143 4.08 61.80 2.40
N LEU B 144 2.90 61.51 2.95
CA LEU B 144 2.82 61.01 4.31
C LEU B 144 3.49 59.66 4.46
N THR B 145 3.35 58.81 3.44
CA THR B 145 4.04 57.52 3.45
C THR B 145 5.54 57.70 3.38
N TRP B 146 6.01 58.63 2.55
CA TRP B 146 7.42 58.98 2.49
C TRP B 146 7.95 59.43 3.85
N LEU B 147 7.18 60.28 4.53
CA LEU B 147 7.68 60.86 5.77
C LEU B 147 7.66 59.85 6.90
N MET B 148 6.62 59.01 6.96
CA MET B 148 6.61 57.94 7.95
C MET B 148 7.71 56.93 7.68
N ALA B 149 8.08 56.74 6.42
CA ALA B 149 9.24 55.91 6.11
C ALA B 149 10.51 56.52 6.65
N ARG B 150 10.66 57.85 6.51
CA ARG B 150 11.83 58.53 7.06
C ARG B 150 11.89 58.36 8.58
N MET B 151 10.74 58.50 9.24
CA MET B 151 10.71 58.41 10.70
C MET B 151 10.99 56.99 11.18
N ARG B 152 10.36 56.01 10.54
CA ARG B 152 10.56 54.63 10.96
C ARG B 152 11.97 54.17 10.68
N ASN B 153 12.57 54.61 9.56
CA ASN B 153 13.97 54.29 9.34
C ASN B 153 14.85 54.98 10.37
N ARG B 154 14.48 56.18 10.82
CA ARG B 154 15.38 56.85 11.74
C ARG B 154 15.30 56.22 13.13
N ARG B 155 14.10 55.81 13.54
CA ARG B 155 13.94 55.03 14.76
C ARG B 155 14.72 53.73 14.69
N ARG B 156 14.58 53.02 13.57
CA ARG B 156 15.27 51.75 13.37
C ARG B 156 16.78 51.97 13.35
N TRP B 157 17.22 53.12 12.86
CA TRP B 157 18.63 53.44 12.91
C TRP B 157 19.12 53.62 14.33
N LEU B 158 18.35 54.32 15.16
CA LEU B 158 18.75 54.48 16.56
C LEU B 158 18.83 53.14 17.27
N THR B 159 17.82 52.29 17.07
CA THR B 159 17.80 50.99 17.73
C THR B 159 18.98 50.15 17.33
N TRP B 160 19.22 50.01 16.02
CA TRP B 160 20.36 49.23 15.58
C TRP B 160 21.68 49.90 15.94
N GLN B 161 21.69 51.22 16.06
CA GLN B 161 22.94 51.89 16.38
C GLN B 161 23.33 51.63 17.82
N VAL B 162 22.37 51.67 18.74
CA VAL B 162 22.73 51.43 20.11
C VAL B 162 22.80 49.93 20.38
N MET B 163 22.27 49.11 19.49
CA MET B 163 22.40 47.68 19.70
C MET B 163 23.65 47.14 19.02
N ARG B 164 24.27 47.92 18.15
CA ARG B 164 25.60 47.57 17.66
C ARG B 164 26.67 48.02 18.63
N THR B 165 26.82 49.32 18.83
CA THR B 165 27.96 49.77 19.61
C THR B 165 27.60 50.36 20.95
N GLY B 166 26.40 50.12 21.45
CA GLY B 166 26.07 50.45 22.82
C GLY B 166 25.85 51.91 23.13
N ARG B 167 26.23 52.82 22.26
CA ARG B 167 26.19 54.23 22.61
C ARG B 167 25.69 55.02 21.42
N ILE B 168 24.80 55.96 21.71
CA ILE B 168 24.11 56.71 20.68
C ILE B 168 25.06 57.80 20.25
N THR B 169 25.87 57.52 19.24
CA THR B 169 26.86 58.47 18.77
C THR B 169 26.42 59.07 17.43
N ILE B 170 26.33 60.39 17.40
CA ILE B 170 26.05 61.13 16.19
C ILE B 170 27.08 62.26 16.08
N GLN B 171 27.37 62.63 14.84
CA GLN B 171 28.42 63.59 14.52
C GLN B 171 27.86 64.59 13.54
N PRO B 172 28.52 65.75 13.37
CA PRO B 172 28.13 66.65 12.27
C PRO B 172 28.30 66.05 10.88
N ASN B 173 29.22 65.10 10.72
CA ASN B 173 29.55 64.61 9.38
C ASN B 173 28.63 63.49 8.92
N ASP B 174 27.57 63.19 9.66
CA ASP B 174 26.50 62.36 9.12
C ASP B 174 25.86 63.12 7.96
N PRO B 175 25.64 62.47 6.83
CA PRO B 175 24.76 63.04 5.80
C PRO B 175 23.31 63.15 6.23
N TYR B 176 22.89 62.60 7.36
CA TYR B 176 21.60 62.93 7.91
C TYR B 176 21.69 63.90 9.08
N ASN B 177 22.86 64.50 9.31
CA ASN B 177 23.00 65.66 10.19
C ASN B 177 23.36 66.87 9.35
N PRO B 178 22.36 67.57 8.81
CA PRO B 178 22.67 68.79 8.07
C PRO B 178 23.08 69.94 8.95
N ASN B 179 22.39 70.12 10.08
CA ASN B 179 22.71 71.22 10.99
C ASN B 179 24.09 71.05 11.61
N GLY B 180 24.52 69.81 11.80
CA GLY B 180 25.83 69.54 12.31
C GLY B 180 25.94 69.33 13.80
N LEU B 181 24.88 68.91 14.45
CA LEU B 181 24.87 68.76 15.89
C LEU B 181 25.66 67.53 16.31
N LYS B 182 25.77 67.34 17.63
CA LYS B 182 26.14 66.05 18.17
C LYS B 182 25.53 65.88 19.55
N TYR B 183 25.25 64.63 19.89
CA TYR B 183 24.75 64.25 21.19
C TYR B 183 25.31 62.87 21.47
N VAL B 184 26.47 62.79 22.09
CA VAL B 184 27.15 61.51 22.33
C VAL B 184 26.63 60.97 23.65
N ILE B 185 25.75 59.98 23.57
CA ILE B 185 25.09 59.43 24.76
C ILE B 185 25.49 57.98 24.86
N ASP B 186 25.96 57.57 26.04
CA ASP B 186 26.51 56.24 26.26
C ASP B 186 25.66 55.49 27.27
N TYR B 187 25.61 54.17 27.13
CA TYR B 187 24.99 53.33 28.13
C TYR B 187 26.03 52.55 28.91
N GLY B 188 27.25 52.48 28.39
CA GLY B 188 28.40 51.95 29.10
C GLY B 188 28.33 50.47 29.41
N VAL B 189 27.88 49.67 28.45
CA VAL B 189 27.86 48.22 28.58
C VAL B 189 29.31 47.75 28.56
N THR B 190 29.63 46.78 29.42
CA THR B 190 30.98 46.34 29.69
C THR B 190 31.68 45.78 28.46
N ASP B 191 31.06 44.86 27.75
CA ASP B 191 31.78 44.11 26.74
C ASP B 191 31.06 44.01 25.41
N ILE B 192 30.59 45.14 24.86
CA ILE B 192 29.89 45.09 23.58
C ILE B 192 30.81 44.63 22.47
N GLU B 193 32.10 44.89 22.58
CA GLU B 193 33.04 44.24 21.69
C GLU B 193 33.39 42.89 22.29
N LEU B 194 33.61 41.93 21.40
CA LEU B 194 34.09 40.61 21.79
C LEU B 194 35.43 40.38 21.12
N PRO B 195 36.41 39.84 21.83
CA PRO B 195 37.74 39.71 21.26
C PRO B 195 37.83 38.57 20.27
N LEU B 196 38.71 38.74 19.29
CA LEU B 196 39.11 37.68 18.41
C LEU B 196 40.58 37.94 18.12
N PRO B 197 41.42 36.90 18.13
CA PRO B 197 42.81 37.10 17.73
C PRO B 197 42.94 37.27 16.23
N GLN B 198 42.05 36.63 15.48
CA GLN B 198 41.96 36.83 14.04
C GLN B 198 40.52 36.56 13.64
N LYS B 199 40.28 36.64 12.33
CA LYS B 199 38.96 36.39 11.79
C LYS B 199 38.64 34.90 11.77
N PHE B 200 37.48 34.57 11.21
CA PHE B 200 37.20 33.16 10.99
C PHE B 200 38.05 32.60 9.86
N ASP B 201 37.91 33.14 8.66
CA ASP B 201 38.52 32.55 7.48
C ASP B 201 39.90 33.14 7.20
N ALA B 202 40.72 33.15 8.23
CA ALA B 202 42.14 33.45 8.07
C ALA B 202 42.80 32.24 7.44
N LYS B 203 43.30 32.42 6.23
CA LYS B 203 43.74 31.30 5.41
C LYS B 203 45.17 30.95 5.76
N ASP B 204 45.42 29.68 5.99
CA ASP B 204 46.70 29.19 6.48
C ASP B 204 46.96 27.79 5.95
N GLY B 205 48.24 27.44 5.89
CA GLY B 205 48.64 26.25 5.17
C GLY B 205 48.43 26.47 3.68
N ASN B 206 47.86 25.46 3.02
CA ASN B 206 47.34 25.68 1.68
C ASN B 206 46.10 26.57 1.74
N GLY B 207 45.07 26.11 2.43
CA GLY B 207 43.98 26.95 2.85
C GLY B 207 43.20 26.27 3.95
N ASN B 208 43.09 26.90 5.11
CA ASN B 208 42.31 26.36 6.21
C ASN B 208 41.63 27.51 6.93
N SER B 209 40.83 27.18 7.92
CA SER B 209 40.33 28.13 8.88
C SER B 209 41.34 28.25 10.01
N ALA B 210 41.29 29.37 10.72
CA ALA B 210 42.14 29.55 11.88
C ALA B 210 41.36 29.29 13.15
N VAL B 211 40.04 29.14 13.02
CA VAL B 211 39.15 28.92 14.16
C VAL B 211 37.86 28.30 13.64
N ASP B 212 37.32 27.37 14.40
CA ASP B 212 35.98 26.92 14.13
C ASP B 212 34.96 27.80 14.85
N PRO B 213 33.90 28.22 14.18
CA PRO B 213 32.88 29.05 14.85
C PRO B 213 32.05 28.29 15.86
N ILE B 214 31.68 27.05 15.57
CA ILE B 214 30.87 26.28 16.50
C ILE B 214 31.69 25.94 17.74
N GLN B 215 32.98 25.66 17.54
CA GLN B 215 33.90 25.47 18.66
C GLN B 215 34.02 26.76 19.46
N TYR B 216 34.00 27.90 18.78
CA TYR B 216 34.06 29.19 19.46
C TYR B 216 32.82 29.44 20.31
N PHE B 217 31.65 29.10 19.80
CA PHE B 217 30.46 29.41 20.57
C PHE B 217 30.25 28.40 21.68
N ARG B 218 30.74 27.17 21.50
CA ARG B 218 30.72 26.26 22.63
C ARG B 218 31.76 26.63 23.67
N ASP B 219 32.84 27.32 23.25
CA ASP B 219 33.73 27.93 24.23
C ASP B 219 33.00 29.00 25.03
N LEU B 220 32.16 29.78 24.35
CA LEU B 220 31.39 30.80 25.06
C LEU B 220 30.41 30.19 26.05
N ILE B 221 29.70 29.14 25.64
CA ILE B 221 28.78 28.45 26.55
C ILE B 221 29.55 27.79 27.69
N LYS B 222 30.73 27.23 27.38
CA LYS B 222 31.52 26.50 28.36
C LYS B 222 32.07 27.42 29.43
N ALA B 223 32.63 28.56 29.04
CA ALA B 223 33.07 29.52 30.05
C ALA B 223 31.88 30.19 30.72
N ALA B 224 30.73 30.23 30.05
CA ALA B 224 29.55 30.88 30.56
C ALA B 224 28.75 30.00 31.51
N THR B 225 29.12 28.74 31.66
CA THR B 225 28.29 27.82 32.44
C THR B 225 28.26 28.11 33.94
N TYR B 226 29.05 29.06 34.43
CA TYR B 226 28.87 29.55 35.78
C TYR B 226 27.92 30.74 35.84
N PHE B 227 27.62 31.34 34.69
CA PHE B 227 27.03 32.66 34.66
C PHE B 227 25.69 32.61 33.95
N PRO B 228 24.63 33.15 34.54
CA PRO B 228 23.33 33.12 33.87
C PRO B 228 23.23 34.08 32.70
N ASP B 229 24.06 35.12 32.65
CA ASP B 229 23.94 36.12 31.60
C ASP B 229 25.20 36.29 30.79
N ARG B 230 25.85 35.21 30.39
CA ARG B 230 26.90 35.24 29.40
C ARG B 230 26.64 34.29 28.25
N ARG B 231 25.71 33.37 28.40
CA ARG B 231 25.63 32.21 27.54
C ARG B 231 24.82 32.54 26.28
N PRO B 232 25.38 32.38 25.10
CA PRO B 232 24.76 32.90 23.87
C PRO B 232 23.45 32.22 23.53
N VAL B 233 22.36 32.98 23.64
CA VAL B 233 21.03 32.46 23.44
C VAL B 233 20.61 32.49 21.97
N ALA B 234 20.81 33.61 21.28
CA ALA B 234 20.43 33.73 19.88
C ALA B 234 21.36 34.72 19.21
N ILE B 235 21.71 34.43 17.96
CA ILE B 235 22.54 35.33 17.17
C ILE B 235 21.64 36.02 16.16
N ILE B 236 21.95 37.27 15.87
CA ILE B 236 21.29 38.06 14.84
C ILE B 236 22.38 38.52 13.91
N VAL B 237 22.26 38.19 12.63
CA VAL B 237 23.15 38.72 11.61
C VAL B 237 22.42 38.69 10.27
N GLY B 238 22.34 39.85 9.63
CA GLY B 238 21.66 40.00 8.37
C GLY B 238 22.35 39.44 7.14
N PRO B 239 23.53 39.99 6.73
CA PRO B 239 24.00 39.78 5.36
C PRO B 239 24.54 38.40 5.07
N GLY B 240 24.96 38.22 3.83
CA GLY B 240 25.60 36.99 3.44
C GLY B 240 26.92 36.79 4.16
N PHE B 241 26.89 35.92 5.16
CA PHE B 241 28.09 35.44 5.82
C PHE B 241 28.18 33.93 5.73
N ASP B 242 27.21 33.32 5.04
CA ASP B 242 27.19 31.89 4.84
C ASP B 242 28.38 31.44 4.01
N GLU B 243 28.86 32.29 3.12
CA GLU B 243 30.08 32.01 2.39
C GLU B 243 31.28 32.06 3.31
N VAL B 244 31.27 32.98 4.27
CA VAL B 244 32.35 33.05 5.25
C VAL B 244 32.30 31.82 6.15
N LEU B 245 31.11 31.29 6.37
CA LEU B 245 31.00 29.99 7.02
C LEU B 245 31.58 28.88 6.15
N ALA B 246 31.25 28.91 4.86
CA ALA B 246 31.64 27.82 3.97
C ALA B 246 33.13 27.79 3.69
N ASP B 247 33.81 28.91 3.92
CA ASP B 247 35.25 28.91 3.72
C ASP B 247 35.98 28.38 4.94
N ASN B 248 35.30 28.31 6.09
CA ASN B 248 35.91 27.77 7.29
C ASN B 248 36.00 26.27 7.18
N THR B 249 37.22 25.76 7.06
CA THR B 249 37.41 24.35 6.73
C THR B 249 36.97 23.41 7.85
N PHE B 250 36.79 23.89 9.07
CA PHE B 250 36.21 23.04 10.09
C PHE B 250 34.73 22.83 9.84
N VAL B 251 34.04 23.87 9.37
CA VAL B 251 32.64 23.72 8.98
C VAL B 251 32.54 22.84 7.75
N GLN B 252 33.56 22.92 6.89
CA GLN B 252 33.65 21.99 5.77
C GLN B 252 33.72 20.56 6.25
N LYS B 253 34.67 20.25 7.14
CA LYS B 253 34.83 18.89 7.64
C LYS B 253 33.62 18.42 8.43
N TYR B 254 32.91 19.35 9.09
CA TYR B 254 31.60 19.05 9.64
C TYR B 254 30.66 18.51 8.58
N VAL B 255 30.54 19.23 7.47
CA VAL B 255 29.63 18.80 6.41
C VAL B 255 30.14 17.52 5.75
N GLU B 256 31.47 17.38 5.65
CA GLU B 256 32.09 16.22 5.02
C GLU B 256 31.79 14.94 5.76
N TYR B 257 32.02 14.92 7.07
CA TYR B 257 31.71 13.70 7.80
C TYR B 257 30.21 13.57 8.06
N GLU B 258 29.52 14.67 8.28
CA GLU B 258 28.10 14.64 8.64
C GLU B 258 27.24 14.14 7.50
N LYS B 259 27.48 14.62 6.30
CA LYS B 259 26.77 14.11 5.14
C LYS B 259 27.41 12.85 4.59
N GLY B 260 28.63 12.55 4.99
CA GLY B 260 29.23 11.26 4.67
C GLY B 260 30.13 11.26 3.47
N TRP B 261 31.06 12.20 3.39
CA TRP B 261 32.03 12.22 2.30
C TRP B 261 33.44 12.50 2.79
N VAL B 262 34.29 11.50 2.63
CA VAL B 262 35.72 11.60 2.96
C VAL B 262 36.42 12.26 1.79
N VAL B 263 37.18 13.31 2.08
CA VAL B 263 37.97 13.97 1.05
C VAL B 263 39.17 13.15 0.58
N GLY B 264 39.50 12.09 1.30
CA GLY B 264 40.48 11.15 0.80
C GLY B 264 39.83 10.10 -0.08
N GLN B 265 38.63 9.66 0.27
CA GLN B 265 38.01 8.51 -0.37
C GLN B 265 36.74 8.85 -1.15
N ASN B 266 35.73 9.41 -0.50
CA ASN B 266 34.41 9.54 -1.12
C ASN B 266 34.33 10.72 -2.09
N THR B 267 35.33 11.59 -2.09
CA THR B 267 35.41 12.74 -2.98
C THR B 267 36.87 13.14 -3.05
N VAL B 268 37.22 13.87 -4.11
CA VAL B 268 38.48 14.59 -4.18
C VAL B 268 38.32 15.98 -3.58
N GLN B 269 37.30 16.71 -4.03
CA GLN B 269 36.89 17.92 -3.34
C GLN B 269 35.42 18.14 -3.59
N PRO B 270 34.63 18.35 -2.55
CA PRO B 270 33.23 18.70 -2.74
C PRO B 270 33.10 20.09 -3.32
N PRO B 271 31.98 20.42 -3.93
CA PRO B 271 31.76 21.77 -4.43
C PRO B 271 31.45 22.75 -3.30
N ARG B 272 31.65 24.02 -3.62
CA ARG B 272 31.48 25.11 -2.68
C ARG B 272 30.02 25.33 -2.27
N GLU B 273 29.09 24.93 -3.12
CA GLU B 273 27.74 25.45 -2.96
C GLU B 273 26.86 24.46 -2.22
N VAL B 274 27.28 23.22 -2.12
CA VAL B 274 26.71 22.33 -1.12
C VAL B 274 27.02 22.89 0.26
N TYR B 275 28.23 23.42 0.46
CA TYR B 275 28.58 24.07 1.70
C TYR B 275 27.75 25.32 1.92
N ARG B 276 27.52 26.09 0.84
CA ARG B 276 26.63 27.25 0.89
C ARG B 276 25.23 26.85 1.34
N GLN B 277 24.71 25.76 0.81
CA GLN B 277 23.39 25.30 1.19
C GLN B 277 23.37 24.75 2.62
N ALA B 278 24.48 24.21 3.08
CA ALA B 278 24.52 23.49 4.33
C ALA B 278 24.99 24.32 5.51
N ALA B 279 25.50 25.54 5.28
CA ALA B 279 26.21 26.27 6.34
C ALA B 279 25.31 26.68 7.50
N LEU B 280 24.21 27.37 7.23
CA LEU B 280 23.30 27.81 8.29
C LEU B 280 22.65 26.63 9.00
N ASP B 281 22.34 25.57 8.26
CA ASP B 281 21.70 24.42 8.88
C ASP B 281 22.66 23.66 9.78
N ILE B 282 23.90 23.46 9.32
CA ILE B 282 24.88 22.74 10.12
C ILE B 282 25.25 23.58 11.34
N PHE B 283 25.20 24.91 11.21
CA PHE B 283 25.49 25.77 12.34
C PHE B 283 24.36 25.73 13.36
N LYS B 284 23.12 25.77 12.88
CA LYS B 284 21.98 25.79 13.78
C LYS B 284 21.82 24.48 14.51
N ARG B 285 22.00 23.35 13.83
CA ARG B 285 21.92 22.08 14.53
C ARG B 285 23.14 21.84 15.41
N TYR B 286 24.29 22.41 15.08
CA TYR B 286 25.44 22.10 15.90
C TYR B 286 25.53 22.92 17.17
N THR B 287 25.55 24.26 17.06
CA THR B 287 25.68 25.05 18.27
C THR B 287 24.38 25.05 19.07
N GLY B 288 23.26 25.15 18.39
CA GLY B 288 21.98 25.00 19.05
C GLY B 288 21.35 26.30 19.49
N LEU B 289 21.80 27.42 18.97
CA LEU B 289 21.16 28.69 19.26
C LEU B 289 20.41 29.17 18.03
N GLU B 290 19.34 29.91 18.25
CA GLU B 290 18.48 30.36 17.17
C GLU B 290 19.18 31.43 16.35
N VAL B 291 19.35 31.14 15.06
CA VAL B 291 20.05 32.03 14.15
C VAL B 291 19.01 32.76 13.32
N MET B 292 18.66 33.96 13.75
CA MET B 292 17.63 34.75 13.08
C MET B 292 18.35 35.71 12.14
N VAL B 293 18.31 35.41 10.85
CA VAL B 293 19.06 36.13 9.83
C VAL B 293 18.10 37.08 9.13
N TYR B 294 18.38 38.38 9.21
CA TYR B 294 17.47 39.37 8.68
C TYR B 294 18.20 40.60 8.13
N ASP B 295 18.27 40.66 6.80
CA ASP B 295 18.68 41.84 6.05
C ASP B 295 17.49 42.76 5.87
N LYS B 296 17.74 44.05 6.01
CA LYS B 296 16.78 45.09 5.73
C LYS B 296 17.48 46.19 4.97
N THR B 297 16.81 46.70 3.95
CA THR B 297 17.40 47.60 2.97
C THR B 297 17.56 48.98 3.58
N TYR B 298 18.80 49.42 3.74
CA TYR B 298 19.10 50.70 4.34
C TYR B 298 19.61 51.67 3.29
N ARG B 299 18.85 52.74 3.08
CA ARG B 299 19.14 53.75 2.07
C ARG B 299 19.58 55.04 2.74
N ASP B 300 20.81 55.45 2.47
CA ASP B 300 21.29 56.69 3.07
C ASP B 300 21.17 57.83 2.08
N GLN B 301 21.81 58.97 2.39
CA GLN B 301 21.59 60.20 1.64
C GLN B 301 22.15 60.12 0.22
N ASP B 302 23.37 59.61 0.08
CA ASP B 302 24.05 59.66 -1.21
C ASP B 302 23.64 58.54 -2.17
N GLY B 303 22.48 57.93 -1.98
CA GLY B 303 21.96 56.98 -2.94
C GLY B 303 22.50 55.57 -2.86
N SER B 304 23.61 55.35 -2.16
CA SER B 304 24.12 54.01 -2.00
C SER B 304 23.21 53.20 -1.07
N VAL B 305 23.39 51.89 -1.09
CA VAL B 305 22.53 50.99 -0.35
C VAL B 305 23.37 50.30 0.72
N LYS B 306 22.84 50.26 1.94
CA LYS B 306 23.44 49.46 2.99
C LYS B 306 22.40 48.58 3.66
N TYR B 307 22.78 47.95 4.75
CA TYR B 307 21.85 47.32 5.64
C TYR B 307 22.05 47.93 7.00
N TRP B 308 21.12 47.65 7.92
CA TRP B 308 21.30 48.13 9.28
C TRP B 308 22.51 47.47 9.92
N ILE B 309 22.52 46.15 9.98
CA ILE B 309 23.75 45.46 10.36
C ILE B 309 24.71 45.64 9.18
N PRO B 310 25.97 45.93 9.44
CA PRO B 310 26.94 45.97 8.36
C PRO B 310 27.32 44.58 7.94
N VAL B 311 28.04 44.51 6.82
CA VAL B 311 28.39 43.22 6.22
C VAL B 311 29.35 42.49 7.13
N GLY B 312 29.36 41.17 7.02
CA GLY B 312 30.26 40.44 7.85
C GLY B 312 29.66 40.00 9.17
N GLU B 313 29.86 40.83 10.19
CA GLU B 313 30.11 40.31 11.52
C GLU B 313 29.01 39.56 12.27
N LEU B 314 28.19 40.23 13.10
CA LEU B 314 27.06 39.69 13.88
C LEU B 314 26.61 40.75 14.88
N ILE B 315 25.52 40.45 15.58
CA ILE B 315 25.34 40.76 17.00
C ILE B 315 24.83 39.47 17.63
N VAL B 316 24.83 39.40 18.96
CA VAL B 316 24.45 38.16 19.65
C VAL B 316 23.87 38.48 21.02
N LEU B 317 22.66 37.96 21.27
CA LEU B 317 22.06 38.01 22.60
C LEU B 317 22.64 36.87 23.43
N ASN B 318 22.85 37.11 24.72
CA ASN B 318 23.31 36.02 25.59
C ASN B 318 22.65 35.96 26.95
N GLN B 319 21.53 36.61 27.16
CA GLN B 319 20.77 36.39 28.39
C GLN B 319 19.57 35.49 28.15
N SER B 320 18.67 35.92 27.28
CA SER B 320 17.50 35.16 26.88
C SER B 320 16.97 35.77 25.61
N THR B 321 16.00 35.08 25.01
CA THR B 321 15.21 35.65 23.93
C THR B 321 13.96 36.23 24.55
N GLY B 322 13.75 37.53 24.37
CA GLY B 322 12.69 38.23 25.01
C GLY B 322 12.91 39.70 24.84
N PRO B 323 11.91 40.52 25.14
CA PRO B 323 12.03 41.95 24.82
C PRO B 323 13.00 42.65 25.75
N VAL B 324 14.22 42.84 25.24
CA VAL B 324 15.17 43.76 25.81
C VAL B 324 14.70 45.14 25.39
N GLY B 325 14.95 46.14 26.24
CA GLY B 325 14.74 47.52 25.88
C GLY B 325 13.30 47.95 25.67
N ARG B 326 13.16 49.21 25.29
CA ARG B 326 11.87 49.84 25.05
C ARG B 326 12.16 51.16 24.35
N PHE B 327 11.25 51.57 23.48
CA PHE B 327 11.41 52.85 22.81
C PHE B 327 10.43 53.84 23.42
N VAL B 328 10.93 55.02 23.78
CA VAL B 328 10.15 56.00 24.52
C VAL B 328 9.95 57.22 23.64
N TYR B 329 8.71 57.66 23.51
CA TYR B 329 8.33 58.87 22.79
C TYR B 329 7.97 59.96 23.78
N THR B 330 8.72 61.05 23.76
CA THR B 330 8.60 62.04 24.82
C THR B 330 8.15 63.37 24.23
N ALA B 331 7.92 64.35 25.11
CA ALA B 331 7.76 65.77 24.81
C ALA B 331 6.63 66.02 23.80
N HIS B 332 5.42 65.74 24.26
CA HIS B 332 4.23 65.97 23.45
C HIS B 332 4.03 67.48 23.32
N VAL B 333 4.69 68.07 22.33
CA VAL B 333 4.82 69.51 22.22
C VAL B 333 3.54 70.08 21.59
N ALA B 334 3.02 71.12 22.22
CA ALA B 334 1.92 71.92 21.74
C ALA B 334 2.06 73.27 22.45
N GLY B 335 0.96 74.02 22.51
CA GLY B 335 0.84 75.00 23.58
C GLY B 335 0.99 74.31 24.93
N GLN B 336 1.76 74.94 25.83
CA GLN B 336 2.10 74.39 27.13
C GLN B 336 0.88 74.02 27.93
N ARG B 337 0.02 75.01 28.16
CA ARG B 337 -1.41 75.04 27.86
C ARG B 337 -1.94 76.30 28.52
N ASN B 338 -3.20 76.59 28.25
CA ASN B 338 -3.93 77.55 29.07
C ASN B 338 -4.07 77.08 30.52
N GLY B 339 -3.99 75.77 30.77
CA GLY B 339 -4.10 75.21 32.10
C GLY B 339 -2.93 74.29 32.42
N LYS B 340 -3.27 73.10 32.94
CA LYS B 340 -2.29 72.18 33.50
C LYS B 340 -1.89 71.11 32.47
N VAL B 341 -0.64 70.65 32.58
CA VAL B 341 -0.07 69.70 31.62
C VAL B 341 -0.61 68.30 31.90
N VAL B 342 -1.46 67.81 30.98
CA VAL B 342 -2.01 66.47 31.02
C VAL B 342 -1.87 65.79 29.66
N TYR B 343 -0.75 66.08 28.96
CA TYR B 343 -0.56 65.87 27.50
C TYR B 343 -0.92 64.48 27.01
N ALA B 344 -1.25 64.41 25.72
CA ALA B 344 -1.46 63.15 25.03
C ALA B 344 -0.12 62.44 24.81
N THR B 345 -0.19 61.24 24.25
CA THR B 345 0.92 60.31 24.27
C THR B 345 1.24 59.69 22.92
N GLY B 346 0.61 60.13 21.84
CA GLY B 346 0.72 59.43 20.58
C GLY B 346 1.15 60.26 19.39
N PRO B 347 0.95 59.72 18.19
CA PRO B 347 1.27 60.50 16.99
C PRO B 347 0.26 61.61 16.73
N TYR B 348 0.71 62.83 17.01
CA TYR B 348 -0.07 63.99 16.63
C TYR B 348 0.63 64.65 15.46
N LEU B 349 -0.17 65.08 14.50
CA LEU B 349 0.34 65.63 13.26
C LEU B 349 -0.50 66.85 12.92
N THR B 350 0.12 67.83 12.29
CA THR B 350 -0.58 69.03 11.85
C THR B 350 0.12 69.60 10.62
N VAL B 351 -0.58 70.50 9.95
CA VAL B 351 -0.16 71.03 8.66
C VAL B 351 0.11 72.50 8.81
N LYS B 352 0.83 73.08 7.84
CA LYS B 352 1.09 74.52 7.83
C LYS B 352 0.96 75.04 6.41
N ASP B 353 -0.12 75.76 6.14
CA ASP B 353 -0.28 76.45 4.87
C ASP B 353 0.30 77.84 4.96
N HIS B 354 0.99 78.25 3.90
CA HIS B 354 1.54 79.60 3.80
C HIS B 354 1.33 80.18 2.42
N LEU B 355 0.12 80.05 1.89
CA LEU B 355 -0.19 80.49 0.54
C LEU B 355 -0.35 82.00 0.42
N GLN B 356 -0.14 82.73 1.50
CA GLN B 356 -0.28 84.17 1.49
C GLN B 356 1.06 84.88 1.38
N ASP B 357 2.17 84.14 1.34
CA ASP B 357 3.47 84.70 1.68
C ASP B 357 4.32 84.89 0.42
N ASP B 358 5.58 85.30 0.62
CA ASP B 358 6.45 85.86 -0.42
C ASP B 358 6.85 84.76 -1.42
N PRO B 359 7.21 83.55 -0.99
CA PRO B 359 6.70 82.38 -1.70
C PRO B 359 5.43 81.89 -1.05
N PRO B 360 4.36 81.76 -1.80
CA PRO B 360 3.15 81.10 -1.27
C PRO B 360 3.31 79.59 -1.30
N TYR B 361 3.55 78.99 -0.14
CA TYR B 361 3.94 77.59 -0.13
C TYR B 361 3.00 76.79 0.76
N TYR B 362 3.09 75.48 0.63
CA TYR B 362 2.34 74.55 1.44
C TYR B 362 3.27 73.48 1.99
N ALA B 363 3.07 73.12 3.24
CA ALA B 363 4.02 72.26 3.94
C ALA B 363 3.33 71.54 5.06
N ILE B 364 3.88 70.40 5.43
CA ILE B 364 3.34 69.56 6.50
C ILE B 364 4.47 69.22 7.46
N ILE B 365 4.15 69.09 8.73
CA ILE B 365 5.13 68.73 9.74
C ILE B 365 4.67 67.47 10.46
N ALA B 366 5.63 66.65 10.84
CA ALA B 366 5.43 65.59 11.83
C ALA B 366 6.81 65.26 12.37
N GLY B 367 6.88 64.91 13.65
CA GLY B 367 8.17 64.55 14.19
C GLY B 367 8.07 64.16 15.64
N PHE B 368 8.94 63.25 16.07
CA PHE B 368 8.85 62.64 17.40
C PHE B 368 10.11 62.92 18.20
N HIS B 369 9.94 63.64 19.32
CA HIS B 369 10.95 63.73 20.37
C HIS B 369 10.95 62.36 21.04
N GLY B 370 12.05 61.63 20.94
CA GLY B 370 12.08 60.26 21.41
C GLY B 370 13.45 59.80 21.85
N LEU B 371 13.48 58.60 22.42
CA LEU B 371 14.69 57.91 22.86
C LEU B 371 14.41 56.44 23.15
N PRO B 372 15.26 55.53 22.67
CA PRO B 372 15.13 54.12 23.07
C PRO B 372 15.74 53.87 24.45
N GLN B 373 14.93 53.31 25.35
CA GLN B 373 15.36 53.01 26.70
C GLN B 373 15.65 51.52 26.84
N LEU B 374 16.91 51.20 27.12
CA LEU B 374 17.34 49.84 27.34
C LEU B 374 16.78 49.30 28.66
N SER B 375 16.49 48.01 28.68
CA SER B 375 16.02 47.35 29.89
C SER B 375 17.14 47.22 30.91
N GLY B 376 16.92 47.79 32.08
CA GLY B 376 17.97 47.88 33.07
C GLY B 376 18.29 46.55 33.71
N TYR B 377 19.49 46.48 34.25
CA TYR B 377 19.98 45.32 34.97
C TYR B 377 19.17 45.06 36.22
N ASN B 378 19.28 43.83 36.70
CA ASN B 378 18.91 43.58 38.08
C ASN B 378 19.90 44.32 38.98
N THR B 379 19.36 45.03 39.98
CA THR B 379 20.00 46.14 40.65
C THR B 379 21.26 45.78 41.45
N GLU B 380 21.70 44.53 41.43
CA GLU B 380 22.93 44.11 42.10
C GLU B 380 24.17 44.80 41.59
N ASP B 381 24.53 44.58 40.32
CA ASP B 381 25.75 45.15 39.77
C ASP B 381 25.48 46.56 39.28
N PHE B 382 26.44 47.08 38.52
CA PHE B 382 26.20 48.25 37.68
C PHE B 382 26.20 47.89 36.21
N SER B 383 26.83 46.78 35.85
CA SER B 383 26.90 46.38 34.46
C SER B 383 25.57 45.81 33.98
N PHE B 384 25.41 45.78 32.66
CA PHE B 384 24.32 45.07 32.03
C PHE B 384 24.76 44.69 30.64
N HIS B 385 25.18 43.44 30.46
CA HIS B 385 25.55 42.95 29.14
C HIS B 385 24.65 41.80 28.75
N ARG B 386 23.65 42.12 27.97
CA ARG B 386 22.77 41.15 27.32
C ARG B 386 23.16 40.90 25.88
N PHE B 387 23.90 41.82 25.26
CA PHE B 387 24.21 41.69 23.84
C PHE B 387 25.52 42.36 23.45
N LYS B 388 26.32 41.60 22.70
CA LYS B 388 27.70 41.92 22.39
C LYS B 388 27.88 41.69 20.90
N TRP B 389 29.05 42.06 20.34
CA TRP B 389 29.44 41.50 19.06
C TRP B 389 30.94 41.49 18.86
N LEU B 390 31.36 40.91 17.74
CA LEU B 390 32.74 40.69 17.36
C LEU B 390 32.88 40.99 15.88
N LYS B 391 34.11 41.17 15.40
CA LYS B 391 34.35 41.53 14.02
C LYS B 391 35.32 40.54 13.37
N TYR B 392 34.98 40.10 12.16
CA TYR B 392 35.89 39.25 11.40
C TYR B 392 35.98 39.65 9.93
N ALA B 393 35.10 40.52 9.43
CA ALA B 393 35.04 40.81 8.00
C ALA B 393 36.23 41.68 7.60
N ASN B 394 37.41 41.07 7.55
CA ASN B 394 38.60 41.81 7.15
C ASN B 394 38.60 42.12 5.66
N ASN B 395 37.84 41.37 4.87
CA ASN B 395 37.44 41.84 3.57
C ASN B 395 35.93 42.04 3.57
N VAL B 396 35.52 43.17 3.02
CA VAL B 396 34.10 43.38 2.78
C VAL B 396 33.62 42.49 1.65
N GLN B 397 34.33 42.50 0.54
CA GLN B 397 33.99 41.62 -0.57
C GLN B 397 35.18 40.77 -0.97
N LYS C 24 0.92 54.31 52.82
CA LYS C 24 2.10 53.46 52.99
C LYS C 24 1.79 52.28 53.89
N PHE C 25 0.74 52.41 54.69
CA PHE C 25 0.23 51.28 55.48
C PHE C 25 -0.45 50.32 54.52
N PRO C 26 0.26 49.26 54.15
CA PRO C 26 -0.11 48.47 52.98
C PRO C 26 -0.88 47.21 53.36
N THR C 27 -2.05 47.43 53.98
CA THR C 27 -3.27 46.63 53.76
C THR C 27 -3.06 45.13 53.97
N THR C 28 -2.88 44.75 55.24
CA THR C 28 -2.46 43.39 55.63
C THR C 28 -3.34 42.29 55.04
N LYS C 29 -4.65 42.53 54.92
CA LYS C 29 -5.51 41.57 54.24
C LYS C 29 -5.19 41.52 52.75
N GLU C 30 -5.08 42.67 52.11
CA GLU C 30 -4.67 42.71 50.71
C GLU C 30 -3.22 42.28 50.54
N ILE C 31 -2.39 42.47 51.58
CA ILE C 31 -1.04 41.94 51.56
C ILE C 31 -1.05 40.42 51.51
N GLN C 32 -1.92 39.79 52.31
CA GLN C 32 -2.06 38.34 52.26
C GLN C 32 -2.60 37.87 50.91
N GLU C 33 -3.53 38.63 50.33
CA GLU C 33 -4.08 38.27 49.02
C GLU C 33 -3.03 38.36 47.93
N ALA C 34 -2.24 39.44 47.92
CA ALA C 34 -1.18 39.58 46.94
C ALA C 34 -0.07 38.58 47.16
N VAL C 35 0.18 38.19 48.41
CA VAL C 35 1.16 37.16 48.69
C VAL C 35 0.68 35.80 48.21
N ALA C 36 -0.63 35.56 48.28
CA ALA C 36 -1.20 34.34 47.73
C ALA C 36 -1.09 34.31 46.21
N ALA C 37 -1.28 35.47 45.57
CA ALA C 37 -1.08 35.56 44.13
C ALA C 37 0.38 35.32 43.75
N ILE C 38 1.30 35.88 44.53
CA ILE C 38 2.73 35.65 44.30
C ILE C 38 3.10 34.20 44.55
N ALA C 39 2.42 33.54 45.48
CA ALA C 39 2.66 32.13 45.73
C ALA C 39 2.16 31.26 44.59
N ASP C 40 1.01 31.62 44.01
CA ASP C 40 0.52 30.89 42.85
C ASP C 40 1.44 31.06 41.65
N LYS C 41 1.90 32.29 41.42
CA LYS C 41 2.81 32.54 40.30
C LYS C 41 4.18 31.92 40.54
N PHE C 42 4.57 31.75 41.80
CA PHE C 42 5.81 31.08 42.12
C PHE C 42 5.69 29.56 41.98
N ASN C 43 4.56 29.00 42.43
CA ASN C 43 4.38 27.56 42.42
C ASN C 43 3.85 27.05 41.09
N GLN C 44 3.60 27.95 40.13
CA GLN C 44 3.20 27.49 38.80
C GLN C 44 4.34 26.76 38.10
N GLU C 45 5.49 27.41 37.97
CA GLU C 45 6.64 26.81 37.31
C GLU C 45 7.37 25.92 38.31
N ASN C 46 6.98 24.65 38.35
CA ASN C 46 7.55 23.72 39.31
C ASN C 46 8.78 23.01 38.75
N ASP C 47 9.46 22.28 39.62
CA ASP C 47 10.71 21.60 39.31
C ASP C 47 10.56 20.11 39.63
N LEU C 48 11.54 19.35 39.12
CA LEU C 48 11.81 17.98 39.57
C LEU C 48 11.77 17.84 41.08
N VAL C 49 12.45 18.75 41.79
CA VAL C 49 12.50 18.69 43.23
C VAL C 49 11.14 18.98 43.82
N ASP C 50 10.36 19.86 43.19
CA ASP C 50 8.98 20.04 43.58
C ASP C 50 8.14 18.81 43.26
N ARG C 51 8.51 18.07 42.22
CA ARG C 51 7.74 16.88 41.87
C ARG C 51 7.96 15.77 42.87
N PHE C 52 9.18 15.63 43.38
CA PHE C 52 9.48 14.54 44.30
C PHE C 52 8.86 14.75 45.68
N PHE C 53 9.04 15.91 46.27
CA PHE C 53 8.67 16.14 47.67
C PHE C 53 7.47 17.07 47.74
N PRO C 54 6.27 16.55 47.92
CA PRO C 54 5.09 17.42 47.97
C PRO C 54 5.01 18.18 49.27
N GLU C 55 4.23 19.25 49.23
CA GLU C 55 4.01 20.08 50.41
C GLU C 55 2.90 19.48 51.26
N ASP C 56 3.19 19.27 52.54
CA ASP C 56 2.24 18.67 53.45
C ASP C 56 2.30 19.40 54.78
N SER C 57 1.17 19.45 55.46
CA SER C 57 1.01 20.26 56.66
C SER C 57 0.52 19.41 57.82
N THR C 58 1.13 19.61 58.98
CA THR C 58 0.78 18.91 60.21
C THR C 58 0.50 19.93 61.31
N PHE C 59 -0.30 19.53 62.29
CA PHE C 59 -0.29 20.27 63.55
C PHE C 59 0.78 19.72 64.48
N ALA C 60 1.17 18.48 64.28
CA ALA C 60 2.19 17.87 65.12
C ALA C 60 3.57 18.28 64.64
N SER C 61 4.49 18.37 65.60
CA SER C 61 5.89 18.65 65.29
C SER C 61 6.81 17.62 65.95
N GLU C 62 6.41 16.35 65.94
CA GLU C 62 7.28 15.32 66.49
C GLU C 62 8.39 14.97 65.51
N LEU C 63 8.19 15.29 64.23
CA LEU C 63 9.16 15.13 63.14
C LEU C 63 9.59 13.67 62.97
N GLU C 64 8.63 12.83 62.58
CA GLU C 64 8.90 11.44 62.25
C GLU C 64 9.79 11.40 61.02
N LEU C 65 11.08 11.12 61.23
CA LEU C 65 12.06 11.18 60.15
C LEU C 65 11.99 9.97 59.23
N TYR C 66 11.05 9.06 59.44
CA TYR C 66 10.92 7.86 58.62
C TYR C 66 9.44 7.59 58.41
N LEU C 67 8.97 7.78 57.19
CA LEU C 67 7.73 7.10 56.86
C LEU C 67 8.02 5.61 56.68
N LEU C 68 6.96 4.79 56.72
CA LEU C 68 7.12 3.35 56.60
C LEU C 68 6.00 2.79 55.75
N ARG C 69 6.36 2.13 54.65
CA ARG C 69 5.42 1.38 53.83
C ARG C 69 6.22 0.35 53.03
N THR C 70 5.95 -0.93 53.27
CA THR C 70 6.61 -2.01 52.53
C THR C 70 5.65 -3.21 52.49
N GLN C 71 4.89 -3.31 51.40
CA GLN C 71 3.90 -4.38 51.25
C GLN C 71 3.63 -4.54 49.75
N ASP C 72 4.11 -5.63 49.18
CA ASP C 72 3.98 -5.86 47.74
C ASP C 72 4.07 -7.35 47.47
N ALA C 73 4.10 -7.68 46.17
CA ALA C 73 4.26 -9.06 45.73
C ALA C 73 5.71 -9.48 45.68
N GLU C 74 6.64 -8.56 45.93
CA GLU C 74 8.02 -8.93 46.14
C GLU C 74 8.28 -9.35 47.58
N GLN C 75 7.27 -9.29 48.43
CA GLN C 75 7.28 -9.86 49.77
C GLN C 75 6.41 -11.10 49.85
N THR C 76 6.45 -11.91 48.80
CA THR C 76 5.42 -12.91 48.50
C THR C 76 5.27 -14.04 49.52
N GLY C 77 6.27 -14.90 49.59
CA GLY C 77 6.09 -16.18 50.25
C GLY C 77 5.02 -17.01 49.58
N MET C 78 4.43 -17.93 50.34
CA MET C 78 3.33 -18.74 49.86
C MET C 78 2.55 -19.23 51.05
N THR C 79 1.36 -19.76 50.78
CA THR C 79 0.49 -20.21 51.86
C THR C 79 0.97 -21.55 52.41
N PHE C 80 0.17 -22.14 53.29
CA PHE C 80 0.60 -23.35 53.99
C PHE C 80 -0.15 -24.57 53.48
N VAL C 81 0.56 -25.69 53.52
CA VAL C 81 0.08 -26.96 53.03
C VAL C 81 -0.77 -27.58 54.13
N HIS C 82 -2.06 -27.23 54.10
CA HIS C 82 -3.05 -27.71 55.05
C HIS C 82 -3.36 -29.17 54.78
N GLN C 83 -3.72 -29.91 55.83
CA GLN C 83 -4.12 -31.29 55.69
C GLN C 83 -5.43 -31.56 56.41
N VAL C 84 -5.74 -32.84 56.53
CA VAL C 84 -7.01 -33.27 57.08
C VAL C 84 -7.00 -33.23 58.61
N GLY C 85 -8.13 -32.85 59.18
CA GLY C 85 -8.46 -33.01 60.58
C GLY C 85 -7.61 -32.27 61.60
N SER C 86 -6.67 -31.45 61.17
CA SER C 86 -5.73 -30.82 62.10
C SER C 86 -6.01 -29.32 62.17
N THR C 87 -5.38 -28.69 63.17
CA THR C 87 -5.44 -27.25 63.27
C THR C 87 -4.49 -26.61 62.27
N SER C 88 -4.93 -25.51 61.68
CA SER C 88 -4.10 -24.75 60.76
C SER C 88 -2.96 -24.09 61.52
N LEU C 89 -1.74 -24.41 61.12
CA LEU C 89 -0.59 -23.85 61.80
C LEU C 89 -0.47 -22.36 61.49
N PRO C 90 0.02 -21.54 62.43
CA PRO C 90 -0.22 -20.10 62.33
C PRO C 90 0.69 -19.42 61.32
N VAL C 91 0.27 -18.23 60.94
CA VAL C 91 1.08 -17.36 60.07
C VAL C 91 2.11 -16.65 60.92
N GLU C 92 3.36 -16.66 60.45
CA GLU C 92 4.36 -15.73 60.97
C GLU C 92 3.90 -14.29 60.76
N ALA C 93 3.59 -13.60 61.85
CA ALA C 93 3.14 -12.22 61.79
C ALA C 93 4.24 -11.30 62.30
N ARG C 94 5.50 -11.63 62.00
CA ARG C 94 6.63 -10.95 62.60
C ARG C 94 6.87 -9.56 62.04
N VAL C 95 6.14 -9.17 60.98
CA VAL C 95 6.33 -7.84 60.40
C VAL C 95 5.85 -6.75 61.33
N ALA C 96 4.74 -6.99 62.04
CA ALA C 96 4.26 -6.01 63.02
C ALA C 96 5.15 -5.94 64.24
N LYS C 97 5.88 -7.03 64.53
CA LYS C 97 6.83 -7.00 65.62
C LYS C 97 8.10 -6.25 65.25
N VAL C 98 8.65 -6.51 64.06
CA VAL C 98 9.86 -5.82 63.62
C VAL C 98 9.58 -4.42 63.10
N ASP C 99 8.32 -4.03 62.95
CA ASP C 99 8.00 -2.68 62.51
C ASP C 99 7.87 -1.70 63.67
N LEU C 100 7.77 -2.22 64.90
CA LEU C 100 7.58 -1.37 66.07
C LEU C 100 8.88 -0.65 66.41
N ALA C 101 8.89 0.67 66.19
CA ALA C 101 10.07 1.48 66.46
C ALA C 101 9.64 2.90 66.77
N LYS C 102 10.59 3.71 67.23
CA LYS C 102 10.32 5.07 67.67
C LYS C 102 10.81 6.06 66.62
N ALA C 103 10.16 7.22 66.55
CA ALA C 103 10.48 8.27 65.57
C ALA C 103 11.10 9.45 66.31
N THR C 104 12.42 9.41 66.47
CA THR C 104 13.16 10.43 67.18
C THR C 104 13.93 11.31 66.21
N TRP C 105 13.45 12.54 66.02
CA TRP C 105 14.16 13.54 65.25
C TRP C 105 13.71 14.91 65.69
N SER C 106 14.60 15.88 65.54
CA SER C 106 14.41 17.22 66.07
C SER C 106 14.04 18.17 64.94
N PRO C 107 12.81 18.68 64.89
CA PRO C 107 12.40 19.53 63.78
C PRO C 107 13.05 20.91 63.80
N LEU C 108 13.96 21.13 62.85
CA LEU C 108 14.52 22.45 62.63
C LEU C 108 13.59 23.24 61.72
N ALA C 109 13.55 24.54 61.91
CA ALA C 109 12.52 25.34 61.28
C ALA C 109 13.06 26.73 61.02
N PHE C 110 12.87 27.24 59.81
CA PHE C 110 13.58 28.42 59.36
C PHE C 110 12.63 29.57 59.11
N LYS C 111 13.15 30.77 59.31
CA LYS C 111 12.33 31.94 59.57
C LYS C 111 13.24 33.15 59.52
N GLU C 112 12.70 34.26 58.99
CA GLU C 112 13.50 35.45 58.77
C GLU C 112 12.60 36.65 58.54
N SER C 113 13.23 37.81 58.48
CA SER C 113 12.51 39.07 58.39
C SER C 113 13.44 40.15 57.89
N ARG C 114 13.07 40.80 56.80
CA ARG C 114 13.78 42.01 56.42
C ARG C 114 13.15 43.19 57.14
N VAL C 115 13.75 44.37 56.93
CA VAL C 115 13.36 45.57 57.63
C VAL C 115 13.51 46.76 56.69
N TRP C 116 12.62 47.74 56.83
CA TRP C 116 12.81 49.00 56.14
C TRP C 116 12.86 50.13 57.15
N ASP C 117 13.73 51.09 56.89
CA ASP C 117 13.86 52.29 57.69
C ASP C 117 13.14 53.46 57.03
N GLU C 118 12.36 54.19 57.84
CA GLU C 118 11.61 55.33 57.31
C GLU C 118 12.52 56.49 56.93
N LYS C 119 13.80 56.42 57.31
CA LYS C 119 14.85 57.09 56.54
C LYS C 119 14.66 56.82 55.05
N GLU C 120 14.75 55.56 54.64
CA GLU C 120 14.67 55.27 53.22
C GLU C 120 13.23 55.11 52.75
N ILE C 121 12.30 54.73 53.63
CA ILE C 121 10.90 54.72 53.24
C ILE C 121 10.43 56.13 52.95
N LEU C 122 10.85 57.08 53.79
CA LEU C 122 10.45 58.46 53.59
C LEU C 122 11.17 59.07 52.41
N TYR C 123 12.42 58.65 52.15
CA TYR C 123 13.10 59.14 50.96
C TYR C 123 12.44 58.64 49.69
N LEU C 124 12.01 57.37 49.67
CA LEU C 124 11.44 56.87 48.44
C LEU C 124 9.97 57.26 48.32
N GLY C 125 9.31 57.57 49.44
CA GLY C 125 8.01 58.19 49.37
C GLY C 125 8.08 59.62 48.88
N ARG C 126 9.18 60.30 49.17
CA ARG C 126 9.45 61.59 48.54
C ARG C 126 9.82 61.44 47.08
N LEU C 127 10.42 60.30 46.72
CA LEU C 127 10.72 60.04 45.33
C LEU C 127 9.46 59.77 44.50
N ALA C 128 8.47 59.11 45.09
CA ALA C 128 7.21 58.89 44.38
C ALA C 128 6.37 60.16 44.34
N ASP C 129 5.90 60.61 45.50
CA ASP C 129 5.41 61.96 45.80
C ASP C 129 4.11 62.35 45.09
N GLU C 130 3.58 61.52 44.20
CA GLU C 130 2.33 61.83 43.51
C GLU C 130 1.22 60.85 43.85
N VAL C 131 1.43 59.57 43.58
CA VAL C 131 0.57 58.50 44.08
C VAL C 131 1.52 57.48 44.70
N GLN C 132 1.88 57.70 45.97
CA GLN C 132 2.92 56.91 46.59
C GLN C 132 2.44 55.52 46.99
N ALA C 133 1.12 55.32 47.08
CA ALA C 133 0.58 54.03 47.49
C ALA C 133 0.84 52.96 46.43
N GLY C 134 0.84 53.38 45.16
CA GLY C 134 1.20 52.46 44.09
C GLY C 134 2.62 51.95 44.21
N VAL C 135 3.58 52.87 44.39
CA VAL C 135 4.99 52.47 44.50
C VAL C 135 5.26 51.69 45.77
N ILE C 136 4.53 52.01 46.85
CA ILE C 136 4.66 51.27 48.10
C ILE C 136 4.17 49.84 47.94
N ASN C 137 3.00 49.66 47.31
CA ASN C 137 2.46 48.33 47.03
C ASN C 137 3.40 47.56 46.11
N GLU C 138 4.00 48.26 45.13
CA GLU C 138 4.93 47.63 44.20
C GLU C 138 6.17 47.13 44.92
N GLN C 139 6.79 47.97 45.75
CA GLN C 139 8.04 47.56 46.39
C GLN C 139 7.79 46.50 47.46
N ILE C 140 6.67 46.59 48.17
CA ILE C 140 6.35 45.57 49.15
C ILE C 140 6.04 44.24 48.49
N ALA C 141 5.28 44.24 47.38
CA ALA C 141 5.02 43.01 46.66
C ALA C 141 6.30 42.44 46.04
N GLU C 142 7.21 43.32 45.61
CA GLU C 142 8.50 42.89 45.10
C GLU C 142 9.32 42.18 46.16
N SER C 143 9.36 42.77 47.36
CA SER C 143 10.11 42.15 48.45
C SER C 143 9.46 40.84 48.88
N LEU C 144 8.13 40.78 48.84
CA LEU C 144 7.44 39.53 49.13
C LEU C 144 7.78 38.44 48.13
N THR C 145 7.87 38.79 46.84
CA THR C 145 8.17 37.79 45.84
C THR C 145 9.62 37.33 45.95
N TRP C 146 10.54 38.26 46.19
CA TRP C 146 11.94 37.91 46.41
C TRP C 146 12.10 37.03 47.63
N LEU C 147 11.33 37.30 48.68
CA LEU C 147 11.50 36.56 49.92
C LEU C 147 10.82 35.19 49.84
N MET C 148 9.70 35.09 49.12
CA MET C 148 9.11 33.78 48.86
C MET C 148 10.03 32.91 48.02
N ALA C 149 10.71 33.51 47.04
CA ALA C 149 11.69 32.76 46.28
C ALA C 149 12.85 32.33 47.16
N ARG C 150 13.22 33.16 48.13
CA ARG C 150 14.27 32.82 49.06
C ARG C 150 13.86 31.63 49.94
N MET C 151 12.61 31.63 50.40
CA MET C 151 12.06 30.50 51.17
C MET C 151 12.05 29.22 50.36
N ARG C 152 11.60 29.31 49.12
CA ARG C 152 11.50 28.12 48.29
C ARG C 152 12.89 27.59 47.95
N ASN C 153 13.86 28.50 47.79
CA ASN C 153 15.25 28.08 47.65
C ASN C 153 15.76 27.36 48.88
N ARG C 154 15.33 27.79 50.06
CA ARG C 154 15.71 27.06 51.26
C ARG C 154 15.12 25.66 51.28
N ARG C 155 13.86 25.53 50.88
CA ARG C 155 13.23 24.21 50.78
C ARG C 155 13.97 23.32 49.79
N ARG C 156 14.35 23.91 48.65
CA ARG C 156 15.15 23.22 47.67
C ARG C 156 16.47 22.77 48.25
N TRP C 157 17.10 23.61 49.07
CA TRP C 157 18.41 23.24 49.57
C TRP C 157 18.30 22.14 50.62
N LEU C 158 17.25 22.18 51.43
CA LEU C 158 16.99 21.09 52.38
C LEU C 158 16.81 19.76 51.67
N THR C 159 15.86 19.72 50.74
CA THR C 159 15.55 18.49 50.02
C THR C 159 16.74 18.03 49.20
N TRP C 160 17.52 18.96 48.68
CA TRP C 160 18.64 18.56 47.87
C TRP C 160 19.79 18.05 48.70
N GLN C 161 20.02 18.65 49.87
CA GLN C 161 21.09 18.20 50.73
C GLN C 161 20.78 16.81 51.26
N VAL C 162 19.51 16.54 51.56
CA VAL C 162 19.19 15.20 52.02
C VAL C 162 19.22 14.20 50.86
N MET C 163 18.92 14.62 49.64
CA MET C 163 19.05 13.68 48.53
C MET C 163 20.48 13.43 48.10
N ARG C 164 21.40 14.35 48.34
CA ARG C 164 22.75 14.11 47.87
C ARG C 164 23.69 13.66 48.98
N THR C 165 23.27 13.73 50.24
CA THR C 165 24.11 13.23 51.33
C THR C 165 23.39 12.41 52.37
N GLY C 166 22.07 12.30 52.32
CA GLY C 166 21.35 11.55 53.32
C GLY C 166 21.17 12.22 54.66
N ARG C 167 21.93 13.26 54.96
CA ARG C 167 21.86 13.92 56.24
C ARG C 167 21.81 15.42 56.00
N ILE C 168 20.88 16.06 56.68
CA ILE C 168 20.77 17.51 56.66
C ILE C 168 21.92 18.02 57.50
N THR C 169 23.01 18.41 56.84
CA THR C 169 24.24 18.78 57.52
C THR C 169 24.42 20.29 57.51
N ILE C 170 24.50 20.87 58.70
CA ILE C 170 24.69 22.30 58.87
C ILE C 170 25.93 22.49 59.72
N GLN C 171 26.74 23.46 59.39
CA GLN C 171 27.90 23.86 60.16
C GLN C 171 27.78 25.35 60.51
N PRO C 172 28.58 25.87 61.45
CA PRO C 172 28.59 27.33 61.67
C PRO C 172 29.12 28.14 60.49
N ASN C 173 29.97 27.57 59.64
CA ASN C 173 30.57 28.35 58.56
C ASN C 173 29.72 28.37 57.29
N ASP C 174 28.45 27.98 57.38
CA ASP C 174 27.55 28.08 56.24
C ASP C 174 27.33 29.55 55.91
N PRO C 175 27.46 29.96 54.63
CA PRO C 175 27.08 31.32 54.24
C PRO C 175 25.59 31.67 54.40
N TYR C 176 24.72 30.72 54.75
CA TYR C 176 23.36 31.07 55.10
C TYR C 176 23.04 30.82 56.56
N ASN C 177 24.04 30.40 57.34
CA ASN C 177 23.93 30.31 58.80
C ASN C 177 24.96 31.29 59.37
N PRO C 178 24.56 32.55 59.59
CA PRO C 178 25.53 33.49 60.14
C PRO C 178 25.60 33.41 61.65
N ASN C 179 24.55 32.91 62.31
CA ASN C 179 24.54 32.75 63.76
C ASN C 179 25.64 31.82 64.23
N GLY C 180 25.84 30.72 63.52
CA GLY C 180 26.91 29.81 63.88
C GLY C 180 26.39 28.48 64.40
N LEU C 181 25.14 28.16 64.08
CA LEU C 181 24.52 26.98 64.63
C LEU C 181 25.03 25.72 63.94
N LYS C 182 24.50 24.58 64.38
CA LYS C 182 24.58 23.34 63.63
C LYS C 182 23.48 22.38 64.03
N TYR C 183 23.13 21.51 63.09
CA TYR C 183 22.25 20.38 63.32
C TYR C 183 22.70 19.28 62.38
N VAL C 184 22.88 18.07 62.89
CA VAL C 184 23.26 16.93 62.07
C VAL C 184 22.26 15.83 62.34
N ILE C 185 21.34 15.62 61.40
CA ILE C 185 20.35 14.56 61.51
C ILE C 185 20.50 13.67 60.28
N ASP C 186 20.86 12.41 60.50
CA ASP C 186 20.99 11.45 59.42
C ASP C 186 19.65 10.75 59.22
N TYR C 187 19.41 10.32 57.98
CA TYR C 187 18.28 9.48 57.66
C TYR C 187 18.66 8.04 57.40
N GLY C 188 19.95 7.73 57.38
CA GLY C 188 20.39 6.35 57.39
C GLY C 188 20.17 5.61 56.10
N VAL C 189 20.32 6.29 54.96
CA VAL C 189 20.36 5.62 53.67
C VAL C 189 21.60 4.75 53.64
N THR C 190 21.41 3.47 53.29
CA THR C 190 22.45 2.46 53.43
C THR C 190 23.66 2.76 52.55
N ASP C 191 23.48 2.71 51.25
CA ASP C 191 24.55 2.97 50.31
C ASP C 191 24.28 4.36 49.73
N ILE C 192 24.96 5.37 50.24
CA ILE C 192 24.79 6.68 49.64
C ILE C 192 25.72 6.88 48.46
N GLU C 193 26.88 6.24 48.46
CA GLU C 193 27.82 6.50 47.38
C GLU C 193 28.17 5.21 46.68
N LEU C 194 28.65 5.36 45.46
CA LEU C 194 28.95 4.23 44.60
C LEU C 194 30.41 4.29 44.20
N PRO C 195 31.09 3.17 44.06
CA PRO C 195 32.54 3.20 43.94
C PRO C 195 33.00 3.56 42.54
N LEU C 196 34.14 4.25 42.51
CA LEU C 196 34.94 4.30 41.31
C LEU C 196 36.36 4.01 41.76
N PRO C 197 37.04 3.06 41.11
CA PRO C 197 38.49 2.97 41.26
C PRO C 197 39.19 4.20 40.72
N GLN C 198 38.71 4.72 39.59
CA GLN C 198 39.13 6.02 39.11
C GLN C 198 37.99 6.62 38.29
N LYS C 199 38.22 7.83 37.81
CA LYS C 199 37.28 8.60 37.02
C LYS C 199 37.02 7.97 35.66
N PHE C 200 36.05 8.55 34.93
CA PHE C 200 35.88 8.17 33.53
C PHE C 200 37.02 8.69 32.67
N ASP C 201 37.21 9.99 32.69
CA ASP C 201 38.13 10.69 31.78
C ASP C 201 39.58 10.60 32.24
N ALA C 202 40.07 9.38 32.44
CA ALA C 202 41.48 9.15 32.68
C ALA C 202 42.15 8.78 31.37
N LYS C 203 43.33 9.32 31.14
CA LYS C 203 43.97 9.26 29.84
C LYS C 203 45.07 8.23 29.83
N ASP C 204 44.85 7.14 29.10
CA ASP C 204 45.82 6.08 28.93
C ASP C 204 46.08 5.87 27.44
N GLY C 205 47.19 5.22 27.14
CA GLY C 205 47.69 5.19 25.78
C GLY C 205 48.20 6.56 25.40
N ASN C 206 47.62 7.14 24.34
CA ASN C 206 47.84 8.57 24.08
C ASN C 206 46.87 9.41 24.91
N GLY C 207 45.57 9.25 24.67
CA GLY C 207 44.52 9.73 25.55
C GLY C 207 43.26 8.97 25.21
N ASN C 208 42.71 8.28 26.20
CA ASN C 208 41.60 7.37 25.97
C ASN C 208 40.66 7.49 27.16
N SER C 209 39.78 6.52 27.31
CA SER C 209 38.89 6.48 28.45
C SER C 209 39.38 5.45 29.46
N ALA C 210 38.71 5.42 30.60
CA ALA C 210 38.97 4.38 31.59
C ALA C 210 37.88 3.32 31.56
N VAL C 211 36.63 3.75 31.70
CA VAL C 211 35.52 2.80 31.82
C VAL C 211 34.33 3.34 31.02
N ASP C 212 33.65 2.44 30.35
CA ASP C 212 32.35 2.72 29.78
C ASP C 212 31.35 2.99 30.89
N PRO C 213 30.71 4.17 30.91
CA PRO C 213 29.59 4.37 31.85
C PRO C 213 28.39 3.51 31.56
N ILE C 214 28.14 3.22 30.28
CA ILE C 214 26.97 2.43 29.91
C ILE C 214 27.14 0.99 30.39
N GLN C 215 28.34 0.44 30.19
CA GLN C 215 28.66 -0.89 30.70
C GLN C 215 28.64 -0.90 32.22
N TYR C 216 29.00 0.23 32.83
CA TYR C 216 28.94 0.37 34.28
C TYR C 216 27.50 0.33 34.79
N PHE C 217 26.57 0.95 34.08
CA PHE C 217 25.21 0.97 34.62
C PHE C 217 24.50 -0.34 34.35
N ARG C 218 24.83 -1.01 33.24
CA ARG C 218 24.29 -2.35 33.13
C ARG C 218 24.99 -3.33 34.06
N ASP C 219 26.21 -3.02 34.53
CA ASP C 219 26.76 -3.76 35.66
C ASP C 219 25.91 -3.55 36.91
N LEU C 220 25.40 -2.34 37.10
CA LEU C 220 24.51 -2.09 38.23
C LEU C 220 23.22 -2.90 38.11
N ILE C 221 22.68 -2.99 36.90
CA ILE C 221 21.50 -3.84 36.70
C ILE C 221 21.85 -5.31 36.94
N LYS C 222 23.04 -5.72 36.51
CA LYS C 222 23.51 -7.10 36.70
C LYS C 222 23.66 -7.44 38.17
N ALA C 223 24.12 -6.48 38.97
CA ALA C 223 24.12 -6.69 40.40
C ALA C 223 22.71 -6.70 40.96
N ALA C 224 21.81 -5.93 40.35
CA ALA C 224 20.41 -5.91 40.75
C ALA C 224 19.60 -7.02 40.09
N THR C 225 20.26 -8.06 39.57
CA THR C 225 19.59 -9.25 39.08
C THR C 225 18.61 -9.82 40.10
N TYR C 226 19.10 -10.16 41.30
CA TYR C 226 18.23 -10.69 42.34
C TYR C 226 17.68 -9.57 43.20
N PHE C 227 18.19 -8.36 43.01
CA PHE C 227 17.93 -7.28 43.95
C PHE C 227 16.92 -6.35 43.34
N PRO C 228 15.70 -6.28 43.85
CA PRO C 228 14.65 -5.50 43.16
C PRO C 228 14.69 -4.01 43.40
N ASP C 229 15.72 -3.46 44.04
CA ASP C 229 15.77 -2.02 44.25
C ASP C 229 17.09 -1.37 43.88
N ARG C 230 18.12 -2.14 43.52
CA ARG C 230 19.38 -1.55 43.12
C ARG C 230 19.38 -1.11 41.66
N ARG C 231 18.32 -1.41 40.91
CA ARG C 231 18.37 -1.34 39.46
C ARG C 231 18.18 0.09 38.98
N PRO C 232 19.21 0.73 38.42
CA PRO C 232 19.16 2.18 38.17
C PRO C 232 18.09 2.61 37.19
N VAL C 233 17.11 3.35 37.70
CA VAL C 233 15.92 3.72 36.96
C VAL C 233 16.11 5.01 36.16
N ALA C 234 16.58 6.06 36.82
CA ALA C 234 16.78 7.34 36.17
C ALA C 234 17.94 8.05 36.83
N ILE C 235 18.66 8.85 36.05
CA ILE C 235 19.82 9.57 36.56
C ILE C 235 19.52 11.06 36.47
N ILE C 236 20.02 11.81 37.46
CA ILE C 236 19.81 13.25 37.52
C ILE C 236 21.17 13.90 37.58
N VAL C 237 21.46 14.78 36.62
CA VAL C 237 22.65 15.63 36.65
C VAL C 237 22.36 16.88 35.83
N GLY C 238 22.63 18.03 36.43
CA GLY C 238 22.16 19.30 35.91
C GLY C 238 23.08 20.03 34.93
N PRO C 239 24.32 20.34 35.32
CA PRO C 239 25.19 21.05 34.38
C PRO C 239 25.79 20.14 33.33
N GLY C 240 26.69 20.71 32.52
CA GLY C 240 27.22 19.99 31.39
C GLY C 240 28.12 18.84 31.82
N PHE C 241 27.61 17.63 31.72
CA PHE C 241 28.41 16.43 31.92
C PHE C 241 28.72 15.74 30.61
N ASP C 242 28.37 16.35 29.50
CA ASP C 242 28.49 15.72 28.20
C ASP C 242 29.92 15.69 27.70
N GLU C 243 30.77 16.57 28.24
CA GLU C 243 32.14 16.67 27.77
C GLU C 243 32.93 15.43 28.18
N VAL C 244 32.66 14.90 29.37
CA VAL C 244 33.30 13.69 29.81
C VAL C 244 32.86 12.52 28.94
N LEU C 245 31.61 12.57 28.48
CA LEU C 245 31.12 11.58 27.52
C LEU C 245 31.83 11.74 26.19
N ALA C 246 32.14 12.98 25.81
CA ALA C 246 32.88 13.21 24.58
C ALA C 246 34.32 12.77 24.72
N ASP C 247 34.82 12.67 25.94
CA ASP C 247 36.18 12.18 26.13
C ASP C 247 36.23 10.66 26.27
N ASN C 248 35.09 10.03 26.51
CA ASN C 248 35.05 8.59 26.67
C ASN C 248 35.19 7.92 25.31
N THR C 249 36.37 7.34 25.06
CA THR C 249 36.61 6.68 23.78
C THR C 249 35.73 5.45 23.58
N PHE C 250 35.16 4.90 24.65
CA PHE C 250 34.09 3.92 24.49
C PHE C 250 32.87 4.56 23.85
N VAL C 251 32.47 5.74 24.34
CA VAL C 251 31.29 6.38 23.79
C VAL C 251 31.63 7.00 22.44
N GLN C 252 32.89 7.38 22.25
CA GLN C 252 33.35 7.78 20.93
C GLN C 252 33.23 6.63 19.94
N LYS C 253 33.65 5.43 20.35
CA LYS C 253 33.53 4.26 19.50
C LYS C 253 32.08 3.88 19.27
N TYR C 254 31.22 4.13 20.26
CA TYR C 254 29.77 3.99 20.09
C TYR C 254 29.25 4.85 18.96
N VAL C 255 29.55 6.15 19.00
CA VAL C 255 29.06 7.06 17.98
C VAL C 255 29.67 6.74 16.62
N GLU C 256 30.94 6.35 16.60
CA GLU C 256 31.62 5.95 15.37
C GLU C 256 30.98 4.73 14.74
N TYR C 257 30.65 3.72 15.53
CA TYR C 257 29.94 2.56 14.99
C TYR C 257 28.51 2.90 14.63
N GLU C 258 27.93 3.90 15.30
CA GLU C 258 26.56 4.27 15.00
C GLU C 258 26.44 4.93 13.64
N LYS C 259 27.24 5.97 13.40
CA LYS C 259 27.24 6.64 12.12
C LYS C 259 28.11 5.94 11.09
N GLY C 260 28.78 4.86 11.45
CA GLY C 260 29.61 4.13 10.52
C GLY C 260 30.89 4.85 10.18
N TRP C 261 31.29 5.82 11.01
CA TRP C 261 32.50 6.60 10.76
C TRP C 261 33.65 5.70 11.22
N VAL C 262 34.09 4.85 10.32
CA VAL C 262 35.20 3.94 10.59
C VAL C 262 36.49 4.75 10.69
N VAL C 263 37.19 4.62 11.81
CA VAL C 263 38.47 5.31 12.00
C VAL C 263 39.56 4.79 11.09
N GLY C 264 39.40 3.60 10.54
CA GLY C 264 40.32 3.15 9.53
C GLY C 264 39.98 3.74 8.18
N GLN C 265 38.70 3.72 7.81
CA GLN C 265 38.32 4.17 6.47
C GLN C 265 37.42 5.40 6.45
N ASN C 266 36.26 5.35 7.11
CA ASN C 266 35.25 6.39 6.88
C ASN C 266 35.49 7.66 7.68
N THR C 267 36.48 7.67 8.56
CA THR C 267 36.94 8.90 9.18
C THR C 267 38.42 8.75 9.52
N VAL C 268 39.10 9.89 9.61
CA VAL C 268 40.46 9.97 10.13
C VAL C 268 40.44 10.49 11.56
N GLN C 269 39.79 11.61 11.78
CA GLN C 269 39.41 12.04 13.13
C GLN C 269 38.10 12.80 13.03
N PRO C 270 37.05 12.28 13.65
CA PRO C 270 35.82 13.05 13.74
C PRO C 270 36.01 14.27 14.62
N PRO C 271 35.28 15.34 14.38
CA PRO C 271 35.39 16.51 15.25
C PRO C 271 34.62 16.32 16.55
N ARG C 272 34.99 17.13 17.52
CA ARG C 272 34.54 16.93 18.90
C ARG C 272 33.05 17.22 19.06
N GLU C 273 32.52 18.12 18.22
CA GLU C 273 31.12 18.52 18.30
C GLU C 273 30.19 17.35 18.08
N VAL C 274 30.56 16.43 17.20
CA VAL C 274 29.65 15.35 16.84
C VAL C 274 29.42 14.44 18.03
N TYR C 275 30.50 14.13 18.75
CA TYR C 275 30.38 13.38 20.00
C TYR C 275 29.60 14.18 21.02
N ARG C 276 29.86 15.49 21.08
CA ARG C 276 29.19 16.38 22.02
C ARG C 276 27.70 16.49 21.76
N GLN C 277 27.29 16.26 20.52
CA GLN C 277 25.88 16.21 20.20
C GLN C 277 25.28 14.85 20.48
N ALA C 278 25.92 13.78 20.03
CA ALA C 278 25.30 12.47 20.03
C ALA C 278 25.39 11.75 21.37
N ALA C 279 26.18 12.28 22.32
CA ALA C 279 26.54 11.52 23.51
C ALA C 279 25.34 11.22 24.41
N LEU C 280 24.48 12.21 24.64
CA LEU C 280 23.37 12.01 25.57
C LEU C 280 22.34 11.04 25.01
N ASP C 281 22.04 11.12 23.72
CA ASP C 281 21.03 10.22 23.19
C ASP C 281 21.60 8.83 23.00
N ILE C 282 22.90 8.71 22.71
CA ILE C 282 23.44 7.37 22.57
C ILE C 282 23.57 6.72 23.94
N PHE C 283 23.74 7.53 24.98
CA PHE C 283 23.69 7.05 26.34
C PHE C 283 22.29 6.59 26.70
N LYS C 284 21.29 7.39 26.36
CA LYS C 284 19.91 7.05 26.70
C LYS C 284 19.45 5.79 25.97
N ARG C 285 19.92 5.59 24.75
CA ARG C 285 19.50 4.39 24.03
C ARG C 285 20.23 3.15 24.51
N TYR C 286 21.53 3.26 24.77
CA TYR C 286 22.26 2.05 25.12
C TYR C 286 22.03 1.66 26.58
N THR C 287 21.81 2.64 27.45
CA THR C 287 21.71 2.32 28.88
C THR C 287 20.30 1.94 29.25
N GLY C 288 19.32 2.51 28.56
CA GLY C 288 17.94 2.19 28.82
C GLY C 288 17.32 2.84 30.04
N LEU C 289 18.06 3.70 30.72
CA LEU C 289 17.49 4.49 31.80
C LEU C 289 17.40 5.94 31.37
N GLU C 290 16.44 6.67 31.95
CA GLU C 290 16.21 8.06 31.60
C GLU C 290 17.32 8.96 32.12
N VAL C 291 17.50 10.08 31.46
CA VAL C 291 18.41 11.13 31.90
C VAL C 291 17.61 12.41 32.00
N MET C 292 17.31 12.84 33.22
CA MET C 292 16.55 14.06 33.45
C MET C 292 17.50 15.13 33.95
N VAL C 293 17.83 16.07 33.07
CA VAL C 293 18.84 17.08 33.31
C VAL C 293 18.15 18.33 33.82
N TYR C 294 18.43 18.69 35.07
CA TYR C 294 17.70 19.79 35.71
C TYR C 294 18.58 20.53 36.71
N ASP C 295 19.23 21.59 36.25
CA ASP C 295 19.91 22.49 37.18
C ASP C 295 19.21 23.83 37.23
N LYS C 296 18.82 24.21 38.44
CA LYS C 296 18.53 25.60 38.74
C LYS C 296 19.77 26.18 39.37
N THR C 297 19.67 27.45 39.74
CA THR C 297 20.80 28.18 40.24
C THR C 297 20.56 28.56 41.69
N TYR C 298 21.66 28.81 42.39
CA TYR C 298 21.55 29.44 43.69
C TYR C 298 22.68 30.47 43.75
N ARG C 299 22.40 31.57 44.44
CA ARG C 299 23.38 32.60 44.67
C ARG C 299 23.74 32.58 46.14
N ASP C 300 24.99 32.27 46.46
CA ASP C 300 25.44 32.19 47.84
C ASP C 300 25.60 33.59 48.43
N GLN C 301 26.13 33.66 49.65
CA GLN C 301 26.47 34.96 50.21
C GLN C 301 27.66 35.57 49.48
N ASP C 302 28.52 34.73 48.89
CA ASP C 302 29.72 35.22 48.23
C ASP C 302 29.41 35.87 46.89
N GLY C 303 28.18 35.76 46.40
CA GLY C 303 27.81 36.35 45.14
C GLY C 303 27.91 35.42 43.96
N SER C 304 28.78 34.42 44.00
CA SER C 304 28.93 33.49 42.88
C SER C 304 27.73 32.56 42.81
N VAL C 305 27.59 31.90 41.68
CA VAL C 305 26.40 31.11 41.39
C VAL C 305 26.84 29.72 40.99
N LYS C 306 26.31 28.72 41.68
CA LYS C 306 26.46 27.33 41.32
C LYS C 306 25.07 26.70 41.22
N TYR C 307 25.03 25.38 41.11
CA TYR C 307 23.78 24.69 40.89
C TYR C 307 23.50 23.71 42.02
N TRP C 308 22.26 23.22 42.08
CA TRP C 308 21.93 22.23 43.11
C TRP C 308 22.72 20.94 42.89
N ILE C 309 22.75 20.45 41.66
CA ILE C 309 23.79 19.47 41.33
C ILE C 309 25.14 20.17 41.42
N PRO C 310 26.12 19.58 42.09
CA PRO C 310 27.47 20.12 42.04
C PRO C 310 28.00 20.06 40.63
N VAL C 311 28.83 21.06 40.30
CA VAL C 311 29.44 21.11 38.98
C VAL C 311 30.36 19.90 38.84
N GLY C 312 29.96 18.96 38.00
CA GLY C 312 30.52 17.65 38.13
C GLY C 312 29.54 16.52 37.95
N GLU C 313 29.34 15.71 39.00
CA GLU C 313 29.14 14.30 38.71
C GLU C 313 27.73 13.81 38.35
N LEU C 314 26.83 13.58 39.31
CA LEU C 314 25.53 12.90 39.13
C LEU C 314 24.84 12.72 40.48
N ILE C 315 23.57 12.33 40.43
CA ILE C 315 22.94 11.44 41.39
C ILE C 315 22.13 10.43 40.59
N VAL C 316 21.79 9.29 41.19
CA VAL C 316 21.16 8.17 40.49
C VAL C 316 20.00 7.65 41.32
N LEU C 317 18.81 7.55 40.72
CA LEU C 317 17.71 6.78 41.31
C LEU C 317 17.78 5.33 40.86
N ASN C 318 17.36 4.42 41.74
CA ASN C 318 17.34 3.01 41.36
C ASN C 318 16.11 2.23 41.82
N GLN C 319 15.25 2.83 42.63
CA GLN C 319 14.04 2.09 42.96
C GLN C 319 13.01 2.19 41.84
N SER C 320 12.51 3.40 41.60
CA SER C 320 11.46 3.64 40.64
C SER C 320 11.33 5.13 40.40
N THR C 321 10.43 5.49 39.50
CA THR C 321 10.11 6.88 39.22
C THR C 321 8.75 7.18 39.81
N GLY C 322 8.71 8.11 40.75
CA GLY C 322 7.50 8.47 41.43
C GLY C 322 7.84 9.32 42.63
N PRO C 323 6.89 9.52 43.53
CA PRO C 323 7.16 10.36 44.70
C PRO C 323 8.11 9.68 45.66
N VAL C 324 9.07 10.44 46.16
CA VAL C 324 9.95 10.01 47.22
C VAL C 324 9.91 11.07 48.32
N GLY C 325 9.65 10.63 49.53
CA GLY C 325 9.70 11.53 50.66
C GLY C 325 8.52 12.48 50.74
N ARG C 326 8.71 13.49 51.58
CA ARG C 326 7.63 14.39 51.94
C ARG C 326 8.23 15.68 52.49
N PHE C 327 7.61 16.81 52.18
CA PHE C 327 7.94 18.02 52.92
C PHE C 327 6.84 18.30 53.92
N VAL C 328 7.25 18.59 55.15
CA VAL C 328 6.33 18.77 56.26
C VAL C 328 6.15 20.27 56.45
N TYR C 329 4.94 20.67 56.85
CA TYR C 329 4.72 21.98 57.46
C TYR C 329 4.14 21.72 58.85
N THR C 330 4.49 22.57 59.82
CA THR C 330 3.96 22.45 61.16
C THR C 330 3.98 23.81 61.84
N ALA C 331 3.32 23.85 63.01
CA ALA C 331 3.66 24.68 64.18
C ALA C 331 3.93 26.16 63.86
N HIS C 332 2.92 26.85 63.36
CA HIS C 332 3.13 28.26 63.06
C HIS C 332 3.09 29.10 64.33
N VAL C 333 4.01 30.04 64.42
CA VAL C 333 4.14 30.93 65.56
C VAL C 333 2.98 31.93 65.59
N ALA C 334 2.38 32.12 66.78
CA ALA C 334 1.45 33.23 67.01
C ALA C 334 1.55 33.65 68.47
N GLY C 335 0.56 34.42 68.93
CA GLY C 335 0.55 34.99 70.27
C GLY C 335 0.21 33.98 71.35
N GLN C 336 -0.34 34.50 72.47
CA GLN C 336 -0.80 33.62 73.53
C GLN C 336 -1.92 32.72 73.03
N ARG C 337 -3.12 33.30 72.90
CA ARG C 337 -4.07 33.32 71.79
C ARG C 337 -5.34 33.88 72.42
N ASN C 338 -6.38 34.08 71.63
CA ASN C 338 -7.68 34.46 72.18
C ASN C 338 -8.21 33.42 73.16
N GLY C 339 -7.94 32.15 72.92
CA GLY C 339 -8.25 31.08 73.84
C GLY C 339 -7.08 30.13 73.95
N LYS C 340 -7.33 28.85 73.63
CA LYS C 340 -6.30 27.85 73.49
C LYS C 340 -5.62 28.00 72.13
N VAL C 341 -4.83 27.00 71.75
CA VAL C 341 -3.91 27.13 70.63
C VAL C 341 -4.50 26.53 69.36
N VAL C 342 -4.39 27.27 68.26
CA VAL C 342 -4.66 26.77 66.92
C VAL C 342 -3.56 27.29 66.00
N TYR C 343 -3.02 26.43 65.16
CA TYR C 343 -1.80 26.72 64.42
C TYR C 343 -2.12 26.78 62.94
N ALA C 344 -1.33 27.54 62.20
CA ALA C 344 -1.61 27.66 60.77
C ALA C 344 -1.07 26.45 60.01
N THR C 345 -1.66 26.22 58.85
CA THR C 345 -1.30 25.11 57.97
C THR C 345 -0.51 25.59 56.77
N GLY C 346 -0.58 26.88 56.45
CA GLY C 346 0.31 27.49 55.51
C GLY C 346 1.25 28.41 56.24
N PRO C 347 2.31 28.88 55.57
CA PRO C 347 3.12 29.93 56.18
C PRO C 347 2.35 31.24 56.21
N TYR C 348 1.90 31.56 57.42
CA TYR C 348 1.12 32.77 57.68
C TYR C 348 2.08 33.90 57.94
N LEU C 349 1.74 35.08 57.44
CA LEU C 349 2.62 36.23 57.49
C LEU C 349 1.96 37.40 58.21
N THR C 350 2.78 38.21 58.85
CA THR C 350 2.33 39.44 59.49
C THR C 350 3.39 40.51 59.32
N VAL C 351 2.98 41.75 59.57
CA VAL C 351 3.84 42.91 59.43
C VAL C 351 4.24 43.38 60.81
N LYS C 352 5.21 44.28 60.87
CA LYS C 352 5.65 44.90 62.12
C LYS C 352 5.69 46.41 61.94
N ASP C 353 4.98 47.12 62.80
CA ASP C 353 4.93 48.57 62.78
C ASP C 353 5.69 49.11 63.98
N HIS C 354 6.99 49.23 63.85
CA HIS C 354 7.84 49.83 64.87
C HIS C 354 8.15 51.27 64.57
N LEU C 355 7.25 51.96 63.85
CA LEU C 355 7.44 53.37 63.50
C LEU C 355 7.46 54.27 64.71
N GLN C 356 6.86 53.84 65.82
CA GLN C 356 6.84 54.65 67.03
C GLN C 356 7.96 54.28 67.98
N ASP C 357 9.11 53.84 67.47
CA ASP C 357 10.19 53.41 68.33
C ASP C 357 11.47 54.19 68.02
N ASP C 358 12.49 54.01 68.88
CA ASP C 358 13.72 54.81 68.86
C ASP C 358 14.53 54.46 67.62
N PRO C 359 14.59 53.21 67.16
CA PRO C 359 14.59 53.00 65.72
C PRO C 359 13.17 52.92 65.20
N PRO C 360 12.75 53.87 64.41
CA PRO C 360 11.44 53.78 63.76
C PRO C 360 11.54 52.98 62.47
N TYR C 361 10.86 51.83 62.42
CA TYR C 361 11.03 51.00 61.25
C TYR C 361 9.77 50.21 60.93
N TYR C 362 9.69 49.76 59.68
CA TYR C 362 8.59 48.93 59.19
C TYR C 362 9.18 47.68 58.56
N ALA C 363 8.73 46.51 59.02
CA ALA C 363 9.40 45.26 58.74
C ALA C 363 8.37 44.16 58.61
N ILE C 364 8.65 43.19 57.75
CA ILE C 364 7.75 42.08 57.52
C ILE C 364 8.48 40.78 57.83
N ILE C 365 7.72 39.74 58.16
CA ILE C 365 8.30 38.49 58.62
C ILE C 365 7.52 37.32 58.04
N ALA C 366 8.24 36.26 57.68
CA ALA C 366 7.63 35.06 57.13
C ALA C 366 8.21 33.84 57.82
N GLY C 367 7.34 33.04 58.42
CA GLY C 367 7.81 31.83 59.08
C GLY C 367 7.21 30.58 58.48
N PHE C 368 8.05 29.58 58.24
CA PHE C 368 7.60 28.22 58.02
C PHE C 368 8.27 27.31 59.04
N HIS C 369 7.49 26.39 59.61
CA HIS C 369 8.06 25.37 60.49
C HIS C 369 7.74 24.04 59.82
N GLY C 370 8.77 23.27 59.51
CA GLY C 370 8.57 22.00 58.81
C GLY C 370 9.89 21.30 58.56
N LEU C 371 9.83 20.24 57.76
CA LEU C 371 11.00 19.41 57.52
C LEU C 371 10.83 18.61 56.22
N PRO C 372 11.91 18.23 55.56
CA PRO C 372 11.82 17.18 54.54
C PRO C 372 11.80 15.80 55.17
N GLN C 373 10.63 15.16 55.12
CA GLN C 373 10.44 13.78 55.55
C GLN C 373 10.89 12.86 54.44
N LEU C 374 11.54 11.75 54.79
CA LEU C 374 11.93 10.83 53.75
C LEU C 374 10.82 9.77 53.60
N SER C 375 10.92 8.97 52.54
CA SER C 375 9.87 8.11 52.05
C SER C 375 9.50 6.99 53.01
N GLY C 376 8.52 6.20 52.60
CA GLY C 376 8.19 4.99 53.31
C GLY C 376 9.37 4.04 53.34
N TYR C 377 9.96 3.87 54.53
CA TYR C 377 11.09 2.97 54.65
C TYR C 377 10.63 1.53 54.46
N ASN C 378 11.57 0.68 54.09
CA ASN C 378 11.34 -0.76 54.08
C ASN C 378 11.18 -1.23 55.51
N THR C 379 10.20 -2.10 55.73
CA THR C 379 9.85 -2.53 57.07
C THR C 379 10.47 -3.86 57.45
N GLU C 380 10.91 -4.65 56.47
CA GLU C 380 11.47 -5.96 56.75
C GLU C 380 12.83 -5.84 57.42
N ASP C 381 13.80 -5.29 56.71
CA ASP C 381 15.04 -4.80 57.29
C ASP C 381 14.93 -3.30 57.44
N PHE C 382 15.90 -2.70 58.11
CA PHE C 382 15.85 -1.27 58.32
C PHE C 382 16.35 -0.46 57.13
N SER C 383 16.97 -1.12 56.15
CA SER C 383 17.63 -0.45 55.04
C SER C 383 16.63 0.26 54.13
N PHE C 384 17.05 1.42 53.66
CA PHE C 384 16.33 2.15 52.61
C PHE C 384 17.35 2.82 51.72
N HIS C 385 17.32 2.50 50.44
CA HIS C 385 18.16 3.20 49.49
C HIS C 385 17.49 3.26 48.13
N ARG C 386 16.88 4.39 47.85
CA ARG C 386 16.27 4.73 46.58
C ARG C 386 17.20 5.52 45.69
N PHE C 387 18.24 6.13 46.25
CA PHE C 387 19.09 7.05 45.50
C PHE C 387 20.50 7.13 46.04
N LYS C 388 21.47 7.13 45.12
CA LYS C 388 22.89 6.90 45.35
C LYS C 388 23.65 7.79 44.37
N TRP C 389 24.80 8.34 44.77
CA TRP C 389 25.58 9.13 43.82
C TRP C 389 27.07 8.84 43.92
N LEU C 390 27.76 8.91 42.79
CA LEU C 390 29.20 8.73 42.72
C LEU C 390 29.84 9.97 42.14
N LYS C 391 31.15 10.09 42.31
CA LYS C 391 31.89 11.26 41.85
C LYS C 391 32.95 10.82 40.84
N TYR C 392 32.88 11.39 39.64
CA TYR C 392 33.91 11.14 38.65
C TYR C 392 34.70 12.38 38.27
N ALA C 393 34.09 13.55 38.27
CA ALA C 393 34.63 14.73 37.59
C ALA C 393 35.79 15.28 38.40
N ASN C 394 36.98 14.69 38.19
CA ASN C 394 38.15 15.09 38.95
C ASN C 394 38.76 16.39 38.45
N ASN C 395 38.23 16.96 37.38
CA ASN C 395 38.34 18.39 37.14
C ASN C 395 36.96 18.94 36.82
N VAL C 396 36.58 19.96 37.59
CA VAL C 396 35.39 20.73 37.25
C VAL C 396 35.61 21.52 35.97
N GLN C 397 36.73 22.25 35.90
CA GLN C 397 37.11 22.92 34.68
C GLN C 397 38.62 23.03 34.58
N LYS D 24 -11.49 -1.69 67.54
CA LYS D 24 -11.09 -3.07 67.75
C LYS D 24 -11.51 -3.96 66.58
N PHE D 25 -11.38 -5.27 66.75
CA PHE D 25 -11.66 -6.25 65.70
C PHE D 25 -13.17 -6.43 65.62
N PRO D 26 -13.77 -5.87 64.58
CA PRO D 26 -15.21 -5.91 64.41
C PRO D 26 -15.58 -5.89 62.93
N THR D 27 -16.89 -5.79 62.68
CA THR D 27 -17.50 -5.56 61.36
C THR D 27 -17.11 -6.66 60.36
N THR D 28 -17.61 -7.87 60.66
CA THR D 28 -17.27 -9.04 59.85
C THR D 28 -17.90 -8.99 58.46
N LYS D 29 -19.10 -8.45 58.33
CA LYS D 29 -19.70 -8.29 57.01
C LYS D 29 -18.95 -7.23 56.20
N GLU D 30 -18.57 -6.14 56.87
CA GLU D 30 -17.69 -5.15 56.23
C GLU D 30 -16.30 -5.73 55.98
N ILE D 31 -15.87 -6.69 56.81
CA ILE D 31 -14.62 -7.37 56.52
C ILE D 31 -14.74 -8.23 55.27
N GLN D 32 -15.90 -8.82 55.05
CA GLN D 32 -16.15 -9.57 53.82
C GLN D 32 -16.17 -8.63 52.62
N GLU D 33 -16.78 -7.45 52.78
CA GLU D 33 -16.80 -6.46 51.70
C GLU D 33 -15.40 -5.96 51.36
N ALA D 34 -14.60 -5.69 52.39
CA ALA D 34 -13.24 -5.20 52.16
C ALA D 34 -12.34 -6.29 51.59
N VAL D 35 -12.53 -7.54 52.01
CA VAL D 35 -11.75 -8.62 51.44
C VAL D 35 -12.18 -8.90 50.01
N ALA D 36 -13.45 -8.67 49.69
CA ALA D 36 -13.91 -8.75 48.31
C ALA D 36 -13.28 -7.66 47.46
N ALA D 37 -13.15 -6.46 48.01
CA ALA D 37 -12.47 -5.39 47.30
C ALA D 37 -10.99 -5.68 47.10
N ILE D 38 -10.35 -6.27 48.12
CA ILE D 38 -8.95 -6.67 48.00
C ILE D 38 -8.77 -7.77 46.97
N ALA D 39 -9.72 -8.70 46.89
CA ALA D 39 -9.64 -9.75 45.88
C ALA D 39 -9.88 -9.18 44.49
N ASP D 40 -10.73 -8.15 44.39
CA ASP D 40 -10.94 -7.51 43.10
C ASP D 40 -9.70 -6.76 42.63
N LYS D 41 -9.03 -6.07 43.54
CA LYS D 41 -7.77 -5.42 43.20
C LYS D 41 -6.67 -6.43 42.91
N PHE D 42 -6.73 -7.60 43.54
CA PHE D 42 -5.81 -8.68 43.21
C PHE D 42 -6.09 -9.24 41.83
N ASN D 43 -7.37 -9.38 41.46
CA ASN D 43 -7.76 -9.95 40.19
C ASN D 43 -7.67 -8.95 39.05
N GLN D 44 -7.50 -7.67 39.35
CA GLN D 44 -7.28 -6.69 38.29
C GLN D 44 -5.94 -6.92 37.61
N GLU D 45 -4.89 -7.15 38.38
CA GLU D 45 -3.61 -7.54 37.81
C GLU D 45 -3.61 -9.03 37.52
N ASN D 46 -2.88 -9.40 36.47
CA ASN D 46 -2.78 -10.78 36.02
C ASN D 46 -1.51 -11.01 35.20
N ASP D 47 -0.89 -12.16 35.43
CA ASP D 47 0.33 -12.55 34.73
C ASP D 47 -0.05 -13.50 33.62
N LEU D 48 0.92 -13.76 32.73
CA LEU D 48 0.81 -14.83 31.74
C LEU D 48 0.51 -16.17 32.39
N VAL D 49 1.19 -16.48 33.49
CA VAL D 49 1.01 -17.75 34.17
C VAL D 49 -0.40 -17.85 34.74
N ASP D 50 -0.92 -16.73 35.24
CA ASP D 50 -2.33 -16.70 35.60
C ASP D 50 -3.22 -16.73 34.36
N ARG D 51 -2.74 -16.18 33.23
CA ARG D 51 -3.58 -16.10 32.06
C ARG D 51 -3.81 -17.46 31.42
N PHE D 52 -2.84 -18.37 31.58
CA PHE D 52 -3.02 -19.71 31.04
C PHE D 52 -4.02 -20.53 31.85
N PHE D 53 -4.13 -20.28 33.15
CA PHE D 53 -4.93 -21.13 34.02
C PHE D 53 -5.99 -20.31 34.74
N PRO D 54 -7.16 -20.16 34.16
CA PRO D 54 -8.25 -19.48 34.88
C PRO D 54 -8.82 -20.37 35.97
N GLU D 55 -9.36 -19.72 36.98
CA GLU D 55 -9.98 -20.41 38.10
C GLU D 55 -11.34 -20.94 37.69
N ASP D 56 -11.73 -22.07 38.28
CA ASP D 56 -13.10 -22.53 38.15
C ASP D 56 -13.48 -23.31 39.39
N SER D 57 -14.74 -23.16 39.78
CA SER D 57 -15.27 -23.70 41.02
C SER D 57 -16.07 -24.96 40.75
N THR D 58 -15.74 -26.03 41.46
CA THR D 58 -16.39 -27.32 41.30
C THR D 58 -16.98 -27.76 42.64
N PHE D 59 -18.10 -28.48 42.59
CA PHE D 59 -18.60 -29.16 43.77
C PHE D 59 -18.07 -30.58 43.88
N ALA D 60 -17.17 -30.98 43.00
CA ALA D 60 -16.57 -32.30 43.04
C ALA D 60 -15.21 -32.24 43.71
N SER D 61 -14.72 -33.40 44.12
CA SER D 61 -13.43 -33.51 44.79
C SER D 61 -12.62 -34.73 44.35
N GLU D 62 -12.99 -35.34 43.22
CA GLU D 62 -12.32 -36.56 42.80
C GLU D 62 -10.94 -36.28 42.22
N LEU D 63 -10.74 -35.05 41.76
CA LEU D 63 -9.47 -34.55 41.21
C LEU D 63 -8.99 -35.38 40.02
N GLU D 64 -9.77 -35.32 38.94
CA GLU D 64 -9.34 -35.83 37.65
C GLU D 64 -8.13 -35.00 37.21
N LEU D 65 -7.02 -35.68 36.94
CA LEU D 65 -5.76 -34.99 36.71
C LEU D 65 -5.72 -34.21 35.40
N TYR D 66 -6.52 -34.59 34.42
CA TYR D 66 -6.55 -33.90 33.13
C TYR D 66 -7.99 -33.84 32.64
N LEU D 67 -8.26 -32.90 31.75
CA LEU D 67 -9.45 -32.99 30.93
C LEU D 67 -9.15 -33.85 29.72
N LEU D 68 -10.15 -33.99 28.84
CA LEU D 68 -9.98 -34.65 27.56
C LEU D 68 -10.64 -33.79 26.49
N ARG D 69 -9.90 -33.49 25.42
CA ARG D 69 -10.43 -32.67 24.34
C ARG D 69 -9.64 -33.00 23.07
N THR D 70 -10.34 -33.46 22.03
CA THR D 70 -9.73 -33.71 20.72
C THR D 70 -10.79 -33.51 19.65
N GLN D 71 -10.84 -32.30 19.09
CA GLN D 71 -11.73 -31.98 17.98
C GLN D 71 -11.05 -30.87 17.17
N ASP D 72 -10.34 -31.27 16.12
CA ASP D 72 -9.53 -30.33 15.35
C ASP D 72 -9.46 -30.82 13.91
N ALA D 73 -8.51 -30.26 13.18
CA ALA D 73 -8.24 -30.67 11.81
C ALA D 73 -7.05 -31.61 11.72
N GLU D 74 -6.42 -31.94 12.85
CA GLU D 74 -5.40 -32.98 12.81
C GLU D 74 -6.03 -34.35 12.61
N GLN D 75 -7.19 -34.56 13.23
CA GLN D 75 -7.98 -35.78 13.00
C GLN D 75 -9.02 -35.55 11.92
N THR D 76 -8.55 -35.04 10.78
CA THR D 76 -9.46 -34.72 9.69
C THR D 76 -9.79 -35.95 8.87
N GLY D 77 -8.77 -36.56 8.26
CA GLY D 77 -8.93 -37.70 7.39
C GLY D 77 -9.79 -37.42 6.17
N MET D 78 -10.69 -38.36 5.88
CA MET D 78 -11.55 -38.29 4.72
C MET D 78 -12.67 -39.31 4.88
N THR D 79 -13.88 -38.90 4.50
CA THR D 79 -15.08 -39.71 4.68
C THR D 79 -15.07 -40.93 3.75
N PHE D 80 -16.13 -41.74 3.83
CA PHE D 80 -16.12 -43.03 3.16
C PHE D 80 -16.76 -42.97 1.79
N VAL D 81 -16.10 -43.62 0.85
CA VAL D 81 -16.67 -43.96 -0.44
C VAL D 81 -17.22 -45.37 -0.31
N HIS D 82 -18.26 -45.68 -1.08
CA HIS D 82 -19.00 -46.92 -0.89
C HIS D 82 -19.70 -47.26 -2.20
N GLN D 83 -20.53 -48.30 -2.16
CA GLN D 83 -21.40 -48.63 -3.27
C GLN D 83 -22.86 -48.41 -2.90
N VAL D 84 -23.57 -47.68 -3.75
CA VAL D 84 -24.99 -47.42 -3.51
C VAL D 84 -25.80 -48.69 -3.76
N GLY D 85 -27.05 -48.66 -3.30
CA GLY D 85 -27.93 -49.80 -3.38
C GLY D 85 -27.85 -50.76 -2.21
N SER D 86 -26.84 -50.61 -1.35
CA SER D 86 -26.63 -51.48 -0.20
C SER D 86 -26.74 -50.65 1.08
N THR D 87 -26.40 -51.28 2.20
CA THR D 87 -26.39 -50.56 3.46
C THR D 87 -25.02 -49.91 3.69
N SER D 88 -24.95 -49.07 4.71
CA SER D 88 -23.79 -48.24 4.97
C SER D 88 -22.69 -49.03 5.68
N LEU D 89 -21.51 -48.41 5.75
CA LEU D 89 -20.46 -48.89 6.63
C LEU D 89 -20.42 -47.96 7.84
N PRO D 90 -20.37 -48.50 9.06
CA PRO D 90 -20.48 -47.65 10.23
C PRO D 90 -19.22 -46.86 10.52
N VAL D 91 -19.40 -45.74 11.23
CA VAL D 91 -18.28 -44.89 11.59
C VAL D 91 -17.55 -45.51 12.77
N GLU D 92 -16.23 -45.65 12.63
CA GLU D 92 -15.37 -45.95 13.76
C GLU D 92 -15.46 -44.85 14.81
N ALA D 93 -16.06 -45.18 15.95
CA ALA D 93 -16.09 -44.30 17.12
C ALA D 93 -15.20 -44.84 18.23
N ARG D 94 -14.03 -45.36 17.87
CA ARG D 94 -13.15 -46.01 18.84
C ARG D 94 -12.50 -45.02 19.79
N VAL D 95 -12.49 -43.73 19.44
CA VAL D 95 -11.99 -42.71 20.35
C VAL D 95 -12.89 -42.58 21.58
N ALA D 96 -14.19 -42.83 21.42
CA ALA D 96 -15.11 -42.80 22.56
C ALA D 96 -14.85 -43.95 23.52
N LYS D 97 -14.41 -45.11 23.00
CA LYS D 97 -14.03 -46.20 23.88
C LYS D 97 -12.66 -45.99 24.48
N VAL D 98 -11.74 -45.36 23.75
CA VAL D 98 -10.42 -45.07 24.28
C VAL D 98 -10.41 -43.91 25.27
N ASP D 99 -11.48 -43.10 25.29
CA ASP D 99 -11.53 -41.98 26.22
C ASP D 99 -12.06 -42.39 27.58
N LEU D 100 -12.77 -43.51 27.67
CA LEU D 100 -13.36 -43.96 28.92
C LEU D 100 -12.27 -44.59 29.80
N ALA D 101 -11.91 -43.88 30.87
CA ALA D 101 -10.83 -44.32 31.75
C ALA D 101 -11.02 -43.70 33.13
N LYS D 102 -10.07 -44.00 34.00
CA LYS D 102 -10.10 -43.56 35.40
C LYS D 102 -8.75 -42.95 35.76
N ALA D 103 -8.77 -41.75 36.33
CA ALA D 103 -7.56 -41.04 36.73
C ALA D 103 -7.68 -40.69 38.21
N THR D 104 -6.64 -41.02 38.98
CA THR D 104 -6.66 -40.86 40.42
C THR D 104 -5.68 -39.78 40.86
N TRP D 105 -6.21 -38.71 41.42
CA TRP D 105 -5.39 -37.73 42.11
C TRP D 105 -6.20 -37.20 43.28
N SER D 106 -5.50 -36.53 44.18
CA SER D 106 -6.10 -36.02 45.41
C SER D 106 -5.98 -34.50 45.44
N PRO D 107 -7.08 -33.78 45.71
CA PRO D 107 -7.02 -32.32 45.72
C PRO D 107 -6.24 -31.81 46.92
N LEU D 108 -5.63 -30.65 46.74
CA LEU D 108 -4.76 -30.07 47.76
C LEU D 108 -5.42 -28.86 48.38
N ALA D 109 -5.70 -28.95 49.67
CA ALA D 109 -6.27 -27.83 50.43
C ALA D 109 -5.12 -27.02 51.00
N PHE D 110 -5.08 -25.74 50.65
CA PHE D 110 -4.05 -24.84 51.16
C PHE D 110 -4.73 -23.76 51.99
N LYS D 111 -4.42 -23.74 53.28
CA LYS D 111 -5.04 -22.85 54.24
C LYS D 111 -3.96 -22.32 55.17
N GLU D 112 -4.32 -21.28 55.92
CA GLU D 112 -3.45 -20.73 56.95
C GLU D 112 -4.29 -19.87 57.90
N SER D 113 -3.58 -19.20 58.80
CA SER D 113 -4.22 -18.54 59.93
C SER D 113 -3.28 -17.48 60.49
N ARG D 114 -3.62 -16.21 60.33
CA ARG D 114 -2.90 -15.17 61.04
C ARG D 114 -3.65 -14.88 62.33
N VAL D 115 -2.88 -14.77 63.41
CA VAL D 115 -3.42 -14.72 64.76
C VAL D 115 -2.95 -13.43 65.41
N TRP D 116 -3.80 -12.86 66.27
CA TRP D 116 -3.39 -11.77 67.13
C TRP D 116 -3.79 -12.09 68.56
N ASP D 117 -2.84 -11.89 69.48
CA ASP D 117 -3.04 -12.15 70.89
C ASP D 117 -3.52 -10.89 71.60
N GLU D 118 -4.43 -11.09 72.57
CA GLU D 118 -5.10 -9.96 73.23
C GLU D 118 -4.13 -9.16 74.08
N LYS D 119 -3.01 -9.76 74.49
CA LYS D 119 -1.88 -9.00 75.01
C LYS D 119 -1.43 -7.96 73.98
N GLU D 120 -1.16 -8.39 72.76
CA GLU D 120 -0.67 -7.46 71.76
C GLU D 120 -1.82 -6.71 71.08
N ILE D 121 -3.04 -7.28 71.12
CA ILE D 121 -4.22 -6.53 70.69
C ILE D 121 -4.43 -5.33 71.59
N LEU D 122 -4.30 -5.51 72.89
CA LEU D 122 -4.45 -4.39 73.81
C LEU D 122 -3.23 -3.47 73.78
N TYR D 123 -2.06 -4.00 73.41
CA TYR D 123 -0.92 -3.12 73.07
C TYR D 123 -1.28 -2.18 71.94
N LEU D 124 -1.86 -2.70 70.86
CA LEU D 124 -2.21 -1.84 69.75
C LEU D 124 -3.43 -0.96 70.05
N GLY D 125 -4.34 -1.45 70.88
CA GLY D 125 -5.47 -0.62 71.29
C GLY D 125 -5.08 0.52 72.20
N ARG D 126 -4.05 0.33 73.01
CA ARG D 126 -3.49 1.40 73.80
C ARG D 126 -2.69 2.36 72.95
N LEU D 127 -1.99 1.85 71.93
CA LEU D 127 -1.32 2.72 70.98
C LEU D 127 -2.31 3.56 70.18
N ALA D 128 -3.48 3.01 69.88
CA ALA D 128 -4.51 3.69 69.10
C ALA D 128 -5.73 4.04 69.94
N ASP D 129 -5.49 4.56 71.15
CA ASP D 129 -6.58 4.85 72.08
C ASP D 129 -7.44 6.03 71.63
N GLU D 130 -6.93 6.89 70.74
CA GLU D 130 -7.74 8.00 70.24
C GLU D 130 -8.74 7.51 69.20
N VAL D 131 -8.26 6.87 68.14
CA VAL D 131 -9.10 6.32 67.08
C VAL D 131 -8.75 4.83 66.96
N GLN D 132 -9.54 3.99 67.62
CA GLN D 132 -9.25 2.56 67.62
C GLN D 132 -9.75 1.86 66.36
N ALA D 133 -10.98 2.19 65.93
CA ALA D 133 -11.64 1.43 64.88
C ALA D 133 -10.96 1.60 63.53
N GLY D 134 -10.49 2.81 63.23
CA GLY D 134 -9.79 3.05 61.98
C GLY D 134 -8.48 2.30 61.89
N VAL D 135 -7.67 2.37 62.95
CA VAL D 135 -6.37 1.69 62.95
C VAL D 135 -6.54 0.18 62.92
N ILE D 136 -7.50 -0.34 63.69
CA ILE D 136 -7.75 -1.78 63.68
C ILE D 136 -8.27 -2.25 62.33
N ASN D 137 -9.15 -1.46 61.70
CA ASN D 137 -9.70 -1.84 60.41
C ASN D 137 -8.63 -1.80 59.32
N GLU D 138 -7.76 -0.80 59.36
CA GLU D 138 -6.63 -0.73 58.44
C GLU D 138 -5.69 -1.92 58.62
N GLN D 139 -5.42 -2.31 59.87
CA GLN D 139 -4.50 -3.41 60.09
C GLN D 139 -5.10 -4.74 59.66
N ILE D 140 -6.41 -4.93 59.92
CA ILE D 140 -7.12 -6.11 59.45
C ILE D 140 -7.11 -6.20 57.93
N ALA D 141 -7.40 -5.08 57.25
CA ALA D 141 -7.42 -5.09 55.78
C ALA D 141 -6.03 -5.32 55.20
N GLU D 142 -5.00 -4.80 55.88
CA GLU D 142 -3.62 -5.07 55.47
C GLU D 142 -3.29 -6.55 55.55
N SER D 143 -3.65 -7.20 56.66
CA SER D 143 -3.37 -8.62 56.77
C SER D 143 -4.20 -9.45 55.80
N LEU D 144 -5.43 -8.99 55.52
CA LEU D 144 -6.27 -9.60 54.49
C LEU D 144 -5.60 -9.59 53.13
N THR D 145 -5.16 -8.43 52.68
CA THR D 145 -4.56 -8.33 51.36
C THR D 145 -3.23 -9.06 51.31
N TRP D 146 -2.51 -9.07 52.44
CA TRP D 146 -1.24 -9.80 52.45
C TRP D 146 -1.48 -11.31 52.39
N LEU D 147 -2.56 -11.77 53.02
CA LEU D 147 -2.88 -13.19 52.97
C LEU D 147 -3.38 -13.58 51.59
N MET D 148 -4.09 -12.67 50.92
CA MET D 148 -4.44 -12.87 49.52
C MET D 148 -3.20 -12.98 48.65
N ALA D 149 -2.16 -12.21 48.98
CA ALA D 149 -0.90 -12.32 48.24
C ALA D 149 -0.23 -13.66 48.50
N ARG D 150 -0.30 -14.15 49.74
CA ARG D 150 0.17 -15.50 50.05
C ARG D 150 -0.53 -16.54 49.18
N MET D 151 -1.86 -16.42 49.09
CA MET D 151 -2.66 -17.36 48.28
C MET D 151 -2.31 -17.27 46.81
N ARG D 152 -2.15 -16.05 46.29
CA ARG D 152 -1.91 -15.89 44.87
C ARG D 152 -0.54 -16.41 44.48
N ASN D 153 0.48 -16.11 45.28
CA ASN D 153 1.80 -16.65 44.97
C ASN D 153 1.89 -18.13 45.25
N ARG D 154 1.04 -18.65 46.13
CA ARG D 154 0.92 -20.10 46.27
C ARG D 154 0.40 -20.74 44.99
N ARG D 155 -0.70 -20.20 44.44
CA ARG D 155 -1.28 -20.76 43.23
C ARG D 155 -0.34 -20.60 42.05
N ARG D 156 0.39 -19.49 42.02
CA ARG D 156 1.41 -19.30 41.00
C ARG D 156 2.53 -20.30 41.14
N TRP D 157 2.90 -20.65 42.38
CA TRP D 157 3.92 -21.66 42.55
C TRP D 157 3.42 -23.03 42.13
N LEU D 158 2.14 -23.31 42.33
CA LEU D 158 1.55 -24.56 41.87
C LEU D 158 1.61 -24.67 40.36
N THR D 159 1.07 -23.66 39.67
CA THR D 159 1.04 -23.67 38.22
C THR D 159 2.44 -23.64 37.64
N TRP D 160 3.36 -22.95 38.29
CA TRP D 160 4.71 -22.91 37.76
C TRP D 160 5.45 -24.22 38.01
N GLN D 161 5.23 -24.84 39.15
CA GLN D 161 5.90 -26.08 39.48
C GLN D 161 5.43 -27.20 38.57
N VAL D 162 4.15 -27.15 38.16
CA VAL D 162 3.74 -28.14 37.17
C VAL D 162 4.26 -27.78 35.78
N MET D 163 4.12 -26.52 35.32
CA MET D 163 4.53 -26.22 33.96
C MET D 163 6.04 -26.20 33.74
N ARG D 164 6.84 -26.27 34.79
CA ARG D 164 8.25 -26.44 34.52
C ARG D 164 8.71 -27.88 34.70
N THR D 165 7.95 -28.70 35.41
CA THR D 165 8.40 -30.05 35.70
C THR D 165 7.35 -31.14 35.52
N GLY D 166 6.13 -30.81 35.11
CA GLY D 166 5.11 -31.82 34.88
C GLY D 166 4.50 -32.45 36.11
N ARG D 167 5.06 -32.19 37.29
CA ARG D 167 4.65 -32.87 38.50
C ARG D 167 4.78 -31.89 39.65
N ILE D 168 3.82 -31.95 40.56
CA ILE D 168 3.86 -31.15 41.78
C ILE D 168 4.71 -31.93 42.77
N THR D 169 5.96 -31.53 42.93
CA THR D 169 6.88 -32.23 43.81
C THR D 169 7.04 -31.48 45.13
N ILE D 170 6.59 -32.12 46.20
CA ILE D 170 6.67 -31.57 47.54
C ILE D 170 7.51 -32.52 48.38
N GLN D 171 8.40 -31.99 49.11
CA GLN D 171 9.32 -32.63 50.04
C GLN D 171 9.25 -31.96 51.40
N PRO D 172 9.60 -32.64 52.50
CA PRO D 172 9.46 -32.03 53.83
C PRO D 172 10.38 -30.86 54.12
N ASN D 173 11.45 -30.68 53.35
CA ASN D 173 12.38 -29.59 53.58
C ASN D 173 11.93 -28.28 52.95
N ASP D 174 10.67 -28.19 52.55
CA ASP D 174 10.15 -27.01 51.86
C ASP D 174 10.07 -25.83 52.83
N PRO D 175 10.55 -24.66 52.44
CA PRO D 175 10.23 -23.42 53.16
C PRO D 175 8.75 -23.05 53.17
N TYR D 176 7.91 -23.68 52.35
CA TYR D 176 6.52 -23.25 52.29
C TYR D 176 5.67 -23.90 53.38
N ASN D 177 5.98 -25.14 53.78
CA ASN D 177 5.26 -25.74 54.90
C ASN D 177 6.22 -26.26 55.97
N PRO D 178 5.86 -26.14 57.25
CA PRO D 178 6.70 -26.74 58.29
C PRO D 178 6.38 -28.20 58.56
N ASN D 179 5.13 -28.63 58.30
CA ASN D 179 4.76 -30.04 58.45
C ASN D 179 5.55 -30.90 57.47
N GLY D 180 5.36 -30.65 56.19
CA GLY D 180 6.20 -31.24 55.17
C GLY D 180 5.72 -32.60 54.72
N LEU D 181 4.41 -32.80 54.73
CA LEU D 181 3.86 -34.03 54.19
C LEU D 181 4.03 -34.04 52.68
N LYS D 182 4.79 -35.01 52.17
CA LYS D 182 5.15 -35.03 50.77
C LYS D 182 4.00 -35.55 49.92
N TYR D 183 3.96 -35.07 48.68
CA TYR D 183 2.97 -35.49 47.70
C TYR D 183 3.59 -35.36 46.34
N VAL D 184 4.20 -36.43 45.82
CA VAL D 184 4.73 -36.41 44.46
C VAL D 184 3.57 -36.77 43.54
N ILE D 185 2.96 -35.76 42.96
CA ILE D 185 1.78 -35.92 42.13
C ILE D 185 2.16 -35.56 40.71
N ASP D 186 2.17 -36.56 39.83
CA ASP D 186 2.57 -36.39 38.44
C ASP D 186 1.34 -36.45 37.54
N TYR D 187 1.38 -35.69 36.45
CA TYR D 187 0.27 -35.62 35.52
C TYR D 187 0.46 -36.46 34.27
N GLY D 188 1.68 -36.87 33.96
CA GLY D 188 1.89 -37.61 32.75
C GLY D 188 2.01 -36.76 31.51
N VAL D 189 2.96 -35.84 31.49
CA VAL D 189 3.36 -35.15 30.27
C VAL D 189 4.43 -35.99 29.62
N THR D 190 4.34 -36.16 28.30
CA THR D 190 5.18 -37.09 27.55
C THR D 190 6.66 -36.76 27.67
N ASP D 191 7.07 -35.61 27.16
CA ASP D 191 8.40 -35.08 27.40
C ASP D 191 8.22 -33.77 28.14
N ILE D 192 9.13 -33.49 29.08
CA ILE D 192 9.15 -32.19 29.71
C ILE D 192 10.47 -31.46 29.50
N GLU D 193 11.54 -32.17 29.19
CA GLU D 193 12.78 -31.46 28.97
C GLU D 193 13.27 -31.72 27.55
N LEU D 194 14.19 -30.87 27.12
CA LEU D 194 14.80 -30.99 25.81
C LEU D 194 16.32 -31.03 25.98
N PRO D 195 17.03 -31.76 25.15
CA PRO D 195 18.44 -31.97 25.40
C PRO D 195 19.30 -30.85 24.87
N LEU D 196 20.32 -30.52 25.67
CA LEU D 196 21.48 -29.79 25.18
C LEU D 196 22.69 -30.66 25.44
N PRO D 197 23.43 -31.03 24.40
CA PRO D 197 24.71 -31.71 24.64
C PRO D 197 25.73 -30.78 25.26
N GLN D 198 25.65 -29.48 24.97
CA GLN D 198 26.37 -28.46 25.71
C GLN D 198 25.54 -27.20 25.70
N LYS D 199 25.95 -26.26 26.53
CA LYS D 199 25.25 -25.00 26.74
C LYS D 199 25.45 -24.06 25.54
N PHE D 200 24.73 -22.94 25.56
CA PHE D 200 24.97 -21.91 24.55
C PHE D 200 26.32 -21.23 24.75
N ASP D 201 26.54 -20.71 25.94
CA ASP D 201 27.67 -19.85 26.24
C ASP D 201 28.95 -20.65 26.47
N ALA D 202 29.34 -21.44 25.48
CA ALA D 202 30.59 -22.17 25.54
C ALA D 202 31.60 -21.50 24.64
N LYS D 203 32.76 -21.20 25.18
CA LYS D 203 33.76 -20.41 24.49
C LYS D 203 34.81 -21.33 23.91
N ASP D 204 34.58 -21.78 22.68
CA ASP D 204 35.46 -22.69 21.98
C ASP D 204 36.39 -21.91 21.06
N GLY D 205 37.37 -22.61 20.50
CA GLY D 205 38.47 -21.95 19.81
C GLY D 205 39.28 -21.17 20.81
N ASN D 206 39.49 -19.88 20.53
CA ASN D 206 39.93 -18.99 21.59
C ASN D 206 38.74 -18.51 22.42
N GLY D 207 37.80 -17.83 21.78
CA GLY D 207 36.49 -17.62 22.35
C GLY D 207 35.49 -17.46 21.23
N ASN D 208 34.52 -18.35 21.19
CA ASN D 208 33.53 -18.43 20.12
C ASN D 208 32.26 -18.97 20.75
N SER D 209 31.35 -19.45 19.92
CA SER D 209 30.12 -20.03 20.42
C SER D 209 30.04 -21.50 20.04
N ALA D 210 29.34 -22.25 20.89
CA ALA D 210 29.13 -23.67 20.61
C ALA D 210 28.07 -23.86 19.55
N VAL D 211 26.90 -23.25 19.75
CA VAL D 211 25.72 -23.54 18.95
C VAL D 211 24.96 -22.25 18.67
N ASP D 212 24.54 -22.10 17.43
CA ASP D 212 23.62 -21.02 17.18
C ASP D 212 22.23 -21.38 17.72
N PRO D 213 21.61 -20.48 18.47
CA PRO D 213 20.25 -20.74 18.95
C PRO D 213 19.21 -20.81 17.85
N ILE D 214 19.29 -19.92 16.85
CA ILE D 214 18.27 -19.88 15.81
C ILE D 214 18.40 -21.09 14.92
N GLN D 215 19.64 -21.52 14.63
CA GLN D 215 19.89 -22.76 13.90
C GLN D 215 19.30 -23.95 14.66
N TYR D 216 19.44 -23.94 15.98
CA TYR D 216 18.87 -24.99 16.81
C TYR D 216 17.35 -24.98 16.80
N PHE D 217 16.73 -23.80 16.84
CA PHE D 217 15.28 -23.76 16.90
C PHE D 217 14.67 -24.04 15.54
N ARG D 218 15.39 -23.66 14.49
CA ARG D 218 15.05 -24.09 13.15
C ARG D 218 15.17 -25.59 13.01
N ASP D 219 16.14 -26.21 13.69
CA ASP D 219 16.22 -27.66 13.73
C ASP D 219 15.02 -28.25 14.46
N LEU D 220 14.54 -27.56 15.49
CA LEU D 220 13.34 -28.04 16.19
C LEU D 220 12.13 -28.02 15.28
N ILE D 221 11.97 -26.94 14.51
CA ILE D 221 10.87 -26.88 13.55
C ILE D 221 11.06 -27.92 12.44
N LYS D 222 12.32 -28.17 12.06
CA LYS D 222 12.64 -29.13 11.01
C LYS D 222 12.31 -30.57 11.45
N ALA D 223 12.62 -30.90 12.69
CA ALA D 223 12.15 -32.15 13.26
C ALA D 223 10.63 -32.17 13.36
N ALA D 224 10.01 -31.02 13.61
CA ALA D 224 8.57 -30.92 13.69
C ALA D 224 7.91 -30.70 12.35
N THR D 225 8.60 -30.93 11.24
CA THR D 225 7.96 -30.86 9.93
C THR D 225 6.83 -31.87 9.80
N TYR D 226 7.03 -33.10 10.22
CA TYR D 226 5.96 -34.09 10.19
C TYR D 226 5.10 -33.99 11.44
N PHE D 227 5.53 -33.20 12.41
CA PHE D 227 4.95 -33.27 13.74
C PHE D 227 4.11 -32.02 14.02
N PRO D 228 2.78 -32.15 14.14
CA PRO D 228 1.94 -30.97 14.31
C PRO D 228 2.01 -30.33 15.69
N ASP D 229 2.57 -31.00 16.70
CA ASP D 229 2.57 -30.40 18.03
C ASP D 229 3.95 -30.17 18.60
N ARG D 230 5.02 -30.47 17.86
CA ARG D 230 6.37 -30.22 18.34
C ARG D 230 6.92 -28.86 17.92
N ARG D 231 6.22 -28.14 17.06
CA ARG D 231 6.78 -26.96 16.41
C ARG D 231 6.77 -25.77 17.35
N PRO D 232 7.92 -25.30 17.82
CA PRO D 232 7.98 -24.33 18.93
C PRO D 232 7.31 -22.98 18.61
N VAL D 233 6.24 -22.70 19.35
CA VAL D 233 5.37 -21.57 19.07
C VAL D 233 5.84 -20.30 19.77
N ALA D 234 6.15 -20.39 21.06
CA ALA D 234 6.60 -19.22 21.81
C ALA D 234 7.46 -19.68 22.99
N ILE D 235 8.57 -18.96 23.20
CA ILE D 235 9.51 -19.23 24.27
C ILE D 235 9.19 -18.29 25.42
N ILE D 236 9.33 -18.78 26.65
CA ILE D 236 9.11 -17.97 27.84
C ILE D 236 10.37 -18.03 28.67
N VAL D 237 10.95 -16.87 28.95
CA VAL D 237 12.11 -16.73 29.83
C VAL D 237 12.13 -15.31 30.38
N GLY D 238 12.31 -15.18 31.68
CA GLY D 238 12.07 -13.93 32.38
C GLY D 238 13.25 -13.02 32.69
N PRO D 239 14.27 -13.50 33.40
CA PRO D 239 15.39 -12.62 33.72
C PRO D 239 16.35 -12.45 32.57
N GLY D 240 17.51 -11.84 32.85
CA GLY D 240 18.45 -11.52 31.81
C GLY D 240 19.07 -12.77 31.21
N PHE D 241 18.62 -13.14 30.03
CA PHE D 241 19.17 -14.25 29.26
C PHE D 241 19.76 -13.75 27.97
N ASP D 242 19.53 -12.47 27.65
CA ASP D 242 19.95 -11.83 26.42
C ASP D 242 21.45 -11.80 26.27
N GLU D 243 22.16 -11.77 27.38
CA GLU D 243 23.62 -11.70 27.36
C GLU D 243 24.21 -12.99 26.86
N VAL D 244 23.56 -14.11 27.20
CA VAL D 244 23.96 -15.42 26.69
C VAL D 244 23.82 -15.46 25.19
N LEU D 245 22.76 -14.85 24.67
CA LEU D 245 22.62 -14.67 23.24
C LEU D 245 23.70 -13.76 22.69
N ALA D 246 24.09 -12.76 23.46
CA ALA D 246 25.07 -11.79 23.01
C ALA D 246 26.49 -12.34 23.04
N ASP D 247 26.70 -13.44 23.75
CA ASP D 247 28.01 -14.07 23.74
C ASP D 247 28.18 -14.95 22.52
N ASN D 248 27.08 -15.35 21.90
CA ASN D 248 27.13 -16.21 20.74
C ASN D 248 27.73 -15.48 19.56
N THR D 249 28.92 -15.91 19.15
CA THR D 249 29.57 -15.30 17.99
C THR D 249 28.80 -15.59 16.70
N PHE D 250 27.95 -16.61 16.70
CA PHE D 250 26.91 -16.71 15.69
C PHE D 250 26.02 -15.46 15.71
N VAL D 251 25.41 -15.17 16.86
CA VAL D 251 24.46 -14.06 16.93
C VAL D 251 25.20 -12.73 16.80
N GLN D 252 26.45 -12.68 17.27
CA GLN D 252 27.29 -11.51 17.04
C GLN D 252 27.54 -11.30 15.55
N LYS D 253 27.80 -12.39 14.82
CA LYS D 253 27.97 -12.30 13.37
C LYS D 253 26.68 -11.86 12.68
N TYR D 254 25.53 -12.28 13.21
CA TYR D 254 24.28 -11.93 12.54
C TYR D 254 23.95 -10.47 12.77
N VAL D 255 24.31 -9.94 13.93
CA VAL D 255 24.11 -8.51 14.17
C VAL D 255 25.09 -7.69 13.36
N GLU D 256 26.32 -8.20 13.19
CA GLU D 256 27.29 -7.57 12.28
C GLU D 256 26.77 -7.49 10.85
N TYR D 257 26.28 -8.61 10.33
CA TYR D 257 25.79 -8.62 8.95
C TYR D 257 24.37 -8.10 8.84
N GLU D 258 23.73 -7.79 9.95
CA GLU D 258 22.46 -7.09 9.88
C GLU D 258 22.67 -5.68 9.37
N LYS D 259 23.65 -4.98 9.91
CA LYS D 259 23.98 -3.66 9.43
C LYS D 259 25.26 -3.66 8.60
N GLY D 260 25.71 -4.83 8.14
CA GLY D 260 26.85 -4.90 7.25
C GLY D 260 28.18 -4.57 7.89
N TRP D 261 28.66 -5.42 8.78
CA TRP D 261 29.89 -5.14 9.51
C TRP D 261 30.81 -6.34 9.53
N VAL D 262 32.09 -6.08 9.27
CA VAL D 262 33.16 -7.08 9.33
C VAL D 262 34.24 -6.52 10.22
N VAL D 263 34.69 -7.32 11.20
CA VAL D 263 35.74 -6.90 12.13
C VAL D 263 37.11 -6.74 11.47
N GLY D 264 37.29 -7.23 10.24
CA GLY D 264 38.51 -6.95 9.53
C GLY D 264 38.31 -5.88 8.48
N GLN D 265 37.18 -5.93 7.79
CA GLN D 265 36.91 -5.04 6.67
C GLN D 265 36.16 -3.78 7.07
N ASN D 266 34.96 -3.93 7.63
CA ASN D 266 34.13 -2.76 7.90
C ASN D 266 34.50 -2.13 9.23
N THR D 267 34.26 -2.83 10.33
CA THR D 267 34.61 -2.38 11.66
C THR D 267 35.90 -3.05 12.12
N VAL D 268 36.20 -2.84 13.40
CA VAL D 268 37.19 -3.64 14.12
C VAL D 268 36.56 -4.34 15.31
N GLN D 269 35.78 -3.62 16.10
CA GLN D 269 35.05 -4.26 17.17
C GLN D 269 33.76 -3.52 17.48
N PRO D 270 32.61 -4.07 17.10
CA PRO D 270 31.35 -3.56 17.62
C PRO D 270 31.25 -3.89 19.10
N PRO D 271 30.61 -3.05 19.88
CA PRO D 271 30.61 -3.26 21.33
C PRO D 271 29.54 -4.26 21.74
N ARG D 272 29.68 -4.72 22.97
CA ARG D 272 28.77 -5.67 23.58
C ARG D 272 27.37 -5.09 23.78
N GLU D 273 27.25 -3.78 24.01
CA GLU D 273 25.96 -3.24 24.39
C GLU D 273 25.01 -3.15 23.20
N VAL D 274 25.53 -2.91 22.00
CA VAL D 274 24.69 -2.93 20.82
C VAL D 274 24.16 -4.34 20.57
N TYR D 275 24.98 -5.34 20.88
CA TYR D 275 24.51 -6.72 20.82
C TYR D 275 23.41 -6.97 21.84
N ARG D 276 23.59 -6.42 23.05
CA ARG D 276 22.58 -6.55 24.09
C ARG D 276 21.30 -5.82 23.72
N GLN D 277 21.43 -4.78 22.92
CA GLN D 277 20.25 -4.09 22.42
C GLN D 277 19.53 -4.91 21.37
N ALA D 278 20.26 -5.41 20.38
CA ALA D 278 19.66 -5.93 19.16
C ALA D 278 19.42 -7.43 19.19
N ALA D 279 19.85 -8.13 20.24
CA ALA D 279 19.87 -9.59 20.22
C ALA D 279 18.46 -10.18 20.24
N LEU D 280 17.60 -9.67 21.14
CA LEU D 280 16.24 -10.19 21.24
C LEU D 280 15.46 -9.95 19.95
N ASP D 281 15.68 -8.81 19.31
CA ASP D 281 14.92 -8.51 18.11
C ASP D 281 15.42 -9.33 16.93
N ILE D 282 16.74 -9.48 16.78
CA ILE D 282 17.26 -10.27 15.68
C ILE D 282 16.91 -11.74 15.86
N PHE D 283 16.79 -12.18 17.12
CA PHE D 283 16.34 -13.53 17.40
C PHE D 283 14.86 -13.69 17.08
N LYS D 284 14.05 -12.70 17.45
CA LYS D 284 12.62 -12.74 17.21
C LYS D 284 12.30 -12.73 15.73
N ARG D 285 13.17 -12.11 14.92
CA ARG D 285 12.90 -12.12 13.49
C ARG D 285 13.44 -13.38 12.83
N TYR D 286 14.65 -13.81 13.20
CA TYR D 286 15.24 -14.96 12.52
C TYR D 286 14.58 -16.27 12.88
N THR D 287 14.21 -16.46 14.14
CA THR D 287 13.60 -17.72 14.52
C THR D 287 12.15 -17.77 14.08
N GLY D 288 11.39 -16.74 14.37
CA GLY D 288 10.00 -16.69 13.99
C GLY D 288 9.04 -17.07 15.07
N LEU D 289 9.48 -17.15 16.32
CA LEU D 289 8.59 -17.41 17.43
C LEU D 289 8.75 -16.28 18.44
N GLU D 290 7.68 -16.03 19.19
CA GLU D 290 7.65 -14.90 20.11
C GLU D 290 8.50 -15.19 21.34
N VAL D 291 9.09 -14.14 21.89
CA VAL D 291 9.79 -14.22 23.16
C VAL D 291 8.98 -13.42 24.14
N MET D 292 8.08 -14.08 24.86
CA MET D 292 7.23 -13.43 25.83
C MET D 292 7.92 -13.51 27.18
N VAL D 293 8.55 -12.41 27.58
CA VAL D 293 9.39 -12.35 28.77
C VAL D 293 8.49 -12.02 29.96
N TYR D 294 8.29 -13.00 30.84
CA TYR D 294 7.41 -12.82 31.98
C TYR D 294 7.99 -13.50 33.20
N ASP D 295 8.40 -12.67 34.17
CA ASP D 295 8.80 -13.16 35.47
C ASP D 295 8.36 -12.17 36.54
N LYS D 296 8.05 -12.70 37.70
CA LYS D 296 7.94 -11.92 38.92
C LYS D 296 8.86 -12.55 39.94
N THR D 297 8.77 -12.06 41.16
CA THR D 297 9.61 -12.53 42.23
C THR D 297 8.75 -13.24 43.27
N TYR D 298 9.43 -13.95 44.18
CA TYR D 298 8.74 -14.58 45.29
C TYR D 298 9.66 -14.56 46.49
N ARG D 299 9.10 -14.90 47.65
CA ARG D 299 9.85 -14.98 48.88
C ARG D 299 9.70 -16.36 49.49
N ASP D 300 10.40 -16.59 50.58
CA ASP D 300 10.56 -17.91 51.16
C ASP D 300 10.96 -17.75 52.62
N GLN D 301 11.37 -18.86 53.23
CA GLN D 301 11.84 -18.80 54.61
C GLN D 301 13.15 -18.01 54.71
N ASP D 302 14.03 -18.15 53.72
CA ASP D 302 15.34 -17.51 53.80
C ASP D 302 15.26 -16.02 53.51
N GLY D 303 14.12 -15.53 53.02
CA GLY D 303 14.00 -14.16 52.60
C GLY D 303 14.52 -13.87 51.22
N SER D 304 15.05 -14.88 50.52
CA SER D 304 15.70 -14.68 49.24
C SER D 304 14.68 -14.35 48.17
N VAL D 305 15.15 -13.71 47.11
CA VAL D 305 14.31 -13.27 46.01
C VAL D 305 14.82 -13.99 44.77
N LYS D 306 14.13 -15.07 44.41
CA LYS D 306 14.33 -15.70 43.12
C LYS D 306 13.12 -15.41 42.26
N TYR D 307 13.18 -15.84 41.01
CA TYR D 307 12.09 -15.60 40.07
C TYR D 307 11.29 -16.87 39.84
N TRP D 308 10.08 -16.71 39.29
CA TRP D 308 9.33 -17.87 38.83
C TRP D 308 10.09 -18.61 37.75
N ILE D 309 10.64 -17.86 36.79
CA ILE D 309 11.62 -18.43 35.88
C ILE D 309 12.86 -18.80 36.67
N PRO D 310 13.59 -19.84 36.33
CA PRO D 310 14.94 -19.98 36.86
C PRO D 310 15.80 -18.84 36.36
N VAL D 311 16.73 -18.40 37.20
CA VAL D 311 17.78 -17.54 36.67
C VAL D 311 18.65 -18.45 35.82
N GLY D 312 18.36 -18.49 34.54
CA GLY D 312 18.69 -19.67 33.79
C GLY D 312 17.95 -19.77 32.48
N GLU D 313 17.27 -20.89 32.26
CA GLU D 313 17.12 -21.26 30.87
C GLU D 313 15.95 -20.67 30.08
N LEU D 314 14.73 -21.22 30.22
CA LEU D 314 13.56 -20.97 29.38
C LEU D 314 12.47 -21.94 29.82
N ILE D 315 11.28 -21.77 29.23
CA ILE D 315 10.39 -22.86 28.85
C ILE D 315 9.91 -22.52 27.46
N VAL D 316 9.08 -23.38 26.86
CA VAL D 316 8.62 -23.13 25.50
C VAL D 316 7.19 -23.64 25.34
N LEU D 317 6.51 -23.21 24.28
CA LEU D 317 5.26 -23.80 23.83
C LEU D 317 5.44 -24.27 22.39
N ASN D 318 4.84 -25.39 22.04
CA ASN D 318 5.09 -25.91 20.70
C ASN D 318 3.84 -26.40 19.99
N GLN D 319 2.68 -26.22 20.61
CA GLN D 319 1.44 -26.55 19.92
C GLN D 319 0.77 -25.29 19.40
N SER D 320 0.41 -24.40 20.31
CA SER D 320 -0.31 -23.18 19.98
C SER D 320 -0.04 -22.17 21.08
N THR D 321 -0.85 -21.12 21.08
CA THR D 321 -0.85 -20.16 22.19
C THR D 321 -2.29 -19.91 22.58
N GLY D 322 -2.65 -20.28 23.79
CA GLY D 322 -4.00 -20.16 24.27
C GLY D 322 -4.14 -20.71 25.66
N PRO D 323 -5.38 -20.90 26.12
CA PRO D 323 -5.58 -21.36 27.50
C PRO D 323 -5.25 -22.84 27.63
N VAL D 324 -4.10 -23.11 28.23
CA VAL D 324 -3.71 -24.46 28.59
C VAL D 324 -4.10 -24.72 30.04
N GLY D 325 -5.04 -25.64 30.23
CA GLY D 325 -5.38 -26.06 31.56
C GLY D 325 -6.42 -25.21 32.27
N ARG D 326 -6.46 -25.40 33.59
CA ARG D 326 -7.55 -24.93 34.41
C ARG D 326 -7.12 -24.97 35.86
N PHE D 327 -7.42 -23.93 36.62
CA PHE D 327 -7.37 -24.09 38.07
C PHE D 327 -8.73 -24.49 38.60
N VAL D 328 -8.74 -25.55 39.40
CA VAL D 328 -9.97 -26.08 39.98
C VAL D 328 -10.07 -25.57 41.40
N TYR D 329 -11.18 -24.93 41.72
CA TYR D 329 -11.54 -24.55 43.08
C TYR D 329 -12.59 -25.54 43.56
N THR D 330 -12.36 -26.16 44.71
CA THR D 330 -13.34 -27.14 45.14
C THR D 330 -13.83 -26.85 46.55
N ALA D 331 -14.54 -27.82 47.12
CA ALA D 331 -15.51 -27.58 48.17
C ALA D 331 -14.87 -27.21 49.51
N HIS D 332 -15.47 -26.23 50.16
CA HIS D 332 -15.27 -25.96 51.56
C HIS D 332 -16.35 -26.69 52.34
N VAL D 333 -16.06 -26.96 53.61
CA VAL D 333 -17.03 -27.54 54.52
C VAL D 333 -18.11 -26.50 54.87
N ALA D 334 -19.18 -26.96 55.51
CA ALA D 334 -20.31 -26.16 55.96
C ALA D 334 -20.37 -26.31 57.48
N GLY D 335 -21.53 -26.04 58.08
CA GLY D 335 -21.73 -26.24 59.50
C GLY D 335 -21.89 -27.72 59.81
N GLN D 336 -22.94 -28.07 60.57
CA GLN D 336 -23.38 -29.45 60.45
C GLN D 336 -23.84 -29.62 59.02
N ARG D 337 -24.96 -28.97 58.73
CA ARG D 337 -25.54 -28.44 57.51
C ARG D 337 -26.83 -27.79 57.98
N ASN D 338 -27.24 -26.75 57.27
CA ASN D 338 -28.60 -26.27 57.44
C ASN D 338 -29.61 -27.22 56.83
N GLY D 339 -29.30 -27.73 55.64
CA GLY D 339 -30.14 -28.67 54.92
C GLY D 339 -29.33 -29.73 54.20
N LYS D 340 -29.55 -29.78 52.89
CA LYS D 340 -28.85 -30.63 51.93
C LYS D 340 -27.48 -30.03 51.59
N VAL D 341 -26.90 -30.50 50.48
CA VAL D 341 -25.55 -30.11 50.09
C VAL D 341 -25.49 -28.63 49.72
N VAL D 342 -24.68 -27.88 50.47
CA VAL D 342 -24.27 -26.53 50.08
C VAL D 342 -22.87 -26.27 50.63
N TYR D 343 -21.93 -26.10 49.71
CA TYR D 343 -20.53 -25.87 50.01
C TYR D 343 -20.13 -24.55 49.37
N ALA D 344 -19.01 -23.99 49.83
CA ALA D 344 -18.61 -22.68 49.34
C ALA D 344 -18.03 -22.78 47.94
N THR D 345 -18.60 -21.98 47.04
CA THR D 345 -18.17 -21.94 45.65
C THR D 345 -17.36 -20.69 45.31
N GLY D 346 -17.28 -19.73 46.21
CA GLY D 346 -16.43 -18.57 46.01
C GLY D 346 -15.32 -18.54 47.03
N PRO D 347 -14.57 -17.44 47.10
CA PRO D 347 -13.54 -17.32 48.13
C PRO D 347 -14.17 -17.24 49.51
N TYR D 348 -13.98 -18.29 50.29
CA TYR D 348 -14.67 -18.42 51.55
C TYR D 348 -14.01 -17.53 52.58
N LEU D 349 -14.77 -17.24 53.62
CA LEU D 349 -14.37 -16.22 54.56
C LEU D 349 -15.04 -16.52 55.88
N THR D 350 -14.26 -17.00 56.84
CA THR D 350 -14.77 -17.26 58.18
C THR D 350 -13.79 -16.68 59.20
N VAL D 351 -14.37 -16.02 60.19
CA VAL D 351 -13.64 -15.26 61.19
C VAL D 351 -13.89 -15.90 62.55
N LYS D 352 -12.89 -15.80 63.43
CA LYS D 352 -12.97 -16.45 64.74
C LYS D 352 -12.43 -15.53 65.82
N ASP D 353 -13.02 -15.61 67.00
CA ASP D 353 -12.37 -15.16 68.22
C ASP D 353 -12.01 -16.37 69.08
N HIS D 354 -10.97 -16.20 69.88
CA HIS D 354 -10.69 -17.08 71.00
C HIS D 354 -10.41 -16.27 72.24
N LEU D 355 -11.02 -15.09 72.32
CA LEU D 355 -10.79 -14.13 73.38
C LEU D 355 -11.35 -14.59 74.72
N GLN D 356 -12.23 -15.57 74.71
CA GLN D 356 -12.64 -16.23 75.93
C GLN D 356 -11.55 -17.12 76.51
N ASP D 357 -10.69 -17.67 75.66
CA ASP D 357 -9.99 -18.91 75.95
C ASP D 357 -8.73 -18.66 76.78
N ASP D 358 -7.93 -19.73 76.96
CA ASP D 358 -6.87 -19.78 77.97
C ASP D 358 -5.71 -18.88 77.50
N PRO D 359 -5.32 -18.87 76.23
CA PRO D 359 -4.89 -17.61 75.64
C PRO D 359 -6.06 -16.92 74.98
N PRO D 360 -6.32 -15.67 75.29
CA PRO D 360 -7.31 -14.90 74.53
C PRO D 360 -6.69 -14.39 73.24
N TYR D 361 -7.21 -14.85 72.11
CA TYR D 361 -6.60 -14.41 70.86
C TYR D 361 -7.63 -14.25 69.77
N TYR D 362 -7.23 -13.51 68.73
CA TYR D 362 -8.07 -13.24 67.58
C TYR D 362 -7.35 -13.70 66.33
N ALA D 363 -7.99 -14.55 65.55
CA ALA D 363 -7.36 -15.16 64.40
C ALA D 363 -8.39 -15.36 63.31
N ILE D 364 -7.95 -15.28 62.07
CA ILE D 364 -8.82 -15.50 60.92
C ILE D 364 -8.15 -16.47 59.96
N ILE D 365 -8.99 -17.24 59.26
CA ILE D 365 -8.53 -18.25 58.33
C ILE D 365 -9.18 -18.01 56.98
N ALA D 366 -8.42 -18.22 55.92
CA ALA D 366 -8.90 -18.13 54.55
C ALA D 366 -7.91 -18.90 53.69
N GLY D 367 -8.42 -19.72 52.79
CA GLY D 367 -7.57 -20.46 51.89
C GLY D 367 -8.38 -20.99 50.71
N PHE D 368 -8.08 -22.22 50.33
CA PHE D 368 -8.78 -22.90 49.25
C PHE D 368 -8.50 -24.40 49.30
N HIS D 369 -9.54 -25.19 49.02
CA HIS D 369 -9.41 -26.58 48.60
C HIS D 369 -9.38 -26.48 47.07
N GLY D 370 -8.39 -27.11 46.43
CA GLY D 370 -8.37 -27.12 44.98
C GLY D 370 -7.13 -27.76 44.39
N LEU D 371 -6.92 -27.48 43.09
CA LEU D 371 -5.81 -27.98 42.28
C LEU D 371 -5.75 -27.28 40.93
N PRO D 372 -4.56 -27.02 40.40
CA PRO D 372 -4.46 -26.69 38.98
C PRO D 372 -4.44 -27.94 38.12
N GLN D 373 -5.22 -27.90 37.04
CA GLN D 373 -5.47 -29.01 36.15
C GLN D 373 -4.82 -28.74 34.81
N LEU D 374 -4.33 -29.77 34.14
CA LEU D 374 -3.91 -29.64 32.75
C LEU D 374 -5.12 -29.52 31.83
N SER D 375 -4.85 -29.34 30.55
CA SER D 375 -5.88 -29.17 29.55
C SER D 375 -6.49 -30.50 29.15
N GLY D 376 -7.22 -30.47 28.03
CA GLY D 376 -7.69 -31.70 27.44
C GLY D 376 -6.53 -32.52 26.91
N TYR D 377 -6.29 -33.67 27.53
CA TYR D 377 -5.41 -34.66 26.91
C TYR D 377 -6.03 -35.14 25.60
N ASN D 378 -5.16 -35.55 24.69
CA ASN D 378 -5.60 -36.04 23.39
C ASN D 378 -6.35 -37.35 23.57
N THR D 379 -7.23 -37.63 22.64
CA THR D 379 -8.11 -38.79 22.78
C THR D 379 -7.57 -40.00 22.01
N GLU D 380 -6.94 -39.75 20.86
CA GLU D 380 -6.36 -40.83 20.07
C GLU D 380 -5.19 -41.49 20.81
N ASP D 381 -4.24 -40.70 21.26
CA ASP D 381 -3.17 -41.20 22.12
C ASP D 381 -3.29 -40.53 23.48
N PHE D 382 -2.81 -41.22 24.50
CA PHE D 382 -2.77 -40.63 25.84
C PHE D 382 -1.62 -39.65 26.00
N SER D 383 -0.75 -39.54 25.00
CA SER D 383 0.37 -38.62 25.03
C SER D 383 -0.12 -37.17 25.03
N PHE D 384 0.67 -36.31 25.65
CA PHE D 384 0.36 -34.91 25.80
C PHE D 384 1.64 -34.17 26.12
N HIS D 385 2.04 -33.28 25.22
CA HIS D 385 3.27 -32.52 25.40
C HIS D 385 3.13 -31.21 24.64
N ARG D 386 3.06 -30.12 25.40
CA ARG D 386 2.82 -28.81 24.83
C ARG D 386 3.89 -27.85 25.32
N PHE D 387 4.63 -28.26 26.34
CA PHE D 387 5.54 -27.37 27.04
C PHE D 387 6.77 -28.11 27.54
N LYS D 388 7.95 -27.61 27.15
CA LYS D 388 9.22 -28.28 27.37
C LYS D 388 10.26 -27.22 27.69
N TRP D 389 11.36 -27.62 28.33
CA TRP D 389 12.45 -26.66 28.50
C TRP D 389 13.81 -27.32 28.44
N LEU D 390 14.79 -26.57 27.97
CA LEU D 390 16.16 -27.05 27.82
C LEU D 390 17.11 -26.11 28.55
N LYS D 391 18.11 -26.67 29.23
CA LYS D 391 18.86 -25.95 30.24
C LYS D 391 20.25 -25.59 29.72
N TYR D 392 20.55 -24.28 29.68
CA TYR D 392 21.87 -23.84 29.25
C TYR D 392 22.67 -23.08 30.30
N ALA D 393 22.06 -22.25 31.13
CA ALA D 393 22.81 -21.25 31.87
C ALA D 393 23.47 -21.92 33.07
N ASN D 394 24.54 -22.66 32.79
CA ASN D 394 25.27 -23.41 33.80
C ASN D 394 26.14 -22.52 34.65
N ASN D 395 26.56 -21.38 34.12
CA ASN D 395 27.18 -20.33 34.93
C ASN D 395 26.41 -19.04 34.68
N VAL D 396 25.32 -18.87 35.42
CA VAL D 396 24.41 -17.76 35.13
C VAL D 396 24.80 -16.50 35.88
N GLN D 397 25.55 -16.60 36.97
CA GLN D 397 25.94 -15.42 37.73
C GLN D 397 27.01 -14.59 37.02
N LYS E 24 -35.61 -39.98 24.97
CA LYS E 24 -34.72 -38.97 25.54
C LYS E 24 -33.55 -38.67 24.60
N PHE E 25 -33.83 -38.70 23.29
CA PHE E 25 -32.81 -38.47 22.28
C PHE E 25 -33.26 -37.33 21.38
N PRO E 26 -32.33 -36.85 20.55
CA PRO E 26 -32.58 -35.72 19.67
C PRO E 26 -33.06 -36.19 18.30
N THR E 27 -33.85 -35.36 17.65
CA THR E 27 -34.48 -35.68 16.38
C THR E 27 -33.61 -35.19 15.22
N THR E 28 -34.10 -35.38 14.00
CA THR E 28 -33.32 -35.00 12.82
C THR E 28 -33.58 -33.55 12.42
N LYS E 29 -34.79 -33.05 12.71
CA LYS E 29 -35.11 -31.66 12.39
C LYS E 29 -34.28 -30.69 13.23
N GLU E 30 -34.07 -31.01 14.50
CA GLU E 30 -33.18 -30.20 15.33
C GLU E 30 -31.73 -30.39 14.92
N ILE E 31 -31.35 -31.60 14.54
CA ILE E 31 -29.99 -31.89 14.10
C ILE E 31 -29.64 -31.21 12.79
N GLN E 32 -30.63 -30.90 11.95
CA GLN E 32 -30.38 -30.21 10.70
C GLN E 32 -29.90 -28.78 10.94
N GLU E 33 -30.39 -28.15 12.01
CA GLU E 33 -29.96 -26.79 12.33
C GLU E 33 -28.50 -26.76 12.79
N ALA E 34 -28.12 -27.73 13.63
CA ALA E 34 -26.73 -27.83 14.07
C ALA E 34 -25.82 -28.23 12.91
N VAL E 35 -26.33 -29.05 11.99
CA VAL E 35 -25.58 -29.40 10.80
C VAL E 35 -25.38 -28.19 9.91
N ALA E 36 -26.40 -27.32 9.82
CA ALA E 36 -26.27 -26.10 9.03
C ALA E 36 -25.29 -25.13 9.66
N ALA E 37 -25.27 -25.05 11.00
CA ALA E 37 -24.30 -24.20 11.69
C ALA E 37 -22.88 -24.73 11.52
N ILE E 38 -22.70 -26.04 11.60
CA ILE E 38 -21.39 -26.64 11.37
C ILE E 38 -20.96 -26.47 9.93
N ALA E 39 -21.91 -26.50 8.99
CA ALA E 39 -21.58 -26.29 7.59
C ALA E 39 -21.18 -24.84 7.33
N ASP E 40 -21.86 -23.90 8.00
CA ASP E 40 -21.49 -22.48 7.86
C ASP E 40 -20.12 -22.21 8.46
N LYS E 41 -19.81 -22.84 9.59
CA LYS E 41 -18.48 -22.70 10.16
C LYS E 41 -17.42 -23.39 9.32
N PHE E 42 -17.76 -24.48 8.65
CA PHE E 42 -16.81 -25.15 7.80
C PHE E 42 -16.61 -24.41 6.49
N ASN E 43 -17.61 -23.66 6.06
CA ASN E 43 -17.54 -22.96 4.78
C ASN E 43 -17.06 -21.52 4.91
N GLN E 44 -17.05 -20.96 6.12
CA GLN E 44 -16.58 -19.59 6.29
C GLN E 44 -15.07 -19.51 6.12
N GLU E 45 -14.31 -20.20 6.97
CA GLU E 45 -12.85 -20.23 6.87
C GLU E 45 -12.46 -21.18 5.75
N ASN E 46 -12.48 -20.69 4.51
CA ASN E 46 -12.25 -21.53 3.35
C ASN E 46 -10.78 -21.53 2.93
N ASP E 47 -10.42 -22.55 2.16
CA ASP E 47 -9.08 -22.70 1.61
C ASP E 47 -9.20 -22.64 0.08
N LEU E 48 -8.07 -22.86 -0.60
CA LEU E 48 -7.99 -22.64 -2.03
C LEU E 48 -8.73 -23.74 -2.80
N VAL E 49 -8.82 -24.92 -2.20
CA VAL E 49 -9.70 -25.96 -2.71
C VAL E 49 -11.14 -25.46 -2.74
N ASP E 50 -11.57 -24.76 -1.71
CA ASP E 50 -12.90 -24.17 -1.72
C ASP E 50 -12.96 -22.96 -2.65
N ARG E 51 -11.80 -22.40 -3.02
CA ARG E 51 -11.83 -21.36 -4.04
C ARG E 51 -12.08 -21.95 -5.41
N PHE E 52 -11.41 -23.05 -5.75
CA PHE E 52 -11.48 -23.51 -7.14
C PHE E 52 -12.79 -24.23 -7.45
N PHE E 53 -13.32 -24.99 -6.50
CA PHE E 53 -14.40 -25.93 -6.79
C PHE E 53 -15.62 -25.63 -5.94
N PRO E 54 -16.46 -24.70 -6.35
CA PRO E 54 -17.65 -24.38 -5.56
C PRO E 54 -18.71 -25.45 -5.67
N GLU E 55 -19.54 -25.52 -4.64
CA GLU E 55 -20.63 -26.49 -4.59
C GLU E 55 -21.73 -26.06 -5.54
N ASP E 56 -21.87 -26.78 -6.66
CA ASP E 56 -22.97 -26.57 -7.57
C ASP E 56 -23.88 -27.78 -7.50
N SER E 57 -25.18 -27.55 -7.63
CA SER E 57 -26.18 -28.59 -7.50
C SER E 57 -26.91 -28.76 -8.83
N THR E 58 -26.91 -29.98 -9.34
CA THR E 58 -27.68 -30.35 -10.51
C THR E 58 -28.63 -31.48 -10.15
N PHE E 59 -29.63 -31.69 -11.01
CA PHE E 59 -30.51 -32.84 -10.83
C PHE E 59 -29.99 -34.08 -11.53
N ALA E 60 -28.83 -33.99 -12.17
CA ALA E 60 -28.32 -35.08 -12.98
C ALA E 60 -26.95 -35.52 -12.48
N SER E 61 -26.80 -36.83 -12.38
CA SER E 61 -25.51 -37.49 -12.18
C SER E 61 -24.98 -37.84 -13.56
N GLU E 62 -24.44 -36.82 -14.24
CA GLU E 62 -24.27 -36.88 -15.68
C GLU E 62 -23.10 -37.78 -16.09
N LEU E 63 -22.22 -38.10 -15.13
CA LEU E 63 -20.90 -38.70 -15.38
C LEU E 63 -20.11 -37.87 -16.38
N GLU E 64 -20.26 -36.54 -16.31
CA GLU E 64 -19.62 -35.61 -17.24
C GLU E 64 -18.29 -35.18 -16.65
N LEU E 65 -17.34 -36.12 -16.68
CA LEU E 65 -16.06 -35.94 -15.99
C LEU E 65 -15.25 -34.80 -16.57
N TYR E 66 -14.83 -34.92 -17.82
CA TYR E 66 -14.05 -33.86 -18.46
C TYR E 66 -14.99 -32.84 -19.11
N LEU E 67 -15.05 -31.66 -18.52
CA LEU E 67 -15.79 -30.57 -19.13
C LEU E 67 -15.01 -30.05 -20.33
N LEU E 68 -15.73 -29.77 -21.40
CA LEU E 68 -15.16 -29.21 -22.62
C LEU E 68 -15.89 -27.89 -22.90
N ARG E 69 -15.45 -26.83 -22.23
CA ARG E 69 -16.06 -25.51 -22.35
C ARG E 69 -14.95 -24.52 -22.62
N THR E 70 -14.61 -24.32 -23.88
CA THR E 70 -13.63 -23.33 -24.30
C THR E 70 -14.33 -21.99 -24.39
N GLN E 71 -14.64 -21.41 -23.22
CA GLN E 71 -15.27 -20.10 -23.12
C GLN E 71 -14.19 -19.13 -22.63
N ASP E 72 -13.40 -18.62 -23.56
CA ASP E 72 -12.27 -17.79 -23.21
C ASP E 72 -12.12 -16.69 -24.26
N ALA E 73 -11.45 -15.61 -23.87
CA ALA E 73 -11.00 -14.63 -24.83
C ALA E 73 -9.85 -15.16 -25.68
N GLU E 74 -9.16 -16.22 -25.22
CA GLU E 74 -8.15 -16.90 -26.00
C GLU E 74 -8.69 -17.51 -27.28
N GLN E 75 -9.94 -17.98 -27.27
CA GLN E 75 -10.61 -18.62 -28.40
C GLN E 75 -11.46 -17.63 -29.16
N THR E 76 -10.93 -16.41 -29.32
CA THR E 76 -11.67 -15.28 -29.86
C THR E 76 -12.18 -15.54 -31.27
N GLY E 77 -11.31 -16.02 -32.15
CA GLY E 77 -11.64 -16.03 -33.55
C GLY E 77 -11.77 -14.61 -34.06
N MET E 78 -12.78 -14.41 -34.88
CA MET E 78 -13.26 -13.09 -35.24
C MET E 78 -14.72 -13.25 -35.61
N THR E 79 -15.39 -12.14 -35.86
CA THR E 79 -16.72 -12.25 -36.47
C THR E 79 -16.53 -12.59 -37.93
N PHE E 80 -17.56 -13.17 -38.54
CA PHE E 80 -17.44 -13.65 -39.90
C PHE E 80 -17.58 -12.47 -40.86
N VAL E 81 -16.54 -12.25 -41.67
CA VAL E 81 -16.59 -11.21 -42.68
C VAL E 81 -17.55 -11.63 -43.78
N HIS E 82 -18.42 -10.71 -44.17
CA HIS E 82 -19.47 -11.04 -45.12
C HIS E 82 -19.76 -9.80 -45.95
N GLN E 83 -20.17 -10.02 -47.18
CA GLN E 83 -20.53 -8.93 -48.05
C GLN E 83 -22.00 -8.60 -47.86
N VAL E 84 -22.27 -7.36 -47.45
CA VAL E 84 -23.64 -6.94 -47.22
C VAL E 84 -24.38 -6.80 -48.54
N GLY E 85 -25.69 -6.97 -48.49
CA GLY E 85 -26.50 -7.07 -49.69
C GLY E 85 -26.53 -8.44 -50.32
N SER E 86 -25.46 -9.21 -50.20
CA SER E 86 -25.40 -10.54 -50.78
C SER E 86 -26.22 -11.53 -49.95
N THR E 87 -26.20 -12.79 -50.39
CA THR E 87 -26.88 -13.84 -49.66
C THR E 87 -26.15 -14.15 -48.36
N SER E 88 -26.91 -14.69 -47.40
CA SER E 88 -26.40 -14.86 -46.05
C SER E 88 -25.41 -16.01 -45.96
N LEU E 89 -24.58 -15.97 -44.91
CA LEU E 89 -23.71 -17.06 -44.54
C LEU E 89 -23.66 -16.94 -43.02
N PRO E 90 -24.06 -17.97 -42.29
CA PRO E 90 -24.05 -17.88 -40.82
C PRO E 90 -22.66 -18.11 -40.26
N VAL E 91 -22.57 -18.01 -38.93
CA VAL E 91 -21.27 -18.23 -38.31
C VAL E 91 -21.17 -19.71 -37.97
N GLU E 92 -19.95 -20.19 -37.76
CA GLU E 92 -19.71 -21.60 -37.51
C GLU E 92 -20.11 -21.98 -36.10
N ALA E 93 -21.17 -22.77 -35.96
CA ALA E 93 -21.47 -23.40 -34.68
C ALA E 93 -20.56 -24.58 -34.37
N ARG E 94 -19.84 -25.09 -35.37
CA ARG E 94 -18.86 -26.15 -35.16
C ARG E 94 -17.57 -25.64 -34.54
N VAL E 95 -17.39 -24.32 -34.45
CA VAL E 95 -16.29 -23.78 -33.67
C VAL E 95 -16.50 -24.04 -32.18
N ALA E 96 -17.77 -24.15 -31.77
CA ALA E 96 -18.07 -24.66 -30.43
C ALA E 96 -17.90 -26.17 -30.38
N LYS E 97 -18.70 -26.90 -31.17
CA LYS E 97 -18.63 -28.36 -31.24
C LYS E 97 -19.36 -28.80 -32.50
N VAL E 98 -18.93 -29.94 -33.07
CA VAL E 98 -19.65 -30.52 -34.19
C VAL E 98 -20.25 -31.86 -33.80
N ASP E 99 -19.40 -32.78 -33.34
CA ASP E 99 -19.82 -34.11 -32.95
C ASP E 99 -18.75 -34.71 -32.06
N LEU E 100 -19.12 -35.09 -30.84
CA LEU E 100 -18.19 -35.68 -29.90
C LEU E 100 -18.89 -36.81 -29.17
N ALA E 101 -18.11 -37.79 -28.72
CA ALA E 101 -18.66 -39.00 -28.11
C ALA E 101 -19.12 -38.71 -26.68
N LYS E 102 -19.66 -39.75 -26.05
CA LYS E 102 -20.18 -39.64 -24.69
C LYS E 102 -19.05 -39.53 -23.68
N ALA E 103 -19.40 -39.12 -22.46
CA ALA E 103 -18.42 -38.95 -21.39
C ALA E 103 -18.22 -40.25 -20.64
N THR E 104 -16.97 -40.53 -20.27
CA THR E 104 -16.61 -41.80 -19.62
C THR E 104 -16.31 -41.56 -18.16
N TRP E 105 -17.32 -41.77 -17.31
CA TRP E 105 -17.11 -41.65 -15.87
C TRP E 105 -18.09 -42.56 -15.15
N SER E 106 -17.71 -42.94 -13.95
CA SER E 106 -18.56 -43.63 -13.00
C SER E 106 -18.79 -42.69 -11.82
N PRO E 107 -19.91 -41.98 -11.78
CA PRO E 107 -20.08 -40.90 -10.80
C PRO E 107 -20.34 -41.43 -9.39
N LEU E 108 -19.37 -41.19 -8.51
CA LEU E 108 -19.26 -41.90 -7.25
C LEU E 108 -20.06 -41.21 -6.15
N ALA E 109 -19.99 -41.78 -4.95
CA ALA E 109 -20.95 -41.52 -3.90
C ALA E 109 -20.31 -41.59 -2.53
N PHE E 110 -20.75 -40.71 -1.63
CA PHE E 110 -20.30 -40.68 -0.25
C PHE E 110 -21.51 -40.78 0.68
N LYS E 111 -21.59 -41.87 1.42
CA LYS E 111 -22.63 -42.04 2.43
C LYS E 111 -22.00 -42.81 3.57
N GLU E 112 -22.29 -42.39 4.81
CA GLU E 112 -21.58 -42.91 5.96
C GLU E 112 -22.42 -42.64 7.20
N SER E 113 -22.34 -43.53 8.18
CA SER E 113 -23.31 -43.57 9.26
C SER E 113 -22.60 -43.75 10.60
N ARG E 114 -22.91 -42.89 11.56
CA ARG E 114 -22.35 -43.08 12.89
C ARG E 114 -23.24 -44.01 13.71
N VAL E 115 -22.69 -44.44 14.84
CA VAL E 115 -23.29 -45.50 15.65
C VAL E 115 -22.66 -45.44 17.04
N TRP E 116 -23.48 -45.68 18.06
CA TRP E 116 -22.99 -45.99 19.39
C TRP E 116 -23.95 -47.00 20.00
N ASP E 117 -23.43 -47.91 20.81
CA ASP E 117 -24.30 -48.77 21.58
C ASP E 117 -24.89 -48.02 22.77
N GLU E 118 -26.18 -48.27 23.01
CA GLU E 118 -26.85 -47.73 24.20
C GLU E 118 -26.34 -48.39 25.48
N LYS E 119 -25.55 -49.46 25.36
CA LYS E 119 -24.65 -49.87 26.44
C LYS E 119 -23.86 -48.67 26.96
N GLU E 120 -23.06 -48.06 26.10
CA GLU E 120 -22.23 -46.95 26.54
C GLU E 120 -23.04 -45.66 26.67
N ILE E 121 -24.13 -45.52 25.91
CA ILE E 121 -24.94 -44.32 26.02
C ILE E 121 -25.70 -44.30 27.33
N LEU E 122 -26.26 -45.44 27.72
CA LEU E 122 -26.90 -45.58 29.02
C LEU E 122 -25.88 -45.50 30.15
N TYR E 123 -24.65 -45.96 29.91
CA TYR E 123 -23.56 -45.74 30.85
C TYR E 123 -23.34 -44.25 31.09
N LEU E 124 -23.29 -43.46 30.02
CA LEU E 124 -23.09 -42.02 30.18
C LEU E 124 -24.35 -41.33 30.72
N GLY E 125 -25.52 -41.88 30.45
CA GLY E 125 -26.75 -41.27 30.94
C GLY E 125 -26.99 -41.54 32.42
N ARG E 126 -26.61 -42.71 32.90
CA ARG E 126 -26.62 -42.98 34.33
C ARG E 126 -25.47 -42.29 35.04
N LEU E 127 -24.37 -42.01 34.33
CA LEU E 127 -23.31 -41.19 34.90
C LEU E 127 -23.80 -39.75 35.09
N ALA E 128 -24.28 -39.12 34.02
CA ALA E 128 -24.87 -37.80 34.11
C ALA E 128 -26.40 -37.91 34.16
N ASP E 129 -26.88 -38.31 35.33
CA ASP E 129 -28.32 -38.50 35.52
C ASP E 129 -29.09 -37.20 35.63
N GLU E 130 -28.46 -36.14 36.13
CA GLU E 130 -29.15 -34.87 36.32
C GLU E 130 -29.33 -34.13 35.00
N VAL E 131 -28.26 -34.01 34.22
CA VAL E 131 -28.27 -33.33 32.94
C VAL E 131 -27.77 -34.31 31.88
N GLN E 132 -28.69 -35.05 31.29
CA GLN E 132 -28.30 -36.09 30.33
C GLN E 132 -28.44 -35.63 28.88
N ALA E 133 -29.56 -34.98 28.55
CA ALA E 133 -29.85 -34.65 27.16
C ALA E 133 -28.91 -33.58 26.63
N GLY E 134 -28.42 -32.70 27.50
CA GLY E 134 -27.41 -31.74 27.08
C GLY E 134 -26.10 -32.41 26.72
N VAL E 135 -25.69 -33.43 27.50
CA VAL E 135 -24.48 -34.17 27.18
C VAL E 135 -24.64 -35.00 25.91
N ILE E 136 -25.82 -35.56 25.69
CA ILE E 136 -26.09 -36.30 24.47
C ILE E 136 -26.06 -35.37 23.25
N ASN E 137 -26.64 -34.18 23.38
CA ASN E 137 -26.63 -33.22 22.28
C ASN E 137 -25.23 -32.69 22.03
N GLU E 138 -24.43 -32.56 23.10
CA GLU E 138 -23.03 -32.18 22.93
C GLU E 138 -22.24 -33.25 22.20
N GLN E 139 -22.48 -34.52 22.52
CA GLN E 139 -21.83 -35.60 21.80
C GLN E 139 -22.27 -35.63 20.34
N ILE E 140 -23.54 -35.32 20.09
CA ILE E 140 -24.05 -35.16 18.74
C ILE E 140 -23.31 -34.05 17.99
N ALA E 141 -23.13 -32.90 18.64
CA ALA E 141 -22.47 -31.77 17.99
C ALA E 141 -21.00 -32.08 17.68
N GLU E 142 -20.30 -32.68 18.64
CA GLU E 142 -18.93 -33.17 18.44
C GLU E 142 -18.85 -34.13 17.26
N SER E 143 -19.73 -35.11 17.22
CA SER E 143 -19.63 -36.16 16.22
C SER E 143 -20.02 -35.64 14.84
N LEU E 144 -21.01 -34.76 14.77
CA LEU E 144 -21.40 -34.15 13.49
C LEU E 144 -20.32 -33.24 12.96
N THR E 145 -19.64 -32.50 13.83
CA THR E 145 -18.55 -31.65 13.37
C THR E 145 -17.37 -32.50 12.89
N TRP E 146 -17.11 -33.61 13.58
CA TRP E 146 -16.07 -34.53 13.11
C TRP E 146 -16.44 -35.14 11.76
N LEU E 147 -17.72 -35.45 11.56
CA LEU E 147 -18.20 -35.99 10.29
C LEU E 147 -18.11 -34.98 9.16
N MET E 148 -18.44 -33.72 9.45
CA MET E 148 -18.27 -32.66 8.46
C MET E 148 -16.80 -32.47 8.11
N ALA E 149 -15.91 -32.65 9.08
CA ALA E 149 -14.48 -32.60 8.79
C ALA E 149 -14.07 -33.74 7.88
N ARG E 150 -14.63 -34.94 8.11
CA ARG E 150 -14.38 -36.09 7.24
C ARG E 150 -14.79 -35.80 5.81
N MET E 151 -16.01 -35.30 5.60
CA MET E 151 -16.50 -35.08 4.25
C MET E 151 -15.81 -33.89 3.58
N ARG E 152 -15.51 -32.85 4.35
CA ARG E 152 -14.85 -31.67 3.82
C ARG E 152 -13.44 -32.00 3.35
N ASN E 153 -12.64 -32.64 4.20
CA ASN E 153 -11.32 -33.02 3.74
C ASN E 153 -11.35 -34.21 2.80
N ARG E 154 -12.47 -34.94 2.73
CA ARG E 154 -12.64 -35.91 1.65
C ARG E 154 -12.73 -35.24 0.29
N ARG E 155 -13.59 -34.22 0.17
CA ARG E 155 -13.70 -33.49 -1.08
C ARG E 155 -12.39 -32.78 -1.41
N ARG E 156 -11.72 -32.26 -0.38
CA ARG E 156 -10.38 -31.72 -0.54
C ARG E 156 -9.40 -32.77 -1.06
N TRP E 157 -9.52 -34.01 -0.60
CA TRP E 157 -8.60 -35.03 -1.07
C TRP E 157 -8.91 -35.44 -2.50
N LEU E 158 -10.20 -35.44 -2.85
CA LEU E 158 -10.61 -35.69 -4.23
C LEU E 158 -9.97 -34.69 -5.18
N THR E 159 -10.21 -33.40 -4.91
CA THR E 159 -9.69 -32.36 -5.77
C THR E 159 -8.17 -32.34 -5.77
N TRP E 160 -7.57 -32.55 -4.61
CA TRP E 160 -6.13 -32.45 -4.52
C TRP E 160 -5.46 -33.61 -5.23
N GLN E 161 -6.03 -34.81 -5.10
CA GLN E 161 -5.47 -35.98 -5.75
C GLN E 161 -5.64 -35.88 -7.26
N VAL E 162 -6.78 -35.35 -7.72
CA VAL E 162 -6.99 -35.27 -9.16
C VAL E 162 -6.18 -34.12 -9.76
N MET E 163 -5.77 -33.14 -8.96
CA MET E 163 -4.93 -32.07 -9.49
C MET E 163 -3.45 -32.34 -9.32
N ARG E 164 -3.05 -33.27 -8.46
CA ARG E 164 -1.64 -33.52 -8.27
C ARG E 164 -1.14 -34.72 -9.04
N THR E 165 -2.03 -35.51 -9.62
CA THR E 165 -1.65 -36.70 -10.36
C THR E 165 -2.34 -36.73 -11.71
N GLY E 166 -3.45 -36.03 -11.82
CA GLY E 166 -4.19 -35.95 -13.07
C GLY E 166 -5.46 -36.75 -13.10
N ARG E 167 -5.80 -37.45 -12.02
CA ARG E 167 -6.83 -38.48 -12.12
C ARG E 167 -7.32 -38.85 -10.72
N ILE E 168 -8.59 -39.24 -10.66
CA ILE E 168 -9.13 -39.93 -9.51
C ILE E 168 -8.55 -41.35 -9.55
N THR E 169 -7.77 -41.69 -8.53
CA THR E 169 -7.14 -43.00 -8.43
C THR E 169 -7.39 -43.60 -7.05
N ILE E 170 -7.96 -44.80 -7.03
CA ILE E 170 -8.42 -45.46 -5.81
C ILE E 170 -7.96 -46.91 -5.88
N GLN E 171 -7.43 -47.41 -4.77
CA GLN E 171 -7.13 -48.82 -4.58
C GLN E 171 -7.83 -49.33 -3.32
N PRO E 172 -7.97 -50.65 -3.13
CA PRO E 172 -8.48 -51.17 -1.85
C PRO E 172 -7.59 -50.89 -0.65
N ASN E 173 -6.30 -50.62 -0.86
CA ASN E 173 -5.36 -50.38 0.23
C ASN E 173 -5.47 -48.98 0.80
N ASP E 174 -6.39 -48.16 0.32
CA ASP E 174 -6.59 -46.84 0.89
C ASP E 174 -7.20 -46.96 2.27
N PRO E 175 -6.61 -46.33 3.28
CA PRO E 175 -7.29 -46.23 4.59
C PRO E 175 -8.61 -45.50 4.53
N TYR E 176 -8.80 -44.60 3.58
CA TYR E 176 -10.09 -43.93 3.41
C TYR E 176 -11.18 -44.91 3.01
N ASN E 177 -10.83 -46.00 2.35
CA ASN E 177 -11.81 -46.94 1.81
C ASN E 177 -11.69 -48.28 2.53
N PRO E 178 -12.58 -48.59 3.47
CA PRO E 178 -12.51 -49.89 4.13
C PRO E 178 -13.15 -51.02 3.34
N ASN E 179 -14.13 -50.71 2.49
CA ASN E 179 -14.76 -51.72 1.64
C ASN E 179 -13.76 -52.34 0.67
N GLY E 180 -12.84 -51.53 0.17
CA GLY E 180 -11.92 -51.97 -0.84
C GLY E 180 -12.33 -51.68 -2.26
N LEU E 181 -13.44 -50.97 -2.45
CA LEU E 181 -13.97 -50.70 -3.77
C LEU E 181 -13.07 -49.71 -4.50
N LYS E 182 -12.37 -50.16 -5.53
CA LYS E 182 -11.51 -49.27 -6.29
C LYS E 182 -12.28 -48.60 -7.42
N TYR E 183 -11.87 -47.37 -7.73
CA TYR E 183 -12.49 -46.57 -8.79
C TYR E 183 -11.42 -45.66 -9.36
N VAL E 184 -10.94 -45.97 -10.57
CA VAL E 184 -9.90 -45.17 -11.22
C VAL E 184 -10.51 -44.54 -12.48
N ILE E 185 -10.50 -43.21 -12.53
CA ILE E 185 -10.97 -42.46 -13.69
C ILE E 185 -9.91 -41.42 -14.01
N ASP E 186 -9.48 -41.37 -15.27
CA ASP E 186 -8.42 -40.48 -15.70
C ASP E 186 -9.00 -39.34 -16.53
N TYR E 187 -8.23 -38.28 -16.70
CA TYR E 187 -8.67 -37.08 -17.39
C TYR E 187 -7.82 -36.69 -18.57
N GLY E 188 -6.64 -37.30 -18.73
CA GLY E 188 -5.90 -37.15 -19.97
C GLY E 188 -5.33 -35.78 -20.23
N VAL E 189 -5.00 -35.04 -19.18
CA VAL E 189 -4.16 -33.86 -19.32
C VAL E 189 -2.81 -34.36 -19.81
N THR E 190 -2.33 -33.75 -20.90
CA THR E 190 -1.21 -34.31 -21.67
C THR E 190 0.07 -34.27 -20.86
N ASP E 191 0.50 -33.09 -20.45
CA ASP E 191 1.63 -32.95 -19.55
C ASP E 191 1.07 -32.63 -18.17
N ILE E 192 1.12 -33.62 -17.28
CA ILE E 192 0.84 -33.34 -15.88
C ILE E 192 2.10 -33.04 -15.11
N GLU E 193 3.26 -33.22 -15.71
CA GLU E 193 4.51 -33.03 -15.01
C GLU E 193 5.49 -32.24 -15.85
N LEU E 194 6.69 -32.09 -15.30
CA LEU E 194 7.76 -31.31 -15.91
C LEU E 194 9.06 -32.08 -15.83
N PRO E 195 9.97 -31.89 -16.76
CA PRO E 195 11.26 -32.57 -16.67
C PRO E 195 12.17 -31.90 -15.66
N LEU E 196 13.02 -32.71 -15.03
CA LEU E 196 14.05 -32.20 -14.14
C LEU E 196 15.33 -32.93 -14.51
N PRO E 197 16.36 -32.21 -14.99
CA PRO E 197 17.62 -32.89 -15.31
C PRO E 197 18.29 -33.44 -14.07
N GLN E 198 18.27 -32.67 -12.99
CA GLN E 198 18.66 -33.12 -11.67
C GLN E 198 17.94 -32.24 -10.67
N LYS E 199 18.31 -32.41 -9.41
CA LYS E 199 17.81 -31.49 -8.41
C LYS E 199 18.61 -30.19 -8.45
N PHE E 200 17.94 -29.08 -8.10
CA PHE E 200 18.60 -27.79 -8.10
C PHE E 200 19.65 -27.71 -6.99
N ASP E 201 19.38 -28.35 -5.86
CA ASP E 201 20.38 -28.51 -4.80
C ASP E 201 21.28 -29.72 -5.05
N ALA E 202 21.89 -29.79 -6.23
CA ALA E 202 22.87 -30.81 -6.52
C ALA E 202 24.24 -30.25 -6.19
N LYS E 203 24.73 -30.54 -5.00
CA LYS E 203 25.96 -29.97 -4.50
C LYS E 203 27.15 -30.60 -5.21
N ASP E 204 28.00 -29.76 -5.78
CA ASP E 204 28.98 -30.16 -6.76
C ASP E 204 30.19 -29.24 -6.72
N GLY E 205 31.31 -29.74 -7.20
CA GLY E 205 32.58 -29.06 -6.96
C GLY E 205 32.90 -29.17 -5.50
N ASN E 206 32.89 -28.04 -4.80
CA ASN E 206 32.80 -28.09 -3.35
C ASN E 206 31.35 -28.35 -2.91
N GLY E 207 30.44 -27.44 -3.25
CA GLY E 207 29.01 -27.65 -3.15
C GLY E 207 28.34 -26.41 -3.70
N ASN E 208 27.49 -26.59 -4.70
CA ASN E 208 26.84 -25.46 -5.35
C ASN E 208 25.45 -25.89 -5.79
N SER E 209 24.68 -24.95 -6.31
CA SER E 209 23.56 -25.31 -7.15
C SER E 209 24.11 -25.62 -8.53
N ALA E 210 23.60 -26.69 -9.13
CA ALA E 210 23.98 -27.00 -10.50
C ALA E 210 23.19 -26.11 -11.46
N VAL E 211 22.08 -25.57 -10.97
CA VAL E 211 21.10 -24.89 -11.82
C VAL E 211 20.25 -23.96 -10.96
N ASP E 212 20.01 -22.76 -11.46
CA ASP E 212 19.23 -21.73 -10.80
C ASP E 212 17.73 -21.96 -11.02
N PRO E 213 16.90 -21.96 -9.97
CA PRO E 213 15.45 -22.11 -10.19
C PRO E 213 14.78 -20.92 -10.85
N ILE E 214 15.17 -19.69 -10.51
CA ILE E 214 14.49 -18.55 -11.12
C ILE E 214 14.89 -18.45 -12.60
N GLN E 215 16.12 -18.82 -12.92
CA GLN E 215 16.54 -18.87 -14.32
C GLN E 215 15.78 -19.94 -15.07
N TYR E 216 15.47 -21.05 -14.40
CA TYR E 216 14.63 -22.08 -14.99
C TYR E 216 13.21 -21.60 -15.24
N PHE E 217 12.65 -20.81 -14.33
CA PHE E 217 11.28 -20.36 -14.56
C PHE E 217 11.23 -19.27 -15.61
N ARG E 218 12.29 -18.47 -15.71
CA ARG E 218 12.41 -17.57 -16.84
C ARG E 218 12.58 -18.33 -18.14
N ASP E 219 13.22 -19.50 -18.09
CA ASP E 219 13.26 -20.34 -19.29
C ASP E 219 11.89 -20.88 -19.65
N LEU E 220 11.05 -21.16 -18.65
CA LEU E 220 9.67 -21.54 -18.94
C LEU E 220 8.90 -20.42 -19.60
N ILE E 221 9.07 -19.19 -19.11
CA ILE E 221 8.46 -18.02 -19.72
C ILE E 221 8.98 -17.84 -21.16
N LYS E 222 10.29 -18.02 -21.34
CA LYS E 222 10.93 -17.89 -22.64
C LYS E 222 10.39 -18.89 -23.65
N ALA E 223 10.30 -20.16 -23.26
CA ALA E 223 9.79 -21.17 -24.18
C ALA E 223 8.30 -20.97 -24.43
N ALA E 224 7.57 -20.45 -23.46
CA ALA E 224 6.17 -20.13 -23.67
C ALA E 224 5.96 -18.71 -24.11
N THR E 225 6.96 -18.07 -24.74
CA THR E 225 6.74 -16.83 -25.47
C THR E 225 5.54 -16.91 -26.42
N TYR E 226 5.52 -17.92 -27.28
CA TYR E 226 4.41 -18.06 -28.22
C TYR E 226 3.20 -18.68 -27.54
N PHE E 227 3.41 -19.37 -26.43
CA PHE E 227 2.36 -20.20 -25.84
C PHE E 227 1.78 -19.51 -24.63
N PRO E 228 0.58 -18.95 -24.71
CA PRO E 228 -0.02 -18.29 -23.55
C PRO E 228 -0.41 -19.24 -22.42
N ASP E 229 -0.68 -20.49 -22.73
CA ASP E 229 -1.11 -21.42 -21.70
C ASP E 229 0.00 -22.37 -21.27
N ARG E 230 1.25 -21.91 -21.28
CA ARG E 230 2.38 -22.65 -20.76
C ARG E 230 3.28 -21.79 -19.88
N ARG E 231 3.07 -20.48 -19.89
CA ARG E 231 3.94 -19.58 -19.15
C ARG E 231 3.54 -19.56 -17.69
N PRO E 232 4.45 -19.81 -16.76
CA PRO E 232 4.09 -20.07 -15.35
C PRO E 232 3.43 -18.87 -14.68
N VAL E 233 2.16 -19.03 -14.35
CA VAL E 233 1.31 -17.95 -13.85
C VAL E 233 1.38 -17.84 -12.34
N ALA E 234 1.07 -18.91 -11.63
CA ALA E 234 1.18 -18.97 -10.18
C ALA E 234 1.78 -20.29 -9.76
N ILE E 235 2.33 -20.31 -8.54
CA ILE E 235 2.95 -21.52 -8.03
C ILE E 235 2.30 -21.82 -6.69
N ILE E 236 2.22 -23.10 -6.36
CA ILE E 236 1.56 -23.55 -5.13
C ILE E 236 2.42 -24.66 -4.53
N VAL E 237 2.91 -24.42 -3.32
CA VAL E 237 3.49 -25.46 -2.47
C VAL E 237 3.34 -25.04 -1.02
N GLY E 238 2.72 -25.90 -0.22
CA GLY E 238 2.38 -25.61 1.16
C GLY E 238 3.51 -25.67 2.17
N PRO E 239 4.09 -26.85 2.40
CA PRO E 239 5.12 -26.97 3.43
C PRO E 239 6.49 -26.49 3.03
N GLY E 240 7.47 -26.80 3.87
CA GLY E 240 8.80 -26.23 3.76
C GLY E 240 9.52 -26.73 2.54
N PHE E 241 9.84 -25.82 1.62
CA PHE E 241 10.61 -26.08 0.42
C PHE E 241 11.70 -25.03 0.27
N ASP E 242 11.52 -23.91 0.95
CA ASP E 242 12.36 -22.72 0.96
C ASP E 242 13.83 -23.01 1.23
N GLU E 243 14.11 -24.02 2.03
CA GLU E 243 15.47 -24.27 2.47
C GLU E 243 16.33 -24.75 1.31
N VAL E 244 15.72 -25.42 0.33
CA VAL E 244 16.41 -25.76 -0.89
C VAL E 244 16.81 -24.51 -1.64
N LEU E 245 15.91 -23.53 -1.69
CA LEU E 245 16.21 -22.25 -2.31
C LEU E 245 17.30 -21.52 -1.54
N ALA E 246 17.34 -21.71 -0.22
CA ALA E 246 18.43 -21.16 0.56
C ALA E 246 19.73 -21.91 0.31
N ASP E 247 19.64 -23.16 -0.17
CA ASP E 247 20.86 -23.91 -0.45
C ASP E 247 21.42 -23.59 -1.83
N ASN E 248 20.59 -23.13 -2.74
CA ASN E 248 21.01 -22.93 -4.12
C ASN E 248 21.92 -21.72 -4.24
N THR E 249 23.17 -21.95 -4.60
CA THR E 249 24.19 -20.91 -4.54
C THR E 249 23.96 -19.77 -5.53
N PHE E 250 23.15 -19.99 -6.56
CA PHE E 250 22.75 -18.87 -7.41
C PHE E 250 21.78 -17.97 -6.66
N VAL E 251 20.80 -18.57 -5.99
CA VAL E 251 19.86 -17.80 -5.17
C VAL E 251 20.60 -17.14 -4.02
N GLN E 252 21.61 -17.83 -3.49
CA GLN E 252 22.47 -17.26 -2.45
C GLN E 252 23.21 -16.05 -2.95
N LYS E 253 23.79 -16.13 -4.14
CA LYS E 253 24.52 -15.01 -4.71
C LYS E 253 23.58 -13.87 -5.08
N TYR E 254 22.32 -14.17 -5.35
CA TYR E 254 21.42 -13.08 -5.70
C TYR E 254 20.96 -12.37 -4.43
N VAL E 255 20.87 -13.10 -3.32
CA VAL E 255 20.67 -12.45 -2.03
C VAL E 255 21.90 -11.67 -1.63
N GLU E 256 23.09 -12.15 -1.99
CA GLU E 256 24.35 -11.41 -1.79
C GLU E 256 24.30 -10.06 -2.48
N TYR E 257 23.96 -10.05 -3.77
CA TYR E 257 23.85 -8.78 -4.48
C TYR E 257 22.60 -8.01 -4.11
N GLU E 258 21.64 -8.65 -3.45
CA GLU E 258 20.48 -7.92 -2.97
C GLU E 258 20.86 -6.96 -1.84
N LYS E 259 21.72 -7.39 -0.93
CA LYS E 259 22.23 -6.49 0.07
C LYS E 259 23.60 -5.93 -0.31
N GLY E 260 24.03 -6.14 -1.55
CA GLY E 260 25.28 -5.57 -2.01
C GLY E 260 26.51 -6.23 -1.40
N TRP E 261 26.50 -7.56 -1.32
CA TRP E 261 27.55 -8.29 -0.62
C TRP E 261 28.32 -9.15 -1.60
N VAL E 262 29.64 -9.18 -1.43
CA VAL E 262 30.51 -10.11 -2.14
C VAL E 262 30.85 -11.24 -1.18
N VAL E 263 30.80 -12.48 -1.66
CA VAL E 263 31.11 -13.64 -0.84
C VAL E 263 32.56 -13.68 -0.38
N GLY E 264 33.45 -12.94 -1.03
CA GLY E 264 34.81 -12.87 -0.56
C GLY E 264 35.10 -11.58 0.17
N GLN E 265 34.62 -10.46 -0.36
CA GLN E 265 35.03 -9.15 0.10
C GLN E 265 34.07 -8.54 1.13
N ASN E 266 32.81 -8.31 0.74
CA ASN E 266 31.90 -7.58 1.62
C ASN E 266 31.42 -8.44 2.78
N THR E 267 30.84 -9.59 2.47
CA THR E 267 30.26 -10.47 3.49
C THR E 267 30.63 -11.91 3.18
N VAL E 268 31.49 -12.49 4.02
CA VAL E 268 32.09 -13.79 3.73
C VAL E 268 31.04 -14.89 3.83
N GLN E 269 30.28 -14.91 4.90
CA GLN E 269 29.26 -15.94 5.08
C GLN E 269 28.13 -15.42 5.93
N PRO E 270 27.00 -15.07 5.31
CA PRO E 270 25.76 -14.93 6.06
C PRO E 270 25.29 -16.28 6.58
N PRO E 271 24.35 -16.31 7.51
CA PRO E 271 23.81 -17.60 7.91
C PRO E 271 22.96 -18.27 6.85
N ARG E 272 22.53 -19.48 7.20
CA ARG E 272 21.42 -20.08 6.51
C ARG E 272 20.14 -19.26 6.63
N GLU E 273 19.97 -18.52 7.74
CA GLU E 273 18.67 -17.96 8.03
C GLU E 273 18.47 -16.60 7.39
N VAL E 274 19.54 -15.88 7.07
CA VAL E 274 19.42 -14.71 6.21
C VAL E 274 18.89 -15.11 4.84
N TYR E 275 19.48 -16.15 4.26
CA TYR E 275 19.04 -16.65 2.98
C TYR E 275 17.65 -17.22 3.07
N ARG E 276 17.36 -17.89 4.19
CA ARG E 276 16.04 -18.46 4.44
C ARG E 276 14.98 -17.39 4.56
N GLN E 277 15.32 -16.26 5.16
CA GLN E 277 14.36 -15.19 5.27
C GLN E 277 14.17 -14.48 3.94
N ALA E 278 15.23 -14.39 3.14
CA ALA E 278 15.18 -13.63 1.91
C ALA E 278 14.73 -14.44 0.71
N ALA E 279 14.62 -15.77 0.84
CA ALA E 279 14.49 -16.64 -0.33
C ALA E 279 13.14 -16.47 -1.03
N LEU E 280 12.04 -16.55 -0.28
CA LEU E 280 10.71 -16.41 -0.85
C LEU E 280 10.52 -15.03 -1.48
N ASP E 281 11.04 -13.99 -0.84
CA ASP E 281 10.86 -12.66 -1.37
C ASP E 281 11.67 -12.47 -2.65
N ILE E 282 12.94 -12.92 -2.66
CA ILE E 282 13.75 -12.70 -3.85
C ILE E 282 13.27 -13.58 -4.99
N PHE E 283 12.68 -14.73 -4.66
CA PHE E 283 12.06 -15.59 -5.66
C PHE E 283 10.84 -14.94 -6.25
N LYS E 284 9.97 -14.41 -5.39
CA LYS E 284 8.73 -13.76 -5.84
C LYS E 284 9.03 -12.49 -6.62
N ARG E 285 10.16 -11.85 -6.37
CA ARG E 285 10.50 -10.70 -7.20
C ARG E 285 11.07 -11.11 -8.53
N TYR E 286 12.07 -12.00 -8.54
CA TYR E 286 12.78 -12.27 -9.79
C TYR E 286 11.94 -13.07 -10.77
N THR E 287 11.13 -14.00 -10.27
CA THR E 287 10.28 -14.71 -11.21
C THR E 287 9.02 -13.90 -11.50
N GLY E 288 8.48 -13.24 -10.50
CA GLY E 288 7.34 -12.38 -10.69
C GLY E 288 6.00 -13.07 -10.69
N LEU E 289 5.93 -14.31 -10.21
CA LEU E 289 4.66 -14.98 -10.01
C LEU E 289 4.33 -15.08 -8.53
N GLU E 290 3.06 -15.31 -8.25
CA GLU E 290 2.60 -15.48 -6.87
C GLU E 290 3.14 -16.78 -6.30
N VAL E 291 3.47 -16.78 -5.02
CA VAL E 291 3.79 -17.99 -4.30
C VAL E 291 2.73 -18.16 -3.21
N MET E 292 2.02 -19.29 -3.22
CA MET E 292 0.96 -19.53 -2.28
C MET E 292 1.29 -20.79 -1.48
N VAL E 293 1.24 -20.68 -0.16
CA VAL E 293 1.72 -21.72 0.74
C VAL E 293 0.52 -22.30 1.48
N TYR E 294 -0.10 -23.32 0.90
CA TYR E 294 -1.34 -23.89 1.41
C TYR E 294 -1.17 -25.38 1.65
N ASP E 295 -1.03 -25.74 2.92
CA ASP E 295 -1.02 -27.12 3.36
C ASP E 295 -1.84 -27.24 4.63
N LYS E 296 -2.34 -28.46 4.87
CA LYS E 296 -3.17 -28.76 6.02
C LYS E 296 -2.75 -30.12 6.55
N THR E 297 -3.59 -30.71 7.40
CA THR E 297 -3.28 -31.96 8.06
C THR E 297 -4.46 -32.89 7.85
N TYR E 298 -4.18 -34.14 7.54
CA TYR E 298 -5.19 -35.15 7.37
C TYR E 298 -4.80 -36.39 8.18
N ARG E 299 -5.80 -37.11 8.66
CA ARG E 299 -5.53 -38.28 9.49
C ARG E 299 -5.98 -39.54 8.77
N ASP E 300 -5.05 -40.21 8.13
CA ASP E 300 -5.27 -41.55 7.63
C ASP E 300 -5.39 -42.53 8.79
N GLN E 301 -5.72 -43.78 8.45
CA GLN E 301 -5.81 -44.80 9.49
C GLN E 301 -4.42 -45.21 10.00
N ASP E 302 -3.37 -44.85 9.25
CA ASP E 302 -2.01 -45.13 9.68
C ASP E 302 -1.60 -44.30 10.89
N GLY E 303 -2.34 -43.24 11.18
CA GLY E 303 -2.10 -42.41 12.34
C GLY E 303 -1.06 -41.32 12.14
N SER E 304 -0.36 -41.32 11.01
CA SER E 304 0.70 -40.36 10.80
C SER E 304 0.19 -39.09 10.16
N VAL E 305 0.92 -38.00 10.38
CA VAL E 305 0.65 -36.71 9.76
C VAL E 305 1.52 -36.62 8.53
N LYS E 306 0.89 -36.47 7.38
CA LYS E 306 1.59 -35.99 6.21
C LYS E 306 0.82 -34.81 5.64
N TYR E 307 1.32 -34.28 4.54
CA TYR E 307 0.81 -33.05 3.97
C TYR E 307 0.33 -33.30 2.55
N TRP E 308 -0.46 -32.35 2.06
CA TRP E 308 -1.00 -32.43 0.70
C TRP E 308 0.08 -32.40 -0.35
N ILE E 309 0.77 -31.28 -0.49
CA ILE E 309 2.09 -31.35 -1.13
C ILE E 309 3.02 -32.16 -0.23
N PRO E 310 3.77 -33.08 -0.76
CA PRO E 310 4.70 -33.83 0.06
C PRO E 310 5.93 -33.02 0.40
N VAL E 311 6.96 -33.68 0.93
CA VAL E 311 8.30 -33.13 0.90
C VAL E 311 8.80 -33.14 -0.54
N GLY E 312 8.19 -33.97 -1.39
CA GLY E 312 8.19 -33.75 -2.82
C GLY E 312 7.72 -32.35 -3.16
N GLU E 313 8.28 -31.83 -4.26
CA GLU E 313 8.74 -30.46 -4.22
C GLU E 313 7.62 -29.45 -4.45
N LEU E 314 6.99 -29.41 -5.63
CA LEU E 314 5.89 -28.45 -5.84
C LEU E 314 4.99 -28.82 -7.00
N ILE E 315 3.90 -28.05 -7.12
CA ILE E 315 3.07 -27.94 -8.33
C ILE E 315 3.12 -26.49 -8.78
N VAL E 316 2.72 -26.25 -10.04
CA VAL E 316 2.78 -24.92 -10.64
C VAL E 316 1.69 -24.79 -11.71
N LEU E 317 0.99 -23.65 -11.69
CA LEU E 317 0.01 -23.32 -12.71
C LEU E 317 0.66 -22.43 -13.76
N ASN E 318 0.20 -22.54 -14.99
CA ASN E 318 0.77 -21.78 -16.09
C ASN E 318 -0.22 -21.25 -17.11
N GLN E 319 -1.52 -21.32 -16.85
CA GLN E 319 -2.46 -20.75 -17.79
C GLN E 319 -3.01 -19.43 -17.27
N SER E 320 -3.62 -19.47 -16.10
CA SER E 320 -4.15 -18.28 -15.46
C SER E 320 -4.25 -18.55 -13.98
N THR E 321 -4.99 -17.69 -13.28
CA THR E 321 -5.35 -17.91 -11.90
C THR E 321 -6.85 -17.67 -11.77
N GLY E 322 -7.59 -18.74 -11.53
CA GLY E 322 -9.03 -18.65 -11.47
C GLY E 322 -9.67 -19.98 -11.20
N PRO E 323 -11.01 -20.02 -11.16
CA PRO E 323 -11.70 -21.22 -10.69
C PRO E 323 -11.68 -22.33 -11.73
N VAL E 324 -10.56 -23.05 -11.78
CA VAL E 324 -10.46 -24.29 -12.52
C VAL E 324 -11.35 -25.33 -11.86
N GLY E 325 -12.34 -25.81 -12.61
CA GLY E 325 -13.22 -26.83 -12.13
C GLY E 325 -14.47 -26.34 -11.40
N ARG E 326 -15.13 -27.31 -10.77
CA ARG E 326 -16.44 -27.13 -10.18
C ARG E 326 -16.71 -28.36 -9.31
N PHE E 327 -17.45 -28.19 -8.21
CA PHE E 327 -18.07 -29.37 -7.61
C PHE E 327 -19.52 -29.45 -8.04
N VAL E 328 -19.93 -30.65 -8.45
CA VAL E 328 -21.30 -30.90 -8.86
C VAL E 328 -21.93 -31.84 -7.85
N TYR E 329 -23.15 -31.54 -7.43
CA TYR E 329 -23.86 -32.34 -6.45
C TYR E 329 -24.78 -33.32 -7.15
N THR E 330 -24.46 -34.60 -7.07
CA THR E 330 -25.42 -35.64 -7.42
C THR E 330 -26.52 -35.69 -6.37
N ALA E 331 -27.77 -35.69 -6.82
CA ALA E 331 -28.90 -35.66 -5.90
C ALA E 331 -29.00 -36.94 -5.09
N HIS E 332 -29.56 -36.82 -3.90
CA HIS E 332 -29.86 -37.95 -3.04
C HIS E 332 -31.30 -38.38 -3.25
N VAL E 333 -31.57 -39.65 -2.94
CA VAL E 333 -32.94 -40.15 -2.90
C VAL E 333 -33.70 -39.42 -1.79
N ALA E 334 -34.99 -39.22 -2.00
CA ALA E 334 -35.89 -38.67 -0.99
C ALA E 334 -37.04 -39.65 -0.86
N GLY E 335 -38.01 -39.32 0.02
CA GLY E 335 -39.23 -40.10 0.08
C GLY E 335 -40.02 -40.03 -1.21
N GLN E 336 -40.97 -40.97 -1.35
CA GLN E 336 -41.79 -41.19 -2.56
C GLN E 336 -42.36 -39.90 -3.14
N ARG E 337 -43.22 -39.21 -2.38
CA ARG E 337 -43.11 -37.82 -1.97
C ARG E 337 -44.37 -37.48 -1.19
N ASN E 338 -44.25 -36.61 -0.18
CA ASN E 338 -45.44 -36.05 0.45
C ASN E 338 -46.23 -35.20 -0.52
N GLY E 339 -45.55 -34.45 -1.37
CA GLY E 339 -46.19 -33.68 -2.43
C GLY E 339 -45.68 -34.07 -3.80
N LYS E 340 -45.09 -33.12 -4.53
CA LYS E 340 -44.53 -33.36 -5.84
C LYS E 340 -43.05 -33.64 -5.74
N VAL E 341 -42.57 -34.52 -6.62
CA VAL E 341 -41.21 -35.04 -6.51
C VAL E 341 -40.22 -34.00 -7.01
N VAL E 342 -39.02 -34.02 -6.42
CA VAL E 342 -37.91 -33.19 -6.86
C VAL E 342 -36.64 -33.86 -6.37
N TYR E 343 -35.51 -33.47 -6.96
CA TYR E 343 -34.22 -33.98 -6.55
C TYR E 343 -33.82 -33.44 -5.18
N ALA E 344 -32.86 -34.09 -4.55
CA ALA E 344 -32.30 -33.56 -3.31
C ALA E 344 -31.18 -32.59 -3.63
N THR E 345 -31.15 -31.48 -2.89
CA THR E 345 -30.38 -30.30 -3.26
C THR E 345 -28.99 -30.27 -2.65
N GLY E 346 -28.89 -30.53 -1.34
CA GLY E 346 -27.63 -30.44 -0.66
C GLY E 346 -27.29 -31.71 0.07
N PRO E 347 -26.12 -31.74 0.72
CA PRO E 347 -25.77 -32.86 1.59
C PRO E 347 -26.77 -33.04 2.73
N TYR E 348 -27.03 -34.30 3.03
CA TYR E 348 -28.21 -34.77 3.72
C TYR E 348 -27.84 -35.33 5.08
N LEU E 349 -28.85 -35.42 5.95
CA LEU E 349 -28.65 -35.88 7.32
C LEU E 349 -29.99 -36.22 7.94
N THR E 350 -30.10 -37.42 8.52
CA THR E 350 -31.22 -37.77 9.39
C THR E 350 -30.75 -38.83 10.39
N VAL E 351 -31.59 -39.09 11.39
CA VAL E 351 -31.23 -39.94 12.52
C VAL E 351 -31.78 -41.33 12.30
N LYS E 352 -31.26 -42.30 13.08
CA LYS E 352 -31.65 -43.72 13.00
C LYS E 352 -31.79 -44.30 14.40
N ASP E 353 -33.01 -44.72 14.73
CA ASP E 353 -33.27 -45.37 16.02
C ASP E 353 -33.31 -46.88 15.83
N HIS E 354 -32.16 -47.52 15.99
CA HIS E 354 -32.06 -48.97 15.87
C HIS E 354 -32.02 -49.67 17.22
N LEU E 355 -32.65 -49.10 18.23
CA LEU E 355 -32.69 -49.75 19.53
C LEU E 355 -33.65 -50.93 19.57
N GLN E 356 -34.52 -51.06 18.57
CA GLN E 356 -35.46 -52.17 18.48
C GLN E 356 -34.77 -53.48 18.10
N ASP E 357 -33.57 -53.40 17.54
CA ASP E 357 -33.07 -54.51 16.74
C ASP E 357 -32.20 -55.43 17.59
N ASP E 358 -31.59 -56.44 16.93
CA ASP E 358 -30.89 -57.49 17.67
C ASP E 358 -29.56 -56.97 18.22
N PRO E 359 -28.78 -56.16 17.52
CA PRO E 359 -27.97 -55.17 18.23
C PRO E 359 -28.73 -53.86 18.35
N PRO E 360 -28.89 -53.33 19.55
CA PRO E 360 -29.52 -52.01 19.70
C PRO E 360 -28.47 -50.91 19.66
N TYR E 361 -28.76 -49.85 18.90
CA TYR E 361 -27.80 -48.77 18.73
C TYR E 361 -28.50 -47.50 18.26
N TYR E 362 -27.98 -46.36 18.71
CA TYR E 362 -28.43 -45.04 18.32
C TYR E 362 -27.55 -44.54 17.18
N ALA E 363 -28.15 -44.27 16.04
CA ALA E 363 -27.40 -44.02 14.83
C ALA E 363 -27.92 -42.80 14.09
N ILE E 364 -27.12 -42.34 13.12
CA ILE E 364 -27.49 -41.30 12.18
C ILE E 364 -26.96 -41.72 10.82
N ILE E 365 -27.44 -41.09 9.76
CA ILE E 365 -26.85 -41.20 8.43
C ILE E 365 -26.65 -39.81 7.87
N ALA E 366 -25.51 -39.62 7.17
CA ALA E 366 -25.17 -38.32 6.61
C ALA E 366 -24.09 -38.54 5.55
N GLY E 367 -24.30 -37.96 4.38
CA GLY E 367 -23.32 -38.04 3.31
C GLY E 367 -23.65 -37.01 2.26
N PHE E 368 -23.00 -37.15 1.11
CA PHE E 368 -23.37 -36.37 -0.06
C PHE E 368 -22.95 -37.14 -1.30
N HIS E 369 -23.86 -37.22 -2.25
CA HIS E 369 -23.58 -37.78 -3.56
C HIS E 369 -23.09 -36.63 -4.42
N GLY E 370 -22.09 -36.88 -5.26
CA GLY E 370 -21.55 -35.79 -6.04
C GLY E 370 -20.29 -36.17 -6.77
N LEU E 371 -19.71 -35.16 -7.42
CA LEU E 371 -18.45 -35.28 -8.09
C LEU E 371 -17.90 -33.87 -8.29
N PRO E 372 -16.65 -33.62 -7.90
CA PRO E 372 -15.99 -32.41 -8.38
C PRO E 372 -15.62 -32.55 -9.85
N GLN E 373 -16.14 -31.62 -10.65
CA GLN E 373 -15.97 -31.63 -12.10
C GLN E 373 -14.71 -30.85 -12.45
N LEU E 374 -13.98 -31.32 -13.46
CA LEU E 374 -12.83 -30.56 -13.88
C LEU E 374 -13.29 -29.41 -14.78
N SER E 375 -12.38 -28.47 -15.02
CA SER E 375 -12.67 -27.28 -15.82
C SER E 375 -13.00 -27.62 -17.26
N GLY E 376 -13.50 -26.61 -17.96
CA GLY E 376 -13.81 -26.76 -19.37
C GLY E 376 -12.57 -26.90 -20.21
N TYR E 377 -12.48 -28.00 -20.96
CA TYR E 377 -11.35 -28.20 -21.85
C TYR E 377 -11.42 -27.25 -23.05
N ASN E 378 -10.37 -27.27 -23.83
CA ASN E 378 -10.42 -26.65 -25.15
C ASN E 378 -11.34 -27.47 -26.05
N THR E 379 -11.99 -26.77 -26.97
CA THR E 379 -12.84 -27.43 -27.95
C THR E 379 -12.15 -27.66 -29.28
N GLU E 380 -11.10 -26.89 -29.59
CA GLU E 380 -10.40 -27.06 -30.86
C GLU E 380 -9.64 -28.37 -30.89
N ASP E 381 -8.68 -28.55 -30.00
CA ASP E 381 -8.20 -29.88 -29.67
C ASP E 381 -8.72 -30.24 -28.29
N PHE E 382 -8.61 -31.50 -27.93
CA PHE E 382 -9.06 -31.93 -26.61
C PHE E 382 -8.06 -31.60 -25.52
N SER E 383 -6.88 -31.11 -25.87
CA SER E 383 -5.81 -30.86 -24.91
C SER E 383 -6.16 -29.70 -23.98
N PHE E 384 -5.71 -29.82 -22.73
CA PHE E 384 -6.00 -28.85 -21.69
C PHE E 384 -4.92 -28.98 -20.63
N HIS E 385 -3.95 -28.08 -20.68
CA HIS E 385 -2.83 -28.10 -19.73
C HIS E 385 -2.79 -26.77 -18.99
N ARG E 386 -3.18 -26.81 -17.74
CA ARG E 386 -3.21 -25.63 -16.89
C ARG E 386 -2.25 -25.73 -15.72
N PHE E 387 -1.86 -26.94 -15.35
CA PHE E 387 -1.02 -27.14 -14.17
C PHE E 387 -0.15 -28.39 -14.32
N LYS E 388 1.11 -28.24 -13.95
CA LYS E 388 2.11 -29.30 -14.01
C LYS E 388 2.79 -29.35 -12.66
N TRP E 389 3.52 -30.44 -12.39
CA TRP E 389 4.26 -30.50 -11.14
C TRP E 389 5.60 -31.20 -11.33
N LEU E 390 6.42 -31.13 -10.30
CA LEU E 390 7.75 -31.71 -10.34
C LEU E 390 8.22 -31.93 -8.92
N LYS E 391 9.14 -32.88 -8.75
CA LYS E 391 9.71 -33.21 -7.45
C LYS E 391 11.20 -33.41 -7.60
N TYR E 392 12.00 -32.55 -6.98
CA TYR E 392 13.43 -32.78 -6.92
C TYR E 392 13.95 -32.69 -5.50
N ALA E 393 13.13 -32.25 -4.54
CA ALA E 393 13.51 -32.23 -3.15
C ALA E 393 13.67 -33.68 -2.69
N ASN E 394 14.91 -34.07 -2.44
CA ASN E 394 15.27 -35.45 -2.17
C ASN E 394 15.72 -35.59 -0.73
N ASN E 395 14.97 -34.95 0.16
CA ASN E 395 15.24 -34.96 1.58
C ASN E 395 14.12 -35.71 2.27
N VAL E 396 14.44 -36.34 3.40
CA VAL E 396 13.40 -36.89 4.26
C VAL E 396 13.36 -36.15 5.59
N GLN E 397 14.53 -35.85 6.12
CA GLN E 397 14.60 -35.23 7.43
C GLN E 397 15.81 -34.30 7.47
N LYS F 24 -41.15 -24.49 -24.86
CA LYS F 24 -39.78 -24.93 -24.61
C LYS F 24 -38.79 -23.86 -25.03
N PHE F 25 -39.02 -22.62 -24.59
CA PHE F 25 -38.13 -21.51 -24.85
C PHE F 25 -38.30 -20.45 -23.76
N PRO F 26 -37.22 -19.72 -23.49
CA PRO F 26 -37.28 -18.65 -22.50
C PRO F 26 -37.92 -17.40 -23.11
N THR F 27 -38.05 -16.37 -22.28
CA THR F 27 -38.70 -15.14 -22.70
C THR F 27 -37.76 -14.27 -23.51
N THR F 28 -38.35 -13.43 -24.37
CA THR F 28 -37.57 -12.60 -25.27
C THR F 28 -37.01 -11.37 -24.55
N LYS F 29 -37.85 -10.70 -23.75
CA LYS F 29 -37.38 -9.55 -22.99
C LYS F 29 -36.40 -9.98 -21.90
N GLU F 30 -36.61 -11.18 -21.34
CA GLU F 30 -35.62 -11.74 -20.43
C GLU F 30 -34.32 -12.05 -21.14
N ILE F 31 -34.40 -12.50 -22.40
CA ILE F 31 -33.19 -12.76 -23.18
C ILE F 31 -32.45 -11.46 -23.49
N GLN F 32 -33.20 -10.38 -23.74
CA GLN F 32 -32.58 -9.08 -23.99
C GLN F 32 -31.95 -8.53 -22.72
N GLU F 33 -32.62 -8.70 -21.57
CA GLU F 33 -32.04 -8.28 -20.30
C GLU F 33 -30.80 -9.10 -19.96
N ALA F 34 -30.80 -10.39 -20.31
CA ALA F 34 -29.65 -11.23 -20.04
C ALA F 34 -28.48 -10.87 -20.95
N VAL F 35 -28.76 -10.55 -22.21
CA VAL F 35 -27.70 -10.10 -23.11
C VAL F 35 -27.15 -8.76 -22.68
N ALA F 36 -28.01 -7.90 -22.13
CA ALA F 36 -27.53 -6.63 -21.58
C ALA F 36 -26.70 -6.85 -20.33
N ALA F 37 -27.04 -7.87 -19.54
CA ALA F 37 -26.24 -8.20 -18.37
C ALA F 37 -24.88 -8.75 -18.75
N ILE F 38 -24.84 -9.59 -19.78
CA ILE F 38 -23.57 -10.12 -20.28
C ILE F 38 -22.71 -9.02 -20.88
N ALA F 39 -23.34 -8.07 -21.58
CA ALA F 39 -22.59 -6.95 -22.12
C ALA F 39 -22.11 -6.01 -21.02
N ASP F 40 -22.88 -5.91 -19.93
CA ASP F 40 -22.44 -5.10 -18.78
C ASP F 40 -21.26 -5.75 -18.09
N LYS F 41 -21.27 -7.08 -17.97
CA LYS F 41 -20.12 -7.78 -17.41
C LYS F 41 -18.92 -7.70 -18.33
N PHE F 42 -19.15 -7.64 -19.63
CA PHE F 42 -18.06 -7.47 -20.58
C PHE F 42 -17.45 -6.08 -20.50
N ASN F 43 -18.30 -5.05 -20.56
CA ASN F 43 -17.86 -3.66 -20.52
C ASN F 43 -17.37 -3.23 -19.15
N GLN F 44 -17.68 -3.99 -18.10
CA GLN F 44 -17.07 -3.74 -16.80
C GLN F 44 -15.56 -4.00 -16.87
N GLU F 45 -15.16 -4.98 -17.67
CA GLU F 45 -13.75 -5.13 -18.02
C GLU F 45 -13.42 -4.11 -19.09
N ASN F 46 -12.66 -3.08 -18.72
CA ASN F 46 -12.24 -2.10 -19.69
C ASN F 46 -11.01 -2.59 -20.46
N ASP F 47 -10.50 -1.72 -21.33
CA ASP F 47 -9.34 -2.03 -22.13
C ASP F 47 -8.75 -0.72 -22.62
N LEU F 48 -7.49 -0.79 -23.07
CA LEU F 48 -6.86 0.32 -23.77
C LEU F 48 -7.65 0.73 -25.00
N VAL F 49 -7.94 -0.24 -25.86
CA VAL F 49 -8.50 0.06 -27.16
C VAL F 49 -9.97 0.41 -27.06
N ASP F 50 -10.62 0.05 -25.95
CA ASP F 50 -11.96 0.57 -25.70
C ASP F 50 -11.89 2.03 -25.30
N ARG F 51 -10.83 2.41 -24.58
CA ARG F 51 -10.65 3.81 -24.21
C ARG F 51 -10.31 4.67 -25.41
N PHE F 52 -9.50 4.14 -26.34
CA PHE F 52 -9.11 4.94 -27.51
C PHE F 52 -10.28 5.18 -28.45
N PHE F 53 -11.06 4.15 -28.75
CA PHE F 53 -12.12 4.26 -29.73
C PHE F 53 -13.46 3.94 -29.09
N PRO F 54 -14.10 4.87 -28.41
CA PRO F 54 -15.44 4.60 -27.87
C PRO F 54 -16.48 4.55 -28.98
N GLU F 55 -17.63 3.99 -28.64
CA GLU F 55 -18.65 3.77 -29.64
C GLU F 55 -19.38 5.06 -29.98
N ASP F 56 -19.87 5.10 -31.21
CA ASP F 56 -20.76 6.16 -31.66
C ASP F 56 -21.64 5.56 -32.75
N SER F 57 -22.76 6.21 -33.03
CA SER F 57 -23.76 5.66 -33.94
C SER F 57 -24.15 6.69 -34.98
N THR F 58 -24.36 6.22 -36.22
CA THR F 58 -24.89 7.05 -37.29
C THR F 58 -26.03 6.29 -37.97
N PHE F 59 -27.03 7.03 -38.42
CA PHE F 59 -27.94 6.49 -39.41
C PHE F 59 -27.33 6.51 -40.80
N ALA F 60 -26.25 7.26 -40.98
CA ALA F 60 -25.56 7.35 -42.25
C ALA F 60 -24.65 6.16 -42.47
N SER F 61 -24.19 6.00 -43.72
CA SER F 61 -23.32 4.90 -44.10
C SER F 61 -22.21 5.34 -45.06
N GLU F 62 -21.99 6.65 -45.19
CA GLU F 62 -21.07 7.17 -46.20
C GLU F 62 -19.62 6.82 -45.88
N LEU F 63 -19.33 6.61 -44.60
CA LEU F 63 -18.02 6.16 -44.10
C LEU F 63 -16.90 7.12 -44.47
N GLU F 64 -16.98 8.33 -43.91
CA GLU F 64 -15.94 9.34 -44.11
C GLU F 64 -14.66 8.87 -43.46
N LEU F 65 -13.60 8.74 -44.26
CA LEU F 65 -12.37 8.07 -43.83
C LEU F 65 -11.60 8.85 -42.77
N TYR F 66 -11.84 10.14 -42.62
CA TYR F 66 -11.10 10.95 -41.66
C TYR F 66 -12.02 11.98 -41.04
N LEU F 67 -11.89 12.20 -39.74
CA LEU F 67 -12.42 13.42 -39.18
C LEU F 67 -11.41 14.55 -39.38
N LEU F 68 -11.83 15.76 -39.07
CA LEU F 68 -10.98 16.94 -39.19
C LEU F 68 -11.18 17.84 -37.98
N ARG F 69 -10.09 18.10 -37.25
CA ARG F 69 -10.09 19.08 -36.17
C ARG F 69 -8.64 19.48 -35.93
N THR F 70 -8.30 20.74 -36.23
CA THR F 70 -6.94 21.24 -36.06
C THR F 70 -7.00 22.77 -35.91
N GLN F 71 -6.80 23.24 -34.67
CA GLN F 71 -6.67 24.66 -34.37
C GLN F 71 -5.89 24.78 -33.06
N ASP F 72 -4.61 25.09 -33.16
CA ASP F 72 -3.74 25.08 -31.99
C ASP F 72 -2.76 26.23 -32.08
N ALA F 73 -1.78 26.23 -31.18
CA ALA F 73 -0.71 27.22 -31.21
C ALA F 73 0.40 26.84 -32.17
N GLU F 74 0.40 25.61 -32.68
CA GLU F 74 1.23 25.30 -33.83
C GLU F 74 0.52 25.68 -35.12
N GLN F 75 -0.75 26.07 -35.01
CA GLN F 75 -1.52 26.69 -36.09
C GLN F 75 -1.83 28.14 -35.75
N THR F 76 -0.87 28.83 -35.14
CA THR F 76 -1.11 30.06 -34.40
C THR F 76 -1.65 31.22 -35.22
N GLY F 77 -0.82 31.78 -36.10
CA GLY F 77 -1.17 33.03 -36.74
C GLY F 77 -1.18 34.23 -35.81
N MET F 78 -1.11 35.42 -36.40
CA MET F 78 -1.29 36.61 -35.59
C MET F 78 -1.98 37.69 -36.40
N THR F 79 -2.26 38.79 -35.73
CA THR F 79 -2.95 39.90 -36.38
C THR F 79 -1.99 40.65 -37.29
N PHE F 80 -2.48 41.74 -37.86
CA PHE F 80 -1.76 42.42 -38.91
C PHE F 80 -1.31 43.82 -38.50
N VAL F 81 -0.11 44.14 -38.97
CA VAL F 81 0.40 45.50 -38.88
C VAL F 81 -0.31 46.33 -39.91
N HIS F 82 -1.34 47.05 -39.50
CA HIS F 82 -2.06 47.90 -40.43
C HIS F 82 -1.86 49.34 -40.00
N GLN F 83 -1.82 50.22 -40.98
CA GLN F 83 -1.57 51.62 -40.74
C GLN F 83 -2.89 52.26 -40.36
N VAL F 84 -2.87 53.54 -40.04
CA VAL F 84 -4.09 54.23 -39.68
C VAL F 84 -4.85 54.67 -40.92
N GLY F 85 -6.17 54.54 -40.87
CA GLY F 85 -7.08 55.12 -41.85
C GLY F 85 -7.08 54.49 -43.22
N SER F 86 -6.57 53.27 -43.35
CA SER F 86 -6.58 52.56 -44.62
C SER F 86 -7.54 51.38 -44.53
N THR F 87 -7.60 50.59 -45.60
CA THR F 87 -8.42 49.39 -45.58
C THR F 87 -7.67 48.24 -44.93
N SER F 88 -8.42 47.32 -44.35
CA SER F 88 -7.82 46.19 -43.65
C SER F 88 -7.25 45.21 -44.65
N LEU F 89 -6.02 44.79 -44.42
CA LEU F 89 -5.49 43.68 -45.18
C LEU F 89 -6.16 42.41 -44.67
N PRO F 90 -6.79 41.62 -45.53
CA PRO F 90 -7.68 40.57 -45.05
C PRO F 90 -6.94 39.29 -44.72
N VAL F 91 -7.71 38.29 -44.29
CA VAL F 91 -7.14 37.04 -43.81
C VAL F 91 -6.93 36.08 -44.97
N GLU F 92 -5.72 35.53 -45.05
CA GLU F 92 -5.47 34.37 -45.89
C GLU F 92 -6.30 33.19 -45.41
N ALA F 93 -7.15 32.67 -46.29
CA ALA F 93 -8.16 31.67 -45.95
C ALA F 93 -7.74 30.27 -46.36
N ARG F 94 -6.46 29.94 -46.18
CA ARG F 94 -5.91 28.69 -46.70
C ARG F 94 -6.45 27.44 -46.00
N VAL F 95 -7.02 27.59 -44.80
CA VAL F 95 -7.36 26.42 -43.99
C VAL F 95 -8.56 25.68 -44.53
N ALA F 96 -9.73 26.32 -44.58
CA ALA F 96 -10.92 25.64 -45.07
C ALA F 96 -10.90 25.47 -46.57
N LYS F 97 -10.09 26.27 -47.28
CA LYS F 97 -9.91 26.08 -48.71
C LYS F 97 -9.09 24.83 -49.01
N VAL F 98 -8.01 24.60 -48.28
CA VAL F 98 -7.26 23.36 -48.41
C VAL F 98 -8.00 22.17 -47.79
N ASP F 99 -8.97 22.43 -46.92
CA ASP F 99 -9.72 21.33 -46.29
C ASP F 99 -10.77 20.74 -47.23
N LEU F 100 -11.02 21.38 -48.37
CA LEU F 100 -12.07 20.96 -49.29
C LEU F 100 -11.64 19.68 -50.01
N ALA F 101 -12.20 18.54 -49.59
CA ALA F 101 -11.89 17.25 -50.18
C ALA F 101 -13.05 16.31 -49.94
N LYS F 102 -13.00 15.14 -50.60
CA LYS F 102 -14.03 14.13 -50.46
C LYS F 102 -13.38 12.79 -50.12
N ALA F 103 -14.04 12.03 -49.24
CA ALA F 103 -13.50 10.78 -48.71
C ALA F 103 -14.13 9.60 -49.45
N THR F 104 -13.33 8.57 -49.71
CA THR F 104 -13.78 7.37 -50.40
C THR F 104 -13.54 6.15 -49.53
N TRP F 105 -14.52 5.80 -48.71
CA TRP F 105 -14.45 4.61 -47.89
C TRP F 105 -15.86 4.11 -47.64
N SER F 106 -15.95 2.85 -47.21
CA SER F 106 -17.20 2.11 -47.14
C SER F 106 -17.21 1.25 -45.88
N PRO F 107 -18.33 1.17 -45.16
CA PRO F 107 -18.36 0.43 -43.91
C PRO F 107 -18.33 -1.07 -44.13
N LEU F 108 -17.66 -1.78 -43.23
CA LEU F 108 -17.64 -3.24 -43.26
C LEU F 108 -18.44 -3.75 -42.08
N ALA F 109 -19.67 -4.15 -42.35
CA ALA F 109 -20.59 -4.59 -41.31
C ALA F 109 -20.26 -6.02 -40.91
N PHE F 110 -20.29 -6.29 -39.61
CA PHE F 110 -19.91 -7.60 -39.08
C PHE F 110 -21.08 -8.23 -38.35
N LYS F 111 -21.59 -9.30 -38.92
CA LYS F 111 -22.83 -9.92 -38.52
C LYS F 111 -22.61 -11.42 -38.48
N GLU F 112 -23.27 -12.09 -37.55
CA GLU F 112 -23.05 -13.50 -37.30
C GLU F 112 -24.25 -14.09 -36.57
N SER F 113 -24.33 -15.42 -36.60
CA SER F 113 -25.52 -16.13 -36.15
C SER F 113 -25.15 -17.56 -35.84
N ARG F 114 -25.21 -17.94 -34.57
CA ARG F 114 -25.05 -19.35 -34.27
C ARG F 114 -26.30 -20.12 -34.61
N VAL F 115 -26.18 -21.45 -34.52
CA VAL F 115 -27.24 -22.38 -34.88
C VAL F 115 -27.06 -23.60 -34.00
N TRP F 116 -28.12 -24.38 -33.86
CA TRP F 116 -28.03 -25.63 -33.13
C TRP F 116 -28.59 -26.77 -33.96
N ASP F 117 -27.89 -27.90 -33.89
CA ASP F 117 -28.43 -29.13 -34.43
C ASP F 117 -29.67 -29.54 -33.67
N GLU F 118 -30.63 -30.12 -34.39
CA GLU F 118 -31.89 -30.48 -33.78
C GLU F 118 -31.74 -31.65 -32.82
N LYS F 119 -30.65 -32.42 -32.97
CA LYS F 119 -30.37 -33.52 -32.06
C LYS F 119 -30.19 -33.04 -30.62
N GLU F 120 -29.53 -31.90 -30.43
CA GLU F 120 -29.35 -31.41 -29.08
C GLU F 120 -30.61 -30.71 -28.59
N ILE F 121 -31.44 -30.23 -29.52
CA ILE F 121 -32.72 -29.64 -29.13
C ILE F 121 -33.65 -30.71 -28.58
N LEU F 122 -33.78 -31.83 -29.28
CA LEU F 122 -34.56 -32.95 -28.75
C LEU F 122 -33.89 -33.57 -27.53
N TYR F 123 -32.55 -33.56 -27.49
CA TYR F 123 -31.81 -34.08 -26.36
C TYR F 123 -32.09 -33.27 -25.09
N LEU F 124 -32.16 -31.95 -25.21
CA LEU F 124 -32.47 -31.15 -24.03
C LEU F 124 -33.97 -31.10 -23.76
N GLY F 125 -34.80 -31.30 -24.78
CA GLY F 125 -36.22 -31.44 -24.54
C GLY F 125 -36.57 -32.71 -23.79
N ARG F 126 -35.75 -33.75 -23.95
CA ARG F 126 -35.94 -34.96 -23.15
C ARG F 126 -35.24 -34.86 -21.80
N LEU F 127 -34.00 -34.33 -21.78
CA LEU F 127 -33.23 -34.31 -20.54
C LEU F 127 -33.74 -33.27 -19.56
N ALA F 128 -34.46 -32.27 -20.03
CA ALA F 128 -34.97 -31.19 -19.19
C ALA F 128 -36.49 -31.26 -19.10
N ASP F 129 -37.03 -32.47 -18.93
CA ASP F 129 -38.47 -32.63 -18.81
C ASP F 129 -39.01 -32.06 -17.50
N GLU F 130 -38.16 -31.98 -16.47
CA GLU F 130 -38.59 -31.43 -15.19
C GLU F 130 -38.39 -29.93 -15.15
N VAL F 131 -37.22 -29.45 -15.57
CA VAL F 131 -36.89 -28.03 -15.57
C VAL F 131 -36.33 -27.68 -16.95
N GLN F 132 -37.21 -27.35 -17.89
CA GLN F 132 -36.81 -26.96 -19.23
C GLN F 132 -36.31 -25.52 -19.28
N ALA F 133 -36.57 -24.73 -18.25
CA ALA F 133 -36.18 -23.33 -18.25
C ALA F 133 -34.69 -23.16 -18.06
N GLY F 134 -34.18 -23.62 -16.90
CA GLY F 134 -32.82 -23.32 -16.52
C GLY F 134 -31.75 -24.00 -17.36
N VAL F 135 -31.95 -25.28 -17.68
CA VAL F 135 -30.94 -26.02 -18.42
C VAL F 135 -30.84 -25.54 -19.87
N ILE F 136 -31.86 -24.85 -20.37
CA ILE F 136 -31.74 -24.19 -21.65
C ILE F 136 -31.23 -22.77 -21.50
N ASN F 137 -31.61 -22.08 -20.42
CA ASN F 137 -31.22 -20.68 -20.23
C ASN F 137 -29.72 -20.57 -19.97
N GLU F 138 -29.12 -21.62 -19.40
CA GLU F 138 -27.67 -21.66 -19.25
C GLU F 138 -26.98 -21.69 -20.60
N GLN F 139 -27.52 -22.48 -21.53
CA GLN F 139 -26.97 -22.51 -22.89
C GLN F 139 -27.22 -21.19 -23.61
N ILE F 140 -28.35 -20.55 -23.32
CA ILE F 140 -28.65 -19.22 -23.84
C ILE F 140 -27.60 -18.22 -23.39
N ALA F 141 -27.30 -18.20 -22.09
CA ALA F 141 -26.32 -17.26 -21.55
C ALA F 141 -24.92 -17.56 -22.07
N GLU F 142 -24.56 -18.83 -22.19
CA GLU F 142 -23.28 -19.25 -22.76
C GLU F 142 -23.10 -18.74 -24.17
N SER F 143 -24.11 -18.98 -25.03
CA SER F 143 -24.04 -18.57 -26.42
C SER F 143 -24.01 -17.05 -26.56
N LEU F 144 -24.85 -16.34 -25.79
CA LEU F 144 -24.87 -14.88 -25.83
C LEU F 144 -23.54 -14.28 -25.43
N THR F 145 -22.95 -14.78 -24.33
CA THR F 145 -21.72 -14.17 -23.84
C THR F 145 -20.53 -14.50 -24.73
N TRP F 146 -20.50 -15.71 -25.28
CA TRP F 146 -19.43 -16.07 -26.20
C TRP F 146 -19.54 -15.30 -27.50
N LEU F 147 -20.77 -15.04 -27.96
CA LEU F 147 -20.95 -14.25 -29.17
C LEU F 147 -20.57 -12.79 -28.94
N MET F 148 -20.89 -12.23 -27.76
CA MET F 148 -20.44 -10.89 -27.41
C MET F 148 -18.92 -10.79 -27.38
N ALA F 149 -18.25 -11.82 -26.86
CA ALA F 149 -16.79 -11.82 -26.81
C ALA F 149 -16.19 -11.87 -28.21
N ARG F 150 -16.77 -12.68 -29.10
CA ARG F 150 -16.30 -12.72 -30.48
C ARG F 150 -16.51 -11.39 -31.20
N MET F 151 -17.64 -10.73 -30.95
CA MET F 151 -17.89 -9.39 -31.50
C MET F 151 -16.85 -8.38 -31.03
N ARG F 152 -16.59 -8.38 -29.72
CA ARG F 152 -15.65 -7.43 -29.14
C ARG F 152 -14.24 -7.67 -29.66
N ASN F 153 -13.84 -8.93 -29.84
CA ASN F 153 -12.53 -9.19 -30.41
C ASN F 153 -12.47 -8.91 -31.89
N ARG F 154 -13.59 -8.96 -32.60
CA ARG F 154 -13.57 -8.50 -33.98
C ARG F 154 -13.32 -7.00 -34.05
N ARG F 155 -13.98 -6.23 -33.18
CA ARG F 155 -13.75 -4.79 -33.12
C ARG F 155 -12.32 -4.48 -32.71
N ARG F 156 -11.78 -5.24 -31.76
CA ARG F 156 -10.38 -5.16 -31.39
C ARG F 156 -9.47 -5.48 -32.56
N TRP F 157 -9.80 -6.50 -33.35
CA TRP F 157 -9.00 -6.81 -34.52
C TRP F 157 -8.94 -5.65 -35.48
N LEU F 158 -10.10 -5.05 -35.77
CA LEU F 158 -10.18 -3.89 -36.66
C LEU F 158 -9.31 -2.75 -36.18
N THR F 159 -9.49 -2.37 -34.92
CA THR F 159 -8.82 -1.21 -34.37
C THR F 159 -7.31 -1.43 -34.25
N TRP F 160 -6.89 -2.55 -33.65
CA TRP F 160 -5.47 -2.82 -33.53
C TRP F 160 -4.81 -3.07 -34.87
N GLN F 161 -5.52 -3.67 -35.83
CA GLN F 161 -4.96 -3.95 -37.13
C GLN F 161 -4.72 -2.67 -37.91
N VAL F 162 -5.64 -1.70 -37.79
CA VAL F 162 -5.35 -0.45 -38.47
C VAL F 162 -4.30 0.36 -37.71
N MET F 163 -4.26 0.29 -36.39
CA MET F 163 -3.25 1.04 -35.67
C MET F 163 -1.84 0.46 -35.83
N ARG F 164 -1.71 -0.82 -36.16
CA ARG F 164 -0.36 -1.37 -36.28
C ARG F 164 0.19 -1.30 -37.68
N THR F 165 -0.64 -0.94 -38.66
CA THR F 165 -0.18 -0.94 -40.05
C THR F 165 -0.56 0.33 -40.79
N GLY F 166 -1.52 1.08 -40.24
CA GLY F 166 -2.04 2.24 -40.93
C GLY F 166 -3.18 1.94 -41.87
N ARG F 167 -3.26 0.74 -42.42
CA ARG F 167 -4.31 0.40 -43.36
C ARG F 167 -4.97 -0.89 -42.94
N ILE F 168 -6.17 -1.12 -43.47
CA ILE F 168 -6.92 -2.34 -43.26
C ILE F 168 -6.82 -3.15 -44.55
N THR F 169 -6.41 -4.41 -44.42
CA THR F 169 -6.34 -5.34 -45.54
C THR F 169 -7.01 -6.65 -45.15
N ILE F 170 -7.59 -7.32 -46.15
CA ILE F 170 -8.34 -8.56 -45.97
C ILE F 170 -7.88 -9.52 -47.07
N GLN F 171 -7.81 -10.82 -46.75
CA GLN F 171 -7.62 -11.92 -47.70
C GLN F 171 -8.26 -13.19 -47.14
N PRO F 172 -8.58 -14.20 -47.97
CA PRO F 172 -9.16 -15.43 -47.42
C PRO F 172 -8.20 -16.32 -46.65
N ASN F 173 -6.92 -15.95 -46.54
CA ASN F 173 -5.99 -16.75 -45.75
C ASN F 173 -6.24 -16.60 -44.25
N ASP F 174 -6.90 -15.53 -43.86
CA ASP F 174 -7.10 -15.29 -42.44
C ASP F 174 -8.36 -16.04 -42.01
N PRO F 175 -8.29 -16.93 -41.01
CA PRO F 175 -9.34 -17.96 -40.85
C PRO F 175 -10.72 -17.50 -40.41
N TYR F 176 -10.99 -16.21 -40.35
CA TYR F 176 -12.39 -15.78 -40.30
C TYR F 176 -12.96 -15.57 -41.69
N ASN F 177 -12.13 -15.69 -42.72
CA ASN F 177 -12.54 -15.43 -44.09
C ASN F 177 -12.43 -16.70 -44.93
N PRO F 178 -13.41 -17.61 -44.91
CA PRO F 178 -13.48 -18.59 -45.99
C PRO F 178 -13.81 -17.98 -47.34
N ASN F 179 -14.55 -16.88 -47.39
CA ASN F 179 -15.01 -16.34 -48.66
C ASN F 179 -13.87 -15.71 -49.46
N GLY F 180 -13.26 -14.66 -48.91
CA GLY F 180 -12.30 -13.90 -49.67
C GLY F 180 -12.84 -12.54 -50.02
N LEU F 181 -13.86 -12.12 -49.28
CA LEU F 181 -14.43 -10.81 -49.47
C LEU F 181 -13.47 -9.75 -48.93
N LYS F 182 -12.62 -9.24 -49.81
CA LYS F 182 -11.47 -8.46 -49.40
C LYS F 182 -11.63 -7.00 -49.78
N TYR F 183 -11.25 -6.13 -48.86
CA TYR F 183 -11.50 -4.69 -49.00
C TYR F 183 -10.32 -3.95 -48.38
N VAL F 184 -9.45 -3.42 -49.23
CA VAL F 184 -8.25 -2.73 -48.79
C VAL F 184 -8.63 -1.29 -48.49
N ILE F 185 -8.55 -0.91 -47.21
CA ILE F 185 -8.88 0.43 -46.78
C ILE F 185 -7.64 1.03 -46.15
N ASP F 186 -7.15 2.12 -46.73
CA ASP F 186 -5.98 2.84 -46.25
C ASP F 186 -6.39 4.24 -45.81
N TYR F 187 -5.57 4.84 -44.95
CA TYR F 187 -5.92 6.12 -44.37
C TYR F 187 -4.89 7.22 -44.61
N GLY F 188 -3.84 6.95 -45.38
CA GLY F 188 -2.93 8.00 -45.80
C GLY F 188 -2.07 8.59 -44.71
N VAL F 189 -1.82 7.83 -43.64
CA VAL F 189 -0.88 8.24 -42.62
C VAL F 189 0.50 8.24 -43.25
N THR F 190 1.31 9.26 -42.94
CA THR F 190 2.49 9.60 -43.72
C THR F 190 3.56 8.53 -43.63
N ASP F 191 4.13 8.34 -42.46
CA ASP F 191 5.11 7.28 -42.23
C ASP F 191 4.58 6.45 -41.07
N ILE F 192 3.88 5.36 -41.39
CA ILE F 192 3.35 4.50 -40.34
C ILE F 192 4.46 3.76 -39.60
N GLU F 193 5.65 3.64 -40.19
CA GLU F 193 6.71 2.90 -39.54
C GLU F 193 7.96 3.75 -39.47
N LEU F 194 8.91 3.29 -38.67
CA LEU F 194 10.10 4.04 -38.33
C LEU F 194 11.35 3.29 -38.72
N PRO F 195 12.35 3.97 -39.24
CA PRO F 195 13.58 3.28 -39.66
C PRO F 195 14.44 2.92 -38.45
N LEU F 196 14.81 1.65 -38.40
CA LEU F 196 15.82 1.22 -37.47
C LEU F 196 16.96 0.77 -38.38
N PRO F 197 18.15 1.36 -38.23
CA PRO F 197 19.29 0.91 -39.04
C PRO F 197 19.68 -0.52 -38.75
N GLN F 198 19.55 -0.94 -37.50
CA GLN F 198 19.58 -2.33 -37.13
C GLN F 198 18.68 -2.51 -35.92
N LYS F 199 18.67 -3.72 -35.37
CA LYS F 199 17.88 -3.98 -34.18
C LYS F 199 18.56 -3.38 -32.96
N PHE F 200 17.92 -3.51 -31.80
CA PHE F 200 18.57 -3.10 -30.57
C PHE F 200 19.72 -4.03 -30.20
N ASP F 201 19.41 -5.29 -29.96
CA ASP F 201 20.33 -6.24 -29.36
C ASP F 201 21.26 -6.89 -30.38
N ALA F 202 21.90 -6.07 -31.19
CA ALA F 202 22.94 -6.55 -32.09
C ALA F 202 24.24 -6.60 -31.30
N LYS F 203 24.91 -7.73 -31.39
CA LYS F 203 26.03 -8.03 -30.51
C LYS F 203 27.34 -7.65 -31.19
N ASP F 204 28.18 -6.94 -30.45
CA ASP F 204 29.45 -6.42 -30.95
C ASP F 204 30.48 -6.41 -29.83
N GLY F 205 31.74 -6.29 -30.21
CA GLY F 205 32.82 -6.70 -29.31
C GLY F 205 32.71 -8.20 -29.16
N ASN F 206 32.76 -8.71 -27.94
CA ASN F 206 32.30 -10.08 -27.74
C ASN F 206 30.78 -10.13 -27.80
N GLY F 207 30.11 -9.36 -26.95
CA GLY F 207 28.70 -9.07 -27.10
C GLY F 207 28.34 -7.81 -26.34
N ASN F 208 27.80 -6.84 -27.06
CA ASN F 208 27.37 -5.57 -26.48
C ASN F 208 26.09 -5.17 -27.19
N SER F 209 25.72 -3.91 -27.07
CA SER F 209 24.52 -3.40 -27.71
C SER F 209 24.86 -2.58 -28.93
N ALA F 210 23.89 -2.53 -29.85
CA ALA F 210 24.00 -1.66 -31.01
C ALA F 210 23.61 -0.23 -30.68
N VAL F 211 22.60 -0.05 -29.85
CA VAL F 211 21.98 1.26 -29.67
C VAL F 211 21.34 1.35 -28.30
N ASP F 212 21.60 2.46 -27.63
CA ASP F 212 20.82 2.85 -26.47
C ASP F 212 19.42 3.19 -26.93
N PRO F 213 18.38 2.49 -26.45
CA PRO F 213 17.02 2.86 -26.79
C PRO F 213 16.60 4.21 -26.22
N ILE F 214 17.12 4.57 -25.06
CA ILE F 214 16.71 5.81 -24.42
C ILE F 214 17.36 6.99 -25.13
N GLN F 215 18.63 6.84 -25.51
CA GLN F 215 19.29 7.87 -26.31
C GLN F 215 18.68 7.92 -27.70
N TYR F 216 18.17 6.80 -28.19
CA TYR F 216 17.42 6.79 -29.44
C TYR F 216 16.14 7.61 -29.31
N PHE F 217 15.41 7.45 -28.21
CA PHE F 217 14.18 8.21 -28.06
C PHE F 217 14.45 9.67 -27.79
N ARG F 218 15.57 9.98 -27.15
CA ARG F 218 15.93 11.37 -27.01
C ARG F 218 16.42 11.96 -28.32
N ASP F 219 16.93 11.13 -29.23
CA ASP F 219 17.14 11.63 -30.59
C ASP F 219 15.82 11.92 -31.27
N LEU F 220 14.79 11.11 -31.00
CA LEU F 220 13.46 11.42 -31.54
C LEU F 220 12.93 12.74 -30.99
N ILE F 221 13.14 12.98 -29.70
CA ILE F 221 12.78 14.27 -29.11
C ILE F 221 13.61 15.39 -29.72
N LYS F 222 14.90 15.14 -29.98
CA LYS F 222 15.80 16.14 -30.53
C LYS F 222 15.39 16.53 -31.95
N ALA F 223 14.92 15.56 -32.73
CA ALA F 223 14.35 15.88 -34.02
C ALA F 223 13.04 16.64 -33.85
N ALA F 224 12.28 16.32 -32.82
CA ALA F 224 11.04 17.04 -32.56
C ALA F 224 11.24 18.31 -31.75
N THR F 225 12.47 18.81 -31.65
CA THR F 225 12.70 20.11 -31.02
C THR F 225 11.91 21.22 -31.72
N TYR F 226 11.86 21.18 -33.05
CA TYR F 226 11.11 22.20 -33.77
C TYR F 226 9.71 21.73 -34.11
N PHE F 227 9.44 20.44 -33.94
CA PHE F 227 8.21 19.86 -34.47
C PHE F 227 7.24 19.56 -33.34
N PRO F 228 5.95 19.84 -33.51
CA PRO F 228 5.01 19.66 -32.40
C PRO F 228 4.48 18.23 -32.26
N ASP F 229 4.47 17.43 -33.32
CA ASP F 229 3.88 16.11 -33.21
C ASP F 229 4.83 14.98 -33.58
N ARG F 230 6.14 15.17 -33.45
CA ARG F 230 7.10 14.08 -33.59
C ARG F 230 7.61 13.59 -32.25
N ARG F 231 7.26 14.26 -31.16
CA ARG F 231 7.89 14.02 -29.88
C ARG F 231 7.21 12.87 -29.16
N PRO F 232 7.89 11.74 -28.94
CA PRO F 232 7.22 10.52 -28.48
C PRO F 232 6.63 10.66 -27.08
N VAL F 233 5.31 10.64 -27.01
CA VAL F 233 4.59 10.92 -25.79
C VAL F 233 4.42 9.67 -24.94
N ALA F 234 3.82 8.61 -25.49
CA ALA F 234 3.60 7.37 -24.77
C ALA F 234 3.85 6.22 -25.73
N ILE F 235 3.99 5.03 -25.16
CA ILE F 235 4.38 3.88 -25.95
C ILE F 235 3.53 2.68 -25.54
N ILE F 236 3.32 1.77 -26.48
CA ILE F 236 2.54 0.56 -26.27
C ILE F 236 3.43 -0.60 -26.68
N VAL F 237 3.35 -1.71 -25.95
CA VAL F 237 4.01 -2.95 -26.32
C VAL F 237 3.16 -4.09 -25.76
N GLY F 238 2.95 -5.13 -26.55
CA GLY F 238 2.22 -6.26 -26.06
C GLY F 238 3.04 -7.18 -25.17
N PRO F 239 3.94 -7.96 -25.74
CA PRO F 239 4.66 -8.98 -24.98
C PRO F 239 5.92 -8.42 -24.36
N GLY F 240 6.68 -9.31 -23.73
CA GLY F 240 7.94 -8.92 -23.16
C GLY F 240 8.97 -8.57 -24.24
N PHE F 241 9.55 -7.39 -24.08
CA PHE F 241 10.72 -6.97 -24.84
C PHE F 241 11.83 -6.61 -23.87
N ASP F 242 11.61 -6.90 -22.59
CA ASP F 242 12.46 -6.45 -21.52
C ASP F 242 13.77 -7.21 -21.50
N GLU F 243 13.75 -8.43 -22.03
CA GLU F 243 14.98 -9.20 -22.16
C GLU F 243 15.88 -8.60 -23.21
N VAL F 244 15.29 -8.03 -24.26
CA VAL F 244 16.05 -7.28 -25.25
C VAL F 244 16.69 -6.06 -24.60
N LEU F 245 15.97 -5.44 -23.66
CA LEU F 245 16.54 -4.34 -22.91
C LEU F 245 17.70 -4.80 -22.05
N ALA F 246 17.57 -5.98 -21.45
CA ALA F 246 18.65 -6.50 -20.61
C ALA F 246 19.84 -6.94 -21.44
N ASP F 247 19.60 -7.27 -22.71
CA ASP F 247 20.72 -7.59 -23.59
C ASP F 247 21.45 -6.33 -24.01
N ASN F 248 20.78 -5.19 -23.92
CA ASN F 248 21.42 -3.94 -24.27
C ASN F 248 22.37 -3.51 -23.17
N THR F 249 23.67 -3.49 -23.48
CA THR F 249 24.67 -3.10 -22.49
C THR F 249 24.56 -1.65 -22.07
N PHE F 250 23.86 -0.80 -22.84
CA PHE F 250 23.54 0.54 -22.37
C PHE F 250 22.63 0.49 -21.15
N VAL F 251 21.55 -0.28 -21.22
CA VAL F 251 20.64 -0.39 -20.09
C VAL F 251 21.31 -1.11 -18.94
N GLN F 252 22.20 -2.06 -19.25
CA GLN F 252 23.00 -2.73 -18.24
C GLN F 252 23.87 -1.74 -17.49
N LYS F 253 24.55 -0.86 -18.22
CA LYS F 253 25.40 0.13 -17.59
C LYS F 253 24.58 1.16 -16.82
N TYR F 254 23.36 1.44 -17.28
CA TYR F 254 22.44 2.28 -16.51
C TYR F 254 22.11 1.67 -15.16
N VAL F 255 21.81 0.37 -15.15
CA VAL F 255 21.46 -0.29 -13.89
C VAL F 255 22.69 -0.42 -12.99
N GLU F 256 23.87 -0.64 -13.58
CA GLU F 256 25.13 -0.64 -12.83
C GLU F 256 25.36 0.68 -12.13
N TYR F 257 25.12 1.79 -12.83
CA TYR F 257 25.25 3.09 -12.19
C TYR F 257 24.07 3.37 -11.27
N GLU F 258 22.95 2.69 -11.47
CA GLU F 258 21.79 2.90 -10.62
C GLU F 258 21.99 2.32 -9.24
N LYS F 259 22.46 1.09 -9.16
CA LYS F 259 22.71 0.48 -7.85
C LYS F 259 24.10 0.73 -7.34
N GLY F 260 24.93 1.43 -8.10
CA GLY F 260 26.27 1.75 -7.64
C GLY F 260 27.23 0.59 -7.75
N TRP F 261 26.97 -0.32 -8.67
CA TRP F 261 27.80 -1.50 -8.83
C TRP F 261 28.76 -1.25 -9.98
N VAL F 262 29.90 -1.91 -9.94
CA VAL F 262 30.88 -1.85 -11.02
C VAL F 262 31.26 -3.28 -11.38
N VAL F 263 31.05 -3.64 -12.64
CA VAL F 263 31.39 -4.99 -13.11
C VAL F 263 32.88 -5.25 -13.12
N GLY F 264 33.70 -4.20 -13.13
CA GLY F 264 35.12 -4.40 -12.99
C GLY F 264 35.53 -4.56 -11.55
N GLN F 265 34.93 -3.77 -10.66
CA GLN F 265 35.39 -3.66 -9.28
C GLN F 265 34.40 -4.20 -8.27
N ASN F 266 33.16 -3.70 -8.25
CA ASN F 266 32.25 -4.06 -7.18
C ASN F 266 31.69 -5.46 -7.38
N THR F 267 30.96 -5.65 -8.48
CA THR F 267 30.47 -6.96 -8.88
C THR F 267 31.39 -7.54 -9.94
N VAL F 268 31.15 -8.81 -10.28
CA VAL F 268 31.83 -9.45 -11.39
C VAL F 268 30.76 -9.82 -12.40
N GLN F 269 29.66 -10.37 -11.92
CA GLN F 269 28.52 -10.70 -12.79
C GLN F 269 27.23 -10.68 -11.99
N PRO F 270 26.42 -9.64 -12.12
CA PRO F 270 25.06 -9.68 -11.62
C PRO F 270 24.23 -10.61 -12.48
N PRO F 271 23.06 -11.03 -12.02
CA PRO F 271 22.19 -11.85 -12.87
C PRO F 271 21.59 -11.07 -14.01
N ARG F 272 20.97 -11.82 -14.91
CA ARG F 272 20.09 -11.27 -15.93
C ARG F 272 18.83 -10.66 -15.34
N GLU F 273 18.46 -11.05 -14.12
CA GLU F 273 17.11 -10.78 -13.66
C GLU F 273 17.05 -9.53 -12.80
N VAL F 274 18.18 -9.15 -12.20
CA VAL F 274 18.34 -7.77 -11.75
C VAL F 274 18.17 -6.81 -12.91
N TYR F 275 18.81 -7.13 -14.05
CA TYR F 275 18.68 -6.30 -15.24
C TYR F 275 17.24 -6.27 -15.73
N ARG F 276 16.59 -7.44 -15.76
CA ARG F 276 15.20 -7.52 -16.18
C ARG F 276 14.29 -6.73 -15.26
N GLN F 277 14.55 -6.79 -13.96
CA GLN F 277 13.69 -6.09 -13.02
C GLN F 277 13.86 -4.59 -13.14
N ALA F 278 15.09 -4.13 -13.28
CA ALA F 278 15.36 -2.70 -13.28
C ALA F 278 15.22 -2.06 -14.65
N ALA F 279 15.05 -2.85 -15.72
CA ALA F 279 15.09 -2.32 -17.07
C ALA F 279 13.89 -1.41 -17.37
N LEU F 280 12.67 -1.89 -17.15
CA LEU F 280 11.50 -1.09 -17.47
C LEU F 280 11.38 0.10 -16.53
N ASP F 281 11.82 -0.06 -15.28
CA ASP F 281 11.81 1.05 -14.35
C ASP F 281 12.77 2.14 -14.79
N ILE F 282 14.00 1.77 -15.15
CA ILE F 282 14.99 2.78 -15.51
C ILE F 282 14.64 3.37 -16.87
N PHE F 283 13.95 2.60 -17.71
CA PHE F 283 13.48 3.10 -19.00
C PHE F 283 12.38 4.13 -18.82
N LYS F 284 11.38 3.79 -18.01
CA LYS F 284 10.27 4.70 -17.77
C LYS F 284 10.71 5.95 -17.04
N ARG F 285 11.73 5.83 -16.19
CA ARG F 285 12.20 7.03 -15.51
C ARG F 285 13.04 7.91 -16.41
N TYR F 286 13.89 7.32 -17.25
CA TYR F 286 14.79 8.16 -18.02
C TYR F 286 14.15 8.72 -19.28
N THR F 287 13.20 7.99 -19.86
CA THR F 287 12.68 8.45 -21.14
C THR F 287 11.45 9.33 -20.94
N GLY F 288 10.69 9.07 -19.91
CA GLY F 288 9.55 9.89 -19.58
C GLY F 288 8.28 9.55 -20.33
N LEU F 289 8.31 8.61 -21.25
CA LEU F 289 7.11 8.12 -21.89
C LEU F 289 6.54 6.95 -21.10
N GLU F 290 5.21 6.86 -21.10
CA GLU F 290 4.53 5.84 -20.33
C GLU F 290 4.49 4.54 -21.11
N VAL F 291 5.11 3.51 -20.55
CA VAL F 291 5.10 2.18 -21.14
C VAL F 291 3.82 1.51 -20.68
N MET F 292 3.03 1.03 -21.63
CA MET F 292 1.76 0.38 -21.33
C MET F 292 1.80 -1.00 -21.97
N VAL F 293 1.20 -1.98 -21.31
CA VAL F 293 1.25 -3.36 -21.77
C VAL F 293 -0.18 -3.84 -21.94
N TYR F 294 -0.56 -4.11 -23.18
CA TYR F 294 -1.91 -4.57 -23.52
C TYR F 294 -1.85 -5.73 -24.49
N ASP F 295 -1.00 -6.69 -24.20
CA ASP F 295 -1.11 -7.98 -24.86
C ASP F 295 -2.38 -8.70 -24.45
N LYS F 296 -3.16 -9.07 -25.45
CA LYS F 296 -4.40 -9.79 -25.20
C LYS F 296 -4.47 -10.92 -26.22
N THR F 297 -5.61 -11.59 -26.24
CA THR F 297 -5.67 -12.96 -26.70
C THR F 297 -6.60 -13.13 -27.87
N TYR F 298 -6.11 -13.84 -28.90
CA TYR F 298 -6.94 -14.31 -30.00
C TYR F 298 -6.23 -15.48 -30.66
N ARG F 299 -6.97 -16.56 -30.84
CA ARG F 299 -6.64 -17.54 -31.87
C ARG F 299 -7.80 -17.51 -32.84
N ASP F 300 -7.50 -17.74 -34.12
CA ASP F 300 -8.56 -17.79 -35.12
C ASP F 300 -8.50 -19.21 -35.67
N GLN F 301 -9.13 -20.13 -34.93
CA GLN F 301 -9.22 -21.58 -35.15
C GLN F 301 -7.91 -22.26 -35.56
N ASP F 302 -6.79 -21.69 -35.12
CA ASP F 302 -5.47 -22.26 -35.38
C ASP F 302 -4.81 -22.83 -34.15
N GLY F 303 -5.41 -22.69 -32.96
CA GLY F 303 -4.79 -23.09 -31.73
C GLY F 303 -3.83 -22.07 -31.15
N SER F 304 -2.98 -21.49 -31.98
CA SER F 304 -1.97 -20.53 -31.53
C SER F 304 -2.67 -19.22 -31.17
N VAL F 305 -2.95 -19.04 -29.89
CA VAL F 305 -3.49 -17.78 -29.39
C VAL F 305 -2.37 -16.76 -29.47
N LYS F 306 -2.61 -15.66 -30.16
CA LYS F 306 -1.58 -14.67 -30.41
C LYS F 306 -1.91 -13.37 -29.71
N TYR F 307 -0.92 -12.49 -29.66
CA TYR F 307 -1.13 -11.15 -29.19
C TYR F 307 -1.34 -10.23 -30.38
N TRP F 308 -2.11 -9.17 -30.15
CA TRP F 308 -2.45 -8.24 -31.22
C TRP F 308 -1.20 -7.56 -31.76
N ILE F 309 -0.33 -7.16 -30.87
CA ILE F 309 1.01 -6.77 -31.29
C ILE F 309 1.89 -8.01 -31.35
N PRO F 310 2.64 -8.21 -32.42
CA PRO F 310 3.60 -9.31 -32.44
C PRO F 310 4.77 -9.02 -31.52
N VAL F 311 5.62 -10.04 -31.38
CA VAL F 311 6.80 -9.93 -30.51
C VAL F 311 7.80 -8.96 -31.11
N GLY F 312 8.60 -8.35 -30.25
CA GLY F 312 9.58 -7.40 -30.72
C GLY F 312 8.98 -6.03 -30.88
N GLU F 313 8.52 -5.77 -32.10
CA GLU F 313 8.08 -4.47 -32.58
C GLU F 313 7.01 -3.85 -31.68
N LEU F 314 7.08 -2.52 -31.57
CA LEU F 314 6.35 -1.76 -30.57
C LEU F 314 5.80 -0.48 -31.19
N ILE F 315 4.69 -0.01 -30.63
CA ILE F 315 3.91 1.10 -31.17
C ILE F 315 4.09 2.29 -30.25
N VAL F 316 4.47 3.44 -30.82
CA VAL F 316 4.72 4.66 -30.08
C VAL F 316 3.57 5.63 -30.36
N LEU F 317 3.39 6.62 -29.48
CA LEU F 317 2.55 7.76 -29.74
C LEU F 317 3.36 9.03 -29.54
N ASN F 318 3.18 10.00 -30.44
CA ASN F 318 4.02 11.18 -30.38
C ASN F 318 3.25 12.48 -30.43
N GLN F 319 1.93 12.41 -30.56
CA GLN F 319 1.15 13.64 -30.45
C GLN F 319 0.82 13.94 -29.00
N SER F 320 0.09 13.05 -28.36
CA SER F 320 -0.40 13.26 -27.01
C SER F 320 -0.69 11.92 -26.38
N THR F 321 -1.42 11.96 -25.27
CA THR F 321 -2.04 10.77 -24.71
C THR F 321 -3.48 11.11 -24.40
N GLY F 322 -4.39 10.42 -25.06
CA GLY F 322 -5.80 10.72 -24.99
C GLY F 322 -6.55 9.96 -26.06
N PRO F 323 -7.83 10.26 -26.23
CA PRO F 323 -8.63 9.53 -27.22
C PRO F 323 -8.22 9.88 -28.65
N VAL F 324 -7.82 8.86 -29.40
CA VAL F 324 -7.60 8.97 -30.83
C VAL F 324 -8.73 8.24 -31.53
N GLY F 325 -9.35 8.92 -32.49
CA GLY F 325 -10.33 8.26 -33.30
C GLY F 325 -11.69 8.05 -32.65
N ARG F 326 -12.49 7.26 -33.35
CA ARG F 326 -13.90 7.13 -33.04
C ARG F 326 -14.47 5.86 -33.66
N PHE F 327 -15.10 5.02 -32.86
CA PHE F 327 -15.82 3.89 -33.43
C PHE F 327 -17.24 4.30 -33.78
N VAL F 328 -17.66 4.00 -35.01
CA VAL F 328 -18.94 4.45 -35.54
C VAL F 328 -19.80 3.23 -35.85
N TYR F 329 -21.02 3.23 -35.34
CA TYR F 329 -22.03 2.21 -35.67
C TYR F 329 -22.73 2.60 -36.96
N THR F 330 -22.58 1.78 -38.00
CA THR F 330 -23.34 1.98 -39.24
C THR F 330 -24.76 1.47 -39.02
N ALA F 331 -25.71 2.04 -39.76
CA ALA F 331 -27.14 1.84 -39.49
C ALA F 331 -27.59 0.39 -39.70
N HIS F 332 -28.67 0.04 -38.99
CA HIS F 332 -29.14 -1.34 -38.95
C HIS F 332 -30.00 -1.64 -40.17
N VAL F 333 -29.54 -2.57 -41.00
CA VAL F 333 -30.37 -3.06 -42.10
C VAL F 333 -31.24 -4.17 -41.54
N ALA F 334 -32.53 -4.12 -41.85
CA ALA F 334 -33.49 -5.04 -41.25
C ALA F 334 -34.73 -5.09 -42.15
N GLY F 335 -35.63 -6.01 -41.84
CA GLY F 335 -36.98 -5.93 -42.34
C GLY F 335 -37.63 -4.72 -41.75
N GLN F 336 -37.87 -3.70 -42.59
CA GLN F 336 -38.02 -2.32 -42.14
C GLN F 336 -39.24 -2.09 -41.25
N ARG F 337 -40.40 -1.99 -41.89
CA ARG F 337 -41.75 -1.99 -41.32
C ARG F 337 -42.77 -1.83 -42.42
N ASN F 338 -44.03 -1.72 -42.02
CA ASN F 338 -45.13 -1.37 -42.90
C ASN F 338 -44.93 -0.05 -43.64
N GLY F 339 -44.32 0.94 -43.00
CA GLY F 339 -44.23 2.24 -43.62
C GLY F 339 -42.85 2.86 -43.67
N LYS F 340 -42.77 4.15 -43.36
CA LYS F 340 -41.52 4.91 -43.37
C LYS F 340 -40.60 4.40 -42.26
N VAL F 341 -39.30 4.34 -42.55
CA VAL F 341 -38.41 3.47 -41.81
C VAL F 341 -37.61 4.24 -40.77
N VAL F 342 -37.09 3.50 -39.79
CA VAL F 342 -36.05 3.97 -38.89
C VAL F 342 -35.26 2.73 -38.48
N TYR F 343 -33.97 2.92 -38.25
CA TYR F 343 -33.06 1.80 -38.04
C TYR F 343 -32.57 1.80 -36.60
N ALA F 344 -32.08 0.67 -36.14
CA ALA F 344 -31.56 0.61 -34.78
C ALA F 344 -30.23 1.33 -34.70
N THR F 345 -29.86 1.70 -33.48
CA THR F 345 -28.73 2.56 -33.22
C THR F 345 -27.59 1.88 -32.49
N GLY F 346 -27.67 0.57 -32.27
CA GLY F 346 -26.59 -0.18 -31.66
C GLY F 346 -26.67 -1.64 -32.02
N PRO F 347 -25.88 -2.47 -31.34
CA PRO F 347 -25.94 -3.91 -31.59
C PRO F 347 -27.27 -4.50 -31.13
N TYR F 348 -27.80 -5.36 -31.98
CA TYR F 348 -29.17 -5.83 -31.86
C TYR F 348 -29.19 -7.30 -31.45
N LEU F 349 -30.39 -7.87 -31.43
CA LEU F 349 -30.61 -9.27 -31.14
C LEU F 349 -32.00 -9.66 -31.61
N THR F 350 -32.11 -10.84 -32.21
CA THR F 350 -33.40 -11.45 -32.54
C THR F 350 -33.19 -12.95 -32.71
N VAL F 351 -34.27 -13.70 -32.50
CA VAL F 351 -34.23 -15.15 -32.49
C VAL F 351 -34.92 -15.68 -33.73
N LYS F 352 -34.60 -16.92 -34.10
CA LYS F 352 -35.12 -17.55 -35.31
C LYS F 352 -35.53 -18.98 -34.98
N ASP F 353 -36.84 -19.25 -35.00
CA ASP F 353 -37.37 -20.56 -34.68
C ASP F 353 -37.70 -21.33 -35.96
N HIS F 354 -37.06 -22.49 -36.12
CA HIS F 354 -37.25 -23.34 -37.29
C HIS F 354 -37.67 -24.74 -36.87
N LEU F 355 -38.47 -24.81 -35.81
CA LEU F 355 -38.96 -26.08 -35.29
C LEU F 355 -39.99 -26.68 -36.24
N GLN F 356 -40.61 -25.87 -37.08
CA GLN F 356 -41.56 -26.34 -38.06
C GLN F 356 -40.93 -26.67 -39.40
N ASP F 357 -39.79 -26.04 -39.72
CA ASP F 357 -39.24 -26.07 -41.07
C ASP F 357 -38.53 -27.39 -41.36
N ASP F 358 -38.32 -27.64 -42.65
CA ASP F 358 -37.73 -28.86 -43.17
C ASP F 358 -36.23 -29.00 -42.82
N PRO F 359 -35.36 -28.00 -42.96
CA PRO F 359 -34.01 -28.16 -42.39
C PRO F 359 -34.06 -28.07 -40.87
N PRO F 360 -33.61 -29.11 -40.17
CA PRO F 360 -33.81 -29.18 -38.72
C PRO F 360 -32.75 -28.40 -37.95
N TYR F 361 -33.16 -27.25 -37.39
CA TYR F 361 -32.28 -26.43 -36.58
C TYR F 361 -33.07 -25.41 -35.77
N TYR F 362 -32.38 -24.79 -34.82
CA TYR F 362 -32.76 -23.53 -34.19
C TYR F 362 -31.56 -22.61 -34.20
N ALA F 363 -31.80 -21.32 -34.26
CA ALA F 363 -30.71 -20.37 -34.43
C ALA F 363 -31.08 -19.04 -33.79
N ILE F 364 -30.08 -18.31 -33.31
CA ILE F 364 -30.25 -16.92 -32.91
C ILE F 364 -29.22 -16.09 -33.65
N ILE F 365 -29.47 -14.79 -33.77
CA ILE F 365 -28.63 -13.91 -34.57
C ILE F 365 -28.52 -12.56 -33.87
N ALA F 366 -27.30 -12.04 -33.80
CA ALA F 366 -27.04 -10.75 -33.19
C ALA F 366 -25.77 -10.19 -33.82
N GLY F 367 -25.92 -9.27 -34.75
CA GLY F 367 -24.76 -8.67 -35.38
C GLY F 367 -24.69 -7.18 -35.13
N PHE F 368 -23.93 -6.48 -35.96
CA PHE F 368 -23.87 -5.03 -35.92
C PHE F 368 -23.36 -4.56 -37.26
N HIS F 369 -23.59 -3.29 -37.56
CA HIS F 369 -23.01 -2.66 -38.75
C HIS F 369 -22.15 -1.52 -38.24
N GLY F 370 -20.87 -1.48 -38.65
CA GLY F 370 -20.01 -0.48 -38.05
C GLY F 370 -18.67 -0.33 -38.72
N LEU F 371 -17.92 0.66 -38.22
CA LEU F 371 -16.56 0.96 -38.62
C LEU F 371 -15.91 1.92 -37.63
N PRO F 372 -14.68 1.66 -37.18
CA PRO F 372 -13.94 2.69 -36.44
C PRO F 372 -13.31 3.70 -37.37
N GLN F 373 -13.40 4.97 -37.00
CA GLN F 373 -12.88 6.09 -37.77
C GLN F 373 -11.72 6.70 -37.01
N LEU F 374 -10.73 7.21 -37.76
CA LEU F 374 -9.60 7.90 -37.15
C LEU F 374 -10.01 9.25 -36.57
N SER F 375 -9.02 9.94 -36.00
CA SER F 375 -9.21 11.20 -35.32
C SER F 375 -9.41 12.34 -36.31
N GLY F 376 -9.45 13.55 -35.76
CA GLY F 376 -9.44 14.74 -36.59
C GLY F 376 -8.10 14.85 -37.30
N TYR F 377 -8.11 14.79 -38.63
CA TYR F 377 -6.89 15.11 -39.35
C TYR F 377 -6.52 16.57 -39.18
N ASN F 378 -5.26 16.86 -39.46
CA ASN F 378 -4.84 18.25 -39.61
C ASN F 378 -5.59 18.87 -40.78
N THR F 379 -6.26 19.98 -40.50
CA THR F 379 -6.98 20.69 -41.54
C THR F 379 -6.06 21.46 -42.47
N GLU F 380 -4.81 21.69 -42.06
CA GLU F 380 -3.84 22.36 -42.91
C GLU F 380 -3.38 21.48 -44.06
N ASP F 381 -2.70 20.38 -43.74
CA ASP F 381 -2.14 19.49 -44.76
C ASP F 381 -2.76 18.11 -44.65
N PHE F 382 -2.44 17.27 -45.63
CA PHE F 382 -2.91 15.90 -45.61
C PHE F 382 -2.15 15.04 -44.61
N SER F 383 -1.00 15.50 -44.13
CA SER F 383 -0.18 14.72 -43.21
C SER F 383 -0.84 14.64 -41.85
N PHE F 384 -0.86 13.43 -41.30
CA PHE F 384 -1.44 13.14 -39.99
C PHE F 384 -0.83 11.85 -39.49
N HIS F 385 -0.06 11.94 -38.41
CA HIS F 385 0.49 10.74 -37.81
C HIS F 385 0.68 10.95 -36.31
N ARG F 386 -0.26 10.43 -35.56
CA ARG F 386 -0.20 10.39 -34.10
C ARG F 386 0.59 9.20 -33.60
N PHE F 387 0.82 8.18 -34.43
CA PHE F 387 1.43 6.94 -33.98
C PHE F 387 2.20 6.24 -35.11
N LYS F 388 3.34 5.66 -34.73
CA LYS F 388 4.27 4.99 -35.62
C LYS F 388 4.78 3.75 -34.90
N TRP F 389 5.55 2.90 -35.58
CA TRP F 389 6.07 1.69 -34.94
C TRP F 389 7.34 1.21 -35.62
N LEU F 390 8.24 0.61 -34.85
CA LEU F 390 9.54 0.18 -35.35
C LEU F 390 9.74 -1.31 -35.12
N LYS F 391 10.51 -1.95 -36.00
CA LYS F 391 10.63 -3.41 -36.05
C LYS F 391 12.07 -3.86 -35.78
N TYR F 392 12.22 -4.78 -34.82
CA TYR F 392 13.55 -5.26 -34.46
C TYR F 392 13.58 -6.74 -34.04
N ALA F 393 12.48 -7.47 -34.16
CA ALA F 393 12.39 -8.84 -33.67
C ALA F 393 13.12 -9.78 -34.61
N ASN F 394 14.44 -9.81 -34.50
CA ASN F 394 15.26 -10.61 -35.42
C ASN F 394 15.64 -11.97 -34.88
N ASN F 395 15.48 -12.22 -33.58
CA ASN F 395 15.77 -13.54 -33.05
C ASN F 395 14.86 -13.85 -31.89
N VAL F 396 14.56 -15.14 -31.72
CA VAL F 396 13.68 -15.61 -30.65
C VAL F 396 14.40 -16.66 -29.82
N LEU G 23 -58.73 -30.36 -58.09
CA LEU G 23 -58.78 -30.40 -56.63
C LEU G 23 -57.63 -31.25 -56.09
N LYS G 24 -56.69 -30.59 -55.41
CA LYS G 24 -55.50 -31.24 -54.88
C LYS G 24 -55.68 -31.75 -53.46
N PHE G 25 -56.91 -32.04 -53.04
CA PHE G 25 -57.18 -32.47 -51.68
C PHE G 25 -56.81 -33.94 -51.49
N PRO G 26 -55.94 -34.21 -50.53
CA PRO G 26 -55.55 -35.55 -50.15
C PRO G 26 -55.96 -35.80 -48.70
N THR G 27 -56.39 -37.02 -48.41
CA THR G 27 -56.92 -37.33 -47.09
C THR G 27 -55.82 -37.84 -46.17
N THR G 28 -55.83 -37.36 -44.92
CA THR G 28 -54.74 -37.62 -43.98
C THR G 28 -54.88 -38.96 -43.28
N LYS G 29 -56.10 -39.29 -42.82
CA LYS G 29 -56.32 -40.61 -42.24
C LYS G 29 -56.18 -41.69 -43.29
N GLU G 30 -56.57 -41.40 -44.53
CA GLU G 30 -56.34 -42.32 -45.62
C GLU G 30 -54.86 -42.40 -45.96
N ILE G 31 -54.11 -41.31 -45.75
CA ILE G 31 -52.66 -41.37 -45.93
C ILE G 31 -52.02 -42.26 -44.87
N GLN G 32 -52.54 -42.21 -43.64
CA GLN G 32 -52.05 -43.10 -42.60
C GLN G 32 -52.42 -44.55 -42.90
N GLU G 33 -53.62 -44.78 -43.43
CA GLU G 33 -54.04 -46.13 -43.78
C GLU G 33 -53.23 -46.68 -44.96
N ALA G 34 -52.90 -45.83 -45.92
CA ALA G 34 -52.09 -46.26 -47.05
C ALA G 34 -50.64 -46.49 -46.63
N VAL G 35 -50.15 -45.71 -45.65
CA VAL G 35 -48.83 -45.98 -45.10
C VAL G 35 -48.84 -47.29 -44.32
N ALA G 36 -49.95 -47.61 -43.67
CA ALA G 36 -50.09 -48.89 -42.99
C ALA G 36 -50.10 -50.04 -43.99
N ALA G 37 -50.78 -49.85 -45.13
CA ALA G 37 -50.81 -50.88 -46.16
C ALA G 37 -49.44 -51.05 -46.81
N ILE G 38 -48.72 -49.93 -47.01
CA ILE G 38 -47.39 -49.99 -47.60
C ILE G 38 -46.40 -50.64 -46.65
N ALA G 39 -46.53 -50.36 -45.35
CA ALA G 39 -45.69 -51.02 -44.36
C ALA G 39 -46.06 -52.49 -44.21
N ASP G 40 -47.34 -52.83 -44.43
CA ASP G 40 -47.75 -54.23 -44.44
C ASP G 40 -47.13 -54.95 -45.62
N LYS G 41 -47.08 -54.30 -46.78
CA LYS G 41 -46.40 -54.89 -47.93
C LYS G 41 -44.89 -54.97 -47.72
N PHE G 42 -44.33 -53.99 -46.99
CA PHE G 42 -42.89 -53.99 -46.75
C PHE G 42 -42.49 -55.09 -45.78
N ASN G 43 -43.26 -55.27 -44.70
CA ASN G 43 -43.03 -56.36 -43.77
C ASN G 43 -43.56 -57.68 -44.28
N GLN G 44 -44.32 -57.68 -45.39
CA GLN G 44 -44.70 -58.92 -46.03
C GLN G 44 -43.49 -59.62 -46.62
N GLU G 45 -42.64 -58.87 -47.32
CA GLU G 45 -41.38 -59.40 -47.79
C GLU G 45 -40.40 -59.45 -46.61
N ASN G 46 -40.45 -60.54 -45.86
CA ASN G 46 -39.58 -60.76 -44.72
C ASN G 46 -38.29 -61.43 -45.16
N ASP G 47 -37.28 -61.37 -44.28
CA ASP G 47 -35.92 -61.70 -44.68
C ASP G 47 -35.10 -62.02 -43.43
N LEU G 48 -33.96 -62.69 -43.66
CA LEU G 48 -33.06 -63.06 -42.57
C LEU G 48 -32.41 -61.85 -41.92
N VAL G 49 -31.83 -60.96 -42.73
CA VAL G 49 -31.04 -59.85 -42.20
C VAL G 49 -31.94 -58.86 -41.47
N ASP G 50 -33.19 -58.74 -41.92
CA ASP G 50 -34.23 -58.05 -41.16
C ASP G 50 -34.48 -58.70 -39.81
N ARG G 51 -34.38 -60.03 -39.75
CA ARG G 51 -34.61 -60.73 -38.49
C ARG G 51 -33.38 -60.75 -37.59
N PHE G 52 -32.21 -60.42 -38.13
CA PHE G 52 -31.02 -60.29 -37.29
C PHE G 52 -31.06 -58.99 -36.49
N PHE G 53 -31.20 -57.87 -37.16
CA PHE G 53 -31.25 -56.58 -36.49
C PHE G 53 -32.68 -56.06 -36.56
N PRO G 54 -33.51 -56.31 -35.56
CA PRO G 54 -34.94 -56.05 -35.71
C PRO G 54 -35.31 -54.64 -35.31
N GLU G 55 -36.60 -54.34 -35.47
CA GLU G 55 -37.14 -53.03 -35.17
C GLU G 55 -37.27 -52.85 -33.66
N ASP G 56 -36.95 -51.64 -33.19
CA ASP G 56 -37.20 -51.27 -31.81
C ASP G 56 -37.30 -49.76 -31.72
N SER G 57 -38.19 -49.28 -30.87
CA SER G 57 -38.51 -47.87 -30.75
C SER G 57 -38.48 -47.46 -29.28
N THR G 58 -37.51 -46.63 -28.92
CA THR G 58 -37.42 -46.08 -27.58
C THR G 58 -37.87 -44.63 -27.58
N PHE G 59 -37.86 -44.01 -26.41
CA PHE G 59 -38.08 -42.59 -26.28
C PHE G 59 -36.80 -41.82 -26.01
N ALA G 60 -35.77 -42.50 -25.51
CA ALA G 60 -34.48 -41.88 -25.27
C ALA G 60 -33.42 -42.52 -26.15
N SER G 61 -32.71 -41.68 -26.90
CA SER G 61 -31.54 -42.11 -27.65
C SER G 61 -30.30 -42.14 -26.76
N GLU G 62 -29.94 -40.99 -26.20
CA GLU G 62 -28.79 -40.75 -25.33
C GLU G 62 -27.47 -41.17 -25.95
N LEU G 63 -27.40 -41.22 -27.30
CA LEU G 63 -26.19 -41.48 -28.08
C LEU G 63 -25.56 -42.83 -27.74
N GLU G 64 -26.38 -43.80 -27.34
CA GLU G 64 -25.92 -45.09 -26.87
C GLU G 64 -26.20 -46.13 -27.94
N LEU G 65 -25.15 -46.58 -28.61
CA LEU G 65 -25.26 -47.60 -29.67
C LEU G 65 -24.65 -48.93 -29.27
N TYR G 66 -23.40 -48.96 -28.85
CA TYR G 66 -22.73 -50.18 -28.44
C TYR G 66 -23.20 -50.50 -27.02
N LEU G 67 -24.04 -51.52 -26.89
CA LEU G 67 -24.67 -51.86 -25.63
C LEU G 67 -24.14 -53.19 -25.10
N LEU G 68 -24.42 -53.44 -23.83
CA LEU G 68 -23.99 -54.66 -23.14
C LEU G 68 -25.20 -55.36 -22.56
N ARG G 69 -25.39 -56.62 -22.95
CA ARG G 69 -26.56 -57.40 -22.51
C ARG G 69 -26.22 -58.88 -22.60
N THR G 70 -26.59 -59.63 -21.57
CA THR G 70 -26.38 -61.07 -21.56
C THR G 70 -27.44 -61.76 -20.70
N MET G 78 -29.88 -64.67 -10.89
CA MET G 78 -29.80 -65.90 -10.09
C MET G 78 -30.95 -65.95 -9.08
N THR G 79 -31.91 -66.83 -9.32
CA THR G 79 -33.07 -66.99 -8.44
C THR G 79 -32.58 -67.74 -7.20
N PHE G 80 -32.16 -66.96 -6.20
CA PHE G 80 -31.49 -67.49 -5.03
C PHE G 80 -32.42 -68.37 -4.21
N VAL G 81 -31.97 -69.58 -3.89
CA VAL G 81 -32.69 -70.39 -2.92
C VAL G 81 -32.51 -69.79 -1.53
N HIS G 82 -33.64 -69.46 -0.91
CA HIS G 82 -33.69 -68.77 0.36
C HIS G 82 -34.05 -69.74 1.47
N GLN G 83 -34.30 -69.20 2.66
CA GLN G 83 -34.58 -70.03 3.82
C GLN G 83 -35.42 -69.29 4.85
N THR G 104 -21.24 -46.60 -27.69
CA THR G 104 -20.45 -45.39 -27.58
C THR G 104 -20.39 -44.66 -28.91
N TRP G 105 -21.44 -43.91 -29.20
CA TRP G 105 -21.61 -43.27 -30.49
C TRP G 105 -22.42 -42.01 -30.30
N SER G 106 -23.02 -41.55 -31.40
CA SER G 106 -24.11 -40.60 -31.50
C SER G 106 -25.14 -41.18 -32.48
N PRO G 107 -26.42 -40.83 -32.37
CA PRO G 107 -27.43 -41.49 -33.22
C PRO G 107 -27.32 -41.09 -34.68
N LEU G 108 -27.24 -42.10 -35.56
CA LEU G 108 -27.13 -41.91 -36.99
C LEU G 108 -28.53 -41.96 -37.60
N ALA G 109 -28.96 -40.83 -38.16
CA ALA G 109 -30.34 -40.62 -38.54
C ALA G 109 -30.44 -40.47 -40.05
N PHE G 110 -31.66 -40.59 -40.57
CA PHE G 110 -31.94 -40.50 -42.00
C PHE G 110 -33.43 -40.31 -42.20
N LYS G 111 -33.78 -39.42 -43.13
CA LYS G 111 -35.16 -39.20 -43.52
C LYS G 111 -35.26 -39.17 -45.03
N GLU G 112 -36.47 -39.33 -45.55
CA GLU G 112 -36.69 -39.44 -46.97
C GLU G 112 -37.74 -38.44 -47.43
N SER G 113 -37.48 -37.84 -48.60
CA SER G 113 -38.42 -36.94 -49.26
C SER G 113 -37.97 -36.80 -50.71
N ARG G 114 -38.87 -37.04 -51.64
CA ARG G 114 -38.59 -36.82 -53.06
C ARG G 114 -39.56 -35.77 -53.56
N VAL G 115 -39.05 -34.82 -54.31
CA VAL G 115 -39.84 -33.73 -54.85
C VAL G 115 -40.34 -34.12 -56.22
N TRP G 116 -41.51 -33.62 -56.59
CA TRP G 116 -42.02 -33.72 -57.95
C TRP G 116 -42.33 -32.31 -58.47
N ASP G 117 -42.81 -32.25 -59.70
CA ASP G 117 -43.14 -30.97 -60.34
C ASP G 117 -44.56 -30.58 -59.97
N GLU G 118 -44.71 -29.62 -59.05
CA GLU G 118 -46.02 -29.21 -58.57
C GLU G 118 -46.83 -28.56 -59.67
N LYS G 119 -46.17 -27.94 -60.65
CA LYS G 119 -46.88 -27.37 -61.78
C LYS G 119 -47.49 -28.45 -62.66
N GLU G 120 -46.78 -29.56 -62.85
CA GLU G 120 -47.36 -30.73 -63.51
C GLU G 120 -48.52 -31.31 -62.69
N ILE G 121 -48.40 -31.24 -61.36
CA ILE G 121 -49.42 -31.82 -60.50
C ILE G 121 -50.71 -31.00 -60.56
N LEU G 122 -50.59 -29.67 -60.47
CA LEU G 122 -51.79 -28.84 -60.54
C LEU G 122 -52.29 -28.73 -61.98
N TYR G 123 -51.40 -28.90 -62.96
CA TYR G 123 -51.79 -29.11 -64.35
C TYR G 123 -52.77 -30.27 -64.49
N LEU G 124 -52.38 -31.45 -64.01
CA LEU G 124 -53.24 -32.61 -64.13
C LEU G 124 -54.48 -32.50 -63.23
N GLY G 125 -54.33 -31.93 -62.04
CA GLY G 125 -55.46 -31.82 -61.12
C GLY G 125 -56.46 -30.75 -61.52
N ARG G 126 -56.04 -29.77 -62.32
CA ARG G 126 -56.97 -28.79 -62.83
C ARG G 126 -57.57 -29.24 -64.16
N LEU G 127 -56.84 -30.07 -64.91
CA LEU G 127 -57.41 -30.62 -66.13
C LEU G 127 -58.49 -31.66 -65.82
N ALA G 128 -58.11 -32.73 -65.11
CA ALA G 128 -59.07 -33.78 -64.74
C ALA G 128 -59.74 -33.36 -63.45
N ASP G 129 -60.82 -32.58 -63.59
CA ASP G 129 -61.40 -31.87 -62.45
C ASP G 129 -62.23 -32.76 -61.55
N GLU G 130 -63.19 -33.51 -62.11
CA GLU G 130 -64.14 -34.23 -61.26
C GLU G 130 -63.55 -35.50 -60.67
N VAL G 131 -62.73 -36.21 -61.44
CA VAL G 131 -62.10 -37.42 -60.93
C VAL G 131 -60.68 -37.12 -60.49
N GLN G 132 -60.48 -35.93 -59.91
CA GLN G 132 -59.15 -35.52 -59.48
C GLN G 132 -58.65 -36.34 -58.31
N ALA G 133 -59.54 -36.66 -57.36
CA ALA G 133 -59.12 -37.34 -56.13
C ALA G 133 -58.70 -38.77 -56.39
N GLY G 134 -59.50 -39.52 -57.15
CA GLY G 134 -59.14 -40.89 -57.46
C GLY G 134 -57.93 -41.01 -58.36
N VAL G 135 -57.78 -40.09 -59.32
CA VAL G 135 -56.62 -40.10 -60.19
C VAL G 135 -55.35 -39.73 -59.43
N ILE G 136 -55.43 -38.75 -58.53
CA ILE G 136 -54.26 -38.33 -57.78
C ILE G 136 -53.90 -39.30 -56.67
N ASN G 137 -54.87 -40.04 -56.13
CA ASN G 137 -54.56 -40.95 -55.03
C ASN G 137 -53.78 -42.16 -55.53
N GLU G 138 -53.94 -42.50 -56.81
CA GLU G 138 -53.06 -43.48 -57.46
C GLU G 138 -51.62 -43.02 -57.46
N GLN G 139 -51.39 -41.74 -57.75
CA GLN G 139 -50.02 -41.24 -57.76
C GLN G 139 -49.48 -41.12 -56.33
N ILE G 140 -50.36 -40.83 -55.37
CA ILE G 140 -50.03 -40.92 -53.95
C ILE G 140 -49.56 -42.32 -53.59
N ALA G 141 -50.27 -43.34 -54.08
CA ALA G 141 -49.91 -44.73 -53.83
C ALA G 141 -48.56 -45.07 -54.45
N GLU G 142 -48.31 -44.62 -55.67
CA GLU G 142 -47.04 -44.93 -56.32
C GLU G 142 -45.89 -44.21 -55.65
N SER G 143 -46.15 -42.98 -55.18
CA SER G 143 -45.17 -42.22 -54.41
C SER G 143 -44.82 -42.93 -53.11
N LEU G 144 -45.84 -43.40 -52.38
CA LEU G 144 -45.59 -44.13 -51.15
C LEU G 144 -44.91 -45.46 -51.42
N THR G 145 -45.17 -46.06 -52.56
CA THR G 145 -44.49 -47.30 -52.96
C THR G 145 -43.00 -47.07 -53.11
N TRP G 146 -42.61 -46.08 -53.91
CA TRP G 146 -41.18 -45.82 -54.12
C TRP G 146 -40.51 -45.30 -52.85
N LEU G 147 -41.27 -44.53 -52.05
CA LEU G 147 -40.82 -44.08 -50.73
C LEU G 147 -40.45 -45.26 -49.83
N MET G 148 -41.40 -46.16 -49.60
CA MET G 148 -41.18 -47.31 -48.73
C MET G 148 -40.12 -48.22 -49.29
N ALA G 149 -40.02 -48.30 -50.63
CA ALA G 149 -39.00 -49.08 -51.29
C ALA G 149 -37.61 -48.59 -50.91
N ARG G 150 -37.32 -47.32 -51.16
CA ARG G 150 -35.97 -46.83 -50.86
C ARG G 150 -35.74 -46.70 -49.36
N MET G 151 -36.81 -46.57 -48.56
CA MET G 151 -36.65 -46.55 -47.11
C MET G 151 -36.22 -47.91 -46.58
N ARG G 152 -36.90 -48.97 -47.03
CA ARG G 152 -36.53 -50.31 -46.60
C ARG G 152 -35.18 -50.70 -47.17
N ASN G 153 -34.85 -50.21 -48.37
CA ASN G 153 -33.49 -50.37 -48.89
C ASN G 153 -32.47 -49.68 -48.00
N ARG G 154 -32.83 -48.53 -47.42
CA ARG G 154 -31.90 -47.83 -46.54
C ARG G 154 -31.67 -48.57 -45.23
N ARG G 155 -32.76 -48.98 -44.57
CA ARG G 155 -32.64 -49.70 -43.30
C ARG G 155 -31.92 -51.03 -43.48
N ARG G 156 -32.33 -51.80 -44.50
CA ARG G 156 -31.67 -53.05 -44.79
C ARG G 156 -30.24 -52.85 -45.25
N TRP G 157 -29.96 -51.70 -45.91
CA TRP G 157 -28.61 -51.33 -46.28
C TRP G 157 -27.73 -51.15 -45.05
N LEU G 158 -28.23 -50.41 -44.07
CA LEU G 158 -27.54 -50.25 -42.80
C LEU G 158 -27.24 -51.60 -42.17
N THR G 159 -28.19 -52.53 -42.23
CA THR G 159 -27.98 -53.83 -41.59
C THR G 159 -26.92 -54.67 -42.33
N TRP G 160 -27.01 -54.78 -43.66
CA TRP G 160 -25.98 -55.61 -44.31
C TRP G 160 -24.62 -54.93 -44.37
N GLN G 161 -24.58 -53.60 -44.36
CA GLN G 161 -23.32 -52.88 -44.24
C GLN G 161 -22.69 -53.09 -42.88
N VAL G 162 -23.50 -53.06 -41.81
CA VAL G 162 -22.92 -53.27 -40.47
C VAL G 162 -22.64 -54.74 -40.22
N MET G 163 -23.16 -55.65 -41.05
CA MET G 163 -22.78 -57.04 -40.86
C MET G 163 -21.50 -57.40 -41.61
N ARG G 164 -21.49 -57.27 -42.95
CA ARG G 164 -20.37 -57.82 -43.72
C ARG G 164 -19.09 -57.01 -43.58
N THR G 165 -19.18 -55.77 -43.09
CA THR G 165 -18.01 -54.95 -42.85
C THR G 165 -17.79 -54.62 -41.38
N GLY G 166 -18.80 -54.77 -40.54
CA GLY G 166 -18.68 -54.51 -39.12
C GLY G 166 -18.95 -53.08 -38.71
N ARG G 167 -18.25 -52.14 -39.32
CA ARG G 167 -18.35 -50.73 -39.00
C ARG G 167 -19.27 -50.02 -39.98
N ILE G 168 -19.53 -48.74 -39.71
CA ILE G 168 -20.30 -47.87 -40.59
C ILE G 168 -19.58 -46.53 -40.68
N THR G 169 -19.11 -46.20 -41.88
CA THR G 169 -18.60 -44.89 -42.21
C THR G 169 -19.18 -44.46 -43.55
N ILE G 170 -19.63 -43.22 -43.65
CA ILE G 170 -20.28 -42.75 -44.86
C ILE G 170 -19.42 -41.67 -45.50
N GLN G 171 -19.64 -41.45 -46.79
CA GLN G 171 -18.81 -40.56 -47.56
C GLN G 171 -19.65 -39.48 -48.23
N PRO G 172 -19.06 -38.33 -48.58
CA PRO G 172 -19.78 -37.38 -49.44
C PRO G 172 -19.89 -37.86 -50.87
N ASN G 173 -19.09 -38.84 -51.26
CA ASN G 173 -19.06 -39.28 -52.65
C ASN G 173 -20.24 -40.18 -53.01
N ASP G 174 -21.06 -40.55 -52.04
CA ASP G 174 -22.23 -41.37 -52.33
C ASP G 174 -23.29 -40.50 -53.01
N PRO G 175 -23.83 -40.93 -54.16
CA PRO G 175 -24.96 -40.22 -54.77
C PRO G 175 -26.30 -40.55 -54.14
N TYR G 176 -26.34 -41.47 -53.16
CA TYR G 176 -27.57 -41.73 -52.44
C TYR G 176 -28.01 -40.51 -51.64
N ASN G 177 -27.05 -39.74 -51.15
CA ASN G 177 -27.30 -38.62 -50.28
C ASN G 177 -26.65 -37.35 -50.81
N PRO G 178 -27.20 -36.17 -50.48
CA PRO G 178 -26.58 -34.93 -50.96
C PRO G 178 -25.24 -34.63 -50.34
N ASN G 179 -25.14 -34.63 -49.01
CA ASN G 179 -24.01 -34.01 -48.35
C ASN G 179 -22.95 -35.05 -47.94
N GLY G 180 -23.37 -36.08 -47.21
CA GLY G 180 -22.48 -37.17 -46.86
C GLY G 180 -21.41 -36.84 -45.84
N LEU G 181 -21.78 -36.12 -44.78
CA LEU G 181 -20.84 -35.83 -43.70
C LEU G 181 -20.53 -37.11 -42.92
N LYS G 182 -19.25 -37.42 -42.77
CA LYS G 182 -18.84 -38.72 -42.29
C LYS G 182 -18.99 -38.85 -40.78
N TYR G 183 -19.37 -40.07 -40.36
CA TYR G 183 -19.46 -40.44 -38.95
C TYR G 183 -19.11 -41.92 -38.84
N VAL G 184 -18.27 -42.25 -37.86
CA VAL G 184 -17.77 -43.62 -37.71
C VAL G 184 -18.31 -44.23 -36.43
N ILE G 185 -18.47 -45.55 -36.45
CA ILE G 185 -19.03 -46.33 -35.34
C ILE G 185 -18.19 -47.60 -35.21
N ASP G 186 -17.77 -47.91 -33.99
CA ASP G 186 -16.96 -49.10 -33.75
C ASP G 186 -17.83 -50.35 -33.65
N TYR G 187 -17.18 -51.47 -33.35
CA TYR G 187 -17.75 -52.80 -33.50
C TYR G 187 -17.82 -53.62 -32.22
N GLY G 188 -16.78 -53.61 -31.39
CA GLY G 188 -16.81 -54.30 -30.11
C GLY G 188 -16.75 -55.82 -30.19
N VAL G 189 -16.38 -56.39 -31.34
CA VAL G 189 -16.31 -57.83 -31.49
C VAL G 189 -14.88 -58.29 -31.28
N THR G 190 -14.72 -59.49 -30.71
CA THR G 190 -13.40 -60.12 -30.58
C THR G 190 -12.76 -60.33 -31.93
N ASP G 191 -13.41 -61.09 -32.80
CA ASP G 191 -12.92 -61.36 -34.14
C ASP G 191 -13.98 -60.95 -35.14
N ILE G 192 -13.68 -59.92 -35.93
CA ILE G 192 -14.60 -59.48 -36.97
C ILE G 192 -14.64 -60.46 -38.12
N GLU G 193 -13.63 -61.33 -38.23
CA GLU G 193 -13.54 -62.26 -39.34
C GLU G 193 -12.70 -63.46 -38.91
N LEU G 194 -12.74 -64.52 -39.75
CA LEU G 194 -12.16 -65.83 -39.44
C LEU G 194 -10.73 -65.93 -39.96
N PRO G 195 -9.90 -66.79 -39.37
CA PRO G 195 -8.59 -67.09 -39.97
C PRO G 195 -8.69 -68.23 -40.97
N LEU G 196 -7.69 -68.30 -41.86
CA LEU G 196 -7.60 -69.35 -42.86
C LEU G 196 -6.19 -69.92 -42.94
N PRO G 197 -6.05 -71.25 -43.01
CA PRO G 197 -4.74 -71.84 -43.32
C PRO G 197 -4.32 -71.51 -44.74
N GLN G 198 -5.20 -71.80 -45.70
CA GLN G 198 -5.05 -71.35 -47.07
C GLN G 198 -6.41 -71.23 -47.71
N LYS G 199 -6.42 -70.66 -48.92
CA LYS G 199 -7.64 -70.40 -49.67
C LYS G 199 -8.27 -71.70 -50.16
N PHE G 200 -9.50 -71.56 -50.66
CA PHE G 200 -10.31 -72.72 -51.02
C PHE G 200 -10.35 -72.98 -52.52
N ASP G 201 -10.29 -71.94 -53.34
CA ASP G 201 -10.28 -72.12 -54.79
C ASP G 201 -8.84 -72.18 -55.30
N ALA G 202 -8.09 -73.11 -54.72
CA ALA G 202 -6.73 -73.45 -55.13
C ALA G 202 -6.76 -74.84 -55.72
N LYS G 203 -6.16 -75.00 -56.89
CA LYS G 203 -6.32 -76.22 -57.67
C LYS G 203 -5.03 -77.02 -57.68
N ASP G 204 -5.17 -78.34 -57.76
CA ASP G 204 -4.04 -79.24 -57.93
C ASP G 204 -4.51 -80.51 -58.63
N GLY G 205 -3.95 -80.75 -59.83
CA GLY G 205 -4.36 -81.89 -60.63
C GLY G 205 -5.40 -81.52 -61.66
N ASN G 206 -6.28 -82.48 -61.97
CA ASN G 206 -7.35 -82.25 -62.94
C ASN G 206 -8.45 -81.37 -62.36
N GLY G 207 -9.08 -81.80 -61.28
CA GLY G 207 -9.91 -80.92 -60.48
C GLY G 207 -9.88 -81.33 -59.02
N ASN G 208 -9.46 -80.41 -58.16
CA ASN G 208 -9.31 -80.65 -56.72
C ASN G 208 -9.14 -79.32 -56.04
N SER G 209 -9.77 -79.16 -54.87
CA SER G 209 -9.59 -77.98 -54.04
C SER G 209 -8.60 -78.32 -52.92
N ALA G 210 -7.91 -77.29 -52.43
CA ALA G 210 -6.74 -77.52 -51.58
C ALA G 210 -7.14 -77.98 -50.18
N VAL G 211 -7.85 -77.14 -49.44
CA VAL G 211 -8.19 -77.42 -48.05
C VAL G 211 -9.66 -77.84 -47.96
N ASP G 212 -9.94 -78.82 -47.11
CA ASP G 212 -11.29 -79.35 -46.94
C ASP G 212 -12.00 -78.56 -45.84
N PRO G 213 -13.04 -77.79 -46.16
CA PRO G 213 -13.81 -77.11 -45.10
C PRO G 213 -14.61 -78.06 -44.25
N ILE G 214 -14.90 -79.27 -44.74
CA ILE G 214 -15.44 -80.32 -43.88
C ILE G 214 -14.44 -80.68 -42.80
N GLN G 215 -13.19 -80.94 -43.18
CA GLN G 215 -12.16 -81.27 -42.20
C GLN G 215 -11.80 -80.07 -41.33
N TYR G 216 -11.85 -78.86 -41.90
CA TYR G 216 -11.54 -77.66 -41.12
C TYR G 216 -12.63 -77.34 -40.10
N PHE G 217 -13.91 -77.44 -40.49
CA PHE G 217 -14.98 -77.24 -39.52
C PHE G 217 -15.08 -78.42 -38.56
N ARG G 218 -14.63 -79.60 -38.96
CA ARG G 218 -14.48 -80.71 -38.02
C ARG G 218 -13.43 -80.41 -36.96
N ASP G 219 -12.32 -79.80 -37.36
CA ASP G 219 -11.30 -79.38 -36.41
C ASP G 219 -11.84 -78.26 -35.51
N LEU G 220 -12.71 -77.40 -36.04
CA LEU G 220 -13.37 -76.40 -35.20
C LEU G 220 -14.36 -77.04 -34.23
N ILE G 221 -15.05 -78.11 -34.64
CA ILE G 221 -15.91 -78.88 -33.75
C ILE G 221 -15.09 -79.49 -32.61
N LYS G 222 -13.93 -80.06 -32.94
CA LYS G 222 -13.05 -80.62 -31.93
C LYS G 222 -12.51 -79.54 -31.00
N ALA G 223 -12.15 -78.37 -31.54
CA ALA G 223 -11.60 -77.31 -30.71
C ALA G 223 -12.68 -76.60 -29.92
N ALA G 224 -13.94 -76.74 -30.31
CA ALA G 224 -15.04 -76.08 -29.63
C ALA G 224 -15.97 -77.06 -28.93
N THR G 225 -15.54 -78.31 -28.75
CA THR G 225 -16.27 -79.21 -27.87
C THR G 225 -16.20 -78.72 -26.43
N TYR G 226 -15.06 -78.18 -26.01
CA TYR G 226 -14.93 -77.62 -24.68
C TYR G 226 -15.66 -76.29 -24.55
N PHE G 227 -15.56 -75.45 -25.59
CA PHE G 227 -16.25 -74.15 -25.61
C PHE G 227 -17.31 -74.16 -26.69
N PRO G 228 -18.57 -74.47 -26.35
CA PRO G 228 -19.62 -74.52 -27.39
C PRO G 228 -20.00 -73.15 -27.96
N ASP G 229 -19.52 -72.05 -27.38
CA ASP G 229 -19.73 -70.75 -28.00
C ASP G 229 -18.87 -70.55 -29.25
N ARG G 230 -17.80 -71.33 -29.40
CA ARG G 230 -16.93 -71.23 -30.57
C ARG G 230 -17.33 -72.18 -31.69
N ARG G 231 -18.29 -73.06 -31.47
CA ARG G 231 -18.70 -73.95 -32.55
C ARG G 231 -19.69 -73.23 -33.45
N PRO G 232 -19.45 -73.20 -34.76
CA PRO G 232 -20.39 -72.52 -35.66
C PRO G 232 -21.72 -73.25 -35.75
N VAL G 233 -22.79 -72.54 -35.44
CA VAL G 233 -24.13 -73.10 -35.41
C VAL G 233 -24.78 -73.04 -36.79
N ALA G 234 -24.62 -71.93 -37.49
CA ALA G 234 -25.23 -71.77 -38.82
C ALA G 234 -24.28 -70.96 -39.70
N ILE G 235 -24.25 -71.29 -40.98
CA ILE G 235 -23.48 -70.56 -41.97
C ILE G 235 -24.46 -69.89 -42.93
N ILE G 236 -24.10 -68.70 -43.39
CA ILE G 236 -24.99 -67.86 -44.18
C ILE G 236 -24.30 -67.53 -45.50
N VAL G 237 -24.95 -67.85 -46.61
CA VAL G 237 -24.44 -67.63 -47.96
C VAL G 237 -25.59 -67.22 -48.86
N GLY G 238 -25.61 -65.95 -49.27
CA GLY G 238 -26.65 -65.43 -50.11
C GLY G 238 -26.48 -65.76 -51.58
N PRO G 239 -25.45 -65.21 -52.21
CA PRO G 239 -25.12 -65.60 -53.58
C PRO G 239 -24.32 -66.89 -53.66
N GLY G 240 -23.83 -67.22 -54.85
CA GLY G 240 -23.34 -68.56 -55.13
C GLY G 240 -22.04 -68.89 -54.39
N PHE G 241 -21.96 -70.09 -53.85
CA PHE G 241 -20.85 -70.51 -53.00
C PHE G 241 -20.42 -71.95 -53.21
N ASP G 242 -21.03 -72.68 -54.13
CA ASP G 242 -20.85 -74.13 -54.25
C ASP G 242 -19.92 -74.54 -55.38
N GLU G 243 -19.38 -73.59 -56.14
CA GLU G 243 -18.44 -73.95 -57.21
C GLU G 243 -17.12 -74.44 -56.65
N VAL G 244 -16.78 -74.02 -55.42
CA VAL G 244 -15.56 -74.50 -54.79
C VAL G 244 -15.79 -75.84 -54.08
N LEU G 245 -16.95 -76.02 -53.46
CA LEU G 245 -17.31 -77.33 -52.91
C LEU G 245 -17.49 -78.37 -53.99
N ALA G 246 -17.89 -77.96 -55.20
CA ALA G 246 -17.86 -78.83 -56.35
C ALA G 246 -16.44 -79.11 -56.84
N ASP G 247 -15.49 -78.21 -56.58
CA ASP G 247 -14.10 -78.47 -56.92
C ASP G 247 -13.45 -79.51 -56.01
N ASN G 248 -13.98 -79.70 -54.80
CA ASN G 248 -13.38 -80.62 -53.83
C ASN G 248 -13.56 -82.06 -54.28
N THR G 249 -12.56 -82.63 -54.96
CA THR G 249 -12.64 -84.05 -55.26
C THR G 249 -12.22 -84.91 -54.08
N PHE G 250 -11.67 -84.31 -53.02
CA PHE G 250 -11.67 -84.98 -51.72
C PHE G 250 -13.09 -85.29 -51.29
N VAL G 251 -13.98 -84.30 -51.38
CA VAL G 251 -15.34 -84.46 -50.91
C VAL G 251 -16.16 -85.29 -51.90
N GLN G 252 -15.96 -85.09 -53.20
CA GLN G 252 -16.62 -85.93 -54.21
C GLN G 252 -16.16 -87.37 -54.11
N LYS G 253 -14.87 -87.56 -53.82
CA LYS G 253 -14.32 -88.88 -53.57
C LYS G 253 -14.90 -89.50 -52.30
N TYR G 254 -15.12 -88.70 -51.26
CA TYR G 254 -15.77 -89.20 -50.04
C TYR G 254 -17.23 -89.57 -50.29
N VAL G 255 -17.91 -88.84 -51.17
CA VAL G 255 -19.29 -89.15 -51.51
C VAL G 255 -19.37 -90.44 -52.31
N GLU G 256 -18.47 -90.61 -53.27
CA GLU G 256 -18.50 -91.85 -54.05
C GLU G 256 -17.84 -93.01 -53.33
N TYR G 257 -17.18 -92.76 -52.19
CA TYR G 257 -16.90 -93.84 -51.25
C TYR G 257 -18.20 -94.45 -50.72
N GLU G 258 -19.14 -93.59 -50.32
CA GLU G 258 -20.46 -94.05 -49.90
C GLU G 258 -21.22 -94.66 -51.07
N LYS G 259 -21.14 -94.01 -52.23
CA LYS G 259 -21.91 -94.42 -53.38
C LYS G 259 -21.30 -95.64 -54.08
N GLY G 260 -20.10 -96.03 -53.70
CA GLY G 260 -19.51 -97.27 -54.18
C GLY G 260 -19.03 -97.27 -55.61
N TRP G 261 -19.10 -96.14 -56.32
CA TRP G 261 -18.54 -96.03 -57.66
C TRP G 261 -17.23 -95.26 -57.51
N VAL G 262 -16.12 -95.99 -57.42
CA VAL G 262 -14.80 -95.40 -57.26
C VAL G 262 -14.44 -94.66 -58.54
N VAL G 263 -13.79 -93.49 -58.38
CA VAL G 263 -13.47 -92.60 -59.49
C VAL G 263 -12.53 -93.24 -60.51
N GLY G 264 -11.75 -94.24 -60.12
CA GLY G 264 -10.91 -94.94 -61.06
C GLY G 264 -11.43 -96.30 -61.48
N GLN G 265 -12.45 -96.81 -60.78
CA GLN G 265 -12.93 -98.17 -60.99
C GLN G 265 -14.25 -98.23 -61.74
N ASN G 266 -15.30 -97.58 -61.24
CA ASN G 266 -16.63 -97.72 -61.82
C ASN G 266 -17.00 -96.52 -62.68
N THR G 267 -16.94 -95.32 -62.10
CA THR G 267 -17.19 -94.09 -62.82
C THR G 267 -15.88 -93.52 -63.35
N VAL G 268 -15.96 -92.40 -64.04
CA VAL G 268 -14.81 -91.75 -64.65
C VAL G 268 -14.51 -90.40 -63.97
N GLN G 269 -15.48 -89.51 -63.97
CA GLN G 269 -15.30 -88.17 -63.42
C GLN G 269 -16.58 -87.72 -62.74
N PRO G 270 -16.54 -87.39 -61.45
CA PRO G 270 -17.71 -86.82 -60.78
C PRO G 270 -18.02 -85.44 -61.33
N PRO G 271 -19.18 -85.26 -61.96
CA PRO G 271 -19.48 -83.99 -62.60
C PRO G 271 -19.84 -82.92 -61.58
N ARG G 272 -19.10 -81.81 -61.65
CA ARG G 272 -19.26 -80.74 -60.68
C ARG G 272 -20.59 -80.00 -60.79
N GLU G 273 -21.31 -80.15 -61.91
CA GLU G 273 -22.62 -79.53 -62.04
C GLU G 273 -23.65 -80.19 -61.12
N VAL G 274 -23.48 -81.49 -60.83
CA VAL G 274 -24.30 -82.12 -59.80
C VAL G 274 -23.95 -81.54 -58.44
N TYR G 275 -22.66 -81.42 -58.15
CA TYR G 275 -22.23 -80.99 -56.82
C TYR G 275 -22.52 -79.52 -56.57
N ARG G 276 -22.75 -78.72 -57.63
CA ARG G 276 -23.23 -77.35 -57.50
C ARG G 276 -24.55 -77.23 -56.74
N GLN G 277 -25.41 -78.26 -56.77
CA GLN G 277 -26.59 -78.27 -55.91
C GLN G 277 -26.70 -79.50 -55.02
N ALA G 278 -25.71 -80.39 -55.02
CA ALA G 278 -25.66 -81.49 -54.06
C ALA G 278 -24.72 -81.21 -52.89
N ALA G 279 -23.81 -80.24 -53.02
CA ALA G 279 -22.79 -80.00 -52.02
C ALA G 279 -23.38 -79.42 -50.73
N LEU G 280 -24.55 -78.80 -50.79
CA LEU G 280 -25.21 -78.32 -49.57
C LEU G 280 -25.61 -79.50 -48.69
N ASP G 281 -26.32 -80.48 -49.25
CA ASP G 281 -26.70 -81.68 -48.52
C ASP G 281 -25.48 -82.49 -48.10
N ILE G 282 -24.45 -82.55 -48.95
CA ILE G 282 -23.24 -83.29 -48.61
C ILE G 282 -22.49 -82.63 -47.44
N PHE G 283 -22.30 -81.31 -47.52
CA PHE G 283 -21.61 -80.56 -46.49
C PHE G 283 -22.38 -80.56 -45.18
N LYS G 284 -23.71 -80.54 -45.24
CA LYS G 284 -24.53 -80.65 -44.05
C LYS G 284 -24.44 -82.04 -43.43
N ARG G 285 -24.40 -83.08 -44.28
CA ARG G 285 -24.26 -84.45 -43.80
C ARG G 285 -22.88 -84.68 -43.18
N TYR G 286 -21.87 -83.98 -43.67
CA TYR G 286 -20.53 -84.16 -43.14
C TYR G 286 -20.29 -83.36 -41.87
N THR G 287 -20.42 -82.04 -41.94
CA THR G 287 -20.10 -81.21 -40.79
C THR G 287 -21.24 -81.17 -39.78
N GLY G 288 -22.44 -80.82 -40.22
CA GLY G 288 -23.57 -80.82 -39.33
C GLY G 288 -24.04 -79.46 -38.83
N LEU G 289 -24.10 -78.47 -39.71
CA LEU G 289 -24.62 -77.16 -39.35
C LEU G 289 -25.47 -76.64 -40.50
N GLU G 290 -26.26 -75.61 -40.21
CA GLU G 290 -27.28 -75.15 -41.14
C GLU G 290 -26.73 -74.19 -42.19
N VAL G 291 -27.38 -74.16 -43.34
CA VAL G 291 -27.06 -73.28 -44.45
C VAL G 291 -28.33 -72.51 -44.81
N MET G 292 -28.23 -71.18 -44.86
CA MET G 292 -29.38 -70.34 -45.17
C MET G 292 -29.01 -69.37 -46.29
N VAL G 293 -29.91 -69.22 -47.25
CA VAL G 293 -29.65 -68.49 -48.49
C VAL G 293 -30.66 -67.34 -48.60
N TYR G 294 -30.16 -66.11 -48.51
CA TYR G 294 -31.01 -64.91 -48.59
C TYR G 294 -30.25 -63.81 -49.32
N ASP G 295 -30.90 -63.21 -50.32
CA ASP G 295 -30.25 -62.24 -51.19
C ASP G 295 -31.27 -61.28 -51.78
N LYS G 296 -30.87 -60.02 -51.94
CA LYS G 296 -31.75 -58.98 -52.46
C LYS G 296 -31.04 -58.08 -53.46
N THR G 297 -31.76 -57.11 -54.01
CA THR G 297 -31.22 -56.14 -54.96
C THR G 297 -30.83 -54.86 -54.22
N TYR G 298 -30.24 -53.93 -54.94
CA TYR G 298 -29.84 -52.66 -54.36
C TYR G 298 -29.98 -51.54 -55.37
N ARG G 299 -30.87 -50.60 -55.08
CA ARG G 299 -31.16 -49.46 -55.93
C ARG G 299 -30.25 -48.29 -55.58
N ASP G 300 -29.36 -47.94 -56.50
CA ASP G 300 -28.43 -46.86 -56.29
C ASP G 300 -28.22 -46.15 -57.62
N GLN G 301 -27.27 -45.21 -57.62
CA GLN G 301 -26.92 -44.53 -58.85
C GLN G 301 -26.13 -45.44 -59.79
N ASP G 302 -25.43 -46.44 -59.23
CA ASP G 302 -24.69 -47.39 -60.05
C ASP G 302 -25.61 -48.30 -60.84
N GLY G 303 -26.77 -48.67 -60.28
CA GLY G 303 -27.67 -49.61 -60.91
C GLY G 303 -27.25 -51.07 -60.80
N SER G 304 -26.04 -51.34 -60.32
CA SER G 304 -25.57 -52.71 -60.16
C SER G 304 -26.28 -53.36 -58.98
N VAL G 305 -26.92 -54.49 -59.26
CA VAL G 305 -27.61 -55.28 -58.26
C VAL G 305 -26.56 -55.92 -57.37
N LYS G 306 -26.45 -55.42 -56.14
CA LYS G 306 -25.47 -55.92 -55.19
C LYS G 306 -26.15 -56.88 -54.23
N TYR G 307 -25.61 -58.09 -54.16
CA TYR G 307 -25.99 -59.00 -53.09
C TYR G 307 -25.59 -58.43 -51.75
N TRP G 308 -26.33 -58.80 -50.72
CA TRP G 308 -26.11 -58.20 -49.41
C TRP G 308 -25.15 -59.05 -48.59
N ILE G 309 -25.26 -60.35 -48.72
CA ILE G 309 -24.14 -61.23 -48.37
C ILE G 309 -23.05 -61.00 -49.40
N PRO G 310 -21.76 -61.00 -49.03
CA PRO G 310 -20.70 -60.93 -50.03
C PRO G 310 -20.72 -62.12 -50.99
N VAL G 311 -20.38 -61.85 -52.24
CA VAL G 311 -20.27 -62.91 -53.22
C VAL G 311 -19.07 -63.79 -52.89
N GLY G 312 -19.21 -65.07 -53.14
CA GLY G 312 -18.16 -65.98 -52.76
C GLY G 312 -18.32 -66.58 -51.38
N GLU G 313 -17.62 -66.01 -50.38
CA GLU G 313 -17.14 -66.79 -49.25
C GLU G 313 -18.17 -67.42 -48.30
N LEU G 314 -18.69 -66.69 -47.30
CA LEU G 314 -19.60 -67.17 -46.24
C LEU G 314 -19.87 -66.06 -45.23
N ILE G 315 -20.82 -66.33 -44.34
CA ILE G 315 -21.06 -65.58 -43.08
C ILE G 315 -21.38 -66.62 -42.01
N VAL G 316 -20.67 -66.57 -40.88
CA VAL G 316 -20.77 -67.58 -39.82
C VAL G 316 -21.24 -66.93 -38.52
N LEU G 317 -22.27 -67.52 -37.90
CA LEU G 317 -22.57 -67.34 -36.48
C LEU G 317 -21.99 -68.52 -35.71
N ASN G 318 -21.60 -68.29 -34.46
CA ASN G 318 -21.19 -69.41 -33.62
C ASN G 318 -21.84 -69.44 -32.24
N GLN G 319 -22.11 -68.29 -31.63
CA GLN G 319 -22.49 -68.29 -30.22
C GLN G 319 -23.94 -68.68 -30.01
N SER G 320 -24.85 -68.13 -30.81
CA SER G 320 -26.26 -68.37 -30.60
C SER G 320 -26.99 -68.33 -31.94
N THR G 321 -28.32 -68.30 -31.86
CA THR G 321 -29.18 -68.33 -33.02
C THR G 321 -30.32 -67.34 -32.81
N GLY G 322 -30.53 -66.47 -33.79
CA GLY G 322 -31.62 -65.52 -33.72
C GLY G 322 -31.17 -64.11 -33.99
N PRO G 323 -31.77 -63.14 -33.31
CA PRO G 323 -31.43 -61.73 -33.56
C PRO G 323 -30.08 -61.30 -32.99
N VAL G 324 -29.15 -60.96 -33.87
CA VAL G 324 -27.88 -60.34 -33.47
C VAL G 324 -27.98 -58.82 -33.61
N GLY G 325 -27.82 -58.13 -32.49
CA GLY G 325 -27.95 -56.69 -32.46
C GLY G 325 -29.38 -56.21 -32.62
N ARG G 326 -29.49 -54.95 -33.02
CA ARG G 326 -30.80 -54.29 -33.04
C ARG G 326 -30.74 -53.09 -33.97
N PHE G 327 -31.81 -52.85 -34.73
CA PHE G 327 -32.06 -51.51 -35.24
C PHE G 327 -32.87 -50.75 -34.20
N VAL G 328 -32.43 -49.55 -33.87
CA VAL G 328 -33.14 -48.71 -32.93
C VAL G 328 -33.72 -47.53 -33.70
N TYR G 329 -35.03 -47.53 -33.87
CA TYR G 329 -35.77 -46.32 -34.17
C TYR G 329 -35.61 -45.38 -32.99
N THR G 330 -35.15 -44.17 -33.25
CA THR G 330 -35.15 -43.14 -32.21
C THR G 330 -36.16 -42.06 -32.60
N ALA G 331 -36.23 -41.01 -31.78
CA ALA G 331 -37.30 -40.05 -31.87
C ALA G 331 -37.17 -39.17 -33.09
N HIS G 332 -38.31 -38.81 -33.65
CA HIS G 332 -38.42 -37.85 -34.74
C HIS G 332 -38.70 -36.48 -34.15
N VAL G 333 -38.09 -35.45 -34.73
CA VAL G 333 -38.51 -34.08 -34.50
C VAL G 333 -39.77 -33.83 -35.30
N ALA G 334 -40.78 -33.24 -34.67
CA ALA G 334 -42.03 -32.97 -35.35
C ALA G 334 -42.46 -31.57 -34.95
N GLY G 335 -43.72 -31.24 -35.20
CA GLY G 335 -44.31 -30.09 -34.57
C GLY G 335 -44.21 -30.19 -33.06
N GLN G 336 -43.84 -29.08 -32.44
CA GLN G 336 -43.63 -29.00 -31.00
C GLN G 336 -44.94 -29.33 -30.31
N ARG G 337 -45.90 -28.39 -30.43
CA ARG G 337 -47.33 -28.58 -30.66
C ARG G 337 -47.87 -27.16 -30.67
N ASN G 338 -49.17 -26.98 -30.86
CA ASN G 338 -49.83 -25.82 -30.29
C ASN G 338 -49.68 -25.82 -28.76
N GLY G 339 -49.71 -26.99 -28.15
CA GLY G 339 -49.35 -27.18 -26.74
C GLY G 339 -47.90 -27.57 -26.55
N LYS G 340 -47.64 -28.79 -26.07
CA LYS G 340 -46.31 -29.18 -25.63
C LYS G 340 -45.77 -30.37 -26.42
N VAL G 341 -44.52 -30.72 -26.10
CA VAL G 341 -43.66 -31.52 -26.96
C VAL G 341 -44.10 -32.98 -26.96
N VAL G 342 -43.78 -33.67 -28.07
CA VAL G 342 -44.01 -35.09 -28.20
C VAL G 342 -42.96 -35.65 -29.16
N TYR G 343 -42.56 -36.89 -28.89
CA TYR G 343 -41.62 -37.60 -29.75
C TYR G 343 -42.38 -38.68 -30.51
N ALA G 344 -42.04 -38.85 -31.79
CA ALA G 344 -42.70 -39.87 -32.57
C ALA G 344 -42.17 -41.25 -32.20
N THR G 345 -43.08 -42.21 -32.08
CA THR G 345 -42.74 -43.58 -31.73
C THR G 345 -42.80 -44.54 -32.91
N GLY G 346 -43.08 -44.03 -34.11
CA GLY G 346 -42.96 -44.81 -35.32
C GLY G 346 -42.45 -43.90 -36.42
N PRO G 347 -42.13 -44.45 -37.58
CA PRO G 347 -41.60 -43.60 -38.67
C PRO G 347 -42.71 -42.69 -39.18
N TYR G 348 -42.67 -41.44 -38.76
CA TYR G 348 -43.77 -40.51 -38.90
C TYR G 348 -43.86 -40.07 -40.35
N LEU G 349 -45.08 -39.87 -40.81
CA LEU G 349 -45.35 -39.60 -42.21
C LEU G 349 -46.45 -38.57 -42.27
N THR G 350 -46.22 -37.49 -43.02
CA THR G 350 -47.22 -36.48 -43.25
C THR G 350 -46.92 -35.79 -44.58
N VAL G 351 -47.87 -34.95 -45.01
CA VAL G 351 -47.85 -34.39 -46.35
C VAL G 351 -47.53 -32.91 -46.27
N LYS G 352 -47.03 -32.37 -47.37
CA LYS G 352 -46.64 -30.97 -47.48
C LYS G 352 -47.23 -30.40 -48.75
N ASP G 353 -48.10 -29.40 -48.61
CA ASP G 353 -48.60 -28.65 -49.76
C ASP G 353 -47.86 -27.32 -49.84
N HIS G 354 -47.45 -26.94 -51.05
CA HIS G 354 -46.93 -25.61 -51.31
C HIS G 354 -47.77 -24.88 -52.35
N LEU G 355 -49.08 -25.11 -52.30
CA LEU G 355 -50.06 -24.33 -53.02
C LEU G 355 -49.97 -22.85 -52.66
N GLN G 356 -49.73 -22.57 -51.38
CA GLN G 356 -49.77 -21.21 -50.87
C GLN G 356 -48.53 -20.44 -51.25
N ASP G 357 -47.44 -21.15 -51.58
CA ASP G 357 -46.14 -20.54 -51.76
C ASP G 357 -45.90 -20.16 -53.22
N ASP G 358 -45.46 -18.93 -53.42
CA ASP G 358 -45.17 -18.40 -54.75
C ASP G 358 -43.95 -19.06 -55.40
N PRO G 359 -42.94 -19.54 -54.66
CA PRO G 359 -42.12 -20.65 -55.19
C PRO G 359 -42.76 -21.99 -54.88
N PRO G 360 -43.27 -22.70 -55.89
CA PRO G 360 -43.97 -23.96 -55.62
C PRO G 360 -43.06 -25.17 -55.74
N TYR G 361 -43.29 -26.16 -54.88
CA TYR G 361 -42.69 -27.49 -54.98
C TYR G 361 -43.53 -28.43 -54.14
N TYR G 362 -44.07 -29.47 -54.77
CA TYR G 362 -44.88 -30.44 -54.05
C TYR G 362 -44.03 -31.67 -53.79
N ALA G 363 -44.09 -32.15 -52.56
CA ALA G 363 -43.39 -33.35 -52.19
C ALA G 363 -44.11 -33.93 -50.98
N ILE G 364 -43.52 -34.98 -50.44
CA ILE G 364 -43.96 -35.60 -49.22
C ILE G 364 -42.73 -36.06 -48.45
N ILE G 365 -42.88 -36.22 -47.14
CA ILE G 365 -41.79 -36.66 -46.30
C ILE G 365 -42.31 -37.68 -45.30
N ALA G 366 -41.57 -38.79 -45.17
CA ALA G 366 -41.78 -39.74 -44.09
C ALA G 366 -40.58 -39.54 -43.17
N GLY G 367 -40.69 -38.55 -42.29
CA GLY G 367 -39.57 -38.13 -41.48
C GLY G 367 -39.45 -38.99 -40.24
N PHE G 368 -38.23 -39.42 -39.96
CA PHE G 368 -37.88 -40.08 -38.71
C PHE G 368 -36.37 -40.06 -38.54
N HIS G 369 -35.92 -40.60 -37.42
CA HIS G 369 -34.50 -40.65 -37.09
C HIS G 369 -34.19 -42.04 -36.55
N GLY G 370 -32.98 -42.53 -36.77
CA GLY G 370 -32.64 -43.90 -36.46
C GLY G 370 -31.39 -44.01 -35.60
N LEU G 371 -31.01 -45.27 -35.34
CA LEU G 371 -29.84 -45.64 -34.56
C LEU G 371 -29.54 -47.12 -34.77
N PRO G 372 -28.29 -47.50 -35.04
CA PRO G 372 -27.94 -48.92 -35.07
C PRO G 372 -27.41 -49.39 -33.73
N GLN G 373 -27.81 -50.60 -33.34
CA GLN G 373 -27.35 -51.19 -32.10
C GLN G 373 -26.67 -52.53 -32.38
N LEU G 374 -25.50 -52.70 -31.77
CA LEU G 374 -24.76 -53.94 -31.92
C LEU G 374 -25.30 -54.99 -30.95
N SER G 375 -24.66 -56.15 -30.90
CA SER G 375 -25.13 -57.21 -30.05
C SER G 375 -24.83 -56.91 -28.59
N GLY G 376 -25.56 -57.58 -27.70
CA GLY G 376 -25.37 -57.38 -26.28
C GLY G 376 -24.03 -57.92 -25.83
N TYR G 377 -23.13 -57.02 -25.43
CA TYR G 377 -21.76 -57.35 -25.08
C TYR G 377 -21.71 -58.22 -23.83
N ASN G 378 -20.59 -58.89 -23.66
CA ASN G 378 -20.39 -59.82 -22.56
C ASN G 378 -20.12 -59.05 -21.27
N THR G 379 -20.54 -59.63 -20.15
CA THR G 379 -20.20 -59.13 -18.84
C THR G 379 -18.89 -59.71 -18.31
N GLU G 380 -18.24 -60.59 -19.08
CA GLU G 380 -16.96 -61.15 -18.65
C GLU G 380 -15.78 -60.47 -19.35
N ASP G 381 -15.88 -60.29 -20.67
CA ASP G 381 -14.93 -59.46 -21.40
C ASP G 381 -15.69 -58.42 -22.21
N PHE G 382 -14.97 -57.42 -22.71
CA PHE G 382 -15.64 -56.31 -23.37
C PHE G 382 -15.83 -56.59 -24.86
N SER G 383 -14.95 -57.38 -25.45
CA SER G 383 -15.14 -57.83 -26.82
C SER G 383 -16.07 -59.03 -26.84
N PHE G 384 -17.06 -58.99 -27.73
CA PHE G 384 -18.15 -59.96 -27.74
C PHE G 384 -18.31 -60.51 -29.15
N HIS G 385 -17.91 -61.77 -29.36
CA HIS G 385 -17.92 -62.37 -30.68
C HIS G 385 -19.20 -63.18 -30.88
N ARG G 386 -19.92 -62.87 -31.93
CA ARG G 386 -21.06 -63.69 -32.33
C ARG G 386 -21.01 -64.03 -33.80
N PHE G 387 -20.57 -63.11 -34.65
CA PHE G 387 -20.50 -63.30 -36.09
C PHE G 387 -19.05 -63.25 -36.55
N LYS G 388 -18.72 -64.10 -37.52
CA LYS G 388 -17.40 -64.16 -38.14
C LYS G 388 -17.56 -64.61 -39.58
N TRP G 389 -16.49 -64.46 -40.36
CA TRP G 389 -16.50 -64.81 -41.78
C TRP G 389 -15.08 -64.94 -42.28
N LEU G 390 -14.77 -66.03 -42.97
CA LEU G 390 -13.50 -66.13 -43.66
C LEU G 390 -13.65 -65.52 -45.05
N LYS G 391 -12.57 -65.52 -45.81
CA LYS G 391 -12.54 -64.79 -47.08
C LYS G 391 -11.59 -65.49 -48.03
N TYR G 392 -12.14 -66.09 -49.09
CA TYR G 392 -11.33 -66.61 -50.17
C TYR G 392 -11.65 -65.97 -51.51
N ALA G 393 -12.35 -64.84 -51.53
CA ALA G 393 -12.67 -64.14 -52.77
C ALA G 393 -11.39 -63.49 -53.27
N ASN G 394 -10.66 -64.24 -54.09
CA ASN G 394 -9.36 -63.80 -54.59
C ASN G 394 -9.52 -62.68 -55.62
#